data_7NYD
#
_entry.id   7NYD
#
_cell.length_a   1.00
_cell.length_b   1.00
_cell.length_c   1.00
_cell.angle_alpha   90.00
_cell.angle_beta   90.00
_cell.angle_gamma   90.00
#
_symmetry.space_group_name_H-M   'P 1'
#
loop_
_entity.id
_entity.type
_entity.pdbx_description
1 polymer 'Complement component C8 beta chain'
2 polymer 'Complement component C8 alpha chain'
3 polymer 'Complement component C9'
4 polymer 'Complement component C7'
5 polymer 'Complement component C6'
6 polymer 'Complement component C8 gamma chain'
7 polymer 'Complement C5'
8 branched beta-D-mannopyranose-(1-4)-2-acetamido-2-deoxy-beta-D-glucopyranose-(1-4)-2-acetamido-2-deoxy-beta-D-glucopyranose
9 branched 2-acetamido-2-deoxy-beta-D-glucopyranose-(1-4)-2-acetamido-2-deoxy-beta-D-glucopyranose
10 branched alpha-D-mannopyranose-(1-2)-alpha-D-mannopyranose-(1-3)-beta-D-mannopyranose-(1-4)-2-acetamido-2-deoxy-beta-D-glucopyranose-(1-4)-2-acetamido-2-deoxy-beta-D-glucopyranose
11 non-polymer alpha-D-mannopyranose
12 non-polymer 'CALCIUM ION'
13 non-polymer 2-acetamido-2-deoxy-beta-D-glucopyranose
14 non-polymer alpha-L-fucopyranose
#
loop_
_entity_poly.entity_id
_entity_poly.type
_entity_poly.pdbx_seq_one_letter_code
_entity_poly.pdbx_strand_id
1 'polypeptide(L)'
;SVDVTLMPIDCELSSWSSWTTCDPCQKKRYRYAYLLQPSQFHGEPCNFSDKEVEDCVTNRPCRSQVRCEGFVCAQTGRCV
NRRLLCNGDNDCGDQSDEANCRRIYKKCQHEMDQYWGIGSLASGINLFTNSFEGPVLDHRYYAGGCSPHYILNTRFRKPY
NVESYTPQTQGKYEFILKEYESYSDFERNVTEKMASKSGFSFGFKIPGIFELGISSQSDRGKHYIRRTKRFSHTKSVFLH
ARSDLEVAHYKLKPRSLMLHYEFLQRVKRLPLEYSYGEYRDLFRDFGTHYITEAVLGGIYEYTLVMNKEAMERGDYTLNN
VHACAKNDFKIGGAIEEVYVSLGVSVGKCRGILNEIKDRNKRDTMVEDLVVLVRGGASEHITTLAYQELPTADLMQEWGD
AVQYNPAIIKVKVEPLYELVTATDFAYSSTVRQNMKQALEEFQKEVSSCHCAPCQGNGVPVLKGSRCDCICPVGSQGLAC
EVSYRKNTPIDGKWNCWSNWSSCSGRRKTRQRQCNNPPPQNGGSPCSGPASETLDCS
;
D
2 'polypeptide(L)'
;AATPAAVTCQLSNWSEWTDCFPCQDKKYRHRSLLQPNKFGGTICSGDIWDQASCSSSTTCVRQAQCGQDFQCKETGRCLK
RHLVCNGDQDCLDGSDEDDCEDVRAIDEDCSQYEPIPGSQKAALGYNILTQEDAQSVYDASYYGGQCETVYNGEWRELRY
DSTCERLYYGDDEKYFRKPYNFLKYHFEALADTGISSEFYDNANDLLSKVKKDKSDSFGVTIGIGPAGSPLLVGVGVSHS
QDTSFLNELNKYNEKKFIFTRIFTKVQTAHFKMRKDDIMLDEGMLQSLMELPDQYNYGMYAKFINDYGTHYITSGSMGGI
YEYILVIDKAKMESLGITSRDITTCFGGSLGIQYEDKINVGGGLSGDHCKKFGGGKTERARKAMAVEDIISRVRGGSSGW
SGGLAQNRSTITYRSWGRSLKYNPVVIDFEMQPIHEVLRHTSLGPLEAKRQNLRRALDQYLMEFNACRCGPCFNNGVPIL
EGTSCRCQCRLGSLGAACEQTQTEGAKADGSWSCWSSWSVCRAGIQERRRECDNPAPQNGGASCPGRKVQTQAC
;
E
3 'polypeptide(L)'
;QYTTSYDPELTESSGSASHIDCRMSPWSEWSQCDPCLRQMFRSRSIEVFGQFNGKRCTDAVGDRRQCVPTEPCEDAEDDC
GNDFQCSTGRCIKMRLRCNGDNDCGDFSDEDDCESEPRPPCRDRVVEESELARTAGYGINILGMDPLSTPFDNEFYNGLC
NRDRDGNTLTYYRRPWNVASLIYETKGEKNFRTEHYEEQIEAFKSIIQEKTSNFNAAISLKFTPTETNKAEQCCEETASS
ISLHGKGSFRFSYSKNETYQLFLSYSSKKEKMFLHVKGEIHLGRFVMRNRDVVLTTTFVDDIKALPTTYEKGEYFAFLET
YGTHYSSSGSLGGLYELIYVLDKASMKRKGVELKDIKRCLGYHLDVSLAFSEISVGAEFNKDDCVKRGEGRAVNITSENL
IDDVVSLIRGGTRKYAFELKEKLLRGTVIDVTDFVNWASSINDAPVLISQKLSPIYNLVPVKMKNAHLKKQNLERAIEDY
INEFSVRKCHTCQNGGTVILMDGKCLCACPFKFEGIACEISKQKISEGLPALEFPNEK
;
G,H
4 'polypeptide(L)'
;SSPVNCQWDFYAPWSECNGCTKTQTRRRSVAVYGQYGGQPCVGNAFETQSCEPTRGCPTEEGCGERFRCFSGQCISKSLV
CNGDSDCDEDSADEDRCEDSERRPSCDIDKPPPNIELTGNGYNELTGQFRNRVINTKSFGGQCRKVFSGDGKDFYRLSGN
VLSYTFQVKINNDFNYEFYNSTWSYVKHTSTEHTSSSRKRSFFRSSSSSSRSYTSHTNEIHKGKSYQLLVVENTVEVAQF
INNNPEFLQLAEPFWKELSHLPSLYDYSAYRRLIDQYGTHYLQSGSLGGEYRVLFYVDSEKLKQNDFNSVEEKKCKSSGW
HFVVKFSSHGCKELENALKAASGTQNNVLRGEPFIRGGGAGFISGLSYLELDNPAGNKRRYSAWAESVTNLPQVIKQKLT
PLYELVKEVPCASVKKLYLKWALEEYLDEFDPCHCRPCQNGGLATVEGTHCLCHCKPYTFGAACEQGVLVGNQAGGVDGG
WSCWSSWSPCVQGKKTRSRECNNPPPSGGGRSCVGETTESTQCEDEELEHLRLLEPHCFPLSLVPTEFCPSPPALKDGFV
QDEGTMFPVGKNVVYTCNEGYSLIGNPVARCGEDLRWLVGEMHCQKIACVLPVLMDGIQSHPQKPFYTVGEKVTVSCSGG
MSLEGPSAFLCGSSLKWSPEMKNARCVQKENPLTQAVPKCQRWEKLQNSRCVCKMPYECGPSLDVCAQDERSKRILPLTV
CKMHVLHCQGRNYTLTGRDSCTLPASAEKACGACPLWGKCDAESSKCVCREASECEEEGFSICVEVNGKEQTMSECEAGA
LRCRGQSISVTSIRPCAAETQ
;
C
5 'polypeptide(L)'
;CFCDHYAWTQWTSCSKTCNSGTQSRHRQIVVDKYYQENFCEQICSKQETRECNWQRCPINCLLGDFGPWSDCDPCIEKQS
KVRSVLRPSQFGGQPCTAPLVAFQPCIPSKLCKIEEADCKNKFRCDSGRCIARKLECNGENDCGDNSDERDCGRTKAVCT
RKYNPIPSVQLMGNGFHFLAGEPRGEVLDNSFTGGICKTVKSSRTSNPYRVPANLENVGFEVQTAEDDLKTDFYKDLTSL
GHNENQQGSFSSQGGSSFSVPIFYSSKRSENINHNSAFKQAIQASHKKDSSFIRIHKVMKVLNFTTKAKDLHLSDVFLKA
LNHLPLEYNSALYSRIFDDFGTHYFTSGSLGGVYDLLYQFSSEELKNSGLTEEEAKHCVRIETKKRVLFAKKTKVEHRCT
TNKLSEKHEGSFIQGAEKSISLIRGGRSEYGAALAWEKGSSGLEEKTFSEWLESVKENPAVIDFELAPIVDLVRNIPCAV
TKRNNLRKALQEYAAKFDPCQCAPCPNNGRPTLSGTECLCVCQSGTYGENCEKQSPDYKSNAVDGQWGCWSSWSTCDATY
KRSRTRECNNPAPQRGGKRCEGEKRQEEDCTFSIMENNGQPCINDDEEMKEVDLPEIEADSGCPQPVPPENGFIRNEKQL
YLVGEDVEISCLTGFETVGYQYFRCLPDGTWRQGDVECQRTECIKPVVQEVLTITPFQRLYRIGESIELTCPKGFVVAGP
SRYTCQGNSWTPPISNSLTCEKDTLTKLKGHCQLGQKQSGSECICMSPEEDCSHHSEDLCVFDTDSNDYFTSPACKFLAE
KCLNNQQLHFLHIGSCQDGRQLEWGLERTRLSSNSTKKESCGYDTCYDWEKCSASTSKCVCLLPPQCFKGGNQLYCVKMG
SSTSEKTLNICEVGTIRCANRKMEILHPGKCLA
;
B
6 'polypeptide(L)'
;QKPQRPRRPASPISTIQPKANFDAQQFAGTWLLVAVGSACRFLQEQGHRAEATTLHVAPQGTAMAVSTFRKLDGICWQVR
QLYGDTGVLGRFLLQARDARGAVHVVVAETDYQSFAVLYLERAGQLSVKLYARSLPVSDSVLSGFEQRVQEAHLTEDQIF
YFPKYGFCEAADQFHVLDEVRR
;
F
7 'polypeptide(L)'
;QEQTYVISAPKIFRVGASENIVIQVYGYTEAFDATISIKSYPDKKFSYSSGHVHLSSENKFQNSAILTIQPKQLPGGQNP
VSYVYLEVVSKHFSKSKRMPITYDNGFLFIHTDKPVYTPDQSVKVRVYSLNDDLKPAKRETVLTFIDPEGSEVDMVEEID
HIGIISFPDFKIPSNPRYGMWTIKAKYKEDFSTTGTAYFEVKEYVLPHFSVSIEPEYNFIGYKNFKNFEITIKARYFYNK
VVTEADVYITFGIREDLKDDQKEMMQTAMQNTMLINGIAQVTFDSETAVKELSYYSLEDLNNKYLYIAVTVIESTGGFSE
EAEIPGIKYVLSPYKLNLVATPLFLKPGIPYPIKVQVKDSLDQLVGGVPVTLNAQTIDVNQETSDLDPSKSVTRVDDGVA
SFVLNLPSGVTVLEFNVKTDAPDLPEENQAREGYRAIAYSSLSQSYLYIDWTDNHKALLVGEHLNIIVTPKSPYIDKITH
YNYLILSKGKIIHFGTREKFSDASYQSINIPVTQNMVPSSRLLVYYIVTGEQTAELVSDSVWLNIEEKCGNQLQVHLSPD
ADAYSPGQTVSLNMATGMDSWVALAAVDSAVYGVQRGAKKPLERVFQFLEKSDLGCGAGGGLNNANVFHLAGLTFLTNAN
ADDSQENDEPCKEILRPRRTLQKKIEEIAAKYKHSVVKKCCYDGACVNNDETCEQRAARISLGPRCIKAFTECCVVASQL
RANISHKDMQLGRLHMKTLLPVSKPEIRSYFPESWLWEVHLVPRRKQLQFALPDSLTTWEIQGVGISNTGICVADTVKAK
VFKDVFLEMNIPYSVVRGEQIQLKGTVYNYRTSGMQFCVKMSAVEGICTSESPVIDHQGTKSSKCVRQKVEGSSSHLVTF
TVLPLEIGLHNINFSLETWFGKEILVKTLRVVPEGVKRESYSGVTLDPRGIYGTISRRKEFPYRIPLDLVPKTEIKRILS
VKGLLVGEILSAVLSQEGINILTHLPKGSAEAELMSVVPVFYVFHYLETGNHWNIFHSDPLIEKQKLKKKLKEGMLSIMS
YRNADYSYSVWKGGSASTWLTAFALRVLGQVNKYVEQNQNSICNSLLWLVENYQLDNGSFKENSQYQPIKLQGTLPVEAR
ENSLYLTAFTVIGIRKAFDICPLVKIDTALIKADNFLLENTLPAQSTFTLAISAYALSLGDKTHPQFRSIVSALKREALV
KGNPPIYRFWKDNLQHKDSSVPNTGTARMVETTAYALLTSLNLKDINYVNPVIKWLSEEQRYGGGFYSTQDTINAIEGLT
EYSLLVKQLRLSMDIDVSYKHKGALHNYKMTDKNFLGRPVEVLLNDDLIVSTGFGSGLATVHVTTVVHKTSTSEEVCSFY
LKIDTQDIEASHYRGYGNSDYKRIVACASYKPSREESSSGSSHAVMDISLPTGISANEEDLKALVEGVDQLFTDYQIKDG
HVILQLNSIPSSDFLCVRFRIFELFEVGFLSPATFTVYEYHRPDKQCTMFYSTSNIKIQKVCEGAACKCVEADCGQMQEE
LDLTISAETRKQTACKPEIAYAYKVSITSITVENVFVKYKATLLDIYKTGEAVAEKDSEITFIKKVTCTNAELVKGRQYL
IMGKEALQIKYNFSFRYIYPLDSLTWIEYWPRDTTCSSCQAFLANLDEFAEDIFLNGC
;
A
#
# COMPACT_ATOMS: atom_id res chain seq x y z
N VAL A 4 -50.10 -35.18 39.82
CA VAL A 4 -49.80 -34.30 38.65
C VAL A 4 -50.98 -34.25 37.68
N THR A 5 -51.33 -33.06 37.16
CA THR A 5 -52.47 -32.89 36.22
C THR A 5 -52.14 -33.27 34.76
N LEU A 6 -50.94 -33.77 34.48
CA LEU A 6 -50.41 -33.91 33.13
C LEU A 6 -51.12 -34.97 32.27
N MET A 7 -51.14 -34.69 30.98
CA MET A 7 -51.18 -35.68 29.91
C MET A 7 -49.90 -35.48 29.07
N PRO A 8 -49.02 -36.47 28.97
CA PRO A 8 -47.86 -36.41 28.09
C PRO A 8 -48.29 -36.36 26.62
N ILE A 9 -47.79 -35.39 25.83
CA ILE A 9 -48.22 -35.17 24.45
C ILE A 9 -47.14 -35.54 23.44
N ASP A 10 -47.51 -36.44 22.52
CA ASP A 10 -46.62 -37.01 21.52
C ASP A 10 -46.41 -36.05 20.35
N CYS A 11 -45.24 -36.12 19.73
CA CYS A 11 -45.00 -35.34 18.52
C CYS A 11 -45.77 -35.95 17.35
N GLU A 12 -46.34 -35.08 16.52
CA GLU A 12 -46.94 -35.44 15.25
C GLU A 12 -46.30 -34.62 14.14
N LEU A 13 -45.59 -35.29 13.24
CA LEU A 13 -45.29 -34.78 11.92
C LEU A 13 -46.50 -34.95 10.99
N SER A 14 -46.59 -34.13 9.95
CA SER A 14 -47.66 -34.21 8.93
C SER A 14 -47.57 -35.48 8.07
N SER A 15 -48.57 -35.72 7.22
CA SER A 15 -48.35 -36.57 6.05
C SER A 15 -47.27 -35.95 5.14
N TRP A 16 -46.63 -36.77 4.32
CA TRP A 16 -45.57 -36.31 3.44
C TRP A 16 -46.04 -35.24 2.45
N SER A 17 -45.14 -34.37 2.04
CA SER A 17 -45.30 -33.62 0.80
C SER A 17 -45.39 -34.56 -0.39
N SER A 18 -45.96 -34.10 -1.51
CA SER A 18 -45.66 -34.72 -2.80
C SER A 18 -44.15 -34.62 -3.09
N TRP A 19 -43.59 -35.57 -3.84
CA TRP A 19 -42.20 -35.47 -4.27
C TRP A 19 -41.98 -34.23 -5.13
N THR A 20 -40.81 -33.60 -5.07
CA THR A 20 -40.39 -32.77 -6.20
C THR A 20 -40.10 -33.66 -7.41
N THR A 21 -40.32 -33.14 -8.61
CA THR A 21 -39.67 -33.68 -9.82
C THR A 21 -38.15 -33.68 -9.65
N CYS A 22 -37.47 -34.59 -10.31
CA CYS A 22 -36.05 -34.84 -10.12
C CYS A 22 -35.19 -33.61 -10.45
N ASP A 23 -34.21 -33.33 -9.60
CA ASP A 23 -33.36 -32.16 -9.75
C ASP A 23 -32.38 -32.30 -10.92
N PRO A 24 -32.16 -31.25 -11.75
CA PRO A 24 -31.24 -31.29 -12.87
C PRO A 24 -29.77 -31.58 -12.55
N CYS A 25 -29.30 -31.28 -11.32
CA CYS A 25 -27.88 -31.27 -10.97
C CYS A 25 -27.55 -32.14 -9.76
N GLN A 26 -28.49 -32.34 -8.83
CA GLN A 26 -28.34 -33.30 -7.73
C GLN A 26 -28.69 -34.74 -8.13
N LYS A 27 -29.30 -34.94 -9.30
CA LYS A 27 -29.87 -36.23 -9.72
C LYS A 27 -30.78 -36.90 -8.69
N LYS A 28 -31.35 -36.10 -7.79
CA LYS A 28 -32.17 -36.65 -6.70
C LYS A 28 -33.56 -36.04 -6.62
N ARG A 29 -34.45 -36.68 -5.88
CA ARG A 29 -35.72 -36.06 -5.50
C ARG A 29 -36.01 -36.17 -4.00
N TYR A 30 -36.90 -35.30 -3.50
CA TYR A 30 -37.05 -34.98 -2.08
C TYR A 30 -38.52 -34.93 -1.67
N ARG A 31 -38.83 -35.27 -0.42
CA ARG A 31 -40.13 -35.10 0.25
C ARG A 31 -39.94 -34.85 1.75
N TYR A 32 -40.90 -34.21 2.42
CA TYR A 32 -40.74 -33.72 3.78
C TYR A 32 -42.07 -33.62 4.54
N ALA A 33 -42.01 -33.49 5.86
CA ALA A 33 -43.16 -33.27 6.72
C ALA A 33 -43.00 -32.00 7.56
N TYR A 34 -44.11 -31.38 7.96
CA TYR A 34 -44.14 -30.26 8.91
C TYR A 34 -44.46 -30.80 10.30
N LEU A 35 -43.86 -30.25 11.35
CA LEU A 35 -44.17 -30.63 12.72
C LEU A 35 -45.50 -29.98 13.12
N LEU A 36 -46.57 -30.75 13.15
CA LEU A 36 -47.90 -30.27 13.52
C LEU A 36 -48.07 -30.12 15.03
N GLN A 37 -47.30 -30.86 15.83
CA GLN A 37 -47.31 -30.78 17.29
C GLN A 37 -45.97 -31.23 17.85
N PRO A 38 -45.28 -30.43 18.69
CA PRO A 38 -44.04 -30.84 19.33
C PRO A 38 -44.29 -31.82 20.49
N SER A 39 -43.33 -32.71 20.77
CA SER A 39 -43.41 -33.61 21.93
C SER A 39 -43.19 -32.83 23.21
N GLN A 40 -43.95 -33.07 24.26
CA GLN A 40 -43.81 -32.33 25.52
C GLN A 40 -44.28 -33.16 26.70
N PHE A 41 -43.82 -32.85 27.91
CA PHE A 41 -44.27 -33.52 29.14
C PHE A 41 -44.05 -35.05 29.10
N HIS A 42 -42.96 -35.50 28.48
CA HIS A 42 -42.58 -36.91 28.34
C HIS A 42 -43.51 -37.76 27.48
N GLY A 43 -44.16 -37.16 26.48
CA GLY A 43 -44.69 -37.92 25.33
C GLY A 43 -43.57 -38.54 24.48
N GLU A 44 -43.92 -39.37 23.50
CA GLU A 44 -42.95 -40.13 22.70
C GLU A 44 -41.93 -39.25 21.95
N PRO A 45 -40.67 -39.69 21.86
CA PRO A 45 -39.55 -38.83 21.44
C PRO A 45 -39.54 -38.50 19.96
N CYS A 46 -40.33 -39.19 19.15
CA CYS A 46 -40.59 -38.85 17.76
C CYS A 46 -39.30 -38.66 16.94
N ASN A 47 -39.18 -37.56 16.18
CA ASN A 47 -38.04 -37.26 15.28
C ASN A 47 -37.83 -38.28 14.15
N PHE A 48 -38.79 -39.20 13.93
CA PHE A 48 -38.81 -40.09 12.78
C PHE A 48 -38.66 -39.27 11.50
N SER A 49 -37.80 -39.72 10.58
CA SER A 49 -37.07 -38.86 9.64
C SER A 49 -37.96 -37.84 8.93
N ASP A 50 -37.69 -36.56 9.22
CA ASP A 50 -38.51 -35.41 8.86
C ASP A 50 -38.46 -35.07 7.37
N LYS A 51 -37.53 -35.72 6.66
CA LYS A 51 -37.21 -35.63 5.24
C LYS A 51 -36.95 -37.04 4.71
N GLU A 52 -37.32 -37.30 3.45
CA GLU A 52 -36.91 -38.48 2.70
C GLU A 52 -36.34 -38.08 1.34
N VAL A 53 -35.36 -38.84 0.84
CA VAL A 53 -34.64 -38.56 -0.41
C VAL A 53 -34.46 -39.83 -1.24
N GLU A 54 -34.58 -39.72 -2.56
CA GLU A 54 -34.41 -40.82 -3.53
C GLU A 54 -33.59 -40.37 -4.74
N ASP A 55 -32.97 -41.32 -5.43
CA ASP A 55 -32.28 -41.07 -6.70
C ASP A 55 -33.27 -41.01 -7.89
N CYS A 56 -32.78 -40.53 -9.04
CA CYS A 56 -33.51 -40.48 -10.31
C CYS A 56 -32.61 -40.74 -11.52
N VAL A 57 -33.21 -41.12 -12.65
CA VAL A 57 -32.63 -40.85 -13.98
C VAL A 57 -32.92 -39.38 -14.37
N THR A 58 -31.94 -38.71 -14.99
CA THR A 58 -32.01 -37.28 -15.32
C THR A 58 -32.13 -37.03 -16.83
N ASN A 59 -33.17 -36.30 -17.24
CA ASN A 59 -33.42 -35.95 -18.65
C ASN A 59 -33.21 -34.45 -18.94
N ARG A 60 -32.51 -33.72 -18.05
CA ARG A 60 -32.32 -32.26 -18.07
C ARG A 60 -30.84 -31.88 -18.04
N PRO A 61 -30.44 -30.75 -18.65
CA PRO A 61 -29.06 -30.24 -18.62
C PRO A 61 -28.69 -29.63 -17.26
N CYS A 62 -27.38 -29.48 -17.00
CA CYS A 62 -26.83 -28.86 -15.80
C CYS A 62 -25.58 -28.03 -16.13
N ARG A 63 -25.35 -26.92 -15.42
CA ARG A 63 -24.18 -26.02 -15.63
C ARG A 63 -23.36 -25.74 -14.37
N SER A 64 -23.39 -26.67 -13.41
CA SER A 64 -22.96 -26.48 -12.01
C SER A 64 -21.49 -26.10 -11.79
N GLN A 65 -20.61 -26.25 -12.77
CA GLN A 65 -19.19 -25.94 -12.64
C GLN A 65 -18.91 -24.43 -12.77
N VAL A 66 -18.98 -23.69 -11.66
CA VAL A 66 -18.44 -22.32 -11.59
C VAL A 66 -16.91 -22.42 -11.65
N ARG A 67 -16.32 -21.86 -12.69
CA ARG A 67 -14.86 -22.06 -12.94
C ARG A 67 -13.97 -21.33 -11.94
N CYS A 68 -12.70 -21.67 -11.98
CA CYS A 68 -11.69 -21.18 -11.04
C CYS A 68 -10.44 -20.74 -11.80
N GLU A 69 -10.26 -19.44 -11.97
CA GLU A 69 -8.97 -18.84 -12.38
C GLU A 69 -7.86 -19.06 -11.34
N GLY A 70 -8.20 -19.55 -10.14
CA GLY A 70 -7.28 -19.84 -9.05
C GLY A 70 -6.55 -21.19 -9.19
N PHE A 71 -6.54 -21.94 -8.10
CA PHE A 71 -6.09 -23.32 -8.00
C PHE A 71 -7.17 -24.07 -7.24
N VAL A 72 -7.61 -25.21 -7.78
CA VAL A 72 -8.64 -26.02 -7.13
C VAL A 72 -7.97 -26.98 -6.14
N CYS A 73 -8.25 -26.77 -4.86
CA CYS A 73 -7.74 -27.60 -3.76
C CYS A 73 -8.22 -29.05 -3.85
N ALA A 74 -7.31 -30.01 -3.72
CA ALA A 74 -7.56 -31.42 -4.09
C ALA A 74 -8.73 -32.09 -3.32
N GLN A 75 -8.78 -31.93 -1.99
CA GLN A 75 -9.79 -32.57 -1.15
C GLN A 75 -11.04 -31.69 -0.97
N THR A 76 -10.86 -30.39 -0.70
CA THR A 76 -11.95 -29.46 -0.33
C THR A 76 -12.66 -28.82 -1.52
N GLY A 77 -12.07 -28.81 -2.71
CA GLY A 77 -12.63 -28.15 -3.89
C GLY A 77 -12.62 -26.61 -3.87
N ARG A 78 -12.09 -25.99 -2.80
CA ARG A 78 -11.94 -24.53 -2.68
C ARG A 78 -11.10 -23.98 -3.83
N CYS A 79 -11.44 -22.81 -4.33
CA CYS A 79 -10.63 -22.09 -5.30
C CYS A 79 -9.76 -21.05 -4.60
N VAL A 80 -8.51 -21.37 -4.29
CA VAL A 80 -7.57 -20.39 -3.74
C VAL A 80 -6.97 -19.54 -4.86
N ASN A 81 -6.78 -18.25 -4.63
CA ASN A 81 -6.05 -17.41 -5.56
C ASN A 81 -4.59 -17.85 -5.69
N ARG A 82 -4.01 -17.78 -6.88
CA ARG A 82 -2.73 -18.44 -7.20
C ARG A 82 -1.53 -17.86 -6.43
N ARG A 83 -1.66 -16.63 -5.93
CA ARG A 83 -0.65 -16.01 -5.05
C ARG A 83 -0.54 -16.65 -3.67
N LEU A 84 -1.59 -17.34 -3.21
CA LEU A 84 -1.66 -18.00 -1.89
C LEU A 84 -0.91 -19.35 -1.83
N LEU A 85 -0.55 -19.93 -2.97
CA LEU A 85 0.26 -21.16 -2.99
C LEU A 85 1.69 -20.86 -2.49
N CYS A 86 2.27 -21.77 -1.71
CA CYS A 86 3.67 -21.73 -1.27
C CYS A 86 4.03 -20.55 -0.34
N ASN A 87 3.04 -19.94 0.31
CA ASN A 87 3.24 -18.93 1.36
C ASN A 87 3.67 -19.54 2.72
N GLY A 88 3.76 -20.88 2.81
CA GLY A 88 4.04 -21.59 4.05
C GLY A 88 2.82 -21.71 4.95
N ASP A 89 1.61 -21.68 4.37
CA ASP A 89 0.36 -21.69 5.13
C ASP A 89 -0.76 -22.45 4.41
N ASN A 90 -1.67 -23.05 5.18
CA ASN A 90 -2.80 -23.84 4.71
C ASN A 90 -4.00 -22.95 4.37
N ASP A 91 -4.14 -22.55 3.11
CA ASP A 91 -5.29 -21.78 2.62
C ASP A 91 -6.37 -22.68 1.99
N CYS A 92 -6.03 -23.90 1.56
CA CYS A 92 -7.00 -24.89 1.07
C CYS A 92 -7.89 -25.54 2.15
N GLY A 93 -7.59 -25.37 3.44
CA GLY A 93 -8.21 -26.08 4.56
C GLY A 93 -7.54 -27.44 4.85
N ASP A 94 -7.24 -28.21 3.79
CA ASP A 94 -6.57 -29.52 3.87
C ASP A 94 -5.16 -29.51 3.24
N GLN A 95 -4.42 -28.39 3.39
CA GLN A 95 -2.99 -28.19 3.08
C GLN A 95 -2.55 -28.30 1.59
N SER A 96 -3.47 -28.66 0.67
CA SER A 96 -3.18 -28.95 -0.74
C SER A 96 -2.46 -27.83 -1.52
N ASP A 97 -2.62 -26.57 -1.13
CA ASP A 97 -1.96 -25.41 -1.74
C ASP A 97 -0.43 -25.39 -1.57
N GLU A 98 0.09 -26.06 -0.54
CA GLU A 98 1.52 -26.04 -0.20
C GLU A 98 2.29 -27.28 -0.71
N ALA A 99 1.64 -28.15 -1.49
CA ALA A 99 2.27 -29.30 -2.14
C ALA A 99 3.23 -28.89 -3.28
N ASN A 100 4.31 -29.64 -3.46
CA ASN A 100 5.31 -29.50 -4.53
C ASN A 100 6.01 -28.12 -4.64
N CYS A 101 5.92 -27.29 -3.60
CA CYS A 101 6.54 -25.96 -3.57
C CYS A 101 8.07 -26.05 -3.55
N ARG A 102 8.75 -25.39 -4.49
CA ARG A 102 10.21 -25.42 -4.58
C ARG A 102 10.89 -24.67 -3.44
N ARG A 103 10.21 -23.65 -2.92
CA ARG A 103 10.56 -22.82 -1.75
C ARG A 103 9.29 -22.46 -1.01
N ILE A 104 9.43 -22.05 0.25
CA ILE A 104 8.36 -21.46 1.05
C ILE A 104 8.68 -19.99 1.30
N TYR A 105 7.72 -19.11 1.01
CA TYR A 105 7.84 -17.66 1.22
C TYR A 105 6.92 -17.19 2.36
N LYS A 106 7.37 -17.29 3.60
CA LYS A 106 6.64 -16.80 4.79
C LYS A 106 6.44 -15.27 4.72
N LYS A 107 5.22 -14.82 5.01
CA LYS A 107 4.90 -13.38 5.24
C LYS A 107 5.02 -13.00 6.72
N CYS A 108 4.48 -13.85 7.60
CA CYS A 108 4.55 -13.70 9.05
C CYS A 108 5.98 -13.91 9.53
N GLN A 109 6.68 -12.79 9.73
CA GLN A 109 8.03 -12.70 10.28
C GLN A 109 8.10 -13.10 11.77
N HIS A 110 6.96 -13.12 12.46
CA HIS A 110 6.83 -13.31 13.90
C HIS A 110 5.73 -14.31 14.23
N GLU A 111 5.72 -14.82 15.45
CA GLU A 111 4.63 -15.66 15.93
C GLU A 111 3.38 -14.82 16.17
N MET A 112 2.20 -15.36 15.91
CA MET A 112 0.94 -14.61 15.96
C MET A 112 -0.17 -15.44 16.60
N ASP A 113 -1.00 -14.84 17.43
CA ASP A 113 -2.22 -15.45 17.92
C ASP A 113 -3.43 -15.16 17.03
N GLN A 114 -4.45 -16.02 17.07
CA GLN A 114 -5.79 -15.61 16.69
C GLN A 114 -6.41 -14.83 17.83
N TYR A 115 -7.23 -13.84 17.52
CA TYR A 115 -8.00 -13.16 18.55
C TYR A 115 -8.85 -14.16 19.34
N TRP A 116 -8.97 -13.91 20.64
CA TRP A 116 -9.57 -14.86 21.56
C TRP A 116 -11.05 -15.07 21.27
N GLY A 117 -11.40 -16.28 20.85
CA GLY A 117 -12.77 -16.67 20.51
C GLY A 117 -13.23 -16.31 19.09
N ILE A 118 -12.34 -15.83 18.21
CA ILE A 118 -12.72 -15.34 16.87
C ILE A 118 -13.37 -16.42 16.01
N GLY A 119 -13.08 -17.69 16.27
CA GLY A 119 -13.70 -18.81 15.59
C GLY A 119 -15.17 -19.02 15.93
N SER A 120 -15.64 -18.65 17.12
CA SER A 120 -17.05 -18.81 17.48
C SER A 120 -17.97 -17.99 16.58
N LEU A 121 -17.53 -16.76 16.27
CA LEU A 121 -18.23 -15.80 15.43
C LEU A 121 -18.28 -16.22 13.95
N ALA A 122 -17.44 -17.18 13.55
CA ALA A 122 -17.44 -17.77 12.21
C ALA A 122 -18.60 -18.74 11.97
N SER A 123 -19.33 -19.12 13.01
CA SER A 123 -20.48 -20.02 12.93
C SER A 123 -21.80 -19.28 12.92
N GLY A 124 -22.82 -19.88 12.32
CA GLY A 124 -24.11 -19.24 12.14
C GLY A 124 -24.95 -19.34 13.39
N ILE A 125 -25.95 -18.46 13.53
CA ILE A 125 -26.89 -18.48 14.65
C ILE A 125 -28.27 -18.81 14.16
N ASN A 126 -28.99 -19.62 14.92
CA ASN A 126 -30.41 -19.81 14.77
C ASN A 126 -31.10 -18.68 15.54
N LEU A 127 -31.31 -17.54 14.91
CA LEU A 127 -31.64 -16.29 15.59
C LEU A 127 -32.90 -16.40 16.44
N PHE A 128 -33.84 -17.23 16.02
CA PHE A 128 -35.10 -17.50 16.69
C PHE A 128 -34.96 -18.22 18.05
N THR A 129 -33.80 -18.84 18.34
CA THR A 129 -33.45 -19.44 19.64
C THR A 129 -32.14 -18.91 20.22
N ASN A 130 -31.46 -18.02 19.51
CA ASN A 130 -30.13 -17.47 19.81
C ASN A 130 -29.01 -18.52 19.96
N SER A 131 -29.26 -19.75 19.52
CA SER A 131 -28.31 -20.85 19.57
C SER A 131 -27.30 -20.72 18.44
N PHE A 132 -26.01 -20.84 18.72
CA PHE A 132 -25.01 -21.07 17.68
C PHE A 132 -25.19 -22.46 17.05
N GLU A 133 -24.82 -22.59 15.78
CA GLU A 133 -24.90 -23.80 14.96
C GLU A 133 -23.55 -24.02 14.26
N GLY A 134 -23.51 -24.72 13.13
CA GLY A 134 -22.28 -25.08 12.45
C GLY A 134 -21.50 -23.92 11.83
N PRO A 135 -20.22 -24.13 11.51
CA PRO A 135 -19.33 -23.14 10.91
C PRO A 135 -19.73 -22.74 9.50
N VAL A 136 -19.84 -21.43 9.22
CA VAL A 136 -20.26 -20.88 7.93
C VAL A 136 -19.17 -20.08 7.25
N LEU A 137 -18.24 -19.54 8.00
CA LEU A 137 -17.11 -18.75 7.56
C LEU A 137 -15.81 -19.38 8.02
N ASP A 138 -14.72 -19.19 7.31
CA ASP A 138 -13.42 -19.78 7.67
C ASP A 138 -12.47 -18.75 8.31
N HIS A 139 -12.53 -18.59 9.64
CA HIS A 139 -11.61 -17.69 10.33
C HIS A 139 -10.22 -18.27 10.56
N ARG A 140 -9.93 -19.47 10.02
CA ARG A 140 -8.59 -20.05 9.88
C ARG A 140 -7.97 -19.76 8.50
N TYR A 141 -8.65 -18.95 7.66
CA TYR A 141 -8.15 -18.45 6.38
C TYR A 141 -7.77 -16.96 6.49
N TYR A 142 -6.57 -16.62 6.01
CA TYR A 142 -5.95 -15.30 6.17
C TYR A 142 -5.62 -14.61 4.84
N ALA A 143 -5.81 -15.28 3.70
CA ALA A 143 -5.28 -14.85 2.39
C ALA A 143 -3.78 -14.44 2.53
N GLY A 144 -3.40 -13.24 2.10
CA GLY A 144 -2.05 -12.70 2.32
C GLY A 144 -1.69 -12.46 3.80
N GLY A 145 -2.65 -11.93 4.58
CA GLY A 145 -2.56 -11.77 6.05
C GLY A 145 -1.32 -11.02 6.56
N CYS A 146 -0.89 -11.38 7.79
CA CYS A 146 0.41 -11.07 8.40
C CYS A 146 0.75 -9.57 8.63
N SER A 147 -0.25 -8.69 8.60
CA SER A 147 -0.18 -7.35 9.20
C SER A 147 -0.45 -7.46 10.71
N PRO A 148 0.49 -7.09 11.60
CA PRO A 148 0.34 -7.30 13.04
C PRO A 148 -0.61 -6.31 13.70
N HIS A 149 -1.41 -6.82 14.63
CA HIS A 149 -2.30 -6.07 15.51
C HIS A 149 -1.98 -6.42 16.95
N TYR A 150 -2.05 -5.47 17.88
CA TYR A 150 -1.71 -5.70 19.27
C TYR A 150 -2.89 -5.38 20.16
N ILE A 151 -3.25 -6.30 21.04
CA ILE A 151 -4.12 -6.06 22.18
C ILE A 151 -3.28 -6.33 23.42
N LEU A 152 -3.15 -5.33 24.29
CA LEU A 152 -2.08 -5.27 25.28
C LEU A 152 -0.71 -5.44 24.59
N ASN A 153 0.12 -6.40 24.97
CA ASN A 153 1.41 -6.64 24.33
C ASN A 153 1.41 -7.86 23.39
N THR A 154 0.33 -8.64 23.37
CA THR A 154 0.17 -9.81 22.49
C THR A 154 -0.02 -9.38 21.05
N ARG A 155 0.70 -9.99 20.08
CA ARG A 155 0.45 -9.75 18.66
C ARG A 155 -0.45 -10.81 18.02
N PHE A 156 -1.39 -10.33 17.23
CA PHE A 156 -2.42 -11.10 16.58
C PHE A 156 -2.37 -10.94 15.06
N ARG A 157 -2.81 -11.99 14.37
CA ARG A 157 -2.98 -12.07 12.90
C ARG A 157 -4.47 -11.94 12.59
N LYS A 158 -4.87 -10.96 11.77
CA LYS A 158 -6.29 -10.75 11.47
C LYS A 158 -6.79 -11.77 10.45
N PRO A 159 -7.90 -12.48 10.69
CA PRO A 159 -8.53 -13.29 9.66
C PRO A 159 -8.89 -12.45 8.44
N TYR A 160 -8.94 -13.06 7.26
CA TYR A 160 -9.32 -12.31 6.04
C TYR A 160 -10.77 -11.81 6.13
N ASN A 161 -11.69 -12.64 6.61
CA ASN A 161 -13.10 -12.28 6.68
C ASN A 161 -13.43 -11.17 7.68
N VAL A 162 -12.60 -10.96 8.70
CA VAL A 162 -12.86 -10.00 9.77
C VAL A 162 -12.40 -8.62 9.35
N GLU A 163 -13.28 -7.62 9.37
CA GLU A 163 -12.93 -6.24 9.03
C GLU A 163 -12.19 -5.56 10.18
N SER A 164 -12.66 -5.77 11.42
CA SER A 164 -11.94 -5.40 12.63
C SER A 164 -12.36 -6.28 13.80
N TYR A 165 -11.40 -6.69 14.60
CA TYR A 165 -11.60 -7.13 15.98
C TYR A 165 -10.73 -6.22 16.83
N THR A 166 -11.32 -5.51 17.78
CA THR A 166 -10.64 -4.41 18.48
C THR A 166 -11.12 -4.28 19.94
N PRO A 167 -10.27 -3.88 20.91
CA PRO A 167 -10.63 -3.89 22.30
C PRO A 167 -11.31 -2.59 22.72
N GLN A 168 -12.53 -2.37 22.21
CA GLN A 168 -13.47 -1.48 22.89
C GLN A 168 -13.78 -2.07 24.26
N THR A 169 -13.74 -1.27 25.31
CA THR A 169 -13.61 -1.77 26.68
C THR A 169 -14.36 -0.86 27.63
N GLN A 170 -15.46 -1.36 28.16
CA GLN A 170 -16.47 -0.57 28.83
C GLN A 170 -17.07 -1.40 29.94
N GLY A 171 -17.52 -0.77 31.01
CA GLY A 171 -18.20 -1.46 32.07
C GLY A 171 -19.25 -0.61 32.71
N LYS A 172 -20.50 -1.02 32.58
CA LYS A 172 -21.56 -0.60 33.47
C LYS A 172 -21.51 -1.49 34.69
N TYR A 173 -21.72 -0.91 35.86
CA TYR A 173 -22.27 -1.60 37.01
C TYR A 173 -23.54 -0.89 37.42
N GLU A 174 -24.52 -1.64 37.83
CA GLU A 174 -25.79 -1.14 38.33
C GLU A 174 -26.11 -1.87 39.59
N PHE A 175 -26.53 -1.13 40.60
CA PHE A 175 -26.90 -1.63 41.90
C PHE A 175 -28.21 -1.00 42.33
N ILE A 176 -29.13 -1.78 42.83
CA ILE A 176 -30.24 -1.34 43.64
C ILE A 176 -30.38 -2.26 44.83
N LEU A 177 -30.56 -1.69 46.01
CA LEU A 177 -30.98 -2.33 47.23
C LEU A 177 -32.18 -1.56 47.75
N LYS A 178 -33.35 -2.13 47.58
CA LYS A 178 -34.61 -1.62 48.06
C LYS A 178 -35.02 -2.46 49.25
N GLU A 179 -35.32 -1.80 50.35
CA GLU A 179 -35.73 -2.39 51.60
C GLU A 179 -36.99 -1.69 52.11
N TYR A 180 -37.88 -2.47 52.70
CA TYR A 180 -39.14 -2.03 53.27
C TYR A 180 -39.36 -2.77 54.59
N GLU A 181 -39.86 -2.07 55.60
CA GLU A 181 -40.33 -2.66 56.84
C GLU A 181 -41.65 -2.03 57.22
N SER A 182 -42.60 -2.80 57.71
CA SER A 182 -43.87 -2.30 58.19
C SER A 182 -44.39 -3.16 59.31
N TYR A 183 -44.68 -2.55 60.44
CA TYR A 183 -45.17 -3.22 61.64
C TYR A 183 -46.33 -2.47 62.27
N SER A 184 -47.25 -3.25 62.81
CA SER A 184 -48.47 -2.79 63.44
C SER A 184 -48.71 -3.58 64.71
N ASP A 185 -49.09 -2.88 65.78
CA ASP A 185 -49.41 -3.44 67.08
C ASP A 185 -50.75 -2.87 67.54
N PHE A 186 -51.61 -3.73 68.06
CA PHE A 186 -52.90 -3.37 68.61
C PHE A 186 -53.08 -4.09 69.93
N GLU A 187 -53.52 -3.39 70.96
CA GLU A 187 -53.84 -3.98 72.27
C GLU A 187 -55.12 -3.38 72.81
N ARG A 188 -55.98 -4.16 73.46
CA ARG A 188 -57.20 -3.61 74.06
C ARG A 188 -57.66 -4.29 75.37
N ASN A 189 -57.19 -3.77 76.51
CA ASN A 189 -57.48 -4.34 77.86
C ASN A 189 -58.76 -3.73 78.46
N VAL A 190 -59.39 -4.46 79.40
CA VAL A 190 -60.69 -4.10 80.06
C VAL A 190 -60.71 -4.81 81.42
N THR A 191 -61.28 -4.23 82.50
CA THR A 191 -61.50 -4.83 83.84
C THR A 191 -62.77 -4.26 84.44
N GLU A 192 -63.60 -5.08 85.09
CA GLU A 192 -64.88 -4.66 85.66
C GLU A 192 -65.18 -5.39 86.97
N LYS A 193 -65.82 -4.72 87.93
CA LYS A 193 -66.03 -5.21 89.30
C LYS A 193 -67.38 -4.76 89.87
N MET A 194 -67.96 -5.56 90.76
CA MET A 194 -69.14 -5.22 91.56
C MET A 194 -69.12 -5.95 92.91
N ALA A 195 -69.63 -5.34 93.97
CA ALA A 195 -69.91 -5.98 95.26
C ALA A 195 -71.07 -5.29 96.00
N SER A 196 -71.87 -6.05 96.76
CA SER A 196 -72.84 -5.49 97.71
C SER A 196 -73.12 -6.43 98.90
N LYS A 197 -73.35 -5.83 100.08
CA LYS A 197 -73.61 -6.54 101.35
C LYS A 197 -75.10 -6.87 101.51
N ASP A 219 -76.05 -11.29 99.87
CA ASP A 219 -74.87 -10.62 99.31
C ASP A 219 -74.63 -11.00 97.84
N ARG A 220 -73.90 -10.16 97.10
CA ARG A 220 -73.61 -10.34 95.66
C ARG A 220 -72.23 -9.78 95.29
N GLY A 221 -71.62 -10.30 94.23
CA GLY A 221 -70.39 -9.77 93.65
C GLY A 221 -70.07 -10.30 92.26
N LYS A 222 -69.27 -9.55 91.50
CA LYS A 222 -68.73 -9.94 90.20
C LYS A 222 -67.34 -9.36 89.98
N HIS A 223 -66.51 -10.07 89.22
CA HIS A 223 -65.26 -9.55 88.66
C HIS A 223 -65.06 -10.11 87.25
N TYR A 224 -64.53 -9.30 86.32
CA TYR A 224 -64.29 -9.70 84.95
C TYR A 224 -63.05 -9.01 84.38
N ILE A 225 -62.34 -9.69 83.48
CA ILE A 225 -61.22 -9.14 82.71
C ILE A 225 -61.30 -9.64 81.27
N ARG A 226 -60.86 -8.80 80.34
CA ARG A 226 -60.39 -9.18 79.02
C ARG A 226 -59.06 -8.49 78.74
N ARG A 227 -58.09 -9.15 78.12
CA ARG A 227 -56.85 -8.56 77.59
C ARG A 227 -56.54 -9.16 76.23
N THR A 228 -55.98 -8.38 75.32
CA THR A 228 -55.77 -8.82 73.93
C THR A 228 -54.54 -8.20 73.28
N LYS A 229 -54.05 -8.86 72.23
CA LYS A 229 -53.13 -8.30 71.25
C LYS A 229 -53.47 -8.81 69.85
N ARG A 230 -53.27 -7.97 68.85
CA ARG A 230 -53.01 -8.37 67.46
C ARG A 230 -51.73 -7.67 67.04
N PHE A 231 -50.86 -8.36 66.32
CA PHE A 231 -49.61 -7.77 65.88
C PHE A 231 -49.22 -8.33 64.52
N SER A 232 -48.49 -7.54 63.76
CA SER A 232 -47.85 -7.97 62.54
C SER A 232 -46.56 -7.19 62.31
N HIS A 233 -45.58 -7.84 61.73
CA HIS A 233 -44.37 -7.22 61.22
C HIS A 233 -44.07 -7.85 59.87
N THR A 234 -43.62 -7.04 58.93
CA THR A 234 -43.39 -7.42 57.56
C THR A 234 -42.15 -6.72 57.06
N LYS A 235 -41.39 -7.39 56.22
CA LYS A 235 -40.15 -6.87 55.66
C LYS A 235 -39.98 -7.43 54.26
N SER A 236 -39.35 -6.65 53.41
CA SER A 236 -39.00 -7.05 52.06
C SER A 236 -37.66 -6.48 51.70
N VAL A 237 -36.87 -7.24 50.96
CA VAL A 237 -35.61 -6.80 50.37
C VAL A 237 -35.60 -7.23 48.93
N PHE A 238 -35.32 -6.30 48.04
CA PHE A 238 -35.00 -6.54 46.65
C PHE A 238 -33.61 -5.98 46.42
N LEU A 239 -32.72 -6.81 45.91
CA LEU A 239 -31.36 -6.44 45.60
C LEU A 239 -31.05 -6.92 44.19
N HIS A 240 -30.41 -6.08 43.40
CA HIS A 240 -30.08 -6.38 42.02
C HIS A 240 -28.79 -5.67 41.69
N ALA A 241 -27.81 -6.46 41.30
CA ALA A 241 -26.51 -6.03 40.85
C ALA A 241 -26.31 -6.58 39.43
N ARG A 242 -25.91 -5.73 38.49
CA ARG A 242 -25.55 -6.15 37.15
C ARG A 242 -24.28 -5.47 36.71
N SER A 243 -23.33 -6.23 36.22
CA SER A 243 -22.18 -5.73 35.50
C SER A 243 -22.33 -6.16 34.05
N ASP A 244 -22.39 -5.18 33.16
CA ASP A 244 -22.21 -5.40 31.74
C ASP A 244 -20.82 -4.92 31.41
N LEU A 245 -19.92 -5.86 31.18
CA LEU A 245 -18.56 -5.62 30.76
C LEU A 245 -18.47 -5.92 29.28
N GLU A 246 -17.94 -5.00 28.50
CA GLU A 246 -17.55 -5.16 27.11
C GLU A 246 -16.03 -5.13 27.06
N VAL A 247 -15.41 -5.98 26.25
CA VAL A 247 -13.97 -6.12 26.12
C VAL A 247 -13.48 -6.14 24.68
N ALA A 248 -14.35 -6.41 23.71
CA ALA A 248 -14.03 -6.23 22.30
C ALA A 248 -15.26 -5.92 21.45
N HIS A 249 -15.00 -5.29 20.31
CA HIS A 249 -15.93 -5.06 19.22
C HIS A 249 -15.43 -5.77 17.98
N TYR A 250 -16.33 -6.46 17.29
CA TYR A 250 -16.06 -7.26 16.12
C TYR A 250 -16.94 -6.80 14.96
N LYS A 251 -16.39 -6.62 13.77
CA LYS A 251 -17.17 -6.49 12.54
C LYS A 251 -16.56 -7.30 11.40
N LEU A 252 -17.42 -8.04 10.72
CA LEU A 252 -17.14 -8.85 9.55
C LEU A 252 -17.10 -7.99 8.29
N LYS A 253 -16.30 -8.36 7.29
CA LYS A 253 -16.35 -7.70 5.98
C LYS A 253 -17.74 -7.81 5.37
N PRO A 254 -18.19 -6.85 4.55
CA PRO A 254 -19.53 -6.86 3.99
C PRO A 254 -19.66 -7.71 2.71
N ARG A 255 -18.53 -8.17 2.15
CA ARG A 255 -18.42 -8.71 0.79
C ARG A 255 -17.24 -9.69 0.67
N SER A 256 -17.28 -10.58 -0.31
CA SER A 256 -16.15 -11.45 -0.69
C SER A 256 -15.63 -12.35 0.44
N LEU A 257 -16.55 -12.88 1.24
CA LEU A 257 -16.25 -13.74 2.37
C LEU A 257 -15.77 -15.13 1.93
N MET A 258 -14.68 -15.63 2.51
CA MET A 258 -14.23 -17.01 2.33
C MET A 258 -15.05 -17.93 3.23
N LEU A 259 -15.92 -18.74 2.66
CA LEU A 259 -16.80 -19.59 3.44
C LEU A 259 -16.13 -20.87 3.94
N HIS A 260 -16.73 -21.45 4.96
CA HIS A 260 -16.28 -22.70 5.53
C HIS A 260 -16.64 -23.90 4.66
N TYR A 261 -15.74 -24.87 4.56
CA TYR A 261 -15.87 -26.07 3.73
C TYR A 261 -17.18 -26.84 3.96
N GLU A 262 -17.55 -27.11 5.22
CA GLU A 262 -18.72 -27.94 5.51
C GLU A 262 -20.02 -27.26 5.10
N PHE A 263 -20.09 -25.93 5.18
CA PHE A 263 -21.25 -25.17 4.74
C PHE A 263 -21.28 -25.05 3.22
N LEU A 264 -20.15 -24.69 2.61
CA LEU A 264 -19.98 -24.55 1.17
C LEU A 264 -20.46 -25.80 0.45
N GLN A 265 -20.13 -26.98 0.98
CA GLN A 265 -20.60 -28.23 0.42
C GLN A 265 -22.06 -28.51 0.69
N ARG A 266 -22.65 -28.29 1.87
CA ARG A 266 -24.10 -28.55 1.99
C ARG A 266 -24.91 -27.59 1.13
N VAL A 267 -24.49 -26.34 0.94
CA VAL A 267 -25.17 -25.42 0.02
C VAL A 267 -25.12 -25.93 -1.43
N LYS A 268 -23.98 -26.48 -1.89
CA LYS A 268 -23.90 -27.14 -3.20
C LYS A 268 -24.79 -28.37 -3.35
N ARG A 269 -25.26 -29.00 -2.26
CA ARG A 269 -26.22 -30.14 -2.30
C ARG A 269 -27.67 -29.68 -2.39
N LEU A 270 -27.98 -28.40 -2.25
CA LEU A 270 -29.35 -27.92 -2.23
C LEU A 270 -30.03 -28.08 -3.60
N PRO A 271 -31.30 -28.50 -3.66
CA PRO A 271 -32.01 -28.57 -4.91
C PRO A 271 -32.28 -27.18 -5.49
N LEU A 272 -32.32 -27.11 -6.83
CA LEU A 272 -32.77 -25.96 -7.60
C LEU A 272 -34.28 -25.77 -7.41
N GLU A 273 -35.05 -26.85 -7.48
CA GLU A 273 -36.46 -26.86 -7.14
C GLU A 273 -36.68 -26.65 -5.63
N TYR A 274 -37.80 -26.04 -5.24
CA TYR A 274 -38.09 -25.80 -3.83
C TYR A 274 -38.66 -27.04 -3.15
N SER A 275 -37.84 -27.78 -2.42
CA SER A 275 -38.30 -28.67 -1.35
C SER A 275 -37.98 -28.01 -0.01
N TYR A 276 -38.94 -27.90 0.89
CA TYR A 276 -38.69 -27.22 2.16
C TYR A 276 -37.69 -27.99 3.00
N GLY A 277 -37.76 -29.32 2.96
CA GLY A 277 -36.96 -30.18 3.82
C GLY A 277 -35.47 -29.99 3.69
N GLU A 278 -34.94 -29.94 2.47
CA GLU A 278 -33.50 -29.89 2.28
C GLU A 278 -32.91 -28.52 2.61
N TYR A 279 -33.70 -27.46 2.52
CA TYR A 279 -33.32 -26.15 3.01
C TYR A 279 -33.44 -26.07 4.55
N ARG A 280 -34.47 -26.66 5.16
CA ARG A 280 -34.62 -26.73 6.60
C ARG A 280 -33.46 -27.43 7.29
N ASP A 281 -32.98 -28.53 6.72
CA ASP A 281 -31.83 -29.23 7.27
C ASP A 281 -30.51 -28.50 7.11
N LEU A 282 -30.41 -27.49 6.23
CA LEU A 282 -29.31 -26.54 6.29
C LEU A 282 -29.42 -25.68 7.55
N PHE A 283 -30.60 -25.16 7.84
CA PHE A 283 -30.79 -24.31 9.01
C PHE A 283 -30.62 -25.09 10.31
N ARG A 284 -31.08 -26.33 10.39
CA ARG A 284 -30.85 -27.18 11.54
C ARG A 284 -29.40 -27.62 11.73
N ASP A 285 -28.51 -27.33 10.79
CA ASP A 285 -27.08 -27.63 10.90
C ASP A 285 -26.20 -26.38 10.98
N PHE A 286 -26.55 -25.30 10.31
CA PHE A 286 -25.73 -24.09 10.19
C PHE A 286 -26.47 -22.81 10.60
N GLY A 287 -27.69 -22.93 11.09
CA GLY A 287 -28.49 -21.80 11.58
C GLY A 287 -29.10 -20.99 10.44
N THR A 288 -29.65 -19.84 10.79
CA THR A 288 -30.49 -19.02 9.92
C THR A 288 -29.82 -17.72 9.50
N HIS A 289 -28.85 -17.24 10.27
CA HIS A 289 -28.18 -15.96 10.07
C HIS A 289 -26.70 -16.06 10.39
N TYR A 290 -25.90 -15.09 9.97
CA TYR A 290 -24.51 -14.95 10.35
C TYR A 290 -24.26 -13.60 11.03
N ILE A 291 -23.30 -13.58 11.96
CA ILE A 291 -22.97 -12.42 12.78
C ILE A 291 -22.08 -11.49 11.98
N THR A 292 -22.62 -10.33 11.59
CA THR A 292 -21.88 -9.31 10.84
C THR A 292 -21.19 -8.31 11.73
N GLU A 293 -21.75 -7.96 12.88
CA GLU A 293 -21.12 -7.09 13.86
C GLU A 293 -21.53 -7.53 15.27
N ALA A 294 -20.62 -7.50 16.24
CA ALA A 294 -20.90 -7.97 17.58
C ALA A 294 -20.13 -7.24 18.68
N VAL A 295 -20.76 -7.21 19.85
CA VAL A 295 -20.24 -6.69 21.10
C VAL A 295 -19.89 -7.86 22.02
N LEU A 296 -18.63 -7.94 22.44
CA LEU A 296 -18.08 -9.08 23.16
C LEU A 296 -17.66 -8.69 24.56
N GLY A 297 -17.94 -9.53 25.55
CA GLY A 297 -17.55 -9.31 26.93
C GLY A 297 -18.21 -10.28 27.87
N GLY A 298 -18.77 -9.79 28.96
CA GLY A 298 -19.42 -10.62 29.96
C GLY A 298 -20.52 -9.91 30.69
N ILE A 299 -21.54 -10.68 31.06
CA ILE A 299 -22.60 -10.27 31.95
C ILE A 299 -22.32 -10.95 33.27
N TYR A 300 -22.33 -10.21 34.36
CA TYR A 300 -22.60 -10.72 35.68
C TYR A 300 -23.90 -10.11 36.14
N GLU A 301 -24.86 -10.92 36.56
CA GLU A 301 -26.10 -10.44 37.14
C GLU A 301 -26.41 -11.25 38.37
N TYR A 302 -26.81 -10.56 39.43
CA TYR A 302 -27.21 -11.13 40.69
C TYR A 302 -28.48 -10.45 41.10
N THR A 303 -29.50 -11.20 41.49
CA THR A 303 -30.71 -10.60 42.01
C THR A 303 -31.38 -11.45 43.05
N LEU A 304 -31.55 -10.83 44.20
CA LEU A 304 -32.07 -11.37 45.44
C LEU A 304 -33.42 -10.73 45.69
N VAL A 305 -34.38 -11.55 46.06
CA VAL A 305 -35.68 -11.13 46.55
C VAL A 305 -35.93 -11.87 47.84
N MET A 306 -36.30 -11.16 48.89
CA MET A 306 -36.69 -11.72 50.17
C MET A 306 -37.96 -11.05 50.64
N ASN A 307 -38.89 -11.84 51.18
CA ASN A 307 -40.06 -11.37 51.87
C ASN A 307 -40.19 -12.12 53.19
N LYS A 308 -40.46 -11.39 54.27
CA LYS A 308 -40.50 -11.88 55.64
C LYS A 308 -41.73 -11.35 56.34
N GLU A 309 -42.36 -12.19 57.14
CA GLU A 309 -43.55 -11.84 57.90
C GLU A 309 -43.52 -12.49 59.27
N ALA A 310 -44.09 -11.81 60.26
CA ALA A 310 -44.40 -12.32 61.58
C ALA A 310 -45.78 -11.81 61.97
N MET A 311 -46.59 -12.65 62.60
CA MET A 311 -47.97 -12.34 62.98
C MET A 311 -48.33 -12.98 64.30
N GLU A 312 -49.17 -12.32 65.09
CA GLU A 312 -49.58 -12.81 66.40
C GLU A 312 -51.02 -12.44 66.73
N ARG A 313 -51.66 -13.28 67.54
CA ARG A 313 -52.93 -13.01 68.22
C ARG A 313 -52.80 -13.50 69.66
N GLY A 314 -53.19 -12.66 70.61
CA GLY A 314 -53.35 -13.00 72.02
C GLY A 314 -54.74 -12.60 72.52
N ASP A 315 -55.38 -13.46 73.29
CA ASP A 315 -56.72 -13.24 73.83
C ASP A 315 -56.85 -13.95 75.19
N TYR A 316 -57.11 -13.18 76.23
CA TYR A 316 -57.15 -13.62 77.61
C TYR A 316 -58.40 -13.09 78.29
N THR A 317 -59.09 -13.91 79.09
CA THR A 317 -60.29 -13.48 79.79
C THR A 317 -60.50 -14.24 81.10
N LEU A 318 -61.04 -13.54 82.09
CA LEU A 318 -61.62 -14.14 83.29
C LEU A 318 -63.05 -13.62 83.48
N ASN A 319 -63.95 -14.47 83.96
CA ASN A 319 -65.25 -14.10 84.49
C ASN A 319 -65.49 -14.79 85.83
N ASN A 320 -65.87 -14.03 86.86
CA ASN A 320 -66.09 -14.50 88.22
C ASN A 320 -67.44 -13.94 88.72
N VAL A 321 -68.32 -14.77 89.26
CA VAL A 321 -69.64 -14.36 89.76
C VAL A 321 -69.94 -15.03 91.10
N HIS A 322 -70.55 -14.30 92.04
CA HIS A 322 -70.93 -14.81 93.36
C HIS A 322 -72.24 -14.19 93.88
N ALA A 323 -73.01 -14.96 94.66
CA ALA A 323 -74.31 -14.56 95.21
C ALA A 323 -74.49 -15.07 96.65
N ARG A 350 -73.00 -19.00 96.85
CA ARG A 350 -72.74 -19.78 95.64
C ARG A 350 -72.10 -18.92 94.54
N GLY A 351 -71.13 -19.49 93.80
CA GLY A 351 -70.42 -18.76 92.74
C GLY A 351 -69.69 -19.65 91.72
N ILE A 352 -69.17 -19.02 90.68
CA ILE A 352 -68.54 -19.67 89.51
C ILE A 352 -67.40 -18.81 88.94
N LEU A 353 -66.41 -19.46 88.34
CA LEU A 353 -65.23 -18.89 87.71
C LEU A 353 -65.00 -19.57 86.34
N ASN A 354 -64.68 -18.76 85.33
CA ASN A 354 -64.15 -19.20 84.05
C ASN A 354 -62.92 -18.35 83.69
N GLU A 355 -61.86 -18.99 83.19
CA GLU A 355 -60.67 -18.31 82.65
C GLU A 355 -60.22 -18.99 81.36
N ILE A 356 -59.83 -18.20 80.36
CA ILE A 356 -59.33 -18.68 79.07
C ILE A 356 -58.10 -17.87 78.68
N LYS A 357 -57.10 -18.55 78.09
CA LYS A 357 -56.02 -17.91 77.34
C LYS A 357 -55.87 -18.58 75.97
N ASP A 358 -55.71 -17.76 74.95
CA ASP A 358 -55.40 -18.14 73.56
C ASP A 358 -54.22 -17.29 73.10
N ARG A 359 -53.13 -17.92 72.65
CA ARG A 359 -51.93 -17.28 72.12
C ARG A 359 -51.48 -17.98 70.84
N ASN A 360 -51.15 -17.20 69.82
CA ASN A 360 -50.77 -17.65 68.49
C ASN A 360 -49.59 -16.81 68.00
N LYS A 361 -48.59 -17.46 67.41
CA LYS A 361 -47.49 -16.84 66.67
C LYS A 361 -47.30 -17.57 65.36
N ARG A 362 -47.10 -16.82 64.29
CA ARG A 362 -46.75 -17.29 62.95
C ARG A 362 -45.57 -16.49 62.44
N ASP A 363 -44.70 -17.13 61.70
CA ASP A 363 -43.58 -16.50 61.01
C ASP A 363 -43.38 -17.17 59.67
N THR A 364 -42.99 -16.41 58.65
CA THR A 364 -42.48 -16.94 57.41
C THR A 364 -41.39 -16.06 56.85
N MET A 365 -40.41 -16.70 56.21
CA MET A 365 -39.55 -16.04 55.26
C MET A 365 -39.50 -16.83 53.96
N VAL A 366 -39.52 -16.14 52.83
CA VAL A 366 -39.33 -16.68 51.48
C VAL A 366 -38.27 -15.85 50.81
N GLU A 367 -37.28 -16.50 50.24
CA GLU A 367 -36.16 -15.86 49.58
C GLU A 367 -35.83 -16.60 48.30
N ASP A 368 -35.62 -15.84 47.23
CA ASP A 368 -35.22 -16.31 45.92
C ASP A 368 -34.03 -15.51 45.47
N LEU A 369 -33.03 -16.19 44.94
CA LEU A 369 -31.84 -15.59 44.38
C LEU A 369 -31.57 -16.27 43.05
N VAL A 370 -31.19 -15.46 42.08
CA VAL A 370 -30.73 -15.88 40.77
C VAL A 370 -29.43 -15.17 40.51
N VAL A 371 -28.47 -15.91 40.00
CA VAL A 371 -27.18 -15.39 39.56
C VAL A 371 -26.89 -15.94 38.19
N LEU A 372 -26.33 -15.13 37.32
CA LEU A 372 -26.15 -15.44 35.92
C LEU A 372 -24.83 -14.82 35.52
N VAL A 373 -23.94 -15.62 34.96
CA VAL A 373 -22.63 -15.17 34.53
C VAL A 373 -22.43 -15.63 33.11
N ARG A 374 -21.83 -14.79 32.28
CA ARG A 374 -21.44 -15.10 30.92
C ARG A 374 -20.04 -14.59 30.67
N GLY A 375 -19.24 -15.39 30.00
CA GLY A 375 -17.86 -15.08 29.70
C GLY A 375 -16.96 -15.29 30.90
N GLY A 376 -15.70 -15.67 30.65
CA GLY A 376 -14.71 -15.90 31.68
C GLY A 376 -14.17 -17.33 31.74
N ALA A 377 -13.57 -17.67 32.88
CA ALA A 377 -12.87 -18.92 33.14
C ALA A 377 -13.44 -19.63 34.36
N SER A 378 -13.41 -20.95 34.39
CA SER A 378 -14.35 -21.77 35.17
C SER A 378 -14.32 -21.54 36.68
N GLU A 379 -13.18 -21.20 37.27
CA GLU A 379 -13.11 -20.93 38.71
C GLU A 379 -13.75 -19.58 39.07
N HIS A 380 -13.57 -18.58 38.22
CA HIS A 380 -14.16 -17.25 38.42
C HIS A 380 -15.66 -17.33 38.20
N ILE A 381 -16.05 -18.04 37.16
CA ILE A 381 -17.43 -18.39 36.87
C ILE A 381 -18.07 -19.05 38.10
N THR A 382 -17.49 -20.10 38.71
CA THR A 382 -18.14 -20.74 39.86
C THR A 382 -18.11 -19.86 41.10
N THR A 383 -17.01 -19.16 41.37
CA THR A 383 -16.97 -18.35 42.59
C THR A 383 -17.90 -17.15 42.52
N LEU A 384 -18.23 -16.66 41.32
CA LEU A 384 -19.33 -15.71 41.11
C LEU A 384 -20.68 -16.39 41.12
N ALA A 385 -20.78 -17.64 40.69
CA ALA A 385 -22.02 -18.40 40.70
C ALA A 385 -22.54 -18.62 42.13
N TYR A 386 -21.64 -18.60 43.11
CA TYR A 386 -21.92 -18.81 44.54
C TYR A 386 -22.87 -17.76 45.13
N GLN A 387 -23.61 -18.12 46.18
CA GLN A 387 -24.79 -17.40 46.65
C GLN A 387 -24.52 -16.00 47.25
N GLU A 388 -23.29 -15.70 47.59
CA GLU A 388 -22.88 -14.54 48.35
C GLU A 388 -22.21 -13.53 47.42
N LEU A 389 -22.62 -12.25 47.46
CA LEU A 389 -22.09 -11.22 46.57
C LEU A 389 -20.55 -11.19 46.57
N PRO A 390 -19.91 -10.93 45.44
CA PRO A 390 -18.47 -11.03 45.32
C PRO A 390 -17.71 -10.02 46.15
N THR A 391 -16.45 -10.34 46.43
CA THR A 391 -15.43 -9.35 46.74
C THR A 391 -14.86 -8.82 45.43
N ALA A 392 -14.38 -7.57 45.39
CA ALA A 392 -13.88 -6.97 44.17
C ALA A 392 -12.72 -7.72 43.53
N ASP A 393 -11.97 -8.52 44.28
CA ASP A 393 -10.87 -9.31 43.71
C ASP A 393 -11.38 -10.37 42.72
N LEU A 394 -12.49 -10.98 43.07
CA LEU A 394 -13.05 -11.99 42.16
C LEU A 394 -13.54 -11.24 40.93
N MET A 395 -14.27 -10.14 41.10
CA MET A 395 -14.75 -9.33 39.98
C MET A 395 -13.61 -8.97 39.05
N GLN A 396 -12.46 -8.58 39.60
CA GLN A 396 -11.30 -8.24 38.81
C GLN A 396 -10.80 -9.43 38.02
N GLU A 397 -10.64 -10.57 38.66
CA GLU A 397 -10.21 -11.78 38.00
C GLU A 397 -11.24 -12.29 36.97
N TRP A 398 -12.54 -12.16 37.24
CA TRP A 398 -13.56 -12.50 36.26
C TRP A 398 -13.49 -11.62 35.02
N GLY A 399 -13.38 -10.31 35.18
CA GLY A 399 -13.26 -9.41 34.06
C GLY A 399 -11.96 -9.64 33.30
N ASP A 400 -10.88 -9.95 33.98
CA ASP A 400 -9.64 -10.32 33.34
C ASP A 400 -9.78 -11.60 32.51
N ALA A 401 -10.54 -12.60 32.97
CA ALA A 401 -10.79 -13.82 32.21
C ALA A 401 -11.81 -13.65 31.08
N VAL A 402 -12.82 -12.80 31.24
CA VAL A 402 -13.76 -12.43 30.17
C VAL A 402 -13.03 -11.96 28.92
N GLN A 403 -11.89 -11.30 29.05
CA GLN A 403 -11.09 -10.88 27.92
C GLN A 403 -10.66 -12.02 27.01
N TYR A 404 -10.38 -13.19 27.59
CA TYR A 404 -9.89 -14.36 26.87
C TYR A 404 -10.99 -15.34 26.50
N ASN A 405 -12.18 -15.21 27.05
CA ASN A 405 -13.32 -16.02 26.64
C ASN A 405 -14.62 -15.24 26.74
N PRO A 406 -14.86 -14.27 25.84
CA PRO A 406 -16.04 -13.44 25.91
C PRO A 406 -17.30 -14.17 25.45
N ALA A 407 -18.44 -13.78 26.01
CA ALA A 407 -19.75 -14.05 25.46
C ALA A 407 -20.16 -12.89 24.55
N ILE A 408 -21.24 -13.10 23.78
CA ILE A 408 -21.78 -12.10 22.87
C ILE A 408 -22.93 -11.39 23.53
N ILE A 409 -22.79 -10.07 23.68
CA ILE A 409 -23.74 -9.20 24.35
C ILE A 409 -24.81 -8.68 23.36
N LYS A 410 -24.39 -8.18 22.19
CA LYS A 410 -25.24 -7.61 21.14
C LYS A 410 -24.74 -8.02 19.76
N VAL A 411 -25.67 -8.24 18.81
CA VAL A 411 -25.41 -8.78 17.46
C VAL A 411 -26.13 -7.97 16.38
N LYS A 412 -25.46 -7.71 15.26
CA LYS A 412 -26.10 -7.40 13.97
C LYS A 412 -26.01 -8.61 13.05
N VAL A 413 -27.14 -9.19 12.70
CA VAL A 413 -27.26 -10.33 11.79
C VAL A 413 -27.33 -9.90 10.33
N GLU A 414 -27.01 -10.84 9.44
CA GLU A 414 -27.54 -10.91 8.07
C GLU A 414 -28.11 -12.30 7.84
N PRO A 415 -29.21 -12.45 7.10
CA PRO A 415 -29.78 -13.75 6.80
C PRO A 415 -28.83 -14.54 5.91
N LEU A 416 -28.77 -15.85 6.12
CA LEU A 416 -27.67 -16.67 5.64
C LEU A 416 -27.55 -16.75 4.11
N TYR A 417 -28.66 -16.53 3.39
CA TYR A 417 -28.66 -16.52 1.92
C TYR A 417 -27.83 -15.39 1.31
N GLU A 418 -27.56 -14.32 2.05
CA GLU A 418 -26.65 -13.27 1.62
C GLU A 418 -25.20 -13.75 1.45
N LEU A 419 -24.86 -14.95 1.95
CA LEU A 419 -23.58 -15.60 1.65
C LEU A 419 -23.56 -16.33 0.31
N VAL A 420 -24.73 -16.74 -0.22
CA VAL A 420 -24.85 -17.57 -1.42
C VAL A 420 -24.65 -16.72 -2.66
N THR A 421 -23.40 -16.37 -2.92
CA THR A 421 -22.96 -15.49 -4.01
C THR A 421 -22.43 -16.28 -5.20
N ALA A 422 -22.75 -15.85 -6.41
CA ALA A 422 -22.46 -16.55 -7.66
C ALA A 422 -20.98 -16.92 -7.87
N THR A 423 -20.04 -16.27 -7.17
CA THR A 423 -18.61 -16.63 -7.22
C THR A 423 -18.29 -18.01 -6.62
N ASP A 424 -19.21 -18.55 -5.82
CA ASP A 424 -19.07 -19.84 -5.14
C ASP A 424 -20.11 -20.87 -5.58
N PHE A 425 -21.27 -20.44 -6.07
CA PHE A 425 -22.39 -21.32 -6.39
C PHE A 425 -23.01 -21.01 -7.77
N ALA A 426 -23.28 -22.05 -8.57
CA ALA A 426 -24.14 -21.94 -9.76
C ALA A 426 -25.62 -21.95 -9.35
N TYR A 427 -26.49 -21.39 -10.19
CA TYR A 427 -27.92 -21.21 -9.90
C TYR A 427 -28.18 -20.39 -8.62
N SER A 428 -27.26 -19.53 -8.22
CA SER A 428 -27.27 -18.86 -6.91
C SER A 428 -28.57 -18.14 -6.63
N SER A 429 -29.15 -17.44 -7.60
CA SER A 429 -30.39 -16.68 -7.41
C SER A 429 -31.57 -17.56 -7.07
N THR A 430 -31.67 -18.76 -7.64
CA THR A 430 -32.75 -19.70 -7.30
C THR A 430 -32.53 -20.31 -5.92
N VAL A 431 -31.29 -20.60 -5.54
CA VAL A 431 -30.97 -21.00 -4.17
C VAL A 431 -31.35 -19.89 -3.20
N ARG A 432 -30.94 -18.64 -3.43
CA ARG A 432 -31.34 -17.48 -2.61
C ARG A 432 -32.85 -17.39 -2.44
N GLN A 433 -33.61 -17.44 -3.53
CA GLN A 433 -35.05 -17.31 -3.47
C GLN A 433 -35.70 -18.48 -2.72
N ASN A 434 -35.20 -19.70 -2.89
CA ASN A 434 -35.66 -20.84 -2.10
C ASN A 434 -35.38 -20.61 -0.61
N MET A 435 -34.15 -20.23 -0.31
CA MET A 435 -33.63 -20.08 1.04
C MET A 435 -34.40 -18.99 1.79
N LYS A 436 -34.73 -17.88 1.11
CA LYS A 436 -35.65 -16.84 1.59
C LYS A 436 -37.01 -17.40 1.94
N GLN A 437 -37.63 -18.22 1.08
CA GLN A 437 -38.94 -18.76 1.39
C GLN A 437 -38.89 -19.76 2.54
N ALA A 438 -37.88 -20.64 2.53
CA ALA A 438 -37.67 -21.57 3.63
C ALA A 438 -37.48 -20.83 4.94
N LEU A 439 -36.76 -19.71 4.96
CA LEU A 439 -36.52 -18.95 6.17
C LEU A 439 -37.80 -18.42 6.78
N GLU A 440 -38.76 -18.00 5.98
CA GLU A 440 -40.08 -17.61 6.48
C GLU A 440 -40.86 -18.81 7.01
N GLU A 441 -40.87 -19.93 6.30
CA GLU A 441 -41.58 -21.13 6.75
C GLU A 441 -40.96 -21.72 8.01
N PHE A 442 -39.63 -21.72 8.12
CA PHE A 442 -38.89 -22.25 9.23
C PHE A 442 -39.07 -21.42 10.48
N GLN A 443 -39.04 -20.09 10.37
CA GLN A 443 -39.32 -19.22 11.50
C GLN A 443 -40.68 -19.53 12.11
N LYS A 444 -41.67 -19.90 11.28
CA LYS A 444 -42.99 -20.34 11.73
C LYS A 444 -42.98 -21.75 12.32
N GLU A 445 -42.01 -22.62 12.04
CA GLU A 445 -41.84 -23.91 12.73
C GLU A 445 -41.08 -23.78 14.06
N VAL A 446 -39.89 -23.18 14.09
CA VAL A 446 -39.01 -23.22 15.27
C VAL A 446 -39.30 -22.18 16.35
N SER A 447 -40.16 -21.20 16.09
CA SER A 447 -40.65 -20.30 17.13
C SER A 447 -41.46 -21.11 18.17
N SER A 448 -41.17 -20.92 19.46
CA SER A 448 -41.67 -21.77 20.55
C SER A 448 -43.17 -21.61 20.84
N CYS A 449 -43.90 -20.82 20.06
CA CYS A 449 -45.33 -20.58 20.20
C CYS A 449 -46.17 -21.87 20.12
N HIS A 450 -45.63 -22.92 19.49
CA HIS A 450 -46.28 -24.23 19.36
C HIS A 450 -46.44 -25.00 20.68
N CYS A 451 -45.57 -24.76 21.66
CA CYS A 451 -45.58 -25.51 22.90
C CYS A 451 -46.88 -25.32 23.67
N ALA A 452 -47.34 -26.36 24.36
CA ALA A 452 -48.38 -26.23 25.36
C ALA A 452 -47.90 -25.38 26.54
N PRO A 453 -48.79 -24.73 27.31
CA PRO A 453 -48.39 -23.87 28.41
C PRO A 453 -47.81 -24.63 29.60
N CYS A 454 -46.68 -24.14 30.10
CA CYS A 454 -46.13 -24.53 31.39
C CYS A 454 -47.03 -24.03 32.54
N GLN A 455 -46.99 -24.70 33.70
CA GLN A 455 -47.51 -24.13 34.94
C GLN A 455 -46.43 -23.31 35.65
N GLY A 456 -46.74 -22.69 36.78
CA GLY A 456 -45.75 -22.08 37.68
C GLY A 456 -44.90 -20.97 37.03
N ASN A 457 -45.43 -20.32 36.00
CA ASN A 457 -44.75 -19.36 35.14
C ASN A 457 -43.49 -19.92 34.43
N GLY A 458 -43.46 -21.22 34.15
CA GLY A 458 -42.41 -21.80 33.32
C GLY A 458 -42.36 -21.18 31.92
N VAL A 459 -41.17 -21.05 31.35
CA VAL A 459 -40.98 -20.64 29.95
C VAL A 459 -40.81 -21.90 29.10
N PRO A 460 -41.73 -22.22 28.17
CA PRO A 460 -41.53 -23.30 27.23
C PRO A 460 -40.49 -22.93 26.18
N VAL A 461 -39.51 -23.80 25.93
CA VAL A 461 -38.57 -23.68 24.82
C VAL A 461 -38.62 -24.93 23.95
N LEU A 462 -38.93 -24.78 22.66
CA LEU A 462 -38.90 -25.85 21.67
C LEU A 462 -37.45 -26.16 21.29
N LYS A 463 -36.86 -27.18 21.94
CA LYS A 463 -35.44 -27.50 21.86
C LYS A 463 -35.06 -28.17 20.53
N GLY A 464 -35.87 -29.14 20.11
CA GLY A 464 -35.77 -29.82 18.81
C GLY A 464 -37.15 -30.02 18.20
N SER A 465 -37.57 -31.27 17.99
CA SER A 465 -39.00 -31.61 17.86
C SER A 465 -39.69 -31.81 19.21
N ARG A 466 -39.04 -31.40 20.31
CA ARG A 466 -39.43 -31.62 21.70
C ARG A 466 -39.34 -30.31 22.49
N CYS A 467 -40.26 -30.05 23.41
CA CYS A 467 -40.35 -28.81 24.17
C CYS A 467 -40.05 -29.00 25.65
N ASP A 468 -39.16 -28.19 26.22
CA ASP A 468 -38.82 -28.17 27.64
C ASP A 468 -39.33 -26.90 28.32
N CYS A 469 -40.14 -27.05 29.36
CA CYS A 469 -40.48 -25.95 30.25
C CYS A 469 -39.31 -25.66 31.21
N ILE A 470 -38.53 -24.62 30.92
CA ILE A 470 -37.55 -24.06 31.83
C ILE A 470 -38.27 -23.37 32.99
N CYS A 471 -38.07 -23.84 34.22
CA CYS A 471 -38.77 -23.31 35.38
C CYS A 471 -38.10 -22.06 35.96
N PRO A 472 -38.86 -21.13 36.58
CA PRO A 472 -38.30 -20.15 37.49
C PRO A 472 -37.76 -20.84 38.75
N VAL A 473 -37.00 -20.11 39.55
CA VAL A 473 -36.67 -20.50 40.92
C VAL A 473 -37.97 -20.72 41.72
N GLY A 474 -38.01 -21.75 42.56
CA GLY A 474 -39.14 -22.05 43.44
C GLY A 474 -40.22 -23.00 42.90
N SER A 475 -40.01 -23.66 41.77
CA SER A 475 -40.88 -24.75 41.31
C SER A 475 -40.13 -25.85 40.57
N GLN A 476 -40.65 -27.07 40.61
CA GLN A 476 -40.03 -28.30 40.09
C GLN A 476 -41.03 -29.18 39.32
N GLY A 477 -40.54 -30.27 38.71
CA GLY A 477 -41.34 -31.16 37.85
C GLY A 477 -41.42 -30.68 36.41
N LEU A 478 -41.79 -31.56 35.46
CA LEU A 478 -41.59 -31.27 34.03
C LEU A 478 -42.43 -30.10 33.53
N ALA A 479 -43.61 -29.88 34.11
CA ALA A 479 -44.47 -28.75 33.83
C ALA A 479 -44.25 -27.54 34.77
N CYS A 480 -43.23 -27.59 35.64
CA CYS A 480 -42.99 -26.66 36.74
C CYS A 480 -44.17 -26.59 37.73
N GLU A 481 -44.79 -27.73 38.01
CA GLU A 481 -45.98 -27.85 38.86
C GLU A 481 -45.68 -27.91 40.37
N VAL A 482 -44.54 -28.47 40.77
CA VAL A 482 -44.24 -28.81 42.17
C VAL A 482 -43.67 -27.59 42.90
N SER A 483 -44.52 -26.89 43.66
CA SER A 483 -44.14 -25.74 44.49
C SER A 483 -45.03 -25.62 45.72
N TYR A 484 -44.50 -25.01 46.79
CA TYR A 484 -45.21 -24.73 48.03
C TYR A 484 -46.14 -23.50 47.96
N ARG A 485 -46.03 -22.68 46.89
CA ARG A 485 -46.62 -21.34 46.76
C ARG A 485 -48.11 -21.38 46.39
N LYS A 486 -48.91 -20.51 47.01
CA LYS A 486 -50.36 -20.40 46.79
C LYS A 486 -50.73 -19.76 45.45
N ASN A 487 -49.94 -18.76 45.03
CA ASN A 487 -50.03 -18.12 43.73
C ASN A 487 -48.66 -17.54 43.32
N THR A 488 -48.38 -17.52 42.02
CA THR A 488 -47.22 -16.85 41.41
C THR A 488 -47.65 -16.17 40.11
N PRO A 489 -47.24 -14.94 39.80
CA PRO A 489 -47.71 -14.25 38.61
C PRO A 489 -47.40 -15.00 37.31
N ILE A 490 -48.43 -15.45 36.60
CA ILE A 490 -48.30 -15.92 35.22
C ILE A 490 -48.08 -14.73 34.31
N ASP A 491 -46.99 -14.71 33.57
CA ASP A 491 -46.85 -13.81 32.43
C ASP A 491 -47.64 -14.34 31.23
N GLY A 492 -48.28 -13.45 30.45
CA GLY A 492 -49.04 -13.87 29.27
C GLY A 492 -48.15 -14.51 28.21
N LYS A 493 -48.64 -15.56 27.54
CA LYS A 493 -47.93 -16.20 26.43
C LYS A 493 -48.74 -16.19 25.14
N TRP A 494 -48.16 -15.62 24.09
CA TRP A 494 -48.70 -15.63 22.73
C TRP A 494 -48.84 -17.04 22.13
N ASN A 495 -49.97 -17.30 21.48
CA ASN A 495 -50.14 -18.38 20.51
C ASN A 495 -49.48 -18.02 19.16
N CYS A 496 -49.33 -19.00 18.26
CA CYS A 496 -48.69 -18.75 16.97
C CYS A 496 -49.53 -17.82 16.10
N TRP A 497 -48.88 -17.01 15.26
CA TRP A 497 -49.52 -15.95 14.51
C TRP A 497 -50.18 -16.45 13.22
N SER A 498 -51.49 -16.22 13.08
CA SER A 498 -52.32 -16.82 12.03
C SER A 498 -51.89 -16.37 10.62
N ASN A 499 -52.09 -17.21 9.62
CA ASN A 499 -51.51 -17.04 8.29
C ASN A 499 -52.03 -15.79 7.57
N TRP A 500 -51.24 -15.23 6.66
CA TRP A 500 -51.62 -14.10 5.81
C TRP A 500 -52.94 -14.37 5.04
N SER A 501 -53.98 -13.55 5.26
CA SER A 501 -55.28 -13.68 4.57
C SER A 501 -55.44 -12.69 3.41
N SER A 502 -55.97 -13.14 2.28
CA SER A 502 -56.36 -12.32 1.11
C SER A 502 -55.22 -11.50 0.48
N CYS A 503 -55.51 -10.34 -0.11
CA CYS A 503 -54.56 -9.35 -0.66
C CYS A 503 -55.21 -7.93 -0.71
N SER A 504 -54.48 -6.91 -1.18
CA SER A 504 -54.70 -5.47 -0.93
C SER A 504 -54.47 -5.09 0.54
N GLY A 505 -53.35 -5.56 1.09
CA GLY A 505 -53.01 -5.53 2.51
C GLY A 505 -53.53 -6.79 3.22
N ARG A 506 -52.64 -7.75 3.47
CA ARG A 506 -52.96 -9.00 4.20
C ARG A 506 -53.09 -8.74 5.70
N ARG A 507 -53.73 -9.62 6.47
CA ARG A 507 -53.77 -9.57 7.93
C ARG A 507 -53.29 -10.87 8.59
N LYS A 508 -52.65 -10.74 9.75
CA LYS A 508 -52.25 -11.80 10.69
C LYS A 508 -52.75 -11.45 12.08
N THR A 509 -53.12 -12.44 12.89
CA THR A 509 -53.74 -12.23 14.20
C THR A 509 -53.07 -13.06 15.30
N ARG A 510 -53.17 -12.60 16.54
CA ARG A 510 -52.62 -13.22 17.76
C ARG A 510 -53.61 -12.99 18.91
N GLN A 511 -53.68 -13.90 19.88
CA GLN A 511 -54.81 -13.94 20.84
C GLN A 511 -54.42 -13.93 22.33
N ARG A 512 -53.12 -13.93 22.68
CA ARG A 512 -52.62 -14.07 24.07
C ARG A 512 -53.23 -15.28 24.81
N GLN A 513 -53.67 -16.29 24.08
CA GLN A 513 -54.45 -17.40 24.62
C GLN A 513 -53.60 -18.58 25.09
N CYS A 514 -52.40 -18.79 24.50
CA CYS A 514 -51.58 -19.98 24.74
C CYS A 514 -51.28 -20.18 26.22
N ASN A 515 -50.87 -19.11 26.90
CA ASN A 515 -51.13 -18.94 28.32
C ASN A 515 -51.86 -17.62 28.52
N ASN A 516 -53.13 -17.67 28.91
CA ASN A 516 -53.92 -16.48 29.22
C ASN A 516 -53.18 -15.65 30.30
N PRO A 517 -52.99 -14.32 30.19
CA PRO A 517 -52.16 -13.57 31.15
C PRO A 517 -52.64 -13.55 32.62
N PRO A 518 -53.94 -13.42 32.96
CA PRO A 518 -54.37 -13.17 34.35
C PRO A 518 -54.15 -14.22 35.46
N PRO A 519 -54.00 -15.54 35.22
CA PRO A 519 -54.18 -16.54 36.28
C PRO A 519 -53.25 -16.37 37.47
N GLN A 520 -53.75 -16.73 38.65
CA GLN A 520 -53.06 -16.72 39.94
C GLN A 520 -52.27 -15.41 40.18
N ASN A 521 -53.00 -14.29 40.13
CA ASN A 521 -52.49 -12.92 40.25
C ASN A 521 -51.45 -12.57 39.16
N GLY A 522 -51.87 -12.69 37.90
CA GLY A 522 -51.02 -12.63 36.72
C GLY A 522 -50.18 -11.35 36.56
N GLY A 523 -49.08 -11.50 35.83
CA GLY A 523 -48.14 -10.46 35.44
C GLY A 523 -48.53 -9.80 34.12
N SER A 524 -47.54 -9.31 33.39
CA SER A 524 -47.73 -8.52 32.17
C SER A 524 -48.34 -9.32 31.01
N PRO A 525 -49.39 -8.82 30.34
CA PRO A 525 -49.81 -9.29 29.01
C PRO A 525 -48.74 -9.02 27.93
N CYS A 526 -48.70 -9.86 26.90
CA CYS A 526 -47.59 -9.92 25.94
C CYS A 526 -47.27 -8.57 25.26
N SER A 527 -45.98 -8.33 24.99
CA SER A 527 -45.46 -7.01 24.58
C SER A 527 -45.63 -6.64 23.10
N GLY A 528 -45.95 -7.58 22.21
CA GLY A 528 -45.92 -7.36 20.75
C GLY A 528 -47.25 -6.92 20.09
N PRO A 529 -47.24 -6.67 18.77
CA PRO A 529 -48.43 -6.34 17.98
C PRO A 529 -49.48 -7.46 17.94
N ALA A 530 -50.66 -7.23 18.50
CA ALA A 530 -51.74 -8.23 18.58
C ALA A 530 -52.40 -8.57 17.23
N SER A 531 -52.26 -7.71 16.22
CA SER A 531 -52.52 -8.03 14.82
C SER A 531 -51.64 -7.19 13.92
N GLU A 532 -51.42 -7.63 12.69
CA GLU A 532 -50.34 -7.14 11.83
C GLU A 532 -50.74 -7.22 10.35
N THR A 533 -50.21 -6.33 9.51
CA THR A 533 -50.60 -6.22 8.10
C THR A 533 -49.44 -5.78 7.20
N LEU A 534 -49.39 -6.26 5.96
CA LEU A 534 -48.35 -5.94 4.98
C LEU A 534 -48.82 -6.07 3.52
N ASP A 535 -48.26 -5.25 2.64
CA ASP A 535 -48.79 -5.05 1.31
C ASP A 535 -48.32 -6.15 0.36
N CYS A 536 -49.23 -6.68 -0.44
CA CYS A 536 -48.88 -7.50 -1.59
C CYS A 536 -47.72 -6.87 -2.34
N SER A 537 -47.92 -5.64 -2.79
CA SER A 537 -46.88 -4.90 -3.48
C SER A 537 -46.32 -3.78 -2.60
N ALA B 1 -47.66 -52.34 57.01
CA ALA B 1 -46.58 -52.13 56.01
C ALA B 1 -46.63 -53.19 54.91
N ALA B 2 -45.97 -52.94 53.77
CA ALA B 2 -45.83 -53.88 52.66
C ALA B 2 -45.00 -55.14 53.04
N THR B 3 -45.15 -56.22 52.26
CA THR B 3 -44.42 -57.49 52.41
C THR B 3 -43.89 -58.02 51.06
N PRO B 4 -42.65 -58.52 50.97
CA PRO B 4 -42.07 -59.04 49.74
C PRO B 4 -42.59 -60.44 49.36
N ALA B 5 -42.41 -60.80 48.09
CA ALA B 5 -42.67 -62.14 47.55
C ALA B 5 -41.58 -62.54 46.53
N ALA B 6 -40.54 -63.23 46.99
CA ALA B 6 -39.35 -63.59 46.22
C ALA B 6 -39.67 -64.44 44.97
N VAL B 7 -38.92 -64.27 43.87
CA VAL B 7 -38.90 -65.15 42.69
C VAL B 7 -37.50 -65.30 42.08
N THR B 8 -37.09 -66.54 41.83
CA THR B 8 -35.81 -66.92 41.20
C THR B 8 -35.79 -66.61 39.70
N CYS B 9 -34.61 -66.59 39.09
CA CYS B 9 -34.48 -66.33 37.66
C CYS B 9 -35.13 -67.42 36.79
N GLN B 10 -35.73 -67.04 35.65
CA GLN B 10 -36.12 -67.95 34.57
C GLN B 10 -35.76 -67.37 33.21
N LEU B 11 -35.17 -68.18 32.34
CA LEU B 11 -35.05 -67.89 30.91
C LEU B 11 -35.90 -68.88 30.08
N SER B 12 -36.43 -68.44 28.95
CA SER B 12 -37.04 -69.35 27.96
C SER B 12 -35.99 -70.23 27.27
N ASN B 13 -36.40 -71.40 26.77
CA ASN B 13 -35.54 -72.35 26.07
C ASN B 13 -34.89 -71.75 24.82
N TRP B 14 -33.73 -72.28 24.42
CA TRP B 14 -32.99 -71.80 23.26
C TRP B 14 -33.85 -71.70 22.00
N SER B 15 -33.63 -70.66 21.23
CA SER B 15 -33.93 -70.66 19.79
C SER B 15 -32.99 -71.58 19.02
N GLU B 16 -33.47 -72.14 17.91
CA GLU B 16 -32.67 -72.95 16.99
C GLU B 16 -31.51 -72.15 16.38
N TRP B 17 -30.37 -72.78 16.15
CA TRP B 17 -29.17 -72.08 15.70
C TRP B 17 -29.39 -71.33 14.39
N THR B 18 -28.94 -70.07 14.35
CA THR B 18 -28.82 -69.33 13.10
C THR B 18 -27.66 -69.89 12.29
N ASP B 19 -27.89 -70.06 10.99
CA ASP B 19 -27.02 -70.80 10.09
C ASP B 19 -25.69 -70.11 9.85
N CYS B 20 -24.67 -70.92 9.59
CA CYS B 20 -23.28 -70.52 9.64
C CYS B 20 -22.93 -69.46 8.58
N PHE B 21 -22.57 -68.27 9.03
CA PHE B 21 -22.29 -67.09 8.20
C PHE B 21 -21.00 -67.23 7.40
N PRO B 22 -20.82 -66.50 6.29
CA PRO B 22 -19.73 -66.72 5.34
C PRO B 22 -18.34 -66.27 5.80
N CYS B 23 -18.24 -65.21 6.58
CA CYS B 23 -16.94 -64.60 6.94
C CYS B 23 -16.58 -64.67 8.44
N GLN B 24 -17.59 -64.78 9.31
CA GLN B 24 -17.40 -64.90 10.76
C GLN B 24 -17.00 -66.30 11.22
N ASP B 25 -17.37 -67.33 10.47
CA ASP B 25 -17.36 -68.74 10.90
C ASP B 25 -18.16 -68.97 12.18
N LYS B 26 -19.27 -68.24 12.36
CA LYS B 26 -20.09 -68.25 13.57
C LYS B 26 -21.55 -68.52 13.34
N LYS B 27 -22.17 -69.07 14.38
CA LYS B 27 -23.58 -69.33 14.60
C LYS B 27 -23.99 -68.56 15.85
N TYR B 28 -25.24 -68.12 15.91
CA TYR B 28 -25.78 -67.43 17.08
C TYR B 28 -27.12 -68.03 17.48
N ARG B 29 -27.45 -67.99 18.75
CA ARG B 29 -28.79 -68.27 19.27
C ARG B 29 -29.08 -67.43 20.51
N HIS B 30 -30.34 -67.30 20.86
CA HIS B 30 -30.79 -66.46 21.96
C HIS B 30 -31.88 -67.10 22.80
N ARG B 31 -32.13 -66.51 23.96
CA ARG B 31 -33.19 -66.83 24.93
C ARG B 31 -33.84 -65.51 25.39
N SER B 32 -34.96 -65.59 26.11
CA SER B 32 -35.66 -64.40 26.62
C SER B 32 -35.85 -64.43 28.13
N LEU B 33 -35.85 -63.26 28.76
CA LEU B 33 -36.04 -63.07 30.21
C LEU B 33 -37.49 -63.35 30.58
N LEU B 34 -37.84 -64.63 30.62
CA LEU B 34 -39.15 -65.13 30.99
C LEU B 34 -39.57 -64.62 32.38
N GLN B 35 -38.62 -64.53 33.31
CA GLN B 35 -38.69 -63.63 34.45
C GLN B 35 -37.28 -63.32 34.98
N PRO B 36 -36.87 -62.04 35.09
CA PRO B 36 -35.60 -61.71 35.73
C PRO B 36 -35.66 -62.08 37.23
N ASN B 37 -34.53 -62.44 37.87
CA ASN B 37 -34.58 -62.68 39.32
C ASN B 37 -34.88 -61.40 40.06
N LYS B 38 -35.96 -61.42 40.83
CA LYS B 38 -36.45 -60.24 41.52
C LYS B 38 -35.67 -60.06 42.83
N PHE B 39 -36.09 -59.14 43.68
CA PHE B 39 -35.38 -58.76 44.90
C PHE B 39 -34.90 -59.98 45.71
N GLY B 40 -35.79 -60.94 45.95
CA GLY B 40 -35.44 -62.23 46.53
C GLY B 40 -35.34 -63.29 45.43
N GLY B 41 -34.17 -63.90 45.24
CA GLY B 41 -34.01 -65.01 44.29
C GLY B 41 -32.65 -65.11 43.61
N THR B 42 -32.27 -66.36 43.30
CA THR B 42 -31.04 -66.80 42.65
C THR B 42 -30.88 -66.28 41.23
N ILE B 43 -29.67 -65.89 40.82
CA ILE B 43 -29.38 -65.57 39.42
C ILE B 43 -29.33 -66.81 38.53
N CYS B 44 -29.75 -66.70 37.25
CA CYS B 44 -29.43 -67.72 36.26
C CYS B 44 -27.94 -67.67 35.93
N SER B 45 -27.29 -68.83 35.82
CA SER B 45 -25.98 -68.91 35.16
C SER B 45 -26.09 -68.50 33.69
N GLY B 46 -27.21 -68.82 33.05
CA GLY B 46 -27.48 -68.51 31.65
C GLY B 46 -27.68 -67.02 31.39
N ASP B 47 -27.15 -66.55 30.26
CA ASP B 47 -27.45 -65.24 29.68
C ASP B 47 -28.24 -65.35 28.37
N ILE B 48 -28.58 -64.21 27.78
CA ILE B 48 -29.53 -64.07 26.68
C ILE B 48 -29.04 -64.57 25.32
N TRP B 49 -27.73 -64.75 25.13
CA TRP B 49 -27.13 -64.93 23.82
C TRP B 49 -25.97 -65.91 23.86
N ASP B 50 -25.86 -66.76 22.85
CA ASP B 50 -24.84 -67.80 22.74
C ASP B 50 -24.28 -67.82 21.33
N GLN B 51 -22.98 -68.01 21.20
CA GLN B 51 -22.28 -68.04 19.93
C GLN B 51 -21.37 -69.27 19.83
N ALA B 52 -21.30 -69.87 18.64
CA ALA B 52 -20.62 -71.13 18.39
C ALA B 52 -19.89 -71.12 17.05
N SER B 53 -18.78 -71.86 16.96
CA SER B 53 -18.00 -71.97 15.73
C SER B 53 -18.71 -72.83 14.69
N CYS B 54 -18.53 -72.53 13.41
CA CYS B 54 -19.00 -73.37 12.32
C CYS B 54 -18.30 -73.03 10.99
N SER B 55 -17.70 -74.02 10.35
CA SER B 55 -17.29 -73.91 8.93
C SER B 55 -18.51 -73.88 8.02
N SER B 56 -18.41 -73.18 6.89
CA SER B 56 -19.54 -72.93 5.98
C SER B 56 -19.10 -73.08 4.52
N SER B 57 -20.05 -73.35 3.63
CA SER B 57 -19.75 -73.88 2.30
C SER B 57 -19.13 -72.86 1.35
N THR B 58 -19.60 -71.61 1.38
CA THR B 58 -19.24 -70.56 0.42
C THR B 58 -17.89 -69.89 0.71
N THR B 59 -17.48 -68.94 -0.14
CA THR B 59 -16.26 -68.13 0.02
C THR B 59 -16.60 -66.73 0.53
N CYS B 60 -15.84 -66.23 1.51
CA CYS B 60 -16.03 -64.89 2.09
C CYS B 60 -15.85 -63.77 1.05
N VAL B 61 -16.61 -62.67 1.19
CA VAL B 61 -16.67 -61.56 0.23
C VAL B 61 -15.33 -60.81 0.07
N ARG B 62 -15.03 -60.38 -1.16
CA ARG B 62 -13.81 -59.64 -1.51
C ARG B 62 -13.80 -58.23 -0.91
N GLN B 63 -12.71 -57.85 -0.26
CA GLN B 63 -12.56 -56.53 0.40
C GLN B 63 -12.26 -55.37 -0.58
N ALA B 64 -11.96 -55.67 -1.86
CA ALA B 64 -11.69 -54.67 -2.90
C ALA B 64 -12.94 -53.92 -3.42
N GLN B 65 -14.15 -54.38 -3.09
CA GLN B 65 -15.39 -53.98 -3.77
C GLN B 65 -16.02 -52.65 -3.29
N CYS B 66 -15.74 -52.20 -2.06
CA CYS B 66 -16.38 -51.01 -1.48
C CYS B 66 -16.00 -49.70 -2.20
N GLY B 67 -17.00 -48.95 -2.66
CA GLY B 67 -16.85 -47.57 -3.15
C GLY B 67 -15.90 -47.35 -4.32
N GLN B 68 -15.45 -48.42 -5.00
CA GLN B 68 -14.34 -48.42 -5.97
C GLN B 68 -13.04 -47.81 -5.40
N ASP B 69 -12.80 -47.92 -4.08
CA ASP B 69 -11.66 -47.29 -3.39
C ASP B 69 -11.15 -48.13 -2.19
N PHE B 70 -10.18 -47.60 -1.44
CA PHE B 70 -9.44 -48.33 -0.41
C PHE B 70 -10.31 -48.84 0.74
N GLN B 71 -10.07 -50.06 1.22
CA GLN B 71 -10.68 -50.62 2.43
C GLN B 71 -9.64 -51.42 3.24
N CYS B 72 -9.64 -51.28 4.56
CA CYS B 72 -8.58 -51.82 5.40
C CYS B 72 -8.62 -53.36 5.58
N LYS B 73 -7.44 -53.96 5.75
CA LYS B 73 -7.22 -55.40 5.47
C LYS B 73 -7.82 -56.35 6.51
N GLU B 74 -7.96 -55.90 7.76
CA GLU B 74 -8.34 -56.74 8.92
C GLU B 74 -9.50 -56.15 9.75
N THR B 75 -10.22 -55.16 9.22
CA THR B 75 -11.24 -54.39 9.95
C THR B 75 -12.30 -53.77 9.01
N GLY B 76 -13.18 -52.90 9.49
CA GLY B 76 -14.37 -52.45 8.78
C GLY B 76 -14.11 -51.38 7.71
N ARG B 77 -13.36 -50.33 8.06
CA ARG B 77 -13.46 -49.02 7.39
C ARG B 77 -13.03 -48.98 5.93
N CYS B 78 -13.89 -48.41 5.11
CA CYS B 78 -13.71 -48.07 3.70
C CYS B 78 -13.49 -46.55 3.56
N LEU B 79 -12.42 -46.15 2.89
CA LEU B 79 -11.81 -44.82 2.98
C LEU B 79 -11.70 -44.15 1.59
N LYS B 80 -11.93 -42.83 1.53
CA LYS B 80 -11.56 -42.02 0.36
C LYS B 80 -10.04 -41.97 0.24
N ARG B 81 -9.50 -42.10 -0.97
CA ARG B 81 -8.06 -42.39 -1.16
C ARG B 81 -7.10 -41.36 -0.57
N HIS B 82 -7.47 -40.09 -0.46
CA HIS B 82 -6.63 -39.05 0.15
C HIS B 82 -6.35 -39.25 1.66
N LEU B 83 -7.04 -40.18 2.33
CA LEU B 83 -6.77 -40.59 3.71
C LEU B 83 -5.61 -41.62 3.79
N VAL B 84 -5.49 -42.46 2.77
CA VAL B 84 -4.34 -43.37 2.65
C VAL B 84 -3.07 -42.54 2.59
N CYS B 85 -2.11 -42.83 3.47
CA CYS B 85 -0.88 -42.07 3.65
C CYS B 85 -1.05 -40.63 4.17
N ASN B 86 -2.22 -40.20 4.66
CA ASN B 86 -2.38 -38.85 5.21
C ASN B 86 -1.46 -38.54 6.41
N GLY B 87 -0.78 -39.53 6.98
CA GLY B 87 0.09 -39.36 8.14
C GLY B 87 -0.63 -39.69 9.44
N ASP B 88 -1.85 -40.22 9.35
CA ASP B 88 -2.76 -40.44 10.46
C ASP B 88 -3.35 -41.85 10.36
N GLN B 89 -3.55 -42.54 11.49
CA GLN B 89 -4.03 -43.93 11.50
C GLN B 89 -5.56 -43.96 11.38
N ASP B 90 -6.07 -44.03 10.16
CA ASP B 90 -7.51 -43.92 9.86
C ASP B 90 -8.32 -45.20 10.11
N CYS B 91 -7.69 -46.37 10.25
CA CYS B 91 -8.36 -47.65 10.55
C CYS B 91 -7.54 -48.53 11.51
N LEU B 92 -8.15 -49.53 12.14
CA LEU B 92 -7.49 -50.31 13.22
C LEU B 92 -6.20 -51.02 12.78
N ASP B 93 -6.13 -51.52 11.55
CA ASP B 93 -4.95 -52.23 11.05
C ASP B 93 -3.75 -51.29 10.77
N GLY B 94 -3.98 -49.99 10.63
CA GLY B 94 -3.00 -49.04 10.11
C GLY B 94 -2.64 -49.24 8.63
N SER B 95 -3.35 -50.12 7.90
CA SER B 95 -3.12 -50.35 6.47
C SER B 95 -3.30 -49.08 5.64
N ASP B 96 -4.12 -48.12 6.09
CA ASP B 96 -4.25 -46.78 5.49
C ASP B 96 -3.00 -45.88 5.69
N GLU B 97 -1.91 -46.42 6.23
CA GLU B 97 -0.60 -45.82 6.35
C GLU B 97 0.52 -46.79 5.94
N ASP B 98 0.17 -47.98 5.42
CA ASP B 98 1.14 -48.97 4.91
C ASP B 98 1.56 -48.68 3.45
N ASP B 99 2.75 -49.15 3.07
CA ASP B 99 3.36 -49.05 1.73
C ASP B 99 3.49 -47.60 1.17
N CYS B 100 3.50 -46.60 2.05
CA CYS B 100 3.59 -45.18 1.68
C CYS B 100 5.02 -44.78 1.28
N ALA B 105 -4.74 -35.64 1.94
CA ALA B 105 -3.55 -35.06 2.54
C ALA B 105 -2.37 -36.05 2.60
N ILE B 106 -1.21 -35.57 3.05
CA ILE B 106 -0.01 -36.39 3.34
C ILE B 106 0.76 -35.79 4.54
N ASP B 107 1.33 -36.64 5.39
CA ASP B 107 2.16 -36.25 6.55
C ASP B 107 1.54 -35.16 7.45
N GLU B 108 0.27 -35.30 7.85
CA GLU B 108 -0.45 -34.36 8.72
C GLU B 108 0.29 -34.03 10.02
N ASP B 109 0.53 -32.75 10.28
CA ASP B 109 1.10 -32.19 11.51
C ASP B 109 0.03 -31.84 12.57
N CYS B 110 -1.25 -32.04 12.25
CA CYS B 110 -2.41 -31.62 13.04
C CYS B 110 -2.48 -32.23 14.46
N SER B 111 -1.80 -33.35 14.71
CA SER B 111 -1.71 -34.01 16.03
C SER B 111 -0.87 -33.23 17.06
N GLN B 112 -0.35 -32.04 16.71
CA GLN B 112 0.21 -31.05 17.62
C GLN B 112 -0.78 -30.64 18.72
N TYR B 113 -2.08 -30.74 18.44
CA TYR B 113 -3.15 -30.45 19.38
C TYR B 113 -3.87 -31.74 19.78
N GLU B 114 -4.05 -31.95 21.08
CA GLU B 114 -4.78 -33.09 21.61
C GLU B 114 -6.28 -33.02 21.29
N PRO B 115 -7.00 -34.14 21.32
CA PRO B 115 -8.43 -34.15 21.10
C PRO B 115 -9.18 -33.37 22.17
N ILE B 116 -10.33 -32.86 21.76
CA ILE B 116 -11.22 -32.06 22.59
C ILE B 116 -11.59 -32.75 23.91
N PRO B 117 -11.67 -32.02 25.03
CA PRO B 117 -12.14 -32.57 26.30
C PRO B 117 -13.51 -33.22 26.16
N GLY B 118 -13.61 -34.50 26.52
CA GLY B 118 -14.85 -35.26 26.39
C GLY B 118 -15.18 -35.76 24.98
N SER B 119 -14.24 -35.72 24.04
CA SER B 119 -14.43 -36.34 22.73
C SER B 119 -14.81 -37.81 22.81
N GLN B 120 -14.42 -38.49 23.90
CA GLN B 120 -14.79 -39.87 24.18
C GLN B 120 -16.26 -40.00 24.53
N LYS B 121 -16.76 -39.31 25.56
CA LYS B 121 -18.10 -39.60 26.08
C LYS B 121 -19.20 -39.31 25.07
N ALA B 122 -19.05 -38.28 24.26
CA ALA B 122 -20.02 -37.98 23.21
C ALA B 122 -20.01 -39.00 22.06
N ALA B 123 -18.91 -39.74 21.87
CA ALA B 123 -18.81 -40.77 20.85
C ALA B 123 -19.45 -42.10 21.26
N LEU B 124 -19.64 -42.34 22.55
CA LEU B 124 -20.25 -43.55 23.05
C LEU B 124 -21.75 -43.55 22.85
N GLY B 125 -22.33 -44.71 22.56
CA GLY B 125 -23.76 -44.86 22.69
C GLY B 125 -24.21 -44.76 24.13
N TYR B 126 -25.52 -44.80 24.36
CA TYR B 126 -26.15 -44.66 25.66
C TYR B 126 -27.34 -45.61 25.77
N ASN B 127 -27.65 -46.09 26.97
CA ASN B 127 -28.75 -47.01 27.20
C ASN B 127 -29.84 -46.38 28.07
N ILE B 128 -31.05 -46.17 27.55
CA ILE B 128 -32.11 -45.48 28.28
C ILE B 128 -32.75 -46.29 29.40
N LEU B 129 -32.54 -47.60 29.44
CA LEU B 129 -33.10 -48.46 30.47
C LEU B 129 -32.21 -48.48 31.73
N THR B 130 -30.91 -48.27 31.56
CA THR B 130 -29.91 -48.38 32.64
C THR B 130 -29.12 -47.10 32.86
N GLN B 131 -29.22 -46.14 31.96
CA GLN B 131 -28.49 -44.88 31.93
C GLN B 131 -26.97 -45.03 31.77
N GLU B 132 -26.51 -46.21 31.40
CA GLU B 132 -25.10 -46.52 31.18
C GLU B 132 -24.59 -46.09 29.81
N ASP B 133 -23.31 -45.75 29.71
CA ASP B 133 -22.62 -45.62 28.44
C ASP B 133 -22.28 -46.97 27.82
N ALA B 134 -22.35 -47.06 26.49
CA ALA B 134 -22.09 -48.27 25.71
C ALA B 134 -20.70 -48.20 25.04
N GLN B 135 -20.46 -49.01 24.02
CA GLN B 135 -19.26 -48.94 23.18
C GLN B 135 -19.28 -47.68 22.32
N SER B 136 -18.17 -47.38 21.62
CA SER B 136 -18.15 -46.29 20.64
C SER B 136 -19.16 -46.53 19.52
N VAL B 137 -20.04 -45.56 19.27
CA VAL B 137 -20.91 -45.50 18.08
C VAL B 137 -20.23 -44.68 17.01
N TYR B 138 -19.89 -43.43 17.31
CA TYR B 138 -19.04 -42.61 16.48
C TYR B 138 -17.60 -43.01 16.67
N ASP B 139 -16.74 -42.73 15.71
CA ASP B 139 -15.31 -42.78 15.96
C ASP B 139 -14.86 -41.49 16.62
N ALA B 140 -14.48 -41.58 17.89
CA ALA B 140 -14.06 -40.44 18.70
C ALA B 140 -12.80 -39.76 18.18
N SER B 141 -12.02 -40.44 17.34
CA SER B 141 -10.69 -40.01 16.94
C SER B 141 -10.48 -40.09 15.45
N TYR B 142 -11.55 -40.29 14.66
CA TYR B 142 -11.48 -40.14 13.23
C TYR B 142 -11.43 -38.67 12.86
N TYR B 143 -10.45 -38.27 12.06
CA TYR B 143 -10.28 -36.89 11.62
C TYR B 143 -10.62 -36.63 10.15
N GLY B 144 -10.87 -37.65 9.33
CA GLY B 144 -11.40 -37.47 7.96
C GLY B 144 -10.62 -36.53 7.05
N GLY B 145 -9.30 -36.41 7.25
CA GLY B 145 -8.42 -35.49 6.51
C GLY B 145 -8.45 -34.03 7.00
N GLN B 146 -9.32 -33.70 7.96
CA GLN B 146 -9.47 -32.35 8.51
C GLN B 146 -8.36 -32.00 9.50
N CYS B 147 -7.93 -30.73 9.50
CA CYS B 147 -6.95 -30.17 10.44
C CYS B 147 -7.62 -29.17 11.41
N GLU B 148 -8.93 -29.32 11.65
CA GLU B 148 -9.78 -28.32 12.30
C GLU B 148 -9.60 -28.23 13.83
N THR B 149 -9.57 -26.99 14.33
CA THR B 149 -9.19 -26.67 15.71
C THR B 149 -10.21 -25.81 16.42
N VAL B 150 -10.46 -26.11 17.70
CA VAL B 150 -11.27 -25.31 18.63
C VAL B 150 -10.34 -24.59 19.59
N TYR B 151 -10.54 -23.29 19.79
CA TYR B 151 -9.91 -22.49 20.83
C TYR B 151 -10.39 -22.93 22.22
N ASN B 152 -9.46 -23.26 23.10
CA ASN B 152 -9.75 -23.56 24.50
C ASN B 152 -10.01 -22.28 25.28
N GLY B 153 -11.25 -22.06 25.71
CA GLY B 153 -11.61 -20.85 26.47
C GLY B 153 -10.97 -20.74 27.85
N GLU B 154 -10.25 -21.77 28.30
CA GLU B 154 -9.73 -21.97 29.64
C GLU B 154 -8.20 -22.16 29.64
N TRP B 155 -7.51 -21.88 28.54
CA TRP B 155 -6.07 -22.17 28.40
C TRP B 155 -5.20 -21.44 29.40
N ARG B 156 -5.69 -20.31 29.91
CA ARG B 156 -5.08 -19.41 30.88
C ARG B 156 -4.72 -20.17 32.15
N GLU B 157 -3.42 -20.34 32.39
CA GLU B 157 -2.87 -21.17 33.48
C GLU B 157 -1.51 -20.64 33.97
N LEU B 158 -1.37 -20.22 35.23
CA LEU B 158 -0.16 -19.52 35.69
C LEU B 158 1.08 -20.41 35.84
N ARG B 159 2.23 -19.84 35.49
CA ARG B 159 3.58 -20.39 35.62
C ARG B 159 4.53 -19.33 36.16
N TYR B 160 5.42 -19.67 37.10
CA TYR B 160 6.55 -18.82 37.45
C TYR B 160 7.75 -19.12 36.57
N ASP B 161 8.60 -18.14 36.31
CA ASP B 161 9.97 -18.38 35.91
C ASP B 161 10.92 -17.77 36.92
N SER B 162 11.73 -18.63 37.54
CA SER B 162 12.63 -18.23 38.60
C SER B 162 13.83 -17.47 38.05
N THR B 163 14.38 -17.88 36.90
CA THR B 163 15.32 -17.04 36.15
C THR B 163 14.56 -15.87 35.56
N CYS B 164 15.11 -14.67 35.71
CA CYS B 164 14.49 -13.39 35.33
C CYS B 164 13.05 -13.14 35.84
N GLU B 165 12.62 -13.78 36.93
CA GLU B 165 11.62 -13.26 37.86
C GLU B 165 10.33 -12.78 37.18
N ARG B 166 9.60 -13.69 36.53
CA ARG B 166 8.35 -13.36 35.83
C ARG B 166 7.22 -14.33 36.16
N LEU B 167 5.99 -13.85 36.22
CA LEU B 167 4.81 -14.68 36.40
C LEU B 167 3.87 -14.39 35.24
N TYR B 168 3.62 -15.48 34.51
CA TYR B 168 3.25 -15.59 33.10
C TYR B 168 2.37 -16.81 32.88
N TYR B 169 1.53 -16.80 31.85
CA TYR B 169 0.52 -17.82 31.65
C TYR B 169 0.94 -18.75 30.49
N GLY B 170 0.77 -20.05 30.75
CA GLY B 170 1.53 -21.14 30.16
C GLY B 170 1.66 -21.28 28.65
N ASP B 171 0.72 -20.77 27.86
CA ASP B 171 0.69 -20.98 26.40
C ASP B 171 0.70 -22.48 25.99
N ASP B 172 0.07 -23.30 26.83
CA ASP B 172 -0.14 -24.74 26.64
C ASP B 172 -1.64 -25.02 26.52
N GLU B 173 -2.03 -25.96 25.67
CA GLU B 173 -3.44 -26.36 25.48
C GLU B 173 -4.37 -25.24 24.99
N LYS B 174 -3.82 -24.26 24.26
CA LYS B 174 -4.58 -23.15 23.64
C LYS B 174 -5.60 -23.62 22.60
N TYR B 175 -5.28 -24.69 21.87
CA TYR B 175 -6.17 -25.33 20.89
C TYR B 175 -6.30 -26.83 21.09
N PHE B 176 -7.48 -27.34 20.77
CA PHE B 176 -7.78 -28.75 20.65
C PHE B 176 -8.14 -29.11 19.21
N ARG B 177 -7.74 -30.28 18.71
CA ARG B 177 -8.20 -30.81 17.41
C ARG B 177 -9.60 -31.37 17.56
N LYS B 178 -10.50 -31.09 16.63
CA LYS B 178 -11.89 -31.58 16.66
C LYS B 178 -11.99 -32.86 15.82
N PRO B 179 -12.63 -33.93 16.30
CA PRO B 179 -12.86 -35.11 15.48
C PRO B 179 -13.90 -34.80 14.40
N TYR B 180 -13.81 -35.46 13.25
CA TYR B 180 -14.70 -35.24 12.11
C TYR B 180 -16.17 -35.43 12.47
N ASN B 181 -16.48 -36.33 13.39
CA ASN B 181 -17.84 -36.64 13.80
C ASN B 181 -18.51 -35.53 14.62
N PHE B 182 -17.78 -34.51 15.04
CA PHE B 182 -18.31 -33.36 15.77
C PHE B 182 -18.46 -32.19 14.80
N LEU B 183 -19.66 -31.65 14.65
CA LEU B 183 -19.90 -30.53 13.75
C LEU B 183 -19.35 -29.24 14.36
N LYS B 184 -19.78 -28.93 15.58
CA LYS B 184 -19.26 -27.80 16.35
C LYS B 184 -19.13 -28.16 17.82
N TYR B 185 -18.05 -27.70 18.44
CA TYR B 185 -17.81 -27.74 19.89
C TYR B 185 -17.27 -26.36 20.28
N HIS B 186 -17.84 -25.70 21.30
CA HIS B 186 -17.84 -24.23 21.30
C HIS B 186 -17.14 -23.48 22.45
N PHE B 187 -16.76 -24.16 23.52
CA PHE B 187 -16.09 -23.49 24.65
C PHE B 187 -16.68 -22.14 25.07
N GLU B 188 -18.00 -22.11 25.22
CA GLU B 188 -18.75 -21.01 25.81
C GLU B 188 -18.81 -21.12 27.35
N ALA B 189 -18.31 -20.11 28.06
CA ALA B 189 -18.39 -20.06 29.52
C ALA B 189 -19.67 -19.42 30.00
N LEU B 190 -20.51 -20.19 30.67
CA LEU B 190 -21.73 -19.75 31.33
C LEU B 190 -21.72 -20.22 32.78
N ALA B 191 -22.36 -19.45 33.66
CA ALA B 191 -22.97 -19.97 34.87
C ALA B 191 -24.40 -19.49 34.99
N ASP B 192 -25.25 -20.33 35.51
CA ASP B 192 -26.50 -19.92 36.11
C ASP B 192 -26.64 -20.62 37.44
N THR B 193 -27.06 -19.89 38.45
CA THR B 193 -27.48 -20.45 39.73
C THR B 193 -28.81 -19.89 40.14
N GLY B 194 -29.59 -20.74 40.78
CA GLY B 194 -30.92 -20.47 41.24
C GLY B 194 -31.05 -21.06 42.63
N ILE B 195 -31.52 -20.25 43.56
CA ILE B 195 -31.61 -20.57 44.97
C ILE B 195 -32.96 -20.15 45.46
N SER B 196 -33.68 -21.04 46.11
CA SER B 196 -34.93 -20.76 46.77
C SER B 196 -34.85 -21.29 48.18
N SER B 197 -35.27 -20.49 49.15
CA SER B 197 -35.36 -20.86 50.54
C SER B 197 -36.70 -20.43 51.07
N GLU B 198 -37.40 -21.31 51.75
CA GLU B 198 -38.68 -20.98 52.36
C GLU B 198 -38.77 -21.57 53.76
N PHE B 199 -39.20 -20.76 54.70
CA PHE B 199 -39.31 -21.08 56.10
C PHE B 199 -40.73 -20.70 56.54
N TYR B 200 -41.38 -21.57 57.28
CA TYR B 200 -42.70 -21.33 57.83
C TYR B 200 -42.78 -21.91 59.23
N ASP B 201 -43.26 -21.13 60.18
CA ASP B 201 -43.26 -21.47 61.60
C ASP B 201 -44.62 -21.11 62.18
N ASN B 202 -45.18 -21.98 63.01
CA ASN B 202 -46.37 -21.70 63.79
C ASN B 202 -46.13 -22.17 65.21
N ALA B 203 -46.55 -21.39 66.20
CA ALA B 203 -46.56 -21.80 67.59
C ALA B 203 -47.84 -21.32 68.27
N ASN B 204 -48.50 -22.19 69.02
CA ASN B 204 -49.79 -21.92 69.63
C ASN B 204 -49.80 -22.42 71.07
N ASP B 205 -50.34 -21.62 71.97
CA ASP B 205 -50.32 -21.84 73.42
C ASP B 205 -51.69 -21.47 73.97
N LEU B 206 -52.34 -22.39 74.69
CA LEU B 206 -53.72 -22.21 75.14
C LEU B 206 -53.93 -22.79 76.53
N LEU B 207 -54.77 -22.13 77.30
CA LEU B 207 -55.21 -22.57 78.61
C LEU B 207 -56.72 -22.38 78.77
N SER B 208 -57.39 -23.28 79.47
CA SER B 208 -58.76 -23.08 79.91
C SER B 208 -58.99 -23.62 81.32
N LYS B 209 -59.71 -22.87 82.14
CA LYS B 209 -60.01 -23.19 83.55
C LYS B 209 -61.49 -22.91 83.83
N VAL B 210 -62.15 -23.83 84.53
CA VAL B 210 -63.47 -23.61 85.12
C VAL B 210 -63.49 -24.12 86.55
N LYS B 211 -64.12 -23.36 87.45
CA LYS B 211 -64.36 -23.75 88.84
C LYS B 211 -65.77 -23.34 89.26
N LYS B 212 -66.48 -24.20 89.99
CA LYS B 212 -67.82 -23.90 90.53
C LYS B 212 -67.89 -24.27 92.03
N ASP B 213 -68.42 -23.36 92.85
CA ASP B 213 -68.43 -23.44 94.31
C ASP B 213 -69.84 -23.23 94.89
N PHE B 245 -66.46 -28.23 92.03
CA PHE B 245 -65.79 -28.84 90.88
C PHE B 245 -64.72 -27.91 90.27
N LEU B 246 -63.63 -28.50 89.77
CA LEU B 246 -62.56 -27.82 89.03
C LEU B 246 -62.10 -28.62 87.80
N ASN B 247 -61.88 -27.93 86.67
CA ASN B 247 -61.18 -28.47 85.51
C ASN B 247 -60.18 -27.45 84.94
N GLU B 248 -58.99 -27.91 84.60
CA GLU B 248 -57.91 -27.13 83.99
C GLU B 248 -57.29 -27.87 82.82
N LEU B 249 -57.06 -27.17 81.71
CA LEU B 249 -56.47 -27.66 80.48
C LEU B 249 -55.33 -26.73 80.05
N ASN B 250 -54.22 -27.31 79.59
CA ASN B 250 -53.09 -26.58 79.01
C ASN B 250 -52.62 -27.29 77.72
N LYS B 251 -52.37 -26.51 76.67
CA LYS B 251 -51.85 -26.95 75.38
C LYS B 251 -50.68 -26.08 74.94
N TYR B 252 -49.63 -26.70 74.41
CA TYR B 252 -48.62 -26.05 73.59
C TYR B 252 -48.35 -26.86 72.33
N ASN B 253 -48.25 -26.18 71.19
CA ASN B 253 -47.94 -26.72 69.88
C ASN B 253 -46.89 -25.82 69.22
N GLU B 254 -45.93 -26.44 68.56
CA GLU B 254 -44.98 -25.78 67.69
C GLU B 254 -44.75 -26.62 66.43
N LYS B 255 -44.69 -25.95 65.30
CA LYS B 255 -44.29 -26.46 63.99
C LYS B 255 -43.22 -25.55 63.41
N LYS B 256 -42.19 -26.14 62.81
CA LYS B 256 -41.20 -25.43 62.00
C LYS B 256 -40.91 -26.21 60.74
N PHE B 257 -40.89 -25.51 59.62
CA PHE B 257 -40.54 -26.02 58.30
C PHE B 257 -39.43 -25.14 57.75
N ILE B 258 -38.39 -25.77 57.22
CA ILE B 258 -37.37 -25.13 56.42
C ILE B 258 -37.18 -25.96 55.16
N PHE B 259 -37.11 -25.27 54.04
CA PHE B 259 -36.71 -25.79 52.75
C PHE B 259 -35.64 -24.87 52.19
N THR B 260 -34.65 -25.45 51.55
CA THR B 260 -33.85 -24.74 50.58
C THR B 260 -33.47 -25.66 49.46
N ARG B 261 -33.40 -25.11 48.26
CA ARG B 261 -32.87 -25.72 47.06
C ARG B 261 -31.88 -24.78 46.44
N ILE B 262 -30.78 -25.33 45.97
CA ILE B 262 -29.78 -24.66 45.17
C ILE B 262 -29.55 -25.53 43.95
N PHE B 263 -29.52 -24.92 42.79
CA PHE B 263 -29.04 -25.52 41.56
C PHE B 263 -28.05 -24.56 40.94
N THR B 264 -26.88 -25.05 40.57
CA THR B 264 -25.87 -24.28 39.87
C THR B 264 -25.36 -25.12 38.74
N LYS B 265 -25.22 -24.54 37.56
CA LYS B 265 -24.54 -25.20 36.45
C LYS B 265 -23.58 -24.25 35.81
N VAL B 266 -22.47 -24.81 35.38
CA VAL B 266 -21.41 -24.10 34.71
C VAL B 266 -21.13 -24.85 33.44
N GLN B 267 -21.17 -24.17 32.31
CA GLN B 267 -20.74 -24.74 31.05
C GLN B 267 -19.31 -24.35 30.79
N THR B 268 -18.50 -25.31 30.44
CA THR B 268 -17.21 -25.07 29.81
C THR B 268 -17.36 -25.10 28.30
N ALA B 269 -18.29 -25.90 27.75
CA ALA B 269 -18.50 -26.08 26.30
C ALA B 269 -19.89 -26.64 25.96
N HIS B 270 -20.30 -26.49 24.70
CA HIS B 270 -21.50 -27.09 24.10
C HIS B 270 -21.11 -27.73 22.78
N PHE B 271 -21.66 -28.90 22.45
CA PHE B 271 -21.29 -29.67 21.26
C PHE B 271 -22.49 -30.18 20.47
N LYS B 272 -22.31 -30.33 19.15
CA LYS B 272 -23.26 -30.97 18.25
C LYS B 272 -22.54 -31.94 17.32
N MET B 273 -23.00 -33.17 17.28
CA MET B 273 -22.48 -34.25 16.45
C MET B 273 -23.11 -34.17 15.06
N ARG B 274 -22.36 -34.52 14.01
CA ARG B 274 -22.88 -34.36 12.64
C ARG B 274 -24.08 -35.25 12.33
N LYS B 275 -25.01 -34.74 11.51
CA LYS B 275 -26.23 -35.42 11.06
C LYS B 275 -26.12 -36.06 9.67
N ASP B 276 -24.99 -35.96 8.99
CA ASP B 276 -24.76 -36.63 7.71
C ASP B 276 -23.31 -37.05 7.56
N ASP B 277 -23.10 -38.11 6.80
CA ASP B 277 -21.79 -38.68 6.49
C ASP B 277 -21.03 -39.11 7.75
N ILE B 278 -21.74 -39.64 8.75
CA ILE B 278 -21.19 -40.13 10.03
C ILE B 278 -20.22 -41.28 9.76
N MET B 279 -19.04 -41.22 10.37
CA MET B 279 -18.09 -42.33 10.35
C MET B 279 -18.23 -43.11 11.63
N LEU B 280 -18.80 -44.31 11.52
CA LEU B 280 -18.98 -45.20 12.66
C LEU B 280 -17.63 -45.65 13.21
N ASP B 281 -17.60 -45.98 14.49
CA ASP B 281 -16.49 -46.71 15.07
C ASP B 281 -16.33 -48.07 14.37
N GLU B 282 -15.10 -48.51 14.18
CA GLU B 282 -14.77 -49.79 13.59
C GLU B 282 -15.49 -50.96 14.25
N GLY B 283 -15.71 -50.92 15.56
CA GLY B 283 -16.42 -51.96 16.26
C GLY B 283 -17.90 -51.99 15.91
N MET B 284 -18.56 -50.84 15.89
CA MET B 284 -19.96 -50.77 15.50
C MET B 284 -20.10 -51.12 14.02
N LEU B 285 -19.18 -50.64 13.18
CA LEU B 285 -19.15 -50.92 11.76
C LEU B 285 -19.03 -52.41 11.50
N GLN B 286 -18.02 -53.08 12.04
CA GLN B 286 -17.91 -54.52 11.90
C GLN B 286 -19.14 -55.23 12.46
N SER B 287 -19.63 -54.86 13.64
CA SER B 287 -20.81 -55.51 14.19
C SER B 287 -22.05 -55.33 13.31
N LEU B 288 -22.15 -54.21 12.59
CA LEU B 288 -23.21 -53.91 11.64
C LEU B 288 -23.05 -54.69 10.33
N MET B 289 -21.83 -54.90 9.83
CA MET B 289 -21.58 -55.85 8.74
C MET B 289 -22.05 -57.24 9.16
N GLU B 290 -21.69 -57.68 10.35
CA GLU B 290 -22.04 -58.96 10.94
C GLU B 290 -23.53 -59.17 11.23
N LEU B 291 -24.39 -58.15 11.13
CA LEU B 291 -25.84 -58.31 11.27
C LEU B 291 -26.41 -58.99 10.02
N PRO B 292 -27.35 -59.94 10.16
CA PRO B 292 -28.05 -60.50 9.01
C PRO B 292 -28.99 -59.48 8.40
N ASP B 293 -29.22 -59.55 7.09
CA ASP B 293 -30.20 -58.71 6.42
C ASP B 293 -31.64 -59.13 6.75
N GLN B 294 -31.84 -60.37 7.15
CA GLN B 294 -33.11 -60.89 7.66
C GLN B 294 -33.27 -60.55 9.15
N TYR B 295 -34.51 -60.47 9.66
CA TYR B 295 -34.74 -60.30 11.09
C TYR B 295 -34.36 -61.55 11.89
N ASN B 296 -33.65 -61.33 12.98
CA ASN B 296 -33.09 -62.33 13.88
C ASN B 296 -32.92 -61.64 15.23
N TYR B 297 -33.87 -61.79 16.14
CA TYR B 297 -33.91 -60.93 17.32
C TYR B 297 -32.60 -60.97 18.10
N GLY B 298 -31.95 -62.13 18.21
CA GLY B 298 -30.74 -62.31 18.99
C GLY B 298 -29.62 -61.37 18.57
N MET B 299 -29.24 -61.37 17.29
CA MET B 299 -28.10 -60.57 16.84
C MET B 299 -28.41 -59.08 16.85
N TYR B 300 -29.66 -58.68 16.62
CA TYR B 300 -30.03 -57.28 16.73
C TYR B 300 -30.14 -56.82 18.19
N ALA B 301 -30.73 -57.61 19.08
CA ALA B 301 -30.78 -57.32 20.50
C ALA B 301 -29.38 -57.22 21.10
N LYS B 302 -28.45 -58.07 20.66
CA LYS B 302 -27.06 -58.02 21.08
C LYS B 302 -26.40 -56.71 20.64
N PHE B 303 -26.71 -56.20 19.45
CA PHE B 303 -26.19 -54.90 19.01
C PHE B 303 -26.76 -53.74 19.82
N ILE B 304 -28.02 -53.81 20.25
CA ILE B 304 -28.66 -52.82 21.13
C ILE B 304 -28.05 -52.85 22.54
N ASN B 305 -27.81 -54.04 23.09
CA ASN B 305 -27.05 -54.20 24.32
C ASN B 305 -25.63 -53.62 24.22
N ASP B 306 -24.89 -53.94 23.18
CA ASP B 306 -23.49 -53.58 23.03
C ASP B 306 -23.26 -52.13 22.61
N TYR B 307 -24.09 -51.54 21.76
CA TYR B 307 -23.89 -50.19 21.21
C TYR B 307 -24.93 -49.18 21.67
N GLY B 308 -25.85 -49.59 22.54
CA GLY B 308 -26.80 -48.71 23.20
C GLY B 308 -28.12 -48.60 22.47
N THR B 309 -29.14 -48.14 23.18
CA THR B 309 -30.45 -47.87 22.63
C THR B 309 -30.45 -46.58 21.83
N HIS B 310 -29.59 -45.63 22.21
CA HIS B 310 -29.52 -44.28 21.66
C HIS B 310 -28.08 -43.83 21.47
N TYR B 311 -27.89 -42.75 20.74
CA TYR B 311 -26.61 -42.09 20.50
C TYR B 311 -26.80 -40.59 20.69
N ILE B 312 -25.79 -39.90 21.21
CA ILE B 312 -25.89 -38.48 21.53
C ILE B 312 -25.80 -37.67 20.24
N THR B 313 -26.81 -36.84 19.97
CA THR B 313 -26.80 -35.93 18.81
C THR B 313 -26.14 -34.61 19.17
N SER B 314 -26.39 -34.05 20.35
CA SER B 314 -25.75 -32.83 20.88
C SER B 314 -25.82 -32.80 22.38
N GLY B 315 -24.91 -32.12 23.06
CA GLY B 315 -24.95 -32.01 24.51
C GLY B 315 -24.13 -30.87 25.08
N SER B 316 -24.26 -30.68 26.38
CA SER B 316 -23.63 -29.60 27.13
C SER B 316 -22.63 -30.14 28.13
N MET B 317 -21.48 -29.49 28.26
CA MET B 317 -20.32 -29.94 29.03
C MET B 317 -19.91 -28.90 30.08
N GLY B 318 -19.53 -29.36 31.26
CA GLY B 318 -18.97 -28.51 32.30
C GLY B 318 -19.18 -29.14 33.67
N GLY B 319 -20.00 -28.56 34.53
CA GLY B 319 -20.32 -29.09 35.86
C GLY B 319 -21.68 -28.67 36.35
N ILE B 320 -22.26 -29.46 37.25
CA ILE B 320 -23.51 -29.16 37.94
C ILE B 320 -23.31 -29.39 39.43
N TYR B 321 -23.81 -28.47 40.26
CA TYR B 321 -24.04 -28.66 41.67
C TYR B 321 -25.54 -28.62 41.93
N GLU B 322 -26.07 -29.58 42.66
CA GLU B 322 -27.43 -29.51 43.18
C GLU B 322 -27.42 -29.81 44.66
N TYR B 323 -28.20 -29.05 45.43
CA TYR B 323 -28.36 -29.24 46.86
C TYR B 323 -29.81 -29.05 47.25
N ILE B 324 -30.26 -29.85 48.19
CA ILE B 324 -31.53 -29.72 48.86
C ILE B 324 -31.28 -29.81 50.36
N LEU B 325 -31.94 -28.96 51.15
CA LEU B 325 -32.30 -29.27 52.53
C LEU B 325 -33.82 -29.25 52.63
N VAL B 326 -34.40 -30.29 53.19
CA VAL B 326 -35.77 -30.27 53.70
C VAL B 326 -35.73 -30.64 55.17
N ILE B 327 -36.29 -29.78 56.02
CA ILE B 327 -36.36 -29.98 57.45
C ILE B 327 -37.80 -29.78 57.91
N ASP B 328 -38.33 -30.80 58.56
CA ASP B 328 -39.55 -30.74 59.35
C ASP B 328 -39.19 -30.89 60.84
N LYS B 329 -39.70 -30.00 61.69
CA LYS B 329 -39.70 -30.16 63.13
C LYS B 329 -41.09 -29.91 63.69
N ALA B 330 -41.44 -30.57 64.77
CA ALA B 330 -42.67 -30.31 65.51
C ALA B 330 -42.49 -30.68 66.99
N LYS B 331 -43.22 -30.01 67.88
CA LYS B 331 -43.14 -30.19 69.33
C LYS B 331 -44.52 -29.90 69.92
N MET B 332 -45.12 -30.87 70.59
CA MET B 332 -46.45 -30.74 71.19
C MET B 332 -46.45 -31.26 72.62
N GLU B 333 -47.07 -30.50 73.51
CA GLU B 333 -47.25 -30.83 74.92
C GLU B 333 -48.69 -30.53 75.32
N SER B 334 -49.27 -31.36 76.18
CA SER B 334 -50.60 -31.11 76.74
C SER B 334 -50.73 -31.68 78.15
N LEU B 335 -51.48 -30.95 78.98
CA LEU B 335 -51.83 -31.31 80.35
C LEU B 335 -53.35 -31.17 80.54
N GLY B 336 -53.94 -32.07 81.32
CA GLY B 336 -55.32 -31.96 81.77
C GLY B 336 -55.48 -32.42 83.22
N ILE B 337 -56.07 -31.59 84.06
CA ILE B 337 -56.25 -31.82 85.51
C ILE B 337 -57.69 -31.49 85.92
N THR B 338 -58.34 -32.35 86.71
CA THR B 338 -59.68 -32.10 87.25
C THR B 338 -59.90 -32.78 88.60
N SER B 339 -60.79 -32.22 89.43
CA SER B 339 -61.14 -32.75 90.76
C SER B 339 -62.51 -32.27 91.24
N GLY B 375 -58.78 -36.08 92.71
CA GLY B 375 -58.44 -35.76 91.33
C GLY B 375 -57.41 -36.70 90.71
N LYS B 376 -57.14 -36.51 89.41
CA LYS B 376 -56.11 -37.24 88.64
C LYS B 376 -55.35 -36.27 87.73
N THR B 377 -54.13 -36.63 87.39
CA THR B 377 -53.23 -35.83 86.52
C THR B 377 -52.68 -36.71 85.41
N GLU B 378 -52.65 -36.20 84.17
CA GLU B 378 -52.02 -36.85 83.02
C GLU B 378 -51.24 -35.83 82.17
N ARG B 379 -50.06 -36.24 81.69
CA ARG B 379 -49.13 -35.46 80.88
C ARG B 379 -48.69 -36.25 79.65
N ALA B 380 -48.63 -35.59 78.49
CA ALA B 380 -48.07 -36.14 77.27
C ALA B 380 -47.19 -35.13 76.52
N ARG B 381 -46.09 -35.60 75.94
CA ARG B 381 -45.16 -34.87 75.07
C ARG B 381 -44.82 -35.69 73.83
N LYS B 382 -44.78 -35.04 72.66
CA LYS B 382 -44.27 -35.61 71.41
C LYS B 382 -43.43 -34.59 70.66
N ALA B 383 -42.27 -35.00 70.13
CA ALA B 383 -41.34 -34.16 69.39
C ALA B 383 -40.74 -34.92 68.21
N MET B 384 -40.35 -34.17 67.17
CA MET B 384 -39.94 -34.69 65.87
C MET B 384 -38.89 -33.79 65.23
N ALA B 385 -37.97 -34.38 64.49
CA ALA B 385 -37.05 -33.69 63.59
C ALA B 385 -36.64 -34.63 62.47
N VAL B 386 -36.93 -34.28 61.22
CA VAL B 386 -36.52 -35.05 60.05
C VAL B 386 -35.81 -34.15 59.05
N GLU B 387 -34.55 -34.43 58.78
CA GLU B 387 -33.69 -33.64 57.90
C GLU B 387 -33.23 -34.48 56.72
N ASP B 388 -33.54 -34.05 55.50
CA ASP B 388 -32.98 -34.59 54.26
C ASP B 388 -31.98 -33.59 53.67
N ILE B 389 -30.71 -33.95 53.57
CA ILE B 389 -29.77 -33.25 52.70
C ILE B 389 -29.38 -34.17 51.54
N ILE B 390 -29.56 -33.69 50.33
CA ILE B 390 -29.05 -34.29 49.09
C ILE B 390 -28.07 -33.28 48.51
N SER B 391 -26.87 -33.70 48.18
CA SER B 391 -25.79 -32.85 47.70
C SER B 391 -25.02 -33.60 46.64
N ARG B 392 -25.16 -33.19 45.37
CA ARG B 392 -24.57 -33.88 44.22
C ARG B 392 -23.78 -32.95 43.33
N VAL B 393 -22.52 -33.28 43.16
CA VAL B 393 -21.56 -32.58 42.34
C VAL B 393 -21.22 -33.44 41.15
N ARG B 394 -21.39 -32.92 39.95
CA ARG B 394 -20.98 -33.57 38.70
C ARG B 394 -19.89 -32.74 38.06
N GLY B 395 -18.83 -33.37 37.63
CA GLY B 395 -17.65 -32.70 37.10
C GLY B 395 -16.68 -32.31 38.18
N GLY B 396 -15.43 -32.08 37.81
CA GLY B 396 -14.38 -31.61 38.69
C GLY B 396 -13.40 -32.70 39.14
N SER B 397 -12.56 -32.41 40.12
CA SER B 397 -11.59 -33.37 40.65
C SER B 397 -12.25 -34.24 41.68
N SER B 398 -11.82 -35.50 41.82
CA SER B 398 -12.42 -36.44 42.77
C SER B 398 -12.35 -35.89 44.20
N GLY B 399 -11.20 -35.29 44.57
CA GLY B 399 -11.01 -34.57 45.83
C GLY B 399 -12.08 -33.52 46.09
N TRP B 400 -12.07 -32.45 45.30
CA TRP B 400 -13.01 -31.35 45.47
C TRP B 400 -14.46 -31.71 45.22
N SER B 401 -14.78 -32.75 44.47
CA SER B 401 -16.16 -33.25 44.39
C SER B 401 -16.63 -33.79 45.74
N GLY B 402 -15.76 -34.47 46.48
CA GLY B 402 -16.05 -34.90 47.86
C GLY B 402 -16.14 -33.71 48.81
N GLY B 403 -15.22 -32.76 48.70
CA GLY B 403 -15.23 -31.55 49.51
C GLY B 403 -16.52 -30.76 49.34
N LEU B 404 -16.88 -30.42 48.11
CA LEU B 404 -18.10 -29.68 47.82
C LEU B 404 -19.37 -30.49 48.08
N ALA B 405 -19.30 -31.82 48.09
CA ALA B 405 -20.41 -32.64 48.56
C ALA B 405 -20.63 -32.44 50.07
N GLN B 406 -19.53 -32.31 50.82
CA GLN B 406 -19.56 -32.13 52.28
C GLN B 406 -19.85 -30.68 52.79
N ASN B 407 -19.37 -29.63 52.14
CA ASN B 407 -19.60 -28.28 52.64
C ASN B 407 -19.73 -27.35 51.44
N ARG B 408 -20.52 -26.28 51.52
CA ARG B 408 -20.70 -25.21 50.55
C ARG B 408 -20.11 -23.90 51.06
N SER B 409 -19.17 -23.31 50.30
CA SER B 409 -18.43 -22.11 50.70
C SER B 409 -17.71 -21.49 49.51
N THR B 410 -17.21 -20.27 49.65
CA THR B 410 -16.32 -19.69 48.63
C THR B 410 -15.02 -20.45 48.47
N ILE B 411 -14.70 -21.39 49.36
CA ILE B 411 -13.57 -22.31 49.19
C ILE B 411 -13.99 -23.45 48.27
N THR B 412 -15.06 -24.16 48.60
CA THR B 412 -15.46 -25.34 47.84
C THR B 412 -16.02 -25.00 46.44
N TYR B 413 -16.78 -23.93 46.24
CA TYR B 413 -17.22 -23.52 44.90
C TYR B 413 -16.05 -23.10 44.01
N ARG B 414 -15.09 -22.36 44.55
CA ARG B 414 -13.98 -21.83 43.77
C ARG B 414 -13.01 -22.92 43.36
N SER B 415 -12.67 -23.81 44.29
CA SER B 415 -11.84 -24.97 44.02
C SER B 415 -12.52 -25.97 43.07
N TRP B 416 -13.82 -26.23 43.23
CA TRP B 416 -14.55 -27.07 42.30
C TRP B 416 -14.50 -26.51 40.88
N GLY B 417 -14.75 -25.22 40.69
CA GLY B 417 -14.60 -24.59 39.39
C GLY B 417 -13.19 -24.62 38.84
N ARG B 418 -12.16 -24.58 39.68
CA ARG B 418 -10.78 -24.78 39.22
C ARG B 418 -10.61 -26.18 38.65
N SER B 419 -11.25 -27.17 39.24
CA SER B 419 -11.17 -28.51 38.69
C SER B 419 -11.99 -28.73 37.41
N LEU B 420 -13.07 -27.97 37.17
CA LEU B 420 -13.79 -27.98 35.90
C LEU B 420 -12.95 -27.49 34.71
N LYS B 421 -11.85 -26.77 34.94
CA LYS B 421 -10.88 -26.40 33.90
C LYS B 421 -10.29 -27.64 33.22
N TYR B 422 -10.13 -28.72 33.99
CA TYR B 422 -9.50 -29.97 33.57
C TYR B 422 -10.45 -31.16 33.44
N ASN B 423 -11.48 -31.29 34.29
CA ASN B 423 -12.42 -32.42 34.25
C ASN B 423 -13.88 -31.97 34.12
N PRO B 424 -14.32 -31.56 32.92
CA PRO B 424 -15.73 -31.39 32.65
C PRO B 424 -16.46 -32.72 32.49
N VAL B 425 -17.76 -32.71 32.76
CA VAL B 425 -18.71 -33.82 32.62
C VAL B 425 -19.94 -33.35 31.84
N VAL B 426 -20.62 -34.26 31.14
CA VAL B 426 -21.85 -33.94 30.41
C VAL B 426 -22.96 -33.56 31.38
N ILE B 427 -23.50 -32.37 31.20
CA ILE B 427 -24.51 -31.71 32.01
C ILE B 427 -25.89 -32.26 31.62
N ASP B 428 -26.31 -32.01 30.39
CA ASP B 428 -27.55 -32.47 29.76
C ASP B 428 -27.30 -32.64 28.26
N PHE B 429 -28.04 -33.53 27.62
CA PHE B 429 -27.81 -33.90 26.22
C PHE B 429 -29.09 -34.35 25.49
N GLU B 430 -29.04 -34.33 24.17
CA GLU B 430 -30.07 -34.79 23.26
C GLU B 430 -29.57 -36.02 22.51
N MET B 431 -30.47 -36.96 22.29
CA MET B 431 -30.15 -38.28 21.77
C MET B 431 -31.28 -38.81 20.90
N GLN B 432 -30.94 -39.65 19.94
CA GLN B 432 -31.89 -40.29 19.02
C GLN B 432 -31.68 -41.80 19.01
N PRO B 433 -32.69 -42.61 18.65
CA PRO B 433 -32.57 -44.07 18.66
C PRO B 433 -31.46 -44.58 17.74
N ILE B 434 -30.78 -45.66 18.13
CA ILE B 434 -29.58 -46.15 17.46
C ILE B 434 -29.79 -46.51 15.98
N HIS B 435 -31.01 -46.91 15.59
CA HIS B 435 -31.31 -47.21 14.20
C HIS B 435 -31.22 -45.98 13.31
N GLU B 436 -31.52 -44.81 13.82
CA GLU B 436 -31.41 -43.56 13.08
C GLU B 436 -29.98 -43.20 12.77
N VAL B 437 -28.97 -43.89 13.29
CA VAL B 437 -27.59 -43.64 12.86
C VAL B 437 -27.40 -44.11 11.44
N LEU B 438 -27.89 -45.31 11.10
CA LEU B 438 -27.55 -46.02 9.86
C LEU B 438 -27.89 -45.19 8.62
N ARG B 439 -29.08 -44.57 8.64
CA ARG B 439 -29.57 -43.56 7.69
C ARG B 439 -28.51 -42.56 7.26
N HIS B 440 -27.73 -42.06 8.20
CA HIS B 440 -26.82 -40.94 8.05
C HIS B 440 -25.37 -41.36 7.87
N THR B 441 -25.06 -42.66 7.82
CA THR B 441 -23.68 -43.14 7.75
C THR B 441 -23.06 -42.91 6.38
N SER B 442 -21.73 -42.86 6.33
CA SER B 442 -20.94 -42.79 5.08
C SER B 442 -21.08 -44.03 4.17
N LEU B 443 -21.72 -45.10 4.65
CA LEU B 443 -21.84 -46.41 4.01
C LEU B 443 -22.82 -46.45 2.83
N GLY B 444 -23.71 -45.46 2.71
CA GLY B 444 -24.86 -45.52 1.82
C GLY B 444 -26.03 -46.28 2.45
N PRO B 445 -27.10 -46.57 1.69
CA PRO B 445 -28.32 -47.14 2.25
C PRO B 445 -28.12 -48.50 2.90
N LEU B 446 -28.82 -48.73 4.00
CA LEU B 446 -28.82 -49.98 4.79
C LEU B 446 -30.22 -50.27 5.30
N GLU B 447 -31.23 -50.07 4.47
CA GLU B 447 -32.62 -49.94 4.90
C GLU B 447 -33.17 -51.18 5.58
N ALA B 448 -32.81 -52.37 5.11
CA ALA B 448 -33.26 -53.63 5.69
C ALA B 448 -32.73 -53.79 7.12
N LYS B 449 -31.43 -53.54 7.31
CA LYS B 449 -30.81 -53.54 8.63
C LYS B 449 -31.47 -52.52 9.52
N ARG B 450 -31.76 -51.31 9.03
CA ARG B 450 -32.42 -50.27 9.81
C ARG B 450 -33.79 -50.73 10.31
N GLN B 451 -34.60 -51.33 9.46
CA GLN B 451 -35.93 -51.80 9.86
C GLN B 451 -35.83 -52.96 10.88
N ASN B 452 -34.89 -53.88 10.71
CA ASN B 452 -34.63 -54.92 11.70
C ASN B 452 -34.18 -54.31 13.04
N LEU B 453 -33.27 -53.33 12.99
CA LEU B 453 -32.69 -52.69 14.17
C LEU B 453 -33.75 -51.89 14.92
N ARG B 454 -34.69 -51.26 14.22
CA ARG B 454 -35.88 -50.70 14.85
C ARG B 454 -36.74 -51.79 15.46
N ARG B 455 -37.02 -52.87 14.74
CA ARG B 455 -37.93 -53.93 15.21
C ARG B 455 -37.44 -54.54 16.52
N ALA B 456 -36.13 -54.79 16.59
CA ALA B 456 -35.50 -55.28 17.81
C ALA B 456 -35.55 -54.24 18.92
N LEU B 457 -35.19 -52.98 18.67
CA LEU B 457 -35.19 -51.95 19.70
C LEU B 457 -36.57 -51.76 20.31
N ASP B 458 -37.61 -51.78 19.49
CA ASP B 458 -38.99 -51.69 19.96
C ASP B 458 -39.39 -52.84 20.89
N GLN B 459 -38.69 -53.98 20.84
CA GLN B 459 -38.85 -55.07 21.80
C GLN B 459 -37.87 -54.97 22.98
N TYR B 460 -36.62 -54.58 22.74
CA TYR B 460 -35.58 -54.51 23.75
C TYR B 460 -36.01 -53.61 24.91
N LEU B 461 -36.56 -52.45 24.57
CA LEU B 461 -37.12 -51.48 25.49
C LEU B 461 -38.37 -51.97 26.24
N MET B 462 -38.88 -53.17 25.94
CA MET B 462 -39.93 -53.86 26.72
C MET B 462 -39.33 -54.97 27.59
N GLU B 463 -38.49 -55.82 27.03
CA GLU B 463 -37.94 -56.99 27.72
C GLU B 463 -36.94 -56.64 28.83
N PHE B 464 -36.02 -55.72 28.56
CA PHE B 464 -34.95 -55.34 29.48
C PHE B 464 -35.32 -54.15 30.37
N ASN B 465 -36.60 -53.77 30.42
CA ASN B 465 -37.08 -52.56 31.06
C ASN B 465 -37.20 -52.70 32.58
N ALA B 466 -36.62 -51.76 33.33
CA ALA B 466 -36.64 -51.76 34.78
C ALA B 466 -38.04 -51.82 35.40
N CYS B 467 -39.09 -51.47 34.64
CA CYS B 467 -40.47 -51.56 35.09
C CYS B 467 -40.92 -52.98 35.48
N ARG B 468 -40.19 -54.01 35.03
CA ARG B 468 -40.44 -55.42 35.36
C ARG B 468 -39.95 -55.84 36.74
N CYS B 469 -39.15 -55.01 37.41
CA CYS B 469 -38.77 -55.23 38.80
C CYS B 469 -39.90 -54.88 39.79
N GLY B 470 -39.70 -55.22 41.07
CA GLY B 470 -40.72 -55.03 42.10
C GLY B 470 -41.02 -53.57 42.41
N PRO B 471 -42.07 -53.28 43.19
CA PRO B 471 -42.52 -51.92 43.46
C PRO B 471 -41.50 -50.96 44.08
N CYS B 472 -40.45 -51.49 44.74
CA CYS B 472 -39.47 -50.74 45.53
C CYS B 472 -40.15 -49.74 46.50
N PHE B 473 -41.04 -50.23 47.39
CA PHE B 473 -41.78 -49.42 48.34
C PHE B 473 -40.87 -48.48 49.17
N ASN B 474 -41.43 -47.35 49.63
CA ASN B 474 -40.65 -46.23 50.19
C ASN B 474 -39.65 -45.60 49.18
N ASN B 475 -40.12 -45.31 47.96
CA ASN B 475 -39.43 -44.52 46.91
C ASN B 475 -38.09 -45.07 46.39
N GLY B 476 -37.86 -46.38 46.40
CA GLY B 476 -36.65 -46.97 45.81
C GLY B 476 -36.61 -46.89 44.28
N VAL B 477 -35.43 -46.97 43.68
CA VAL B 477 -35.23 -46.95 42.23
C VAL B 477 -34.96 -48.37 41.71
N PRO B 478 -35.82 -48.98 40.89
CA PRO B 478 -35.50 -50.23 40.22
C PRO B 478 -34.50 -50.02 39.08
N ILE B 479 -33.62 -51.00 38.89
CA ILE B 479 -32.73 -51.15 37.72
C ILE B 479 -32.66 -52.66 37.36
N LEU B 480 -32.56 -53.01 36.08
CA LEU B 480 -32.19 -54.35 35.63
C LEU B 480 -30.74 -54.34 35.12
N GLU B 481 -29.90 -55.22 35.65
CA GLU B 481 -28.56 -55.48 35.11
C GLU B 481 -28.34 -56.99 34.95
N GLY B 482 -27.78 -57.40 33.81
CA GLY B 482 -27.87 -58.80 33.40
C GLY B 482 -29.32 -59.26 33.40
N THR B 483 -29.59 -60.46 33.91
CA THR B 483 -30.94 -60.98 34.15
C THR B 483 -31.60 -60.49 35.44
N SER B 484 -30.99 -59.56 36.20
CA SER B 484 -31.26 -59.42 37.65
C SER B 484 -31.68 -58.03 38.08
N CYS B 485 -32.68 -57.95 38.97
CA CYS B 485 -33.16 -56.69 39.51
C CYS B 485 -32.28 -56.17 40.67
N ARG B 486 -32.09 -54.85 40.74
CA ARG B 486 -31.79 -54.12 41.98
C ARG B 486 -32.85 -53.06 42.25
N CYS B 487 -33.57 -53.12 43.36
CA CYS B 487 -34.18 -51.92 43.94
C CYS B 487 -33.09 -51.19 44.73
N GLN B 488 -32.54 -50.09 44.20
CA GLN B 488 -31.75 -49.14 44.99
C GLN B 488 -32.67 -48.37 45.94
N CYS B 489 -33.01 -48.97 47.10
CA CYS B 489 -33.81 -48.29 48.11
C CYS B 489 -33.01 -47.14 48.74
N ARG B 490 -33.63 -45.96 48.81
CA ARG B 490 -33.00 -44.69 49.24
C ARG B 490 -32.66 -44.63 50.73
N LEU B 491 -33.39 -45.37 51.56
CA LEU B 491 -33.20 -45.59 53.00
C LEU B 491 -33.77 -46.97 53.39
N GLY B 492 -33.22 -47.57 54.45
CA GLY B 492 -33.67 -48.87 54.97
C GLY B 492 -33.25 -50.07 54.12
N SER B 493 -33.29 -51.27 54.71
CA SER B 493 -32.75 -52.50 54.12
C SER B 493 -33.61 -53.03 52.95
N LEU B 494 -32.94 -53.44 51.87
CA LEU B 494 -33.55 -53.72 50.56
C LEU B 494 -34.55 -54.88 50.54
N GLY B 495 -35.44 -54.85 49.55
CA GLY B 495 -36.50 -55.81 49.29
C GLY B 495 -37.56 -55.19 48.40
N ALA B 496 -38.77 -55.78 48.34
CA ALA B 496 -39.94 -55.05 47.83
C ALA B 496 -40.32 -53.93 48.82
N ALA B 497 -40.63 -54.30 50.06
CA ALA B 497 -40.62 -53.43 51.23
C ALA B 497 -39.18 -53.06 51.60
N CYS B 498 -38.96 -51.91 52.24
CA CYS B 498 -37.62 -51.40 52.47
C CYS B 498 -37.33 -50.79 53.85
N GLU B 499 -38.29 -50.59 54.75
CA GLU B 499 -38.07 -49.72 55.92
C GLU B 499 -38.25 -50.39 57.28
N GLN B 500 -37.45 -49.87 58.22
CA GLN B 500 -37.26 -50.32 59.60
C GLN B 500 -36.97 -49.14 60.54
N THR B 501 -36.54 -48.00 59.98
CA THR B 501 -36.23 -46.75 60.67
C THR B 501 -37.45 -45.82 60.65
N GLN B 502 -38.05 -45.64 59.48
CA GLN B 502 -39.22 -44.78 59.32
C GLN B 502 -40.45 -45.37 60.02
N THR B 503 -41.35 -44.51 60.47
CA THR B 503 -42.72 -44.91 60.86
C THR B 503 -43.52 -45.34 59.62
N GLU B 504 -44.68 -45.95 59.83
CA GLU B 504 -45.56 -46.40 58.73
C GLU B 504 -46.31 -45.27 58.03
N GLY B 505 -46.12 -44.00 58.41
CA GLY B 505 -46.80 -42.84 57.84
C GLY B 505 -46.18 -42.24 56.58
N ALA B 506 -45.09 -42.81 56.05
CA ALA B 506 -44.21 -42.16 55.08
C ALA B 506 -44.85 -41.85 53.71
N LYS B 507 -44.49 -40.71 53.13
CA LYS B 507 -44.92 -40.27 51.78
C LYS B 507 -44.12 -40.95 50.69
N ALA B 508 -44.77 -41.75 49.84
CA ALA B 508 -44.11 -42.37 48.69
C ALA B 508 -45.05 -42.59 47.50
N ASP B 509 -44.50 -42.57 46.29
CA ASP B 509 -45.30 -42.52 45.06
C ASP B 509 -45.87 -43.88 44.65
N GLY B 510 -46.71 -43.87 43.61
CA GLY B 510 -46.87 -45.01 42.71
C GLY B 510 -46.05 -44.79 41.43
N SER B 511 -45.28 -45.79 41.02
CA SER B 511 -44.47 -45.78 39.79
C SER B 511 -44.69 -47.06 38.98
N TRP B 512 -44.70 -46.91 37.65
CA TRP B 512 -45.40 -47.77 36.69
C TRP B 512 -45.38 -49.30 36.91
N SER B 513 -46.58 -49.90 36.86
CA SER B 513 -46.79 -51.34 36.65
C SER B 513 -46.95 -51.60 35.16
N CYS B 514 -46.04 -52.38 34.60
CA CYS B 514 -45.66 -52.25 33.20
C CYS B 514 -46.64 -52.85 32.19
N TRP B 515 -46.35 -52.63 30.91
CA TRP B 515 -47.19 -52.93 29.76
C TRP B 515 -47.80 -54.33 29.76
N SER B 516 -49.07 -54.41 29.41
CA SER B 516 -49.65 -55.62 28.81
C SER B 516 -48.97 -55.94 27.48
N SER B 517 -49.13 -57.17 27.00
CA SER B 517 -48.95 -57.44 25.56
C SER B 517 -50.09 -56.79 24.77
N TRP B 518 -49.93 -56.64 23.46
CA TRP B 518 -50.97 -56.09 22.60
C TRP B 518 -52.21 -56.99 22.61
N SER B 519 -53.41 -56.40 22.58
CA SER B 519 -54.66 -57.14 22.58
C SER B 519 -54.86 -57.98 21.31
N VAL B 520 -55.76 -58.97 21.38
CA VAL B 520 -56.45 -59.47 20.17
C VAL B 520 -57.14 -58.28 19.49
N CYS B 521 -57.14 -58.23 18.16
CA CYS B 521 -57.42 -57.00 17.43
C CYS B 521 -58.41 -57.16 16.28
N ARG B 522 -59.27 -56.15 16.13
CA ARG B 522 -59.99 -55.88 14.87
C ARG B 522 -59.02 -55.20 13.90
N ALA B 523 -59.32 -55.21 12.60
CA ALA B 523 -58.44 -54.63 11.57
C ALA B 523 -58.06 -53.15 11.85
N GLY B 524 -58.91 -52.40 12.56
CA GLY B 524 -58.67 -51.01 12.97
C GLY B 524 -58.65 -50.74 14.48
N ILE B 525 -58.71 -51.76 15.36
CA ILE B 525 -58.65 -51.57 16.82
C ILE B 525 -57.72 -52.60 17.49
N GLN B 526 -56.71 -52.12 18.22
CA GLN B 526 -55.82 -52.89 19.10
C GLN B 526 -55.34 -52.03 20.27
N GLU B 527 -55.09 -52.64 21.44
CA GLU B 527 -54.83 -51.92 22.69
C GLU B 527 -53.60 -52.44 23.44
N ARG B 528 -53.06 -51.59 24.32
CA ARG B 528 -52.06 -51.89 25.35
C ARG B 528 -52.39 -51.12 26.63
N ARG B 529 -52.17 -51.70 27.80
CA ARG B 529 -52.56 -51.10 29.09
C ARG B 529 -51.48 -51.25 30.17
N ARG B 530 -51.60 -50.45 31.23
CA ARG B 530 -50.70 -50.32 32.39
C ARG B 530 -51.52 -50.18 33.67
N GLU B 531 -50.84 -50.22 34.80
CA GLU B 531 -51.36 -49.63 36.04
C GLU B 531 -50.32 -48.68 36.64
N CYS B 532 -50.75 -47.78 37.52
CA CYS B 532 -49.89 -46.72 38.04
C CYS B 532 -48.74 -47.26 38.89
N ASP B 533 -49.03 -48.30 39.69
CA ASP B 533 -48.13 -49.32 40.24
C ASP B 533 -49.02 -50.53 40.64
N ASN B 534 -48.42 -51.67 41.01
CA ASN B 534 -49.17 -52.77 41.62
C ASN B 534 -49.94 -52.32 42.89
N PRO B 535 -49.32 -51.64 43.87
CA PRO B 535 -50.03 -50.83 44.87
C PRO B 535 -50.57 -49.52 44.26
N ALA B 536 -51.53 -48.88 44.92
CA ALA B 536 -51.74 -47.44 44.77
C ALA B 536 -50.51 -46.66 45.31
N PRO B 537 -50.36 -45.35 45.06
CA PRO B 537 -49.38 -44.54 45.76
C PRO B 537 -49.47 -44.73 47.28
N GLN B 538 -48.33 -44.88 47.93
CA GLN B 538 -48.23 -45.29 49.33
C GLN B 538 -48.66 -44.17 50.29
N ASN B 539 -49.48 -44.50 51.29
CA ASN B 539 -50.11 -43.54 52.22
C ASN B 539 -50.79 -42.40 51.43
N GLY B 540 -50.60 -41.14 51.84
CA GLY B 540 -50.70 -40.00 50.92
C GLY B 540 -49.41 -39.88 50.11
N GLY B 541 -49.49 -39.82 48.78
CA GLY B 541 -48.33 -39.77 47.91
C GLY B 541 -48.68 -39.54 46.43
N ALA B 542 -47.67 -39.19 45.63
CA ALA B 542 -47.84 -38.80 44.24
C ALA B 542 -48.27 -39.95 43.32
N SER B 543 -49.23 -39.67 42.43
CA SER B 543 -49.57 -40.55 41.29
C SER B 543 -48.63 -40.34 40.10
N CYS B 544 -48.61 -41.33 39.22
CA CYS B 544 -47.79 -41.43 38.02
C CYS B 544 -48.19 -40.41 36.93
N PRO B 545 -47.32 -40.16 35.91
CA PRO B 545 -47.60 -39.26 34.78
C PRO B 545 -48.79 -39.56 33.84
N GLY B 546 -49.52 -40.66 34.02
CA GLY B 546 -50.91 -40.77 33.56
C GLY B 546 -51.25 -41.34 32.17
N ARG B 547 -50.30 -41.76 31.32
CA ARG B 547 -50.60 -42.52 30.08
C ARG B 547 -50.97 -43.99 30.37
N LYS B 548 -52.12 -44.22 31.00
CA LYS B 548 -52.58 -45.55 31.44
C LYS B 548 -52.91 -46.54 30.31
N VAL B 549 -53.25 -46.04 29.11
CA VAL B 549 -53.74 -46.84 27.96
C VAL B 549 -53.14 -46.32 26.65
N GLN B 550 -52.93 -47.21 25.68
CA GLN B 550 -52.26 -46.96 24.40
C GLN B 550 -52.86 -47.85 23.30
N THR B 551 -52.72 -47.49 22.02
CA THR B 551 -53.34 -48.21 20.88
C THR B 551 -52.39 -48.42 19.69
N GLN B 552 -52.71 -49.39 18.82
CA GLN B 552 -51.84 -49.89 17.76
C GLN B 552 -52.57 -50.05 16.40
N ALA B 553 -51.81 -50.15 15.31
CA ALA B 553 -52.30 -50.05 13.93
C ALA B 553 -53.24 -51.19 13.45
N CYS B 554 -53.21 -52.38 14.07
CA CYS B 554 -54.21 -53.41 13.75
C CYS B 554 -55.62 -52.93 14.10
N SER C 18 -29.03 -79.78 69.41
CA SER C 18 -27.57 -79.90 69.55
C SER C 18 -26.84 -79.21 68.39
N HIS C 19 -25.54 -78.95 68.51
CA HIS C 19 -24.73 -78.29 67.47
C HIS C 19 -24.54 -79.14 66.21
N ILE C 20 -24.13 -78.50 65.11
CA ILE C 20 -24.29 -79.07 63.75
C ILE C 20 -22.95 -79.16 63.02
N ASP C 21 -22.78 -80.27 62.31
CA ASP C 21 -21.53 -80.71 61.71
C ASP C 21 -21.59 -80.73 60.17
N CYS C 22 -20.45 -80.59 59.52
CA CYS C 22 -20.27 -80.81 58.09
C CYS C 22 -20.78 -82.21 57.65
N ARG C 23 -21.47 -82.30 56.51
CA ARG C 23 -21.96 -83.56 55.94
C ARG C 23 -21.95 -83.50 54.42
N MET C 24 -21.76 -84.64 53.78
CA MET C 24 -21.61 -84.78 52.33
C MET C 24 -22.30 -86.05 51.82
N SER C 25 -22.57 -86.11 50.52
CA SER C 25 -22.99 -87.35 49.85
C SER C 25 -21.86 -88.38 49.82
N PRO C 26 -22.13 -89.63 49.42
CA PRO C 26 -21.09 -90.51 48.87
C PRO C 26 -20.43 -89.89 47.63
N TRP C 27 -19.20 -90.27 47.35
CA TRP C 27 -18.56 -89.97 46.06
C TRP C 27 -19.27 -90.70 44.90
N SER C 28 -19.25 -90.10 43.71
CA SER C 28 -19.77 -90.72 42.48
C SER C 28 -18.76 -91.67 41.82
N GLU C 29 -19.17 -92.37 40.77
CA GLU C 29 -18.29 -93.19 39.93
C GLU C 29 -17.24 -92.35 39.17
N TRP C 30 -16.03 -92.87 39.00
CA TRP C 30 -14.90 -92.13 38.44
C TRP C 30 -15.07 -91.85 36.95
N SER C 31 -14.36 -90.84 36.42
CA SER C 31 -14.23 -90.64 34.98
C SER C 31 -13.34 -91.71 34.32
N GLN C 32 -13.43 -91.83 32.99
CA GLN C 32 -12.35 -92.37 32.15
C GLN C 32 -11.13 -91.42 32.14
N CYS C 33 -9.99 -91.89 31.65
CA CYS C 33 -8.78 -91.10 31.53
C CYS C 33 -8.89 -90.14 30.34
N ASP C 34 -8.69 -88.84 30.55
CA ASP C 34 -8.76 -87.83 29.48
C ASP C 34 -7.44 -87.79 28.70
N PRO C 35 -7.35 -88.30 27.47
CA PRO C 35 -6.07 -88.74 26.90
C PRO C 35 -4.98 -87.69 26.82
N CYS C 36 -5.32 -86.45 26.44
CA CYS C 36 -4.36 -85.36 26.36
C CYS C 36 -4.05 -84.71 27.72
N LEU C 37 -4.97 -84.80 28.69
CA LEU C 37 -4.86 -84.22 30.03
C LEU C 37 -4.18 -85.15 31.05
N ARG C 38 -4.11 -86.46 30.73
CA ARG C 38 -3.41 -87.52 31.48
C ARG C 38 -3.86 -87.67 32.94
N GLN C 39 -5.13 -87.43 33.20
CA GLN C 39 -5.75 -87.47 34.53
C GLN C 39 -7.17 -88.08 34.46
N MET C 40 -7.69 -88.46 35.61
CA MET C 40 -9.06 -88.93 35.86
C MET C 40 -9.64 -88.17 37.06
N PHE C 41 -10.96 -88.07 37.15
CA PHE C 41 -11.66 -87.16 38.05
C PHE C 41 -12.83 -87.83 38.76
N ARG C 42 -13.14 -87.34 39.97
CA ARG C 42 -14.15 -87.86 40.90
C ARG C 42 -14.82 -86.68 41.60
N SER C 43 -16.08 -86.77 41.99
CA SER C 43 -16.77 -85.67 42.69
C SER C 43 -17.88 -86.13 43.65
N ARG C 44 -18.26 -85.24 44.57
CA ARG C 44 -19.13 -85.44 45.74
C ARG C 44 -19.90 -84.14 46.04
N SER C 45 -21.12 -84.25 46.55
CA SER C 45 -21.98 -83.11 46.89
C SER C 45 -21.86 -82.74 48.38
N ILE C 46 -21.78 -81.45 48.70
CA ILE C 46 -21.91 -80.97 50.08
C ILE C 46 -23.39 -80.95 50.49
N GLU C 47 -23.71 -81.29 51.73
CA GLU C 47 -25.09 -81.50 52.19
C GLU C 47 -25.44 -80.70 53.45
N VAL C 48 -24.50 -80.51 54.37
CA VAL C 48 -24.58 -79.57 55.50
C VAL C 48 -23.21 -78.90 55.68
N PHE C 49 -23.15 -77.58 55.91
CA PHE C 49 -21.88 -76.85 56.10
C PHE C 49 -21.27 -76.99 57.51
N GLY C 50 -22.07 -77.39 58.49
CA GLY C 50 -21.84 -77.11 59.91
C GLY C 50 -22.66 -75.89 60.35
N GLN C 51 -23.03 -75.85 61.64
CA GLN C 51 -23.82 -74.76 62.22
C GLN C 51 -23.79 -74.80 63.75
N PHE C 52 -24.20 -73.71 64.39
CA PHE C 52 -24.33 -73.62 65.85
C PHE C 52 -23.07 -74.05 66.63
N ASN C 53 -21.89 -73.77 66.05
CA ASN C 53 -20.60 -74.18 66.59
C ASN C 53 -20.47 -75.69 66.83
N GLY C 54 -20.84 -76.46 65.80
CA GLY C 54 -20.40 -77.84 65.62
C GLY C 54 -19.17 -77.96 64.71
N LYS C 55 -18.90 -79.15 64.18
CA LYS C 55 -17.75 -79.43 63.30
C LYS C 55 -17.90 -78.69 61.97
N ARG C 56 -17.17 -77.59 61.80
CA ARG C 56 -17.25 -76.74 60.59
C ARG C 56 -16.65 -77.46 59.37
N CYS C 57 -17.27 -77.35 58.19
CA CYS C 57 -16.65 -77.89 56.97
C CYS C 57 -15.28 -77.26 56.70
N THR C 58 -14.43 -78.06 56.07
CA THR C 58 -13.26 -77.65 55.27
C THR C 58 -13.19 -78.51 54.00
N ASP C 59 -14.30 -79.10 53.57
CA ASP C 59 -14.28 -80.36 52.81
C ASP C 59 -14.50 -80.15 51.30
N ALA C 60 -13.70 -80.85 50.49
CA ALA C 60 -13.63 -80.65 49.04
C ALA C 60 -14.79 -81.31 48.26
N VAL C 61 -15.09 -80.76 47.08
CA VAL C 61 -16.13 -81.22 46.13
C VAL C 61 -15.64 -82.34 45.20
N GLY C 62 -14.32 -82.56 45.07
CA GLY C 62 -13.78 -83.53 44.12
C GLY C 62 -12.29 -83.82 44.28
N ASP C 63 -11.79 -84.81 43.52
CA ASP C 63 -10.41 -85.28 43.56
C ASP C 63 -9.95 -85.86 42.21
N ARG C 64 -8.64 -85.85 41.95
CA ARG C 64 -8.04 -86.31 40.68
C ARG C 64 -6.89 -87.30 40.84
N ARG C 65 -6.75 -88.24 39.89
CA ARG C 65 -5.78 -89.36 39.89
C ARG C 65 -5.08 -89.53 38.53
N GLN C 66 -3.80 -89.88 38.53
CA GLN C 66 -3.03 -90.10 37.29
C GLN C 66 -3.38 -91.43 36.60
N CYS C 67 -3.28 -91.48 35.27
CA CYS C 67 -3.54 -92.67 34.46
C CYS C 67 -2.63 -92.72 33.22
N VAL C 68 -2.17 -93.92 32.83
CA VAL C 68 -1.63 -94.15 31.48
C VAL C 68 -2.82 -94.30 30.52
N PRO C 69 -3.02 -93.38 29.56
CA PRO C 69 -4.31 -93.24 28.89
C PRO C 69 -4.69 -94.42 28.01
N THR C 70 -5.98 -94.76 27.98
CA THR C 70 -6.54 -95.93 27.27
C THR C 70 -6.68 -95.74 25.74
N GLU C 71 -6.25 -94.60 25.20
CA GLU C 71 -6.30 -94.27 23.77
C GLU C 71 -5.28 -93.16 23.43
N PRO C 72 -4.97 -92.93 22.14
CA PRO C 72 -4.12 -91.81 21.70
C PRO C 72 -4.74 -90.44 21.98
N CYS C 73 -3.90 -89.44 22.26
CA CYS C 73 -4.28 -88.03 22.22
C CYS C 73 -4.37 -87.51 20.76
N GLU C 74 -5.33 -86.64 20.47
CA GLU C 74 -5.46 -85.95 19.18
C GLU C 74 -4.36 -84.88 18.97
N ASP C 75 -4.17 -84.40 17.74
CA ASP C 75 -3.15 -83.37 17.44
C ASP C 75 -3.44 -82.09 18.23
N ALA C 76 -2.50 -81.68 19.09
CA ALA C 76 -2.72 -80.61 20.06
C ALA C 76 -2.77 -79.20 19.42
N GLU C 77 -1.85 -78.91 18.50
CA GLU C 77 -1.62 -77.56 17.95
C GLU C 77 -2.87 -76.95 17.29
N ASP C 78 -3.23 -75.74 17.69
CA ASP C 78 -4.43 -75.00 17.24
C ASP C 78 -4.03 -73.71 16.50
N ASP C 79 -3.08 -73.84 15.56
CA ASP C 79 -2.42 -72.73 14.87
C ASP C 79 -3.37 -71.90 14.00
N CYS C 80 -3.34 -70.58 14.16
CA CYS C 80 -4.16 -69.63 13.42
C CYS C 80 -3.70 -69.38 11.95
N GLY C 81 -2.53 -69.87 11.54
CA GLY C 81 -2.06 -69.85 10.15
C GLY C 81 -0.93 -68.85 9.92
N ASN C 82 -1.15 -67.87 9.04
CA ASN C 82 -0.15 -66.85 8.69
C ASN C 82 0.17 -65.88 9.85
N ASP C 83 -0.69 -65.83 10.88
CA ASP C 83 -0.44 -65.16 12.15
C ASP C 83 0.83 -65.68 12.85
N PHE C 84 1.52 -64.83 13.59
CA PHE C 84 2.69 -65.25 14.38
C PHE C 84 2.24 -66.03 15.61
N GLN C 85 2.72 -67.28 15.77
CA GLN C 85 2.46 -68.09 16.96
C GLN C 85 3.54 -67.79 18.01
N CYS C 86 3.14 -67.15 19.11
CA CYS C 86 4.07 -66.62 20.11
C CYS C 86 4.51 -67.69 21.12
N SER C 87 5.49 -67.37 21.97
CA SER C 87 5.98 -68.29 23.01
C SER C 87 4.94 -68.57 24.11
N THR C 88 3.90 -67.75 24.19
CA THR C 88 2.69 -67.97 24.98
C THR C 88 1.78 -69.00 24.30
N GLY C 89 0.59 -69.23 24.83
CA GLY C 89 -0.43 -70.02 24.12
C GLY C 89 -1.06 -69.35 22.88
N ARG C 90 -0.59 -68.17 22.47
CA ARG C 90 -1.37 -67.14 21.75
C ARG C 90 -0.88 -66.80 20.34
N CYS C 91 -1.81 -66.61 19.42
CA CYS C 91 -1.59 -66.11 18.05
C CYS C 91 -1.64 -64.57 17.99
N ILE C 92 -0.93 -63.93 17.07
CA ILE C 92 -1.10 -62.50 16.82
C ILE C 92 -0.90 -62.10 15.35
N LYS C 93 -1.59 -61.04 14.92
CA LYS C 93 -1.50 -60.50 13.56
C LYS C 93 -0.17 -59.78 13.36
N MET C 94 0.37 -59.83 12.14
CA MET C 94 1.78 -59.55 11.89
C MET C 94 2.17 -58.08 12.10
N ARG C 95 1.21 -57.15 12.02
CA ARG C 95 1.43 -55.74 12.40
C ARG C 95 1.91 -55.58 13.85
N LEU C 96 1.60 -56.57 14.70
CA LEU C 96 2.02 -56.67 16.10
C LEU C 96 3.15 -57.68 16.30
N ARG C 97 3.73 -58.29 15.26
CA ARG C 97 4.92 -59.12 15.43
C ARG C 97 6.13 -58.25 15.81
N CYS C 98 6.32 -57.11 15.13
CA CYS C 98 7.25 -56.08 15.57
C CYS C 98 6.54 -54.73 15.68
N ASN C 99 6.53 -54.17 16.90
CA ASN C 99 5.73 -53.02 17.28
C ASN C 99 6.36 -52.26 18.46
N GLY C 100 7.59 -52.62 18.86
CA GLY C 100 8.27 -51.99 19.99
C GLY C 100 7.52 -52.09 21.33
N ASP C 101 6.67 -53.10 21.50
CA ASP C 101 5.71 -53.19 22.60
C ASP C 101 5.56 -54.63 23.12
N ASN C 102 4.98 -54.83 24.30
CA ASN C 102 4.75 -56.16 24.88
C ASN C 102 3.58 -56.91 24.21
N ASP C 103 3.68 -57.08 22.89
CA ASP C 103 2.72 -57.81 22.06
C ASP C 103 2.51 -59.26 22.53
N CYS C 104 1.31 -59.81 22.33
CA CYS C 104 1.08 -61.27 22.42
C CYS C 104 1.25 -61.96 23.79
N GLY C 105 1.29 -61.20 24.89
CA GLY C 105 1.12 -61.73 26.26
C GLY C 105 2.41 -62.13 26.99
N ASP C 106 3.55 -62.12 26.30
CA ASP C 106 4.89 -62.10 26.86
C ASP C 106 5.86 -61.66 25.76
N PHE C 107 7.06 -61.21 26.11
CA PHE C 107 8.09 -60.90 25.12
C PHE C 107 8.47 -62.18 24.36
N SER C 108 8.44 -62.10 23.04
CA SER C 108 8.46 -63.26 22.14
C SER C 108 9.04 -62.91 20.75
N ASP C 109 9.83 -61.83 20.67
CA ASP C 109 9.99 -61.07 19.42
C ASP C 109 11.43 -60.64 19.11
N GLU C 110 12.34 -60.71 20.07
CA GLU C 110 13.66 -60.06 19.97
C GLU C 110 14.52 -60.62 18.81
N ASP C 111 14.36 -61.90 18.50
CA ASP C 111 15.05 -62.57 17.38
C ASP C 111 14.52 -62.14 16.00
N ASP C 112 13.30 -61.60 15.92
CA ASP C 112 12.75 -61.02 14.69
C ASP C 112 13.07 -59.52 14.62
N CYS C 113 12.76 -58.79 15.70
CA CYS C 113 12.77 -57.33 15.74
C CYS C 113 14.17 -56.70 15.92
N GLU C 114 15.19 -57.29 15.29
CA GLU C 114 16.49 -56.66 15.03
C GLU C 114 16.39 -55.52 13.98
N SER C 115 15.19 -55.30 13.44
CA SER C 115 14.79 -54.22 12.53
C SER C 115 13.26 -54.02 12.65
N GLU C 116 12.73 -52.93 12.11
CA GLU C 116 11.32 -52.50 12.28
C GLU C 116 10.92 -52.28 13.75
N PRO C 117 11.59 -51.35 14.44
CA PRO C 117 11.34 -51.07 15.86
C PRO C 117 10.06 -50.28 16.13
N ARG C 118 9.44 -49.70 15.09
CA ARG C 118 8.57 -48.53 15.19
C ARG C 118 7.44 -48.69 16.23
N PRO C 119 7.35 -47.80 17.24
CA PRO C 119 6.38 -47.92 18.32
C PRO C 119 4.99 -47.52 17.88
N PRO C 120 3.93 -47.82 18.65
CA PRO C 120 2.60 -47.30 18.38
C PRO C 120 2.51 -45.78 18.59
N CYS C 121 3.34 -45.19 19.45
CA CYS C 121 3.19 -43.82 19.97
C CYS C 121 4.21 -42.79 19.47
N ARG C 122 5.01 -43.11 18.45
CA ARG C 122 6.02 -42.20 17.85
C ARG C 122 6.92 -41.55 18.93
N ASP C 123 7.30 -40.28 18.78
CA ASP C 123 8.13 -39.54 19.76
C ASP C 123 7.30 -39.02 20.94
N ARG C 124 7.13 -39.85 21.97
CA ARG C 124 6.32 -39.56 23.15
C ARG C 124 6.68 -40.49 24.32
N VAL C 125 6.20 -40.19 25.52
CA VAL C 125 6.69 -40.78 26.79
C VAL C 125 5.56 -41.35 27.67
N VAL C 126 4.46 -41.76 27.05
CA VAL C 126 3.18 -42.07 27.72
C VAL C 126 3.26 -43.20 28.75
N GLU C 127 2.57 -43.04 29.88
CA GLU C 127 2.52 -43.98 30.99
C GLU C 127 1.30 -44.90 30.93
N GLU C 128 1.30 -46.00 31.69
CA GLU C 128 0.16 -46.90 31.83
C GLU C 128 -0.91 -46.35 32.77
N SER C 129 -2.19 -46.53 32.45
CA SER C 129 -3.26 -46.20 33.39
C SER C 129 -3.31 -47.25 34.47
N GLU C 130 -3.01 -46.84 35.70
CA GLU C 130 -2.96 -47.74 36.83
C GLU C 130 -4.35 -48.26 37.24
N LEU C 131 -5.43 -47.60 36.75
CA LEU C 131 -6.82 -48.05 36.85
C LEU C 131 -7.18 -49.08 35.78
N ALA C 132 -6.78 -48.83 34.53
CA ALA C 132 -7.16 -49.66 33.39
C ALA C 132 -6.50 -51.04 33.38
N ARG C 133 -5.27 -51.16 33.89
CA ARG C 133 -4.63 -52.46 34.12
C ARG C 133 -5.50 -53.40 34.94
N THR C 134 -6.23 -52.89 35.91
CA THR C 134 -7.12 -53.68 36.78
C THR C 134 -8.54 -53.84 36.27
N ALA C 135 -8.90 -53.22 35.14
CA ALA C 135 -10.27 -53.22 34.65
C ALA C 135 -10.68 -54.60 34.12
N GLY C 136 -11.94 -54.97 34.30
CA GLY C 136 -12.37 -56.33 34.01
C GLY C 136 -11.91 -57.31 35.08
N TYR C 137 -12.18 -56.99 36.35
CA TYR C 137 -12.03 -57.92 37.46
C TYR C 137 -12.87 -59.16 37.21
N GLY C 138 -12.32 -60.32 37.53
CA GLY C 138 -13.18 -61.46 37.80
C GLY C 138 -13.96 -61.18 39.07
N ILE C 139 -15.17 -61.67 39.19
CA ILE C 139 -15.98 -61.56 40.39
C ILE C 139 -16.58 -62.92 40.71
N ASN C 140 -16.52 -63.32 41.97
CA ASN C 140 -17.25 -64.46 42.45
C ASN C 140 -18.61 -64.00 42.98
N ILE C 141 -19.72 -64.48 42.43
CA ILE C 141 -21.06 -64.15 42.94
C ILE C 141 -21.24 -64.50 44.42
N LEU C 142 -20.53 -65.52 44.95
CA LEU C 142 -20.44 -65.69 46.39
C LEU C 142 -19.55 -64.60 47.00
N GLY C 143 -20.15 -63.66 47.73
CA GLY C 143 -19.48 -62.56 48.42
C GLY C 143 -19.11 -61.36 47.55
N MET C 144 -19.11 -61.53 46.22
CA MET C 144 -18.79 -60.47 45.28
C MET C 144 -17.44 -59.84 45.56
N ASP C 145 -16.45 -60.69 45.81
CA ASP C 145 -15.05 -60.29 45.88
C ASP C 145 -14.47 -60.09 44.47
N PRO C 146 -13.62 -59.09 44.24
CA PRO C 146 -12.87 -58.98 43.03
C PRO C 146 -11.71 -59.98 42.98
N LEU C 147 -11.39 -60.43 41.78
CA LEU C 147 -10.22 -61.23 41.42
C LEU C 147 -9.52 -60.56 40.25
N SER C 148 -8.22 -60.79 40.12
CA SER C 148 -7.40 -60.20 39.07
C SER C 148 -7.91 -60.56 37.67
N THR C 149 -7.68 -59.69 36.70
CA THR C 149 -8.39 -59.65 35.43
C THR C 149 -8.16 -60.92 34.59
N PRO C 150 -9.22 -61.52 34.01
CA PRO C 150 -9.06 -62.43 32.88
C PRO C 150 -8.35 -61.77 31.70
N PHE C 151 -8.70 -60.51 31.46
CA PHE C 151 -8.22 -59.67 30.39
C PHE C 151 -6.76 -59.31 30.56
N ASP C 152 -6.06 -59.13 29.44
CA ASP C 152 -4.63 -58.85 29.42
C ASP C 152 -4.31 -57.48 29.99
N ASN C 153 -4.83 -56.43 29.35
CA ASN C 153 -4.73 -55.02 29.72
C ASN C 153 -3.32 -54.43 29.81
N GLU C 154 -2.30 -55.14 29.35
CA GLU C 154 -1.00 -54.56 28.99
C GLU C 154 -0.73 -54.80 27.50
N PHE C 155 -1.78 -55.14 26.76
CA PHE C 155 -1.84 -55.29 25.32
C PHE C 155 -2.55 -54.09 24.68
N TYR C 156 -1.97 -53.51 23.64
CA TYR C 156 -2.40 -52.23 23.09
C TYR C 156 -2.82 -52.28 21.61
N ASN C 157 -2.81 -53.45 20.97
CA ASN C 157 -3.30 -53.65 19.60
C ASN C 157 -2.68 -52.72 18.55
N GLY C 158 -1.46 -52.24 18.78
CA GLY C 158 -0.75 -51.30 17.89
C GLY C 158 -1.29 -49.87 17.93
N LEU C 159 -2.41 -49.63 18.59
CA LEU C 159 -3.01 -48.31 18.76
C LEU C 159 -2.25 -47.53 19.83
N CYS C 160 -1.97 -46.24 19.61
CA CYS C 160 -1.50 -45.41 20.71
C CYS C 160 -2.63 -45.03 21.66
N ASN C 161 -3.73 -44.48 21.16
CA ASN C 161 -4.95 -44.22 21.94
C ASN C 161 -4.66 -43.47 23.26
N ARG C 162 -3.87 -42.40 23.15
CA ARG C 162 -3.46 -41.51 24.24
C ARG C 162 -4.66 -40.77 24.83
N ASP C 163 -4.83 -40.87 26.14
CA ASP C 163 -5.78 -40.07 26.91
C ASP C 163 -5.01 -39.08 27.79
N ARG C 164 -5.37 -37.80 27.74
CA ARG C 164 -4.98 -36.83 28.76
C ARG C 164 -5.87 -36.89 30.00
N ASP C 165 -6.76 -37.87 30.10
CA ASP C 165 -7.79 -37.92 31.14
C ASP C 165 -7.21 -38.25 32.53
N GLY C 166 -8.03 -38.15 33.57
CA GLY C 166 -7.61 -38.27 34.96
C GLY C 166 -7.34 -36.91 35.60
N ASN C 167 -7.81 -36.76 36.84
CA ASN C 167 -7.80 -35.50 37.58
C ASN C 167 -6.41 -34.98 37.94
N THR C 168 -5.41 -35.85 37.97
CA THR C 168 -3.99 -35.53 38.17
C THR C 168 -3.28 -35.02 36.91
N LEU C 169 -4.03 -34.58 35.88
CA LEU C 169 -3.54 -33.80 34.76
C LEU C 169 -2.29 -34.39 34.07
N THR C 170 -2.30 -35.72 33.86
CA THR C 170 -1.17 -36.48 33.31
C THR C 170 -1.66 -37.51 32.30
N TYR C 171 -1.00 -37.61 31.14
CA TYR C 171 -1.40 -38.53 30.06
C TYR C 171 -1.23 -40.02 30.40
N TYR C 172 -2.03 -40.88 29.78
CA TYR C 172 -1.89 -42.33 29.82
C TYR C 172 -2.26 -43.03 28.51
N ARG C 173 -1.79 -44.27 28.32
CA ARG C 173 -2.09 -45.12 27.15
C ARG C 173 -3.19 -46.10 27.54
N ARG C 174 -4.31 -46.14 26.84
CA ARG C 174 -5.45 -46.99 27.24
C ARG C 174 -5.32 -48.37 26.62
N PRO C 175 -5.38 -49.46 27.41
CA PRO C 175 -5.13 -50.78 26.88
C PRO C 175 -6.35 -51.30 26.11
N TRP C 176 -6.09 -52.14 25.10
CA TRP C 176 -7.04 -52.46 24.05
C TRP C 176 -8.40 -52.97 24.55
N ASN C 177 -8.43 -53.80 25.58
CA ASN C 177 -9.69 -54.36 26.07
C ASN C 177 -10.55 -53.34 26.81
N VAL C 178 -9.96 -52.26 27.29
CA VAL C 178 -10.67 -51.23 28.04
C VAL C 178 -11.21 -50.23 27.04
N ALA C 179 -12.37 -50.53 26.47
CA ALA C 179 -12.93 -49.77 25.35
C ALA C 179 -13.15 -48.31 25.75
N SER C 180 -13.72 -48.11 26.93
CA SER C 180 -13.87 -46.80 27.56
C SER C 180 -13.26 -46.85 28.94
N LEU C 181 -12.49 -45.83 29.33
CA LEU C 181 -12.31 -45.47 30.74
C LEU C 181 -12.41 -43.97 30.82
N ILE C 182 -13.55 -43.49 31.30
CA ILE C 182 -13.88 -42.07 31.32
C ILE C 182 -13.93 -41.63 32.78
N TYR C 183 -13.12 -40.65 33.16
CA TYR C 183 -13.17 -40.07 34.50
C TYR C 183 -14.35 -39.10 34.63
N GLU C 184 -15.56 -39.62 34.62
CA GLU C 184 -16.71 -38.86 35.11
C GLU C 184 -16.55 -38.71 36.62
N THR C 185 -16.01 -37.58 37.07
CA THR C 185 -16.06 -37.26 38.49
C THR C 185 -17.48 -36.95 38.88
N LYS C 186 -17.94 -37.62 39.91
CA LYS C 186 -19.16 -37.32 40.62
C LYS C 186 -18.87 -37.49 42.11
N GLY C 187 -19.30 -36.52 42.90
CA GLY C 187 -19.24 -36.56 44.35
C GLY C 187 -20.63 -36.35 44.88
N GLU C 188 -21.18 -37.33 45.58
CA GLU C 188 -22.45 -37.18 46.28
C GLU C 188 -22.26 -37.34 47.76
N LYS C 189 -23.06 -36.62 48.54
CA LYS C 189 -23.37 -36.93 49.92
C LYS C 189 -24.87 -37.04 50.06
N ASN C 190 -25.33 -38.11 50.66
CA ASN C 190 -26.66 -38.28 51.19
C ASN C 190 -26.56 -38.18 52.71
N PHE C 191 -27.40 -37.37 53.33
CA PHE C 191 -27.54 -37.35 54.77
C PHE C 191 -29.02 -37.37 55.12
N ARG C 192 -29.36 -38.16 56.11
CA ARG C 192 -30.67 -38.23 56.75
C ARG C 192 -30.46 -38.25 58.26
N THR C 193 -31.19 -37.42 58.98
CA THR C 193 -31.49 -37.64 60.40
C THR C 193 -32.99 -37.70 60.58
N GLU C 194 -33.42 -38.49 61.54
CA GLU C 194 -34.83 -38.72 61.83
C GLU C 194 -34.98 -39.08 63.28
N HIS C 195 -35.58 -38.18 64.05
CA HIS C 195 -35.88 -38.37 65.46
C HIS C 195 -37.37 -38.38 65.69
N TYR C 196 -37.79 -39.19 66.65
CA TYR C 196 -39.06 -39.04 67.35
C TYR C 196 -38.79 -39.24 68.84
N GLU C 197 -39.27 -38.34 69.69
CA GLU C 197 -38.96 -38.33 71.11
C GLU C 197 -40.22 -38.04 71.92
N GLU C 198 -40.45 -38.79 73.00
CA GLU C 198 -41.78 -38.90 73.62
C GLU C 198 -41.70 -39.07 75.14
N GLN C 199 -42.69 -38.53 75.88
CA GLN C 199 -42.90 -38.79 77.30
C GLN C 199 -44.40 -38.91 77.59
N ILE C 200 -44.79 -39.82 78.48
CA ILE C 200 -46.14 -39.90 79.05
C ILE C 200 -46.03 -40.14 80.56
N GLU C 201 -46.82 -39.42 81.36
CA GLU C 201 -46.82 -39.53 82.82
C GLU C 201 -48.24 -39.37 83.39
N ALA C 202 -48.50 -40.00 84.54
CA ALA C 202 -49.80 -39.91 85.22
C ALA C 202 -49.71 -40.10 86.74
N PHE C 203 -50.69 -39.58 87.47
CA PHE C 203 -50.87 -39.78 88.91
C PHE C 203 -52.35 -39.88 89.30
N LYS C 204 -52.64 -40.72 90.29
CA LYS C 204 -53.99 -40.91 90.86
C LYS C 204 -53.93 -41.30 92.34
N THR C 258 -57.43 -44.03 109.54
CA THR C 258 -57.83 -43.97 108.14
C THR C 258 -56.93 -44.84 107.25
N TYR C 259 -57.29 -44.96 105.97
CA TYR C 259 -56.59 -45.72 104.93
C TYR C 259 -56.38 -44.86 103.67
N GLN C 260 -55.37 -45.16 102.87
CA GLN C 260 -55.01 -44.38 101.68
C GLN C 260 -54.53 -45.25 100.50
N LEU C 261 -54.65 -44.69 99.30
CA LEU C 261 -54.31 -45.30 98.01
C LEU C 261 -53.52 -44.30 97.16
N PHE C 262 -52.46 -44.73 96.45
CA PHE C 262 -51.87 -43.97 95.35
C PHE C 262 -51.25 -44.86 94.27
N LEU C 263 -51.19 -44.34 93.04
CA LEU C 263 -50.38 -44.85 91.93
C LEU C 263 -49.69 -43.69 91.22
N SER C 264 -48.38 -43.81 91.01
CA SER C 264 -47.54 -42.94 90.20
C SER C 264 -47.01 -43.70 88.98
N TYR C 265 -47.10 -43.11 87.79
CA TYR C 265 -46.64 -43.71 86.53
C TYR C 265 -45.83 -42.71 85.68
N SER C 266 -44.72 -43.18 85.10
CA SER C 266 -43.92 -42.40 84.13
C SER C 266 -43.31 -43.29 83.05
N SER C 267 -43.16 -42.78 81.84
CA SER C 267 -42.40 -43.41 80.75
C SER C 267 -41.80 -42.37 79.81
N LYS C 268 -40.61 -42.66 79.28
CA LYS C 268 -39.87 -41.81 78.34
C LYS C 268 -39.25 -42.65 77.24
N LYS C 269 -39.28 -42.16 76.00
CA LYS C 269 -38.72 -42.81 74.81
C LYS C 269 -37.92 -41.84 73.96
N GLU C 270 -36.78 -42.29 73.46
CA GLU C 270 -35.90 -41.53 72.57
C GLU C 270 -35.47 -42.41 71.39
N LYS C 271 -35.64 -41.91 70.17
CA LYS C 271 -35.34 -42.64 68.94
C LYS C 271 -34.52 -41.72 68.03
N MET C 272 -33.43 -42.22 67.48
CA MET C 272 -32.65 -41.53 66.46
C MET C 272 -32.22 -42.52 65.38
N PHE C 273 -32.43 -42.14 64.13
CA PHE C 273 -31.84 -42.78 62.97
C PHE C 273 -31.03 -41.73 62.20
N LEU C 274 -29.72 -41.89 62.14
CA LEU C 274 -28.86 -41.18 61.21
C LEU C 274 -28.39 -42.15 60.15
N HIS C 275 -28.50 -41.74 58.89
CA HIS C 275 -27.83 -42.39 57.77
C HIS C 275 -27.00 -41.34 57.04
N VAL C 276 -25.74 -41.63 56.78
CA VAL C 276 -24.88 -40.82 55.91
C VAL C 276 -24.16 -41.72 54.94
N LYS C 277 -24.09 -41.35 53.66
CA LYS C 277 -23.15 -41.94 52.73
C LYS C 277 -22.58 -40.92 51.77
N GLY C 278 -21.31 -41.05 51.47
CA GLY C 278 -20.60 -40.21 50.53
C GLY C 278 -19.97 -41.06 49.45
N GLU C 279 -20.45 -40.90 48.23
CA GLU C 279 -20.01 -41.67 47.07
C GLU C 279 -19.15 -40.79 46.20
N ILE C 280 -17.94 -41.24 45.89
CA ILE C 280 -16.97 -40.44 45.16
C ILE C 280 -16.42 -41.26 44.01
N HIS C 281 -16.72 -40.86 42.78
CA HIS C 281 -16.32 -41.59 41.58
C HIS C 281 -15.01 -41.06 41.02
N LEU C 282 -14.33 -41.95 40.34
CA LEU C 282 -13.06 -41.76 39.64
C LEU C 282 -13.22 -42.36 38.24
N GLY C 283 -14.39 -42.14 37.65
CA GLY C 283 -14.77 -42.72 36.37
C GLY C 283 -15.33 -44.13 36.38
N ARG C 284 -15.47 -44.65 35.17
CA ARG C 284 -16.08 -45.93 34.84
C ARG C 284 -15.32 -46.56 33.69
N PHE C 285 -15.15 -47.88 33.71
CA PHE C 285 -14.61 -48.63 32.57
C PHE C 285 -15.70 -49.47 31.90
N VAL C 286 -15.68 -49.56 30.58
CA VAL C 286 -16.49 -50.50 29.79
C VAL C 286 -15.50 -51.34 28.98
N MET C 287 -15.56 -52.66 29.15
CA MET C 287 -14.72 -53.61 28.43
C MET C 287 -15.24 -53.85 27.02
N ARG C 288 -14.35 -54.13 26.06
CA ARG C 288 -14.69 -54.36 24.65
C ARG C 288 -15.48 -55.66 24.44
N ASN C 289 -16.55 -55.63 23.64
CA ASN C 289 -17.45 -56.79 23.40
C ASN C 289 -17.13 -57.62 22.14
N ARG C 290 -16.05 -57.32 21.42
CA ARG C 290 -15.44 -58.17 20.40
C ARG C 290 -13.92 -58.07 20.49
N ASP C 291 -13.21 -59.03 19.92
CA ASP C 291 -11.75 -59.00 19.77
C ASP C 291 -10.98 -58.85 21.09
N VAL C 292 -11.52 -59.44 22.15
CA VAL C 292 -10.94 -59.46 23.50
C VAL C 292 -9.68 -60.31 23.54
N VAL C 293 -8.59 -59.75 24.07
CA VAL C 293 -7.29 -60.42 24.19
C VAL C 293 -7.05 -60.77 25.65
N LEU C 294 -7.02 -62.06 25.92
CA LEU C 294 -7.04 -62.61 27.27
C LEU C 294 -5.63 -62.97 27.78
N THR C 295 -5.47 -63.05 29.09
CA THR C 295 -4.17 -63.41 29.70
C THR C 295 -3.75 -64.82 29.34
N THR C 296 -2.44 -65.02 29.18
CA THR C 296 -1.85 -66.34 28.89
C THR C 296 -2.29 -67.36 29.92
N THR C 297 -2.22 -67.00 31.21
CA THR C 297 -2.69 -67.86 32.31
C THR C 297 -4.15 -68.28 32.16
N PHE C 298 -5.06 -67.38 31.79
CA PHE C 298 -6.46 -67.72 31.64
C PHE C 298 -6.72 -68.65 30.48
N VAL C 299 -6.14 -68.38 29.31
CA VAL C 299 -6.34 -69.26 28.15
C VAL C 299 -5.75 -70.64 28.41
N ASP C 300 -4.58 -70.72 29.03
CA ASP C 300 -4.04 -71.99 29.47
C ASP C 300 -4.96 -72.71 30.45
N ASP C 301 -5.54 -71.99 31.41
CA ASP C 301 -6.47 -72.57 32.37
C ASP C 301 -7.82 -72.97 31.75
N ILE C 302 -8.10 -72.57 30.51
CA ILE C 302 -9.21 -73.09 29.70
C ILE C 302 -8.76 -74.28 28.87
N LYS C 303 -7.50 -74.31 28.41
CA LYS C 303 -6.94 -75.46 27.68
C LYS C 303 -6.91 -76.69 28.57
N ALA C 304 -6.40 -76.55 29.79
CA ALA C 304 -6.39 -77.59 30.79
C ALA C 304 -7.77 -77.85 31.45
N LEU C 305 -8.80 -78.21 30.68
CA LEU C 305 -10.13 -78.57 31.21
C LEU C 305 -10.59 -79.98 30.77
N PRO C 306 -11.39 -80.72 31.57
CA PRO C 306 -11.75 -82.12 31.29
C PRO C 306 -12.59 -82.39 30.04
N THR C 307 -13.31 -81.40 29.54
CA THR C 307 -14.33 -81.52 28.47
C THR C 307 -15.52 -82.43 28.75
N THR C 308 -15.80 -82.75 30.02
CA THR C 308 -16.82 -83.75 30.43
C THR C 308 -17.64 -83.39 31.68
N TYR C 309 -17.68 -82.12 32.10
CA TYR C 309 -18.56 -81.66 33.20
C TYR C 309 -18.24 -82.25 34.60
N GLU C 310 -16.94 -82.35 34.94
CA GLU C 310 -16.49 -82.79 36.27
C GLU C 310 -16.59 -81.62 37.27
N LYS C 311 -17.66 -81.56 38.07
CA LYS C 311 -18.00 -80.41 38.93
C LYS C 311 -16.82 -79.83 39.70
N GLY C 312 -16.08 -80.66 40.43
CA GLY C 312 -14.95 -80.21 41.22
C GLY C 312 -13.83 -79.58 40.40
N GLU C 313 -13.60 -80.06 39.18
CA GLU C 313 -12.53 -79.52 38.33
C GLU C 313 -12.95 -78.19 37.72
N TYR C 314 -14.21 -78.05 37.34
CA TYR C 314 -14.74 -76.76 36.89
C TYR C 314 -14.81 -75.75 38.03
N PHE C 315 -15.18 -76.14 39.24
CA PHE C 315 -15.17 -75.25 40.39
C PHE C 315 -13.76 -74.70 40.65
N ALA C 316 -12.71 -75.46 40.36
CA ALA C 316 -11.35 -74.98 40.54
C ALA C 316 -11.02 -73.81 39.61
N PHE C 317 -11.64 -73.74 38.43
CA PHE C 317 -11.50 -72.59 37.53
C PHE C 317 -12.36 -71.39 37.98
N LEU C 318 -13.57 -71.62 38.45
CA LEU C 318 -14.38 -70.54 39.05
C LEU C 318 -13.67 -69.92 40.25
N GLU C 319 -13.03 -70.71 41.09
CA GLU C 319 -12.37 -70.23 42.29
C GLU C 319 -11.04 -69.52 42.00
N THR C 320 -10.64 -69.37 40.74
CA THR C 320 -9.42 -68.60 40.37
C THR C 320 -9.67 -67.49 39.37
N TYR C 321 -10.86 -67.44 38.74
CA TYR C 321 -11.25 -66.38 37.80
C TYR C 321 -12.69 -65.88 37.92
N GLY C 322 -13.49 -66.42 38.83
CA GLY C 322 -14.83 -65.93 39.16
C GLY C 322 -15.94 -66.55 38.33
N THR C 323 -17.17 -66.47 38.82
CA THR C 323 -18.36 -66.91 38.09
C THR C 323 -18.69 -65.96 36.94
N HIS C 324 -18.33 -64.69 37.10
CA HIS C 324 -18.59 -63.59 36.18
C HIS C 324 -17.35 -62.71 36.09
N TYR C 325 -17.28 -61.87 35.09
CA TYR C 325 -16.37 -60.73 35.09
C TYR C 325 -17.19 -59.45 35.08
N SER C 326 -16.65 -58.39 35.67
CA SER C 326 -17.22 -57.05 35.55
C SER C 326 -17.07 -56.59 34.10
N SER C 327 -18.14 -56.62 33.31
CA SER C 327 -18.10 -56.18 31.91
C SER C 327 -17.99 -54.67 31.82
N SER C 328 -18.56 -53.96 32.80
CA SER C 328 -18.30 -52.56 33.07
C SER C 328 -18.32 -52.30 34.56
N GLY C 329 -17.39 -51.50 35.10
CA GLY C 329 -17.36 -51.22 36.53
C GLY C 329 -17.08 -49.75 36.88
N SER C 330 -17.60 -49.30 38.01
CA SER C 330 -17.46 -47.94 38.50
C SER C 330 -16.43 -47.85 39.61
N LEU C 331 -15.34 -47.14 39.37
CA LEU C 331 -14.23 -46.97 40.30
C LEU C 331 -14.46 -45.75 41.18
N GLY C 332 -13.98 -45.83 42.41
CA GLY C 332 -13.72 -44.65 43.24
C GLY C 332 -13.60 -45.00 44.71
N GLY C 333 -14.42 -44.37 45.54
CA GLY C 333 -14.46 -44.60 46.97
C GLY C 333 -15.82 -44.30 47.55
N LEU C 334 -16.03 -44.80 48.76
CA LEU C 334 -17.26 -44.68 49.51
C LEU C 334 -16.92 -44.46 50.99
N TYR C 335 -17.69 -43.62 51.67
CA TYR C 335 -17.86 -43.69 53.11
C TYR C 335 -19.33 -43.85 53.44
N GLU C 336 -19.64 -44.52 54.53
CA GLU C 336 -21.00 -44.67 55.02
C GLU C 336 -20.97 -44.77 56.54
N LEU C 337 -21.94 -44.15 57.19
CA LEU C 337 -22.08 -44.07 58.64
C LEU C 337 -23.52 -44.34 59.01
N ILE C 338 -23.70 -44.99 60.14
CA ILE C 338 -24.98 -45.12 60.81
C ILE C 338 -24.78 -44.81 62.30
N TYR C 339 -25.68 -44.03 62.88
CA TYR C 339 -26.00 -44.14 64.31
C TYR C 339 -27.46 -44.58 64.35
N VAL C 340 -27.76 -45.68 65.02
CA VAL C 340 -29.10 -45.92 65.53
C VAL C 340 -29.06 -45.96 67.04
N LEU C 341 -29.90 -45.16 67.67
CA LEU C 341 -30.16 -45.19 69.10
C LEU C 341 -31.66 -45.37 69.30
N ASP C 342 -32.06 -46.30 70.15
CA ASP C 342 -33.46 -46.54 70.49
C ASP C 342 -33.53 -46.95 71.95
N LYS C 343 -34.10 -46.06 72.76
CA LYS C 343 -33.93 -45.99 74.21
C LYS C 343 -35.29 -45.76 74.85
N ALA C 344 -35.61 -46.53 75.89
CA ALA C 344 -36.85 -46.41 76.64
C ALA C 344 -36.67 -46.73 78.12
N SER C 345 -37.42 -46.04 78.98
CA SER C 345 -37.49 -46.28 80.42
C SER C 345 -38.93 -46.16 80.91
N MET C 346 -39.36 -47.08 81.78
CA MET C 346 -40.74 -47.15 82.30
C MET C 346 -40.71 -47.48 83.81
N LYS C 347 -41.51 -46.76 84.61
CA LYS C 347 -41.60 -46.94 86.08
C LYS C 347 -43.02 -46.81 86.59
N ARG C 348 -43.44 -47.67 87.53
CA ARG C 348 -44.67 -47.50 88.33
C ARG C 348 -44.42 -47.78 89.82
N LYS C 349 -45.00 -46.96 90.69
CA LYS C 349 -44.90 -47.07 92.15
C LYS C 349 -46.25 -46.82 92.81
N GLY C 350 -46.58 -47.53 93.89
CA GLY C 350 -47.86 -47.37 94.56
C GLY C 350 -47.97 -48.05 95.92
N VAL C 351 -48.89 -47.54 96.74
CA VAL C 351 -49.28 -48.09 98.04
C VAL C 351 -50.80 -48.07 98.14
N GLU C 352 -51.41 -49.16 98.64
CA GLU C 352 -52.86 -49.30 98.74
C GLU C 352 -53.25 -50.06 100.02
N LEU C 353 -53.74 -49.34 101.04
CA LEU C 353 -54.20 -49.94 102.30
C LEU C 353 -55.61 -50.53 102.15
N ALA C 392 -46.03 -52.26 100.02
CA ALA C 392 -45.75 -51.34 98.91
C ALA C 392 -45.34 -52.10 97.63
N VAL C 393 -45.54 -51.47 96.47
CA VAL C 393 -45.16 -52.06 95.18
C VAL C 393 -44.22 -51.05 94.50
N ASN C 394 -43.31 -51.51 93.62
CA ASN C 394 -42.36 -50.64 92.90
C ASN C 394 -41.70 -51.39 91.73
N ILE C 395 -42.17 -51.13 90.50
CA ILE C 395 -41.99 -52.01 89.31
C ILE C 395 -41.51 -51.26 88.04
N THR C 396 -40.31 -51.60 87.52
CA THR C 396 -39.49 -50.80 86.60
C THR C 396 -38.96 -51.63 85.43
N SER C 397 -38.68 -50.99 84.30
CA SER C 397 -37.86 -51.56 83.22
C SER C 397 -37.13 -50.49 82.41
N GLU C 398 -35.98 -50.84 81.86
CA GLU C 398 -35.19 -50.02 80.94
C GLU C 398 -34.71 -50.88 79.76
N ASN C 399 -34.77 -50.32 78.55
CA ASN C 399 -34.44 -51.00 77.30
C ASN C 399 -33.72 -50.03 76.36
N LEU C 400 -32.46 -50.34 76.04
CA LEU C 400 -31.59 -49.51 75.21
C LEU C 400 -30.91 -50.38 74.17
N ILE C 401 -30.92 -49.92 72.93
CA ILE C 401 -29.98 -50.32 71.89
C ILE C 401 -29.29 -49.08 71.36
N ASP C 402 -27.99 -49.21 71.17
CA ASP C 402 -27.07 -48.17 70.75
C ASP C 402 -26.08 -48.86 69.83
N ASP C 403 -26.09 -48.48 68.56
CA ASP C 403 -25.28 -49.14 67.53
C ASP C 403 -24.79 -48.11 66.52
N VAL C 404 -23.48 -47.85 66.51
CA VAL C 404 -22.85 -46.91 65.59
C VAL C 404 -21.86 -47.67 64.74
N VAL C 405 -21.97 -47.57 63.41
CA VAL C 405 -21.10 -48.28 62.45
C VAL C 405 -20.61 -47.36 61.34
N SER C 406 -19.36 -47.56 60.95
CA SER C 406 -18.62 -46.77 59.96
C SER C 406 -17.95 -47.70 58.98
N LEU C 407 -18.04 -47.35 57.70
CA LEU C 407 -17.34 -48.02 56.60
C LEU C 407 -16.62 -46.94 55.78
N ILE C 408 -15.36 -47.16 55.46
CA ILE C 408 -14.63 -46.38 54.48
C ILE C 408 -13.98 -47.35 53.52
N ARG C 409 -14.02 -47.04 52.22
CA ARG C 409 -13.32 -47.83 51.22
C ARG C 409 -12.76 -46.96 50.12
N GLY C 410 -11.56 -47.28 49.70
CA GLY C 410 -10.79 -46.51 48.75
C GLY C 410 -9.95 -45.44 49.43
N GLY C 411 -8.96 -44.94 48.72
CA GLY C 411 -8.01 -43.95 49.21
C GLY C 411 -6.82 -44.56 49.95
N THR C 412 -5.87 -43.74 50.36
CA THR C 412 -4.67 -44.22 51.06
C THR C 412 -4.91 -44.37 52.57
N ARG C 413 -4.17 -45.32 53.14
CA ARG C 413 -4.12 -45.78 54.56
C ARG C 413 -4.43 -44.70 55.58
N LYS C 414 -3.58 -43.68 55.63
CA LYS C 414 -3.60 -42.58 56.61
C LYS C 414 -4.92 -41.82 56.61
N TYR C 415 -5.29 -41.25 55.48
CA TYR C 415 -6.48 -40.41 55.35
C TYR C 415 -7.76 -41.18 55.58
N ALA C 416 -7.86 -42.40 55.04
CA ALA C 416 -9.05 -43.20 55.20
C ALA C 416 -9.27 -43.56 56.67
N PHE C 417 -8.23 -43.96 57.40
CA PHE C 417 -8.40 -44.44 58.76
C PHE C 417 -8.56 -43.31 59.76
N GLU C 418 -8.03 -42.12 59.45
CA GLU C 418 -8.37 -40.87 60.11
C GLU C 418 -9.87 -40.58 59.95
N LEU C 419 -10.31 -40.43 58.71
CA LEU C 419 -11.67 -40.02 58.39
C LEU C 419 -12.71 -41.02 58.91
N LYS C 420 -12.44 -42.33 58.79
CA LYS C 420 -13.31 -43.42 59.25
C LYS C 420 -13.79 -43.20 60.67
N GLU C 421 -12.87 -42.82 61.55
CA GLU C 421 -13.09 -42.74 62.98
C GLU C 421 -13.53 -41.33 63.38
N LYS C 422 -12.94 -40.28 62.79
CA LYS C 422 -13.43 -38.89 62.93
C LYS C 422 -14.93 -38.79 62.66
N LEU C 423 -15.39 -39.43 61.59
CA LEU C 423 -16.81 -39.46 61.25
C LEU C 423 -17.66 -40.30 62.22
N LEU C 424 -17.11 -41.34 62.84
CA LEU C 424 -17.86 -42.18 63.77
C LEU C 424 -18.09 -41.47 65.11
N ARG C 425 -17.06 -40.75 65.57
CA ARG C 425 -17.12 -39.88 66.76
C ARG C 425 -18.04 -38.69 66.50
N GLY C 426 -18.25 -37.86 67.52
CA GLY C 426 -19.04 -36.62 67.42
C GLY C 426 -18.41 -35.55 66.50
N THR C 427 -17.19 -35.78 65.99
CA THR C 427 -16.30 -34.73 65.48
C THR C 427 -16.88 -33.93 64.31
N VAL C 428 -16.80 -32.60 64.40
CA VAL C 428 -17.07 -31.69 63.26
C VAL C 428 -15.86 -31.73 62.33
N ILE C 429 -15.99 -32.48 61.24
CA ILE C 429 -14.92 -32.85 60.33
C ILE C 429 -14.42 -31.67 59.49
N ASP C 430 -13.10 -31.51 59.38
CA ASP C 430 -12.47 -30.51 58.53
C ASP C 430 -12.68 -30.88 57.05
N VAL C 431 -13.19 -29.94 56.25
CA VAL C 431 -13.35 -30.10 54.80
C VAL C 431 -12.04 -30.54 54.13
N THR C 432 -10.88 -30.07 54.60
CA THR C 432 -9.61 -30.44 53.96
C THR C 432 -9.22 -31.90 54.25
N ASP C 433 -9.71 -32.51 55.35
CA ASP C 433 -9.55 -33.95 55.56
C ASP C 433 -10.31 -34.74 54.50
N PHE C 434 -11.53 -34.32 54.16
CA PHE C 434 -12.27 -34.88 53.04
C PHE C 434 -11.52 -34.72 51.73
N VAL C 435 -10.99 -33.54 51.44
CA VAL C 435 -10.25 -33.28 50.21
C VAL C 435 -9.05 -34.21 50.09
N ASN C 436 -8.30 -34.43 51.19
CA ASN C 436 -7.18 -35.36 51.17
C ASN C 436 -7.62 -36.79 50.88
N TRP C 437 -8.59 -37.32 51.62
CA TRP C 437 -9.08 -38.68 51.38
C TRP C 437 -9.61 -38.86 49.98
N ALA C 438 -10.53 -38.00 49.56
CA ALA C 438 -11.13 -38.04 48.25
C ALA C 438 -10.10 -37.83 47.12
N SER C 439 -9.02 -37.08 47.35
CA SER C 439 -7.94 -36.96 46.37
C SER C 439 -7.16 -38.26 46.27
N SER C 440 -6.87 -38.90 47.41
CA SER C 440 -6.12 -40.16 47.46
C SER C 440 -6.82 -41.32 46.76
N ILE C 441 -8.13 -41.23 46.49
CA ILE C 441 -8.85 -42.18 45.62
C ILE C 441 -8.20 -42.23 44.23
N ASN C 442 -7.58 -41.16 43.73
CA ASN C 442 -6.78 -41.18 42.51
C ASN C 442 -5.68 -42.26 42.53
N ASP C 443 -5.06 -42.44 43.69
CA ASP C 443 -3.93 -43.35 43.89
C ASP C 443 -4.40 -44.76 44.21
N ALA C 444 -5.51 -44.90 44.93
CA ALA C 444 -5.97 -46.15 45.51
C ALA C 444 -7.50 -46.36 45.36
N PRO C 445 -8.01 -46.55 44.14
CA PRO C 445 -9.44 -46.73 43.91
C PRO C 445 -9.96 -48.10 44.33
N VAL C 446 -11.26 -48.18 44.55
CA VAL C 446 -12.02 -49.40 44.85
C VAL C 446 -13.26 -49.50 43.94
N LEU C 447 -13.72 -50.71 43.65
CA LEU C 447 -14.85 -50.97 42.77
C LEU C 447 -16.18 -50.77 43.50
N ILE C 448 -16.87 -49.67 43.23
CA ILE C 448 -18.08 -49.24 43.95
C ILE C 448 -19.26 -50.14 43.63
N SER C 449 -19.49 -50.41 42.35
CA SER C 449 -20.54 -51.27 41.79
C SER C 449 -20.23 -51.58 40.31
N GLN C 450 -20.85 -52.61 39.72
CA GLN C 450 -20.50 -53.08 38.38
C GLN C 450 -21.56 -53.97 37.71
N LYS C 451 -21.50 -54.10 36.37
CA LYS C 451 -22.31 -55.02 35.56
C LYS C 451 -21.55 -56.32 35.31
N LEU C 452 -22.21 -57.45 35.53
CA LEU C 452 -21.58 -58.78 35.53
C LEU C 452 -21.96 -59.60 34.30
N SER C 453 -20.95 -60.12 33.61
CA SER C 453 -21.07 -61.05 32.49
C SER C 453 -20.61 -62.45 32.88
N PRO C 454 -21.40 -63.52 32.67
CA PRO C 454 -20.98 -64.87 33.01
C PRO C 454 -19.66 -65.24 32.33
N ILE C 455 -18.74 -65.87 33.07
CA ILE C 455 -17.33 -65.97 32.67
C ILE C 455 -17.10 -66.73 31.38
N TYR C 456 -18.01 -67.64 31.02
CA TYR C 456 -17.90 -68.42 29.80
C TYR C 456 -17.94 -67.57 28.53
N ASN C 457 -18.42 -66.35 28.58
CA ASN C 457 -18.30 -65.41 27.47
C ASN C 457 -16.84 -65.08 27.09
N LEU C 458 -15.88 -65.38 27.97
CA LEU C 458 -14.46 -65.21 27.67
C LEU C 458 -13.79 -66.54 27.30
N VAL C 459 -14.52 -67.62 27.04
CA VAL C 459 -13.98 -68.82 26.37
C VAL C 459 -13.93 -68.53 24.87
N PRO C 460 -12.77 -68.22 24.27
CA PRO C 460 -12.74 -67.78 22.90
C PRO C 460 -13.20 -68.87 21.93
N VAL C 461 -14.16 -68.51 21.07
CA VAL C 461 -14.40 -69.21 19.81
C VAL C 461 -13.16 -69.07 18.92
N LYS C 462 -12.89 -70.06 18.06
CA LYS C 462 -11.57 -70.31 17.48
C LYS C 462 -10.53 -70.85 18.47
N MET C 463 -10.98 -71.50 19.55
CA MET C 463 -10.21 -72.54 20.25
C MET C 463 -10.94 -73.88 20.17
N LYS C 464 -10.20 -74.98 20.07
CA LYS C 464 -10.75 -76.34 20.04
C LYS C 464 -11.76 -76.61 21.15
N ASN C 465 -12.88 -77.21 20.79
CA ASN C 465 -13.96 -77.67 21.67
C ASN C 465 -14.64 -76.57 22.52
N ALA C 466 -14.44 -75.30 22.18
CA ALA C 466 -14.90 -74.16 22.95
C ALA C 466 -16.36 -74.26 23.42
N HIS C 467 -17.31 -74.58 22.54
CA HIS C 467 -18.72 -74.56 22.92
C HIS C 467 -19.12 -75.63 23.95
N LEU C 468 -18.44 -76.79 23.93
CA LEU C 468 -18.68 -77.83 24.94
C LEU C 468 -18.26 -77.32 26.32
N LYS C 469 -17.09 -76.67 26.40
CA LYS C 469 -16.60 -76.06 27.64
C LYS C 469 -17.58 -75.02 28.14
N LYS C 470 -18.14 -74.19 27.27
CA LYS C 470 -19.14 -73.19 27.66
C LYS C 470 -20.38 -73.83 28.29
N GLN C 471 -20.98 -74.83 27.67
CA GLN C 471 -22.16 -75.46 28.28
C GLN C 471 -21.83 -76.16 29.60
N ASN C 472 -20.61 -76.71 29.73
CA ASN C 472 -20.15 -77.25 31.00
C ASN C 472 -20.05 -76.14 32.05
N LEU C 473 -19.37 -75.02 31.75
CA LEU C 473 -19.27 -73.89 32.67
C LEU C 473 -20.63 -73.38 33.06
N GLU C 474 -21.57 -73.25 32.12
CA GLU C 474 -22.90 -72.77 32.42
C GLU C 474 -23.60 -73.69 33.41
N ARG C 475 -23.48 -75.02 33.26
CA ARG C 475 -24.01 -75.99 34.23
C ARG C 475 -23.27 -75.90 35.57
N ALA C 476 -21.94 -75.92 35.53
CA ALA C 476 -21.11 -75.88 36.71
C ALA C 476 -21.37 -74.64 37.56
N ILE C 477 -21.40 -73.44 36.98
CA ILE C 477 -21.72 -72.21 37.70
C ILE C 477 -23.10 -72.30 38.34
N GLU C 478 -24.09 -72.88 37.66
CA GLU C 478 -25.39 -73.12 38.28
C GLU C 478 -25.25 -74.05 39.50
N ASP C 479 -24.45 -75.12 39.43
CA ASP C 479 -24.19 -76.00 40.57
C ASP C 479 -23.45 -75.29 41.71
N TYR C 480 -22.42 -74.52 41.38
CA TYR C 480 -21.63 -73.70 42.30
C TYR C 480 -22.50 -72.70 43.07
N ILE C 481 -23.55 -72.20 42.44
CA ILE C 481 -24.52 -71.34 43.09
C ILE C 481 -25.51 -72.16 43.93
N ASN C 482 -25.80 -73.41 43.56
CA ASN C 482 -26.77 -74.26 44.27
C ASN C 482 -26.23 -74.95 45.53
N GLU C 483 -25.14 -75.71 45.50
CA GLU C 483 -24.71 -76.45 46.71
C GLU C 483 -24.04 -75.58 47.77
N PHE C 484 -23.72 -74.33 47.42
CA PHE C 484 -23.36 -73.26 48.36
C PHE C 484 -24.56 -72.43 48.84
N SER C 485 -25.79 -72.85 48.55
CA SER C 485 -27.02 -72.15 48.98
C SER C 485 -27.16 -72.09 50.51
N VAL C 486 -27.77 -71.01 51.02
CA VAL C 486 -28.17 -70.91 52.44
C VAL C 486 -29.45 -71.72 52.75
N ARG C 487 -30.29 -72.03 51.75
CA ARG C 487 -31.64 -72.57 51.96
C ARG C 487 -31.69 -73.95 52.63
N LYS C 488 -30.59 -74.71 52.56
CA LYS C 488 -30.39 -76.00 53.25
C LYS C 488 -30.22 -75.91 54.77
N CYS C 489 -29.84 -74.76 55.32
CA CYS C 489 -29.52 -74.61 56.74
C CYS C 489 -30.76 -74.57 57.65
N HIS C 490 -30.58 -74.92 58.94
CA HIS C 490 -31.64 -74.86 59.96
C HIS C 490 -31.96 -73.43 60.40
N THR C 491 -33.21 -73.19 60.82
CA THR C 491 -33.78 -71.85 61.07
C THR C 491 -33.24 -71.13 62.31
N CYS C 492 -33.02 -69.82 62.20
CA CYS C 492 -32.78 -68.91 63.32
C CYS C 492 -34.09 -68.66 64.12
N GLN C 493 -34.00 -68.50 65.45
CA GLN C 493 -35.14 -68.11 66.30
C GLN C 493 -35.33 -66.59 66.40
N ASN C 494 -36.51 -66.18 66.88
CA ASN C 494 -36.89 -64.78 67.10
C ASN C 494 -36.69 -63.90 65.84
N GLY C 495 -36.28 -62.63 66.00
CA GLY C 495 -36.22 -61.63 64.93
C GLY C 495 -35.02 -61.71 63.97
N GLY C 496 -34.11 -62.68 64.14
CA GLY C 496 -32.92 -62.85 63.29
C GLY C 496 -33.21 -63.52 61.94
N THR C 497 -32.16 -63.80 61.18
CA THR C 497 -32.21 -64.53 59.89
C THR C 497 -30.94 -65.36 59.70
N VAL C 498 -31.00 -66.46 58.93
CA VAL C 498 -29.87 -67.39 58.77
C VAL C 498 -28.78 -66.76 57.91
N ILE C 499 -27.71 -66.31 58.56
CA ILE C 499 -26.46 -65.87 57.93
C ILE C 499 -25.72 -67.11 57.43
N LEU C 500 -25.06 -66.98 56.29
CA LEU C 500 -24.15 -67.98 55.73
C LEU C 500 -22.69 -67.51 55.81
N MET C 501 -21.79 -68.40 56.22
CA MET C 501 -20.33 -68.24 56.14
C MET C 501 -19.67 -69.58 55.76
N ASP C 502 -18.42 -69.56 55.31
CA ASP C 502 -17.68 -70.78 55.00
C ASP C 502 -17.64 -71.72 56.21
N GLY C 503 -18.23 -72.90 56.07
CA GLY C 503 -18.28 -73.90 57.15
C GLY C 503 -19.20 -73.56 58.32
N LYS C 504 -20.02 -72.50 58.28
CA LYS C 504 -21.08 -72.30 59.29
C LYS C 504 -22.32 -71.54 58.80
N CYS C 505 -23.49 -72.00 59.26
CA CYS C 505 -24.74 -71.23 59.30
C CYS C 505 -25.07 -70.81 60.74
N LEU C 506 -25.53 -69.57 60.93
CA LEU C 506 -25.66 -68.90 62.23
C LEU C 506 -26.61 -67.70 62.18
N CYS C 507 -26.94 -67.10 63.32
CA CYS C 507 -27.52 -65.77 63.38
C CYS C 507 -27.13 -65.01 64.66
N ALA C 508 -27.23 -63.67 64.62
CA ALA C 508 -26.96 -62.77 65.73
C ALA C 508 -27.98 -61.62 65.75
N CYS C 509 -28.38 -61.16 66.94
CA CYS C 509 -29.59 -60.35 67.11
C CYS C 509 -29.42 -59.24 68.18
N PRO C 510 -29.15 -57.98 67.78
CA PRO C 510 -29.16 -56.80 68.67
C PRO C 510 -30.60 -56.39 69.12
N PHE C 511 -31.30 -57.31 69.78
CA PHE C 511 -32.73 -57.19 70.10
C PHE C 511 -33.17 -57.94 71.39
N LYS C 512 -32.26 -58.13 72.35
CA LYS C 512 -32.50 -58.81 73.63
C LYS C 512 -32.89 -60.30 73.54
N PHE C 513 -32.55 -60.96 72.44
CA PHE C 513 -32.51 -62.42 72.30
C PHE C 513 -31.15 -62.88 71.76
N GLU C 514 -30.67 -64.02 72.23
CA GLU C 514 -29.23 -64.33 72.34
C GLU C 514 -28.85 -65.77 71.98
N GLY C 515 -27.54 -66.01 71.87
CA GLY C 515 -26.95 -67.25 71.38
C GLY C 515 -26.79 -67.29 69.86
N ILE C 516 -26.00 -68.24 69.36
CA ILE C 516 -25.66 -68.40 67.93
C ILE C 516 -26.86 -68.75 67.01
N ALA C 517 -28.01 -69.07 67.61
CA ALA C 517 -29.30 -69.28 66.94
C ALA C 517 -30.41 -68.32 67.42
N CYS C 518 -30.08 -67.30 68.24
CA CYS C 518 -31.02 -66.35 68.85
C CYS C 518 -32.19 -66.98 69.64
N GLU C 519 -31.96 -68.15 70.27
CA GLU C 519 -33.00 -68.97 70.91
C GLU C 519 -33.44 -68.51 72.31
N ILE C 520 -32.62 -67.75 73.03
CA ILE C 520 -32.81 -67.47 74.47
C ILE C 520 -32.99 -65.97 74.77
N SER C 521 -33.72 -65.63 75.82
CA SER C 521 -33.96 -64.25 76.25
C SER C 521 -34.27 -64.14 77.75
N SER D 1 -49.46 9.26 28.26
CA SER D 1 -49.81 9.41 26.84
C SER D 1 -50.16 8.05 26.22
N SER D 2 -50.97 8.04 25.16
CA SER D 2 -51.31 6.82 24.42
C SER D 2 -50.09 6.29 23.67
N PRO D 3 -49.94 4.96 23.49
CA PRO D 3 -49.11 4.40 22.44
C PRO D 3 -49.53 4.93 21.06
N VAL D 4 -48.56 5.19 20.18
CA VAL D 4 -48.77 5.57 18.78
C VAL D 4 -48.15 4.49 17.90
N ASN D 5 -48.96 3.75 17.13
CA ASN D 5 -48.44 2.76 16.18
C ASN D 5 -47.88 3.45 14.94
N CYS D 6 -46.73 2.99 14.46
CA CYS D 6 -46.08 3.53 13.28
C CYS D 6 -46.92 3.31 12.02
N GLN D 7 -46.85 4.23 11.05
CA GLN D 7 -47.50 4.10 9.73
C GLN D 7 -46.54 4.49 8.59
N TRP D 8 -46.51 3.71 7.51
CA TRP D 8 -45.84 4.07 6.26
C TRP D 8 -46.62 5.14 5.47
N ASP D 9 -45.89 5.98 4.73
CA ASP D 9 -46.43 6.81 3.66
C ASP D 9 -46.70 5.97 2.38
N PHE D 10 -47.27 6.56 1.34
CA PHE D 10 -47.27 5.98 0.00
C PHE D 10 -45.85 5.91 -0.58
N TYR D 11 -45.59 4.92 -1.45
CA TYR D 11 -44.29 4.79 -2.14
C TYR D 11 -43.97 6.01 -3.02
N ALA D 12 -42.70 6.42 -3.02
CA ALA D 12 -42.17 7.53 -3.82
C ALA D 12 -41.95 7.14 -5.31
N PRO D 13 -41.71 8.10 -6.23
CA PRO D 13 -41.22 7.78 -7.58
C PRO D 13 -39.82 7.15 -7.57
N TRP D 14 -39.53 6.28 -8.54
CA TRP D 14 -38.24 5.53 -8.61
C TRP D 14 -37.05 6.31 -8.92
N SER D 15 -35.87 5.78 -8.63
CA SER D 15 -34.62 6.44 -8.88
C SER D 15 -34.19 6.05 -10.21
N GLU D 16 -33.33 6.78 -10.90
CA GLU D 16 -32.73 6.39 -12.18
C GLU D 16 -32.25 4.91 -12.14
N CYS D 17 -32.13 4.29 -13.31
CA CYS D 17 -31.88 2.85 -13.47
C CYS D 17 -30.39 2.48 -13.32
N ASN D 18 -30.07 1.54 -12.44
CA ASN D 18 -28.71 1.11 -12.11
C ASN D 18 -28.11 0.28 -13.24
N GLY D 19 -27.06 0.78 -13.89
CA GLY D 19 -26.42 0.11 -15.00
C GLY D 19 -25.93 -1.30 -14.65
N CYS D 20 -25.19 -1.38 -13.56
CA CYS D 20 -24.46 -2.58 -13.16
C CYS D 20 -25.40 -3.69 -12.70
N THR D 21 -26.43 -3.36 -11.92
CA THR D 21 -27.38 -4.35 -11.43
C THR D 21 -28.64 -4.46 -12.27
N LYS D 22 -28.84 -3.58 -13.25
CA LYS D 22 -30.01 -3.55 -14.14
C LYS D 22 -31.33 -3.49 -13.36
N THR D 23 -31.43 -2.53 -12.43
CA THR D 23 -32.63 -2.36 -11.56
C THR D 23 -33.01 -0.89 -11.35
N GLN D 24 -34.24 -0.65 -10.90
CA GLN D 24 -34.67 0.59 -10.26
C GLN D 24 -35.16 0.31 -8.83
N THR D 25 -34.95 1.26 -7.92
CA THR D 25 -35.44 1.23 -6.54
C THR D 25 -36.39 2.41 -6.31
N ARG D 26 -37.43 2.23 -5.49
CA ARG D 26 -38.22 3.35 -4.94
C ARG D 26 -38.26 3.32 -3.42
N ARG D 27 -38.30 4.52 -2.83
CA ARG D 27 -38.34 4.78 -1.38
C ARG D 27 -39.77 4.71 -0.85
N ARG D 28 -39.93 4.60 0.47
CA ARG D 28 -41.18 4.81 1.20
C ARG D 28 -40.89 5.40 2.58
N SER D 29 -41.27 6.66 2.76
CA SER D 29 -41.12 7.37 4.04
C SER D 29 -42.00 6.76 5.13
N VAL D 30 -41.59 6.92 6.39
CA VAL D 30 -42.49 6.76 7.54
C VAL D 30 -43.39 8.00 7.64
N ALA D 31 -44.70 7.84 7.54
CA ALA D 31 -45.68 8.93 7.67
C ALA D 31 -45.92 9.30 9.15
N VAL D 32 -46.07 8.28 10.00
CA VAL D 32 -46.17 8.43 11.47
C VAL D 32 -45.09 7.56 12.11
N TYR D 33 -44.11 8.15 12.79
CA TYR D 33 -43.14 7.40 13.59
C TYR D 33 -43.87 6.80 14.81
N GLY D 34 -43.60 5.54 15.14
CA GLY D 34 -44.26 4.92 16.29
C GLY D 34 -43.70 5.48 17.60
N GLN D 35 -44.53 5.77 18.59
CA GLN D 35 -44.12 6.43 19.83
C GLN D 35 -44.79 5.84 21.07
N TYR D 36 -44.23 6.11 22.25
CA TYR D 36 -44.78 5.75 23.55
C TYR D 36 -45.11 4.25 23.66
N GLY D 37 -44.23 3.41 23.12
CA GLY D 37 -44.35 1.95 23.14
C GLY D 37 -45.29 1.36 22.08
N GLY D 38 -45.82 2.19 21.17
CA GLY D 38 -46.64 1.73 20.05
C GLY D 38 -45.82 0.96 19.01
N GLN D 39 -46.50 0.14 18.21
CA GLN D 39 -45.93 -0.89 17.35
C GLN D 39 -45.07 -0.27 16.24
N PRO D 40 -43.89 -0.82 15.90
CA PRO D 40 -43.03 -0.29 14.85
C PRO D 40 -43.54 -0.69 13.47
N CYS D 41 -43.08 0.01 12.42
CA CYS D 41 -43.50 -0.27 11.04
C CYS D 41 -42.91 -1.60 10.54
N VAL D 42 -43.77 -2.56 10.22
CA VAL D 42 -43.37 -3.87 9.64
C VAL D 42 -43.13 -3.78 8.14
N GLY D 43 -42.23 -4.61 7.61
CA GLY D 43 -41.79 -4.53 6.22
C GLY D 43 -40.62 -3.54 6.02
N ASN D 44 -40.50 -2.98 4.81
CA ASN D 44 -39.32 -2.20 4.38
C ASN D 44 -39.65 -0.77 3.92
N ALA D 45 -38.67 0.13 4.09
CA ALA D 45 -38.67 1.51 3.60
C ALA D 45 -38.31 1.64 2.09
N PHE D 46 -38.17 0.53 1.38
CA PHE D 46 -37.74 0.46 -0.03
C PHE D 46 -38.38 -0.73 -0.76
N GLU D 47 -38.45 -0.66 -2.09
CA GLU D 47 -38.54 -1.85 -2.96
C GLU D 47 -37.79 -1.65 -4.28
N THR D 48 -37.33 -2.75 -4.88
CA THR D 48 -36.45 -2.76 -6.06
C THR D 48 -36.95 -3.76 -7.11
N GLN D 49 -36.89 -3.39 -8.39
CA GLN D 49 -37.34 -4.19 -9.54
C GLN D 49 -36.37 -4.11 -10.72
N SER D 50 -36.41 -5.07 -11.64
CA SER D 50 -35.56 -5.09 -12.84
C SER D 50 -35.90 -3.94 -13.82
N CYS D 51 -34.88 -3.42 -14.51
CA CYS D 51 -35.00 -2.32 -15.47
C CYS D 51 -33.89 -2.37 -16.53
N GLU D 52 -34.17 -1.93 -17.76
CA GLU D 52 -33.19 -1.73 -18.83
C GLU D 52 -32.53 -0.35 -18.72
N PRO D 53 -31.25 -0.24 -18.33
CA PRO D 53 -30.63 1.05 -18.06
C PRO D 53 -30.26 1.80 -19.33
N THR D 54 -30.54 3.10 -19.39
CA THR D 54 -29.95 3.99 -20.40
C THR D 54 -28.50 4.25 -20.05
N ARG D 55 -28.24 4.82 -18.87
CA ARG D 55 -26.91 4.97 -18.25
C ARG D 55 -26.24 3.61 -18.04
N GLY D 56 -25.00 3.46 -18.50
CA GLY D 56 -24.21 2.23 -18.35
C GLY D 56 -23.47 2.14 -17.01
N CYS D 57 -23.05 0.94 -16.63
CA CYS D 57 -22.24 0.68 -15.44
C CYS D 57 -20.79 1.19 -15.59
N PRO D 58 -20.24 2.04 -14.71
CA PRO D 58 -18.89 2.57 -14.86
C PRO D 58 -17.82 1.51 -14.64
N THR D 59 -16.67 1.62 -15.30
CA THR D 59 -15.54 0.70 -15.12
C THR D 59 -14.61 1.13 -14.00
N GLU D 60 -13.71 0.25 -13.54
CA GLU D 60 -12.49 0.68 -12.84
C GLU D 60 -11.60 1.51 -13.75
N GLU D 61 -10.60 2.16 -13.18
CA GLU D 61 -9.42 2.64 -13.87
C GLU D 61 -8.21 1.95 -13.26
N GLY D 62 -7.15 1.77 -14.02
CA GLY D 62 -6.01 0.96 -13.59
C GLY D 62 -5.01 1.73 -12.73
N CYS D 63 -4.19 1.00 -11.99
CA CYS D 63 -3.12 1.61 -11.19
C CYS D 63 -1.96 2.18 -12.02
N GLY D 64 -1.87 1.88 -13.31
CA GLY D 64 -0.89 2.51 -14.20
C GLY D 64 0.53 2.21 -13.75
N GLU D 65 1.26 3.22 -13.31
CA GLU D 65 2.66 2.94 -12.91
C GLU D 65 2.70 2.49 -11.44
N ARG D 66 1.64 2.72 -10.68
CA ARG D 66 1.57 2.29 -9.29
C ARG D 66 1.34 0.78 -9.19
N PHE D 67 1.73 0.17 -8.08
CA PHE D 67 1.49 -1.24 -7.81
C PHE D 67 0.02 -1.47 -7.46
N ARG D 68 -0.67 -2.37 -8.17
CA ARG D 68 -2.03 -2.77 -7.82
C ARG D 68 -2.00 -3.82 -6.74
N CYS D 69 -2.58 -3.51 -5.59
CA CYS D 69 -2.90 -4.52 -4.62
C CYS D 69 -4.15 -5.29 -5.02
N PHE D 70 -4.28 -6.52 -4.55
CA PHE D 70 -5.37 -7.42 -4.90
C PHE D 70 -6.77 -6.85 -4.64
N SER D 71 -6.94 -5.94 -3.70
CA SER D 71 -8.24 -5.32 -3.45
C SER D 71 -8.76 -4.49 -4.61
N GLY D 72 -7.85 -3.93 -5.41
CA GLY D 72 -8.09 -2.87 -6.38
C GLY D 72 -7.47 -1.52 -5.98
N GLN D 73 -7.01 -1.35 -4.74
CA GLN D 73 -6.25 -0.17 -4.32
C GLN D 73 -4.87 -0.14 -4.95
N CYS D 74 -4.29 1.04 -5.09
CA CYS D 74 -2.98 1.24 -5.69
C CYS D 74 -2.01 1.83 -4.67
N ILE D 75 -0.77 1.34 -4.61
CA ILE D 75 0.28 1.85 -3.72
C ILE D 75 1.57 2.08 -4.49
N SER D 76 2.46 2.92 -3.99
CA SER D 76 3.69 3.26 -4.70
C SER D 76 4.63 2.06 -4.81
N LYS D 77 5.35 1.92 -5.93
CA LYS D 77 6.31 0.81 -6.11
C LYS D 77 7.49 0.86 -5.13
N SER D 78 7.70 1.97 -4.41
CA SER D 78 8.64 2.01 -3.28
C SER D 78 8.23 1.14 -2.10
N LEU D 79 6.94 0.84 -1.95
CA LEU D 79 6.40 0.05 -0.85
C LEU D 79 6.38 -1.46 -1.10
N VAL D 80 6.51 -1.90 -2.35
CA VAL D 80 6.66 -3.33 -2.67
C VAL D 80 7.96 -3.84 -2.08
N CYS D 81 7.90 -4.93 -1.32
CA CYS D 81 9.00 -5.51 -0.57
C CYS D 81 9.72 -4.51 0.36
N ASN D 82 8.96 -3.57 0.94
CA ASN D 82 9.41 -2.72 2.03
C ASN D 82 9.68 -3.52 3.31
N GLY D 83 9.05 -4.67 3.49
CA GLY D 83 9.06 -5.42 4.74
C GLY D 83 7.94 -5.03 5.72
N ASP D 84 7.03 -4.16 5.30
CA ASP D 84 5.79 -3.80 5.99
C ASP D 84 4.62 -4.22 5.11
N SER D 85 3.48 -4.58 5.70
CA SER D 85 2.25 -4.86 4.95
C SER D 85 1.58 -3.56 4.54
N ASP D 86 2.08 -2.93 3.49
CA ASP D 86 1.69 -1.60 3.06
C ASP D 86 0.40 -1.55 2.26
N CYS D 87 -0.02 -2.64 1.61
CA CYS D 87 -1.42 -2.75 1.24
C CYS D 87 -2.27 -3.14 2.45
N ASP D 88 -3.40 -2.47 2.64
CA ASP D 88 -4.36 -2.85 3.67
C ASP D 88 -4.98 -4.22 3.38
N GLU D 89 -5.69 -4.79 4.35
CA GLU D 89 -6.22 -6.14 4.28
C GLU D 89 -5.12 -7.15 3.95
N ASP D 90 -5.22 -7.90 2.87
CA ASP D 90 -4.26 -8.92 2.50
C ASP D 90 -3.12 -8.34 1.68
N SER D 91 -1.93 -8.23 2.29
CA SER D 91 -0.76 -7.72 1.58
C SER D 91 -0.42 -8.59 0.39
N ALA D 92 0.16 -7.93 -0.60
CA ALA D 92 0.53 -8.46 -1.91
C ALA D 92 1.85 -7.87 -2.36
N ASP D 93 2.11 -6.67 -1.91
CA ASP D 93 3.37 -5.97 -1.85
C ASP D 93 4.49 -6.77 -1.19
N GLU D 94 4.18 -7.71 -0.31
CA GLU D 94 5.16 -8.56 0.37
C GLU D 94 5.36 -9.93 -0.33
N ASP D 95 4.64 -10.23 -1.41
CA ASP D 95 4.64 -11.54 -2.06
C ASP D 95 5.98 -11.90 -2.68
N ARG D 96 6.44 -13.13 -2.40
CA ARG D 96 7.51 -13.86 -3.12
C ARG D 96 8.78 -13.03 -3.35
N CYS D 97 9.15 -12.22 -2.37
CA CYS D 97 10.38 -11.43 -2.38
C CYS D 97 11.57 -12.20 -1.79
N GLU D 98 12.78 -11.93 -2.27
CA GLU D 98 14.02 -12.58 -1.81
C GLU D 98 14.51 -12.10 -0.45
N ASP D 99 15.15 -13.00 0.31
CA ASP D 99 15.65 -12.70 1.67
C ASP D 99 16.72 -11.60 1.70
N SER D 100 17.46 -11.43 0.60
CA SER D 100 18.43 -10.33 0.42
C SER D 100 17.77 -9.02 -0.02
N GLU D 101 16.60 -9.10 -0.68
CA GLU D 101 15.87 -7.93 -1.17
C GLU D 101 14.97 -7.33 -0.07
N ARG D 102 14.39 -8.17 0.81
CA ARG D 102 13.78 -7.71 2.07
C ARG D 102 14.83 -7.06 2.98
N ARG D 103 14.43 -6.02 3.71
CA ARG D 103 15.25 -5.27 4.69
C ARG D 103 14.38 -4.87 5.89
N PRO D 104 14.96 -4.60 7.07
CA PRO D 104 14.21 -4.03 8.19
C PRO D 104 13.75 -2.60 7.84
N SER D 105 12.44 -2.40 7.69
CA SER D 105 11.86 -1.07 7.43
C SER D 105 12.02 -0.15 8.64
N CYS D 106 12.04 -0.73 9.84
CA CYS D 106 12.10 -0.02 11.11
C CYS D 106 12.65 -0.94 12.21
N ASP D 107 13.11 -0.38 13.31
CA ASP D 107 13.56 -1.16 14.47
C ASP D 107 12.45 -2.00 15.08
N ILE D 108 11.22 -1.47 15.08
CA ILE D 108 10.10 -1.94 15.88
C ILE D 108 8.81 -1.93 15.07
N ASP D 109 7.83 -2.70 15.53
CA ASP D 109 6.62 -3.02 14.77
C ASP D 109 5.33 -2.72 15.56
N LYS D 110 5.38 -1.88 16.59
CA LYS D 110 4.28 -1.74 17.56
C LYS D 110 3.62 -0.36 17.50
N PRO D 111 2.32 -0.24 17.27
CA PRO D 111 1.62 1.04 17.22
C PRO D 111 1.26 1.55 18.62
N PRO D 112 0.86 2.83 18.77
CA PRO D 112 0.27 3.30 20.00
C PRO D 112 -0.99 2.53 20.43
N PRO D 113 -1.30 2.39 21.72
CA PRO D 113 -2.03 1.22 22.21
C PRO D 113 -3.47 0.99 21.75
N ASN D 114 -4.17 1.94 21.15
CA ASN D 114 -5.45 1.68 20.49
C ASN D 114 -5.64 2.57 19.25
N ILE D 115 -4.59 2.78 18.46
CA ILE D 115 -4.63 3.69 17.31
C ILE D 115 -5.70 3.33 16.29
N GLU D 116 -6.08 2.06 16.17
CA GLU D 116 -7.19 1.60 15.33
C GLU D 116 -8.52 2.27 15.67
N LEU D 117 -8.81 2.55 16.94
CA LEU D 117 -10.03 3.26 17.33
C LEU D 117 -10.07 4.70 16.81
N THR D 118 -8.93 5.31 16.47
CA THR D 118 -8.88 6.67 15.91
C THR D 118 -9.25 6.77 14.43
N GLY D 119 -9.35 5.64 13.72
CA GLY D 119 -9.75 5.57 12.32
C GLY D 119 -11.15 5.03 12.11
N ASN D 120 -11.91 4.83 13.17
CA ASN D 120 -13.30 4.46 13.12
C ASN D 120 -14.14 5.62 12.59
N GLY D 121 -15.34 5.31 12.12
CA GLY D 121 -16.35 6.31 11.81
C GLY D 121 -17.14 6.67 13.06
N TYR D 122 -17.98 7.68 12.96
CA TYR D 122 -18.84 8.15 14.06
C TYR D 122 -20.23 8.48 13.54
N ASN D 123 -21.27 8.13 14.28
CA ASN D 123 -22.64 8.49 13.97
C ASN D 123 -23.06 9.63 14.90
N GLU D 124 -23.35 10.81 14.34
CA GLU D 124 -23.66 11.98 15.14
C GLU D 124 -24.99 11.85 15.89
N LEU D 125 -25.95 11.11 15.36
CA LEU D 125 -27.30 11.00 15.94
C LEU D 125 -27.40 9.92 17.02
N THR D 126 -26.72 8.78 16.87
CA THR D 126 -26.66 7.75 17.93
C THR D 126 -25.49 7.96 18.88
N GLY D 127 -24.51 8.78 18.51
CA GLY D 127 -23.28 9.05 19.24
C GLY D 127 -22.31 7.87 19.31
N GLN D 128 -22.61 6.76 18.63
CA GLN D 128 -21.77 5.57 18.66
C GLN D 128 -20.63 5.67 17.66
N PHE D 129 -19.48 5.11 18.00
CA PHE D 129 -18.45 4.82 17.03
C PHE D 129 -18.90 3.68 16.10
N ARG D 130 -18.35 3.70 14.89
CA ARG D 130 -18.71 2.87 13.74
C ARG D 130 -17.43 2.37 13.08
N ASN D 131 -17.57 1.43 12.16
CA ASN D 131 -16.47 0.59 11.71
C ASN D 131 -15.39 1.33 10.93
N ARG D 132 -14.31 0.63 10.60
CA ARG D 132 -13.02 1.19 10.22
C ARG D 132 -13.10 1.91 8.87
N VAL D 133 -12.70 3.17 8.85
CA VAL D 133 -12.79 4.04 7.68
C VAL D 133 -11.42 4.49 7.22
N ILE D 134 -10.52 4.82 8.14
CA ILE D 134 -9.14 5.19 7.86
C ILE D 134 -8.23 4.03 8.20
N ASN D 135 -7.29 3.69 7.32
CA ASN D 135 -6.20 2.80 7.65
C ASN D 135 -5.19 3.56 8.52
N THR D 136 -5.22 3.35 9.82
CA THR D 136 -4.37 4.10 10.77
C THR D 136 -2.92 3.63 10.83
N LYS D 137 -2.54 2.56 10.14
CA LYS D 137 -1.22 1.92 10.22
C LYS D 137 -0.46 1.85 8.90
N SER D 138 -0.73 2.75 7.95
CA SER D 138 0.08 2.85 6.75
C SER D 138 1.40 3.53 7.08
N PHE D 139 2.47 2.77 7.15
CA PHE D 139 3.75 3.30 7.62
C PHE D 139 4.53 4.04 6.55
N GLY D 140 4.10 4.00 5.29
CA GLY D 140 4.63 4.85 4.22
C GLY D 140 6.13 4.70 3.98
N GLY D 141 6.71 3.57 4.36
CA GLY D 141 8.14 3.30 4.23
C GLY D 141 9.00 4.09 5.21
N GLN D 142 8.41 4.68 6.26
CA GLN D 142 9.11 5.49 7.23
C GLN D 142 9.10 4.84 8.62
N CYS D 143 10.20 4.99 9.34
CA CYS D 143 10.35 4.55 10.73
C CYS D 143 10.09 5.70 11.68
N ARG D 144 8.83 6.07 11.84
CA ARG D 144 8.39 7.19 12.67
C ARG D 144 8.15 6.75 14.09
N LYS D 145 9.20 6.77 14.92
CA LYS D 145 9.18 6.36 16.34
C LYS D 145 8.82 7.52 17.27
N VAL D 146 8.01 7.25 18.29
CA VAL D 146 7.75 8.12 19.45
C VAL D 146 8.00 7.38 20.75
N PHE D 147 8.51 8.06 21.78
CA PHE D 147 8.93 7.41 23.03
C PHE D 147 7.83 7.31 24.11
N SER D 148 6.65 7.87 23.89
CA SER D 148 5.59 7.90 24.90
C SER D 148 6.07 8.46 26.26
N GLY D 149 5.99 7.68 27.33
CA GLY D 149 6.30 8.10 28.69
C GLY D 149 5.11 7.93 29.65
N ASP D 150 3.89 7.81 29.14
CA ASP D 150 2.75 7.40 29.96
C ASP D 150 2.74 5.88 30.19
N GLY D 151 3.07 5.13 29.13
CA GLY D 151 3.70 3.81 29.20
C GLY D 151 5.13 3.99 28.69
N LYS D 152 6.12 3.37 29.30
CA LYS D 152 7.54 3.70 29.04
C LYS D 152 8.09 2.93 27.85
N ASP D 153 7.41 3.00 26.72
CA ASP D 153 7.66 2.16 25.55
C ASP D 153 7.72 2.97 24.25
N PHE D 154 8.68 2.67 23.37
CA PHE D 154 8.63 3.20 22.02
C PHE D 154 7.43 2.63 21.26
N TYR D 155 6.83 3.44 20.38
CA TYR D 155 5.81 3.04 19.43
C TYR D 155 6.10 3.63 18.04
N ARG D 156 5.56 3.01 16.98
CA ARG D 156 5.67 3.44 15.59
C ARG D 156 4.37 4.07 15.14
N LEU D 157 4.41 5.31 14.63
CA LEU D 157 3.26 6.01 14.05
C LEU D 157 3.13 5.73 12.55
N SER D 158 1.91 5.80 12.01
CA SER D 158 1.72 5.92 10.56
C SER D 158 2.28 7.21 9.99
N GLY D 159 2.65 7.22 8.72
CA GLY D 159 3.15 8.42 8.05
C GLY D 159 2.08 9.50 7.83
N ASN D 160 0.80 9.12 7.87
CA ASN D 160 -0.33 9.99 7.64
C ASN D 160 -0.61 10.95 8.80
N VAL D 161 -0.56 10.47 10.04
CA VAL D 161 -1.13 11.18 11.20
C VAL D 161 -0.39 12.49 11.48
N LEU D 162 -1.10 13.61 11.67
CA LEU D 162 -0.48 14.92 11.85
C LEU D 162 0.24 15.03 13.18
N SER D 163 -0.40 14.63 14.28
CA SER D 163 0.29 14.44 15.54
C SER D 163 -0.35 13.43 16.45
N TYR D 164 0.47 12.74 17.21
CA TYR D 164 0.04 11.82 18.25
C TYR D 164 0.88 12.08 19.49
N THR D 165 0.28 12.31 20.66
CA THR D 165 1.00 12.77 21.84
C THR D 165 0.41 12.20 23.13
N PHE D 166 1.28 11.90 24.08
CA PHE D 166 0.97 11.18 25.32
C PHE D 166 0.99 12.05 26.57
N GLN D 167 0.92 13.37 26.44
CA GLN D 167 0.77 14.22 27.63
C GLN D 167 -0.54 13.88 28.32
N VAL D 168 -0.55 13.67 29.64
CA VAL D 168 -1.77 13.30 30.36
C VAL D 168 -2.51 14.52 30.83
N LYS D 169 -3.83 14.42 30.87
CA LYS D 169 -4.68 15.34 31.59
C LYS D 169 -5.71 14.53 32.35
N ILE D 170 -5.94 14.84 33.60
CA ILE D 170 -6.88 14.13 34.44
C ILE D 170 -7.77 15.17 35.07
N ASN D 171 -9.09 15.04 34.94
CA ASN D 171 -10.04 16.01 35.47
C ASN D 171 -11.08 15.27 36.29
N ASN D 172 -11.25 15.68 37.54
CA ASN D 172 -12.09 15.02 38.52
C ASN D 172 -13.07 16.05 39.06
N ASP D 173 -14.28 15.61 39.29
CA ASP D 173 -15.39 16.43 39.81
C ASP D 173 -16.18 15.54 40.72
N PHE D 174 -16.40 15.97 41.95
CA PHE D 174 -17.02 15.25 43.04
C PHE D 174 -18.11 16.15 43.60
N ASN D 175 -19.30 15.61 43.84
CA ASN D 175 -20.36 16.33 44.50
C ASN D 175 -21.09 15.35 45.39
N TYR D 176 -21.17 15.65 46.66
CA TYR D 176 -21.75 14.82 47.69
C TYR D 176 -22.73 15.69 48.46
N GLU D 177 -23.95 15.25 48.69
CA GLU D 177 -24.93 16.07 49.38
C GLU D 177 -25.89 15.19 50.15
N PHE D 178 -26.00 15.46 51.44
CA PHE D 178 -26.74 14.64 52.37
C PHE D 178 -27.54 15.47 53.32
N TYR D 179 -28.68 14.95 53.72
CA TYR D 179 -29.41 15.47 54.83
C TYR D 179 -30.02 14.34 55.62
N ASN D 180 -30.09 14.50 56.94
CA ASN D 180 -30.73 13.57 57.85
C ASN D 180 -31.62 14.37 58.79
N SER D 181 -32.84 13.92 58.95
CA SER D 181 -33.91 14.59 59.68
C SER D 181 -34.52 13.63 60.66
N THR D 182 -34.82 14.09 61.86
CA THR D 182 -35.45 13.28 62.90
C THR D 182 -36.37 14.14 63.73
N TRP D 183 -37.59 13.70 63.96
CA TRP D 183 -38.55 14.34 64.83
C TRP D 183 -39.10 13.33 65.83
N SER D 184 -39.32 13.77 67.06
CA SER D 184 -39.96 12.98 68.10
C SER D 184 -40.94 13.85 68.85
N TYR D 185 -42.12 13.31 69.12
CA TYR D 185 -43.19 14.00 69.80
C TYR D 185 -43.85 13.08 70.79
N VAL D 186 -44.25 13.62 71.93
CA VAL D 186 -44.97 12.96 73.01
C VAL D 186 -46.05 13.91 73.53
N LYS D 187 -47.25 13.39 73.81
CA LYS D 187 -48.34 14.09 74.50
C LYS D 187 -48.97 13.18 75.52
N HIS D 188 -49.39 13.74 76.65
CA HIS D 188 -50.17 13.08 77.69
C HIS D 188 -51.29 14.00 78.14
N THR D 189 -52.46 13.42 78.43
CA THR D 189 -53.64 14.13 78.94
C THR D 189 -54.26 13.30 80.05
N SER D 190 -54.70 13.94 81.13
CA SER D 190 -55.41 13.29 82.24
C SER D 190 -56.55 14.14 82.75
N THR D 191 -57.69 13.53 83.04
CA THR D 191 -58.89 14.20 83.55
C THR D 191 -59.48 13.36 84.66
N GLU D 192 -59.89 13.98 85.77
CA GLU D 192 -60.31 13.27 86.97
C GLU D 192 -61.47 13.95 87.69
N HIS D 193 -62.20 13.15 88.46
CA HIS D 193 -63.36 13.58 89.24
C HIS D 193 -63.46 12.77 90.53
N THR D 194 -64.04 13.36 91.57
CA THR D 194 -64.72 12.61 92.64
C THR D 194 -65.85 13.44 93.24
N SER D 195 -66.90 12.77 93.71
CA SER D 195 -68.04 13.38 94.40
C SER D 195 -68.54 12.44 95.50
N SER D 196 -69.02 12.99 96.60
CA SER D 196 -69.61 12.26 97.73
C SER D 196 -70.78 13.05 98.33
N SER D 197 -71.83 12.36 98.78
CA SER D 197 -73.01 13.00 99.37
C SER D 197 -73.69 12.12 100.43
N ARG D 198 -74.36 12.77 101.40
CA ARG D 198 -75.19 12.17 102.44
C ARG D 198 -76.51 12.93 102.55
N LYS D 199 -77.63 12.22 102.68
CA LYS D 199 -78.99 12.79 102.83
C LYS D 199 -79.80 12.02 103.87
N ARG D 200 -80.55 12.72 104.72
CA ARG D 200 -81.40 12.15 105.79
C ARG D 200 -82.64 13.01 106.09
N ARG D 204 -81.04 7.36 107.04
CA ARG D 204 -79.83 7.91 106.43
C ARG D 204 -79.52 7.23 105.10
N SER D 205 -78.97 7.98 104.14
CA SER D 205 -78.55 7.51 102.81
C SER D 205 -77.29 8.25 102.35
N SER D 206 -76.45 7.62 101.53
CA SER D 206 -75.20 8.20 101.04
C SER D 206 -74.70 7.54 99.75
N SER D 207 -73.88 8.25 98.98
CA SER D 207 -73.27 7.75 97.74
C SER D 207 -71.96 8.48 97.42
N SER D 208 -71.08 7.84 96.64
CA SER D 208 -69.80 8.40 96.19
C SER D 208 -69.40 7.87 94.81
N SER D 209 -68.55 8.61 94.09
CA SER D 209 -68.06 8.25 92.75
C SER D 209 -66.67 8.86 92.49
N SER D 210 -65.93 8.28 91.55
CA SER D 210 -64.66 8.83 91.05
C SER D 210 -64.36 8.38 89.62
N ARG D 211 -63.41 9.05 88.96
CA ARG D 211 -63.01 8.77 87.57
C ARG D 211 -61.53 9.07 87.33
N SER D 212 -60.94 8.35 86.38
CA SER D 212 -59.80 8.82 85.58
C SER D 212 -60.11 8.66 84.09
N TYR D 213 -59.66 9.58 83.28
CA TYR D 213 -59.53 9.43 81.84
C TYR D 213 -58.12 9.84 81.48
N THR D 214 -57.50 9.13 80.54
CA THR D 214 -56.19 9.52 80.06
C THR D 214 -56.01 9.13 78.60
N SER D 215 -55.38 9.99 77.83
CA SER D 215 -54.91 9.67 76.49
C SER D 215 -53.49 10.20 76.28
N HIS D 216 -52.71 9.45 75.52
CA HIS D 216 -51.30 9.69 75.28
C HIS D 216 -50.97 9.32 73.83
N THR D 217 -50.00 10.00 73.24
CA THR D 217 -49.59 9.78 71.85
C THR D 217 -48.11 10.06 71.70
N ASN D 218 -47.43 9.26 70.88
CA ASN D 218 -46.09 9.53 70.38
C ASN D 218 -46.06 9.47 68.86
N GLU D 219 -45.18 10.25 68.25
CA GLU D 219 -44.75 10.04 66.86
C GLU D 219 -43.24 10.22 66.76
N ILE D 220 -42.61 9.42 65.92
CA ILE D 220 -41.22 9.57 65.52
C ILE D 220 -41.17 9.53 64.00
N HIS D 221 -40.35 10.34 63.39
CA HIS D 221 -40.24 10.45 61.95
C HIS D 221 -38.79 10.68 61.59
N LYS D 222 -38.31 10.08 60.51
CA LYS D 222 -36.98 10.31 59.96
C LYS D 222 -37.02 10.35 58.45
N GLY D 223 -36.19 11.19 57.88
CA GLY D 223 -35.86 11.16 56.47
C GLY D 223 -34.35 11.34 56.32
N LYS D 224 -33.71 10.52 55.50
CA LYS D 224 -32.32 10.70 55.11
C LYS D 224 -32.19 10.62 53.61
N SER D 225 -31.34 11.45 53.07
CA SER D 225 -31.00 11.45 51.66
C SER D 225 -29.50 11.61 51.57
N TYR D 226 -28.85 10.89 50.67
CA TYR D 226 -27.50 11.16 50.25
C TYR D 226 -27.47 10.99 48.74
N GLN D 227 -26.82 11.87 48.02
CA GLN D 227 -26.52 11.67 46.62
C GLN D 227 -25.03 11.94 46.44
N LEU D 228 -24.40 11.18 45.57
CA LEU D 228 -23.04 11.37 45.13
C LEU D 228 -23.10 11.36 43.62
N LEU D 229 -22.33 12.25 43.04
CA LEU D 229 -21.98 12.24 41.64
C LEU D 229 -20.47 12.38 41.59
N VAL D 230 -19.84 11.57 40.78
CA VAL D 230 -18.44 11.70 40.43
C VAL D 230 -18.39 11.66 38.93
N VAL D 231 -17.68 12.59 38.31
CA VAL D 231 -17.35 12.54 36.91
C VAL D 231 -15.87 12.81 36.77
N GLU D 232 -15.19 11.87 36.15
CA GLU D 232 -13.77 11.71 36.16
C GLU D 232 -13.39 11.34 34.74
N ASN D 233 -12.38 12.00 34.21
CA ASN D 233 -11.88 11.79 32.88
C ASN D 233 -10.39 11.71 32.93
N THR D 234 -9.83 10.84 32.11
CA THR D 234 -8.42 10.66 31.97
C THR D 234 -8.13 10.73 30.48
N VAL D 235 -7.05 11.39 30.12
CA VAL D 235 -6.52 11.34 28.77
C VAL D 235 -5.07 11.01 28.84
N GLU D 236 -4.69 10.14 27.93
CA GLU D 236 -3.50 9.33 27.93
C GLU D 236 -2.81 9.53 26.58
N VAL D 237 -3.60 9.73 25.52
CA VAL D 237 -3.16 10.37 24.29
C VAL D 237 -4.00 11.62 24.11
N ALA D 238 -3.60 12.69 24.80
CA ALA D 238 -4.38 13.93 24.84
C ALA D 238 -4.61 14.54 23.47
N GLN D 239 -3.78 14.21 22.48
CA GLN D 239 -4.14 14.46 21.08
C GLN D 239 -3.75 13.34 20.12
N PHE D 240 -4.71 12.93 19.30
CA PHE D 240 -4.47 12.38 17.97
C PHE D 240 -5.05 13.41 17.01
N ILE D 241 -4.32 13.80 15.98
CA ILE D 241 -4.84 14.67 14.92
C ILE D 241 -4.65 13.98 13.58
N ASN D 242 -5.73 13.47 13.01
CA ASN D 242 -5.76 12.82 11.71
C ASN D 242 -5.55 13.85 10.61
N ASN D 243 -5.02 13.41 9.48
CA ASN D 243 -4.78 14.29 8.35
C ASN D 243 -6.07 14.69 7.64
N ASN D 244 -5.99 15.67 6.74
CA ASN D 244 -7.06 16.00 5.82
C ASN D 244 -7.26 14.87 4.78
N PRO D 245 -8.41 14.81 4.10
CA PRO D 245 -8.72 13.72 3.18
C PRO D 245 -7.74 13.47 2.05
N GLU D 246 -6.91 14.42 1.65
CA GLU D 246 -5.97 14.20 0.54
C GLU D 246 -4.91 13.16 0.93
N PHE D 247 -4.37 13.27 2.15
CA PHE D 247 -3.32 12.40 2.65
C PHE D 247 -3.81 11.19 3.46
N LEU D 248 -5.09 11.09 3.76
CA LEU D 248 -5.64 9.88 4.38
C LEU D 248 -5.65 8.69 3.41
N GLN D 249 -5.39 7.50 3.95
CA GLN D 249 -5.50 6.22 3.25
C GLN D 249 -6.71 5.49 3.79
N LEU D 250 -7.64 5.09 2.91
CA LEU D 250 -8.87 4.45 3.36
C LEU D 250 -8.66 2.99 3.72
N ALA D 251 -9.53 2.48 4.58
CA ALA D 251 -9.61 1.06 4.85
C ALA D 251 -10.11 0.30 3.61
N GLU D 252 -9.53 -0.87 3.34
CA GLU D 252 -9.88 -1.69 2.19
C GLU D 252 -11.38 -1.99 2.10
N PRO D 253 -12.08 -2.48 3.12
CA PRO D 253 -13.49 -2.79 2.98
C PRO D 253 -14.39 -1.55 2.95
N PHE D 254 -13.90 -0.38 3.36
CA PHE D 254 -14.61 0.87 3.14
C PHE D 254 -14.46 1.31 1.67
N TRP D 255 -13.24 1.33 1.14
CA TRP D 255 -12.98 1.62 -0.27
C TRP D 255 -13.69 0.64 -1.22
N LYS D 256 -13.82 -0.64 -0.83
CA LYS D 256 -14.55 -1.64 -1.61
C LYS D 256 -16.05 -1.33 -1.64
N GLU D 257 -16.67 -1.01 -0.50
CA GLU D 257 -18.05 -0.54 -0.48
C GLU D 257 -18.25 0.75 -1.27
N LEU D 258 -17.34 1.73 -1.20
CA LEU D 258 -17.39 2.94 -2.03
C LEU D 258 -17.35 2.61 -3.52
N SER D 259 -16.49 1.67 -3.91
CA SER D 259 -16.38 1.24 -5.30
C SER D 259 -17.71 0.68 -5.81
N HIS D 260 -18.45 -0.02 -4.96
CA HIS D 260 -19.72 -0.64 -5.31
C HIS D 260 -20.93 0.26 -5.08
N LEU D 261 -20.74 1.53 -4.69
CA LEU D 261 -21.82 2.50 -4.72
C LEU D 261 -22.31 2.70 -6.15
N PRO D 262 -23.63 2.78 -6.39
CA PRO D 262 -24.24 2.64 -7.72
C PRO D 262 -24.02 3.81 -8.70
N SER D 263 -23.37 4.91 -8.29
CA SER D 263 -23.18 6.13 -9.12
C SER D 263 -24.47 6.81 -9.57
N LEU D 264 -25.56 6.56 -8.85
CA LEU D 264 -26.84 7.25 -8.95
C LEU D 264 -27.47 7.36 -7.56
N TYR D 265 -28.45 8.25 -7.36
CA TYR D 265 -29.04 8.49 -6.04
C TYR D 265 -30.08 7.42 -5.62
N ASP D 266 -29.65 6.16 -5.50
CA ASP D 266 -30.40 5.14 -4.76
C ASP D 266 -30.00 5.18 -3.28
N TYR D 267 -30.81 5.88 -2.47
CA TYR D 267 -30.57 6.03 -1.03
C TYR D 267 -30.46 4.68 -0.28
N SER D 268 -31.02 3.58 -0.81
CA SER D 268 -30.86 2.26 -0.19
C SER D 268 -29.41 1.76 -0.20
N ALA D 269 -28.59 2.18 -1.16
CA ALA D 269 -27.16 1.85 -1.19
C ALA D 269 -26.36 2.73 -0.22
N TYR D 270 -26.54 4.05 -0.27
CA TYR D 270 -25.83 4.97 0.60
C TYR D 270 -26.24 4.82 2.07
N ARG D 271 -27.49 4.48 2.41
CA ARG D 271 -27.89 4.19 3.79
C ARG D 271 -27.15 2.99 4.36
N ARG D 272 -26.91 1.95 3.57
CA ARG D 272 -26.14 0.77 4.02
C ARG D 272 -24.66 1.06 4.21
N LEU D 273 -24.09 2.07 3.56
CA LEU D 273 -22.77 2.58 3.95
C LEU D 273 -22.85 3.32 5.28
N ILE D 274 -23.77 4.27 5.42
CA ILE D 274 -23.90 5.11 6.62
C ILE D 274 -24.20 4.26 7.86
N ASP D 275 -24.98 3.20 7.74
CA ASP D 275 -25.29 2.31 8.86
C ASP D 275 -24.08 1.48 9.33
N GLN D 276 -23.14 1.18 8.44
CA GLN D 276 -21.89 0.50 8.76
C GLN D 276 -20.79 1.46 9.24
N TYR D 277 -20.59 2.58 8.55
CA TYR D 277 -19.44 3.46 8.71
C TYR D 277 -19.76 4.84 9.29
N GLY D 278 -21.02 5.14 9.60
CA GLY D 278 -21.44 6.36 10.31
C GLY D 278 -21.69 7.57 9.42
N THR D 279 -21.80 8.74 10.05
CA THR D 279 -22.02 10.03 9.38
C THR D 279 -20.76 10.87 9.26
N HIS D 280 -19.75 10.63 10.07
CA HIS D 280 -18.52 11.42 10.13
C HIS D 280 -17.29 10.54 10.35
N TYR D 281 -16.12 11.10 10.14
CA TYR D 281 -14.86 10.56 10.62
C TYR D 281 -14.19 11.50 11.61
N LEU D 282 -13.38 10.95 12.50
CA LEU D 282 -12.70 11.68 13.57
C LEU D 282 -11.53 12.47 12.98
N GLN D 283 -11.61 13.79 12.95
CA GLN D 283 -10.50 14.62 12.48
C GLN D 283 -9.41 14.76 13.54
N SER D 284 -9.80 14.83 14.80
CA SER D 284 -8.92 14.88 15.96
C SER D 284 -9.66 14.49 17.21
N GLY D 285 -8.95 14.19 18.28
CA GLY D 285 -9.56 13.83 19.54
C GLY D 285 -8.55 13.42 20.60
N SER D 286 -9.06 13.02 21.76
CA SER D 286 -8.25 12.53 22.87
C SER D 286 -8.61 11.10 23.21
N LEU D 287 -7.62 10.22 23.25
CA LEU D 287 -7.81 8.88 23.79
C LEU D 287 -7.54 8.89 25.29
N GLY D 288 -8.39 8.21 26.02
CA GLY D 288 -8.22 7.98 27.43
C GLY D 288 -9.35 7.15 28.00
N GLY D 289 -9.92 7.57 29.10
CA GLY D 289 -11.02 6.89 29.74
C GLY D 289 -11.90 7.79 30.56
N GLU D 290 -13.02 7.25 30.97
CA GLU D 290 -14.10 7.95 31.64
C GLU D 290 -14.53 7.13 32.82
N TYR D 291 -14.78 7.77 33.95
CA TYR D 291 -15.41 7.15 35.10
C TYR D 291 -16.53 8.06 35.59
N ARG D 292 -17.71 7.49 35.79
CA ARG D 292 -18.88 8.15 36.31
C ARG D 292 -19.44 7.33 37.42
N VAL D 293 -19.87 7.99 38.48
CA VAL D 293 -20.71 7.36 39.50
C VAL D 293 -21.88 8.27 39.73
N LEU D 294 -23.08 7.71 39.71
CA LEU D 294 -24.20 8.23 40.46
C LEU D 294 -24.43 7.24 41.58
N PHE D 295 -24.56 7.74 42.79
CA PHE D 295 -24.94 6.99 43.96
C PHE D 295 -26.03 7.77 44.68
N TYR D 296 -27.02 7.08 45.19
CA TYR D 296 -28.21 7.67 45.73
C TYR D 296 -28.70 6.79 46.87
N VAL D 297 -28.94 7.40 48.01
CA VAL D 297 -29.44 6.76 49.22
C VAL D 297 -30.62 7.56 49.69
N ASP D 298 -31.68 6.88 50.06
CA ASP D 298 -32.93 7.51 50.44
C ASP D 298 -33.57 6.62 51.46
N SER D 299 -33.90 7.15 52.62
CA SER D 299 -34.58 6.41 53.65
C SER D 299 -35.59 7.27 54.38
N GLU D 300 -36.68 6.62 54.75
CA GLU D 300 -37.83 7.17 55.40
C GLU D 300 -38.15 6.26 56.58
N LYS D 301 -38.46 6.83 57.73
CA LYS D 301 -38.99 6.11 58.88
C LYS D 301 -40.19 6.84 59.43
N LEU D 302 -41.17 6.08 59.87
CA LEU D 302 -42.28 6.55 60.66
C LEU D 302 -42.49 5.60 61.84
N LYS D 303 -42.78 6.13 63.02
CA LYS D 303 -43.32 5.38 64.15
C LYS D 303 -44.41 6.19 64.80
N GLN D 304 -45.48 5.54 65.22
CA GLN D 304 -46.67 6.12 65.79
C GLN D 304 -47.10 5.26 66.97
N ASN D 305 -47.46 5.86 68.09
CA ASN D 305 -48.16 5.20 69.18
C ASN D 305 -49.33 6.08 69.62
N ASP D 306 -50.50 5.49 69.82
CA ASP D 306 -51.69 6.15 70.35
C ASP D 306 -52.31 5.30 71.44
N PHE D 307 -52.66 5.95 72.55
CA PHE D 307 -53.16 5.32 73.75
C PHE D 307 -54.38 6.05 74.29
N ASN D 308 -55.37 5.29 74.74
CA ASN D 308 -56.59 5.80 75.32
C ASN D 308 -56.97 4.94 76.52
N SER D 309 -57.48 5.55 77.58
CA SER D 309 -57.83 4.85 78.80
C SER D 309 -58.97 5.52 79.53
N VAL D 310 -59.80 4.70 80.15
CA VAL D 310 -60.96 5.11 80.95
C VAL D 310 -60.94 4.33 82.26
N GLU D 311 -61.24 4.98 83.37
CA GLU D 311 -61.53 4.33 84.65
C GLU D 311 -62.71 5.03 85.35
N GLU D 312 -63.67 4.26 85.85
CA GLU D 312 -64.93 4.72 86.43
C GLU D 312 -65.23 3.99 87.76
N LYS D 313 -65.81 4.67 88.75
CA LYS D 313 -66.25 4.07 90.02
C LYS D 313 -67.55 4.67 90.55
N LYS D 314 -68.36 3.84 91.23
CA LYS D 314 -69.59 4.23 91.95
C LYS D 314 -69.72 3.46 93.27
N CYS D 315 -70.35 4.04 94.28
CA CYS D 315 -70.65 3.43 95.58
C CYS D 315 -71.95 3.99 96.20
N LYS D 316 -72.59 3.23 97.09
CA LYS D 316 -73.74 3.64 97.92
C LYS D 316 -73.75 2.94 99.29
N SER D 317 -74.30 3.58 100.32
CA SER D 317 -74.43 3.01 101.68
C SER D 317 -75.48 3.75 102.53
N SER D 318 -75.93 3.13 103.63
CA SER D 318 -76.97 3.67 104.54
C SER D 318 -76.59 3.44 106.00
N SER D 328 -76.66 -3.31 103.00
CA SER D 328 -77.15 -2.32 102.04
C SER D 328 -76.02 -1.50 101.37
N HIS D 329 -74.77 -1.68 101.80
CA HIS D 329 -73.58 -1.14 101.14
C HIS D 329 -73.36 -1.78 99.75
N GLY D 330 -72.82 -1.03 98.80
CA GLY D 330 -72.34 -1.59 97.54
C GLY D 330 -71.45 -0.65 96.73
N CYS D 331 -70.59 -1.21 95.88
CA CYS D 331 -69.66 -0.48 95.01
C CYS D 331 -69.47 -1.21 93.67
N LYS D 332 -69.09 -0.44 92.64
CA LYS D 332 -68.84 -0.89 91.27
C LYS D 332 -67.66 -0.16 90.67
N GLU D 333 -66.89 -0.83 89.82
CA GLU D 333 -65.72 -0.25 89.13
C GLU D 333 -65.62 -0.76 87.69
N LEU D 334 -65.12 0.06 86.79
CA LEU D 334 -64.82 -0.28 85.40
C LEU D 334 -63.51 0.39 84.98
N GLU D 335 -62.71 -0.29 84.16
CA GLU D 335 -61.50 0.24 83.58
C GLU D 335 -61.29 -0.32 82.18
N ASN D 336 -60.70 0.48 81.30
CA ASN D 336 -60.37 0.14 79.93
C ASN D 336 -59.04 0.79 79.54
N ALA D 337 -58.26 0.10 78.73
CA ALA D 337 -57.14 0.70 78.03
C ALA D 337 -57.10 0.16 76.60
N LEU D 338 -56.61 1.00 75.67
CA LEU D 338 -56.45 0.69 74.25
C LEU D 338 -55.12 1.27 73.79
N LYS D 339 -54.42 0.54 72.94
CA LYS D 339 -53.25 0.99 72.21
C LYS D 339 -53.38 0.61 70.75
N ALA D 340 -52.94 1.50 69.88
CA ALA D 340 -52.55 1.19 68.52
C ALA D 340 -51.16 1.80 68.29
N ALA D 341 -50.28 1.06 67.65
CA ALA D 341 -48.95 1.53 67.29
C ALA D 341 -48.57 0.99 65.92
N SER D 342 -47.86 1.78 65.16
CA SER D 342 -47.51 1.45 63.79
C SER D 342 -46.18 2.07 63.44
N GLY D 343 -45.38 1.42 62.63
CA GLY D 343 -44.24 2.07 62.03
C GLY D 343 -43.88 1.46 60.71
N THR D 344 -43.16 2.24 59.92
CA THR D 344 -42.62 1.80 58.64
C THR D 344 -41.20 2.30 58.47
N GLN D 345 -40.47 1.61 57.62
CA GLN D 345 -39.25 2.06 57.03
C GLN D 345 -39.33 1.81 55.53
N ASN D 346 -38.73 2.70 54.78
CA ASN D 346 -38.30 2.42 53.42
C ASN D 346 -36.85 2.85 53.35
N ASN D 347 -36.02 2.09 52.67
CA ASN D 347 -34.67 2.46 52.35
C ASN D 347 -34.42 2.02 50.91
N VAL D 348 -33.93 2.92 50.07
CA VAL D 348 -33.54 2.64 48.70
C VAL D 348 -32.15 3.18 48.52
N LEU D 349 -31.28 2.32 48.02
CA LEU D 349 -29.90 2.62 47.75
C LEU D 349 -29.70 2.18 46.31
N ARG D 350 -29.27 3.10 45.47
CA ARG D 350 -28.99 2.89 44.06
C ARG D 350 -27.59 3.36 43.77
N GLY D 351 -26.97 2.77 42.78
CA GLY D 351 -25.72 3.26 42.28
C GLY D 351 -25.42 2.69 40.91
N GLU D 352 -24.83 3.49 40.05
CA GLU D 352 -24.57 3.12 38.68
C GLU D 352 -23.19 3.56 38.23
N PRO D 353 -22.11 2.95 38.74
CA PRO D 353 -20.80 3.19 38.20
C PRO D 353 -20.75 2.86 36.71
N PHE D 354 -20.16 3.72 35.92
CA PHE D 354 -19.92 3.48 34.52
C PHE D 354 -18.48 3.85 34.20
N ILE D 355 -17.78 2.99 33.49
CA ILE D 355 -16.40 3.18 33.09
C ILE D 355 -16.26 2.94 31.60
N ARG D 356 -15.42 3.70 30.94
CA ARG D 356 -14.94 3.45 29.58
C ARG D 356 -13.43 3.55 29.55
N GLY D 357 -12.79 2.70 28.78
CA GLY D 357 -11.34 2.56 28.76
C GLY D 357 -10.80 1.70 29.90
N GLY D 358 -9.57 1.26 29.77
CA GLY D 358 -8.89 0.42 30.75
C GLY D 358 -9.10 -1.07 30.52
N GLY D 359 -8.37 -1.89 31.27
CA GLY D 359 -8.41 -3.34 31.15
C GLY D 359 -9.64 -3.92 31.81
N ALA D 360 -10.16 -5.02 31.29
CA ALA D 360 -11.46 -5.55 31.66
C ALA D 360 -11.56 -5.94 33.14
N GLY D 361 -10.48 -6.44 33.73
CA GLY D 361 -10.43 -6.75 35.15
C GLY D 361 -10.44 -5.50 36.01
N PHE D 362 -9.64 -4.50 35.65
CA PHE D 362 -9.64 -3.25 36.37
C PHE D 362 -10.99 -2.55 36.28
N ILE D 363 -11.66 -2.62 35.13
CA ILE D 363 -13.01 -2.10 34.96
C ILE D 363 -13.96 -2.82 35.90
N SER D 364 -13.97 -4.15 35.92
CA SER D 364 -14.94 -4.88 36.73
C SER D 364 -14.65 -4.76 38.22
N GLY D 365 -13.39 -4.58 38.61
CA GLY D 365 -12.99 -4.27 39.98
C GLY D 365 -13.42 -2.87 40.39
N LEU D 366 -13.04 -1.82 39.64
CA LEU D 366 -13.40 -0.44 39.97
C LEU D 366 -14.90 -0.21 39.91
N SER D 367 -15.59 -0.71 38.91
CA SER D 367 -17.04 -0.52 38.82
C SER D 367 -17.81 -1.27 39.90
N TYR D 368 -17.18 -2.18 40.65
CA TYR D 368 -17.88 -2.88 41.70
C TYR D 368 -18.08 -1.97 42.91
N LEU D 369 -19.32 -1.81 43.32
CA LEU D 369 -19.74 -0.75 44.24
C LEU D 369 -19.52 -1.16 45.70
N GLU D 370 -18.51 -0.58 46.35
CA GLU D 370 -18.42 -0.66 47.80
C GLU D 370 -19.45 0.27 48.46
N LEU D 371 -20.48 -0.26 49.11
CA LEU D 371 -21.48 0.55 49.82
C LEU D 371 -20.89 1.37 50.98
N ASP D 372 -19.72 0.98 51.48
CA ASP D 372 -18.95 1.72 52.47
C ASP D 372 -18.09 2.85 51.88
N ASN D 373 -17.86 2.87 50.56
CA ASN D 373 -17.00 3.84 49.88
C ASN D 373 -17.45 4.07 48.44
N PRO D 374 -18.64 4.65 48.18
CA PRO D 374 -19.29 4.49 46.89
C PRO D 374 -18.65 5.26 45.75
N ALA D 375 -17.81 6.25 46.03
CA ALA D 375 -17.00 6.88 44.99
C ALA D 375 -15.96 5.93 44.39
N GLY D 376 -15.57 4.87 45.09
CA GLY D 376 -14.54 3.92 44.69
C GLY D 376 -13.20 4.15 45.38
N ASN D 377 -12.43 3.06 45.53
CA ASN D 377 -11.23 3.00 46.35
C ASN D 377 -9.99 3.50 45.60
N LYS D 378 -9.12 4.25 46.29
CA LYS D 378 -7.90 4.87 45.77
C LYS D 378 -7.01 3.90 44.99
N ARG D 379 -6.84 2.68 45.50
CA ARG D 379 -5.96 1.66 44.91
C ARG D 379 -6.53 1.11 43.61
N ARG D 380 -7.79 0.66 43.63
CA ARG D 380 -8.46 0.08 42.46
C ARG D 380 -8.57 1.10 41.35
N TYR D 381 -9.01 2.31 41.69
CA TYR D 381 -9.09 3.43 40.78
C TYR D 381 -7.72 3.81 40.18
N SER D 382 -6.65 3.83 40.95
CA SER D 382 -5.32 4.08 40.39
C SER D 382 -4.87 2.95 39.45
N ALA D 383 -5.16 1.69 39.78
CA ALA D 383 -4.91 0.58 38.89
C ALA D 383 -5.65 0.72 37.55
N TRP D 384 -6.94 1.10 37.58
CA TRP D 384 -7.69 1.43 36.37
C TRP D 384 -7.02 2.54 35.57
N ALA D 385 -6.64 3.65 36.18
CA ALA D 385 -5.88 4.71 35.56
C ALA D 385 -4.52 4.26 35.00
N GLU D 386 -3.88 3.23 35.52
CA GLU D 386 -2.72 2.64 34.87
C GLU D 386 -3.15 1.91 33.59
N SER D 387 -4.17 1.06 33.67
CA SER D 387 -4.58 0.20 32.56
C SER D 387 -5.11 0.98 31.36
N VAL D 388 -5.74 2.14 31.59
CA VAL D 388 -6.21 3.00 30.52
C VAL D 388 -5.07 3.55 29.69
N THR D 389 -3.83 3.57 30.17
CA THR D 389 -2.69 3.94 29.33
C THR D 389 -2.44 2.93 28.21
N ASN D 390 -2.92 1.69 28.35
CA ASN D 390 -2.74 0.59 27.40
C ASN D 390 -4.03 0.13 26.71
N LEU D 391 -5.21 0.40 27.28
CA LEU D 391 -6.49 0.15 26.61
C LEU D 391 -7.40 1.38 26.60
N PRO D 392 -7.00 2.50 26.00
CA PRO D 392 -7.82 3.68 25.97
C PRO D 392 -8.93 3.61 24.92
N GLN D 393 -9.92 4.48 25.06
CA GLN D 393 -10.98 4.73 24.10
C GLN D 393 -11.00 6.21 23.71
N VAL D 394 -11.54 6.57 22.55
CA VAL D 394 -11.72 7.99 22.19
C VAL D 394 -12.79 8.58 23.10
N ILE D 395 -12.49 9.67 23.82
CA ILE D 395 -13.44 10.28 24.77
C ILE D 395 -13.82 11.73 24.43
N LYS D 396 -13.05 12.40 23.59
CA LYS D 396 -13.38 13.71 22.98
C LYS D 396 -12.98 13.66 21.52
N GLN D 397 -13.76 14.25 20.62
CA GLN D 397 -13.50 14.21 19.18
C GLN D 397 -14.04 15.42 18.43
N LYS D 398 -13.36 15.81 17.36
CA LYS D 398 -13.83 16.75 16.34
C LYS D 398 -14.10 16.00 15.04
N LEU D 399 -15.22 16.26 14.39
CA LEU D 399 -15.78 15.46 13.31
C LEU D 399 -15.70 16.15 11.95
N THR D 400 -15.32 15.41 10.91
CA THR D 400 -15.42 15.81 9.49
C THR D 400 -16.48 14.93 8.82
N PRO D 401 -17.40 15.44 7.99
CA PRO D 401 -18.46 14.63 7.40
C PRO D 401 -17.92 13.49 6.54
N LEU D 402 -18.59 12.33 6.53
CA LEU D 402 -18.04 11.12 5.90
C LEU D 402 -17.87 11.25 4.39
N TYR D 403 -18.67 12.08 3.72
CA TYR D 403 -18.52 12.32 2.29
C TYR D 403 -17.15 12.87 1.92
N GLU D 404 -16.42 13.51 2.84
CA GLU D 404 -15.15 14.14 2.54
C GLU D 404 -14.05 13.12 2.22
N LEU D 405 -14.25 11.85 2.57
CA LEU D 405 -13.30 10.77 2.30
C LEU D 405 -13.48 10.06 0.97
N VAL D 406 -14.56 10.29 0.22
CA VAL D 406 -14.77 9.64 -1.07
C VAL D 406 -13.69 10.08 -2.04
N LYS D 407 -12.78 9.17 -2.35
CA LYS D 407 -11.55 9.37 -3.10
C LYS D 407 -11.20 8.09 -3.84
N GLU D 408 -10.46 8.19 -4.93
CA GLU D 408 -9.76 7.06 -5.55
C GLU D 408 -10.66 5.88 -5.95
N VAL D 409 -11.89 6.18 -6.39
CA VAL D 409 -12.85 5.24 -6.95
C VAL D 409 -13.41 5.79 -8.28
N PRO D 410 -13.94 4.94 -9.17
CA PRO D 410 -14.76 5.38 -10.30
C PRO D 410 -15.92 6.26 -9.83
N CYS D 411 -16.20 7.35 -10.56
CA CYS D 411 -17.25 8.31 -10.23
C CYS D 411 -17.06 9.03 -8.87
N ALA D 412 -15.84 9.16 -8.33
CA ALA D 412 -15.62 9.70 -6.99
C ALA D 412 -16.30 11.05 -6.77
N SER D 413 -16.12 11.99 -7.69
CA SER D 413 -16.71 13.34 -7.62
C SER D 413 -18.23 13.32 -7.50
N VAL D 414 -18.91 12.41 -8.20
CA VAL D 414 -20.37 12.30 -8.17
C VAL D 414 -20.85 11.52 -6.97
N LYS D 415 -20.12 10.46 -6.60
CA LYS D 415 -20.41 9.67 -5.41
C LYS D 415 -20.30 10.51 -4.14
N LYS D 416 -19.38 11.47 -4.10
CA LYS D 416 -19.21 12.42 -3.01
C LYS D 416 -20.47 13.24 -2.79
N LEU D 417 -21.03 13.82 -3.84
CA LEU D 417 -22.24 14.61 -3.73
C LEU D 417 -23.45 13.75 -3.37
N TYR D 418 -23.57 12.53 -3.91
CA TYR D 418 -24.71 11.66 -3.57
C TYR D 418 -24.61 11.11 -2.13
N LEU D 419 -23.40 10.85 -1.61
CA LEU D 419 -23.22 10.55 -0.19
C LEU D 419 -23.56 11.76 0.67
N LYS D 420 -23.19 12.98 0.27
CA LYS D 420 -23.62 14.20 0.95
C LYS D 420 -25.15 14.30 1.04
N TRP D 421 -25.88 14.07 -0.04
CA TRP D 421 -27.33 14.15 -0.01
C TRP D 421 -27.93 12.99 0.80
N ALA D 422 -27.33 11.82 0.76
CA ALA D 422 -27.78 10.70 1.56
C ALA D 422 -27.54 10.93 3.04
N LEU D 423 -26.47 11.64 3.43
CA LEU D 423 -26.27 12.06 4.80
C LEU D 423 -27.38 13.01 5.21
N GLU D 424 -27.72 14.00 4.39
CA GLU D 424 -28.85 14.87 4.69
C GLU D 424 -30.16 14.09 4.77
N GLU D 425 -30.39 13.10 3.91
CA GLU D 425 -31.58 12.25 4.01
C GLU D 425 -31.56 11.34 5.25
N TYR D 426 -30.41 10.79 5.65
CA TYR D 426 -30.28 10.01 6.86
C TYR D 426 -30.51 10.86 8.10
N LEU D 427 -29.90 12.04 8.15
CA LEU D 427 -30.13 12.99 9.21
C LEU D 427 -31.62 13.32 9.27
N ASP D 428 -32.26 13.61 8.15
CA ASP D 428 -33.70 13.84 8.13
C ASP D 428 -34.52 12.61 8.56
N GLU D 429 -34.05 11.38 8.39
CA GLU D 429 -34.76 10.19 8.85
C GLU D 429 -34.63 9.94 10.35
N PHE D 430 -33.47 10.24 10.94
CA PHE D 430 -33.16 9.91 12.33
C PHE D 430 -33.14 11.11 13.29
N ASP D 431 -33.21 12.36 12.80
CA ASP D 431 -33.27 13.58 13.63
C ASP D 431 -34.41 13.48 14.66
N PRO D 432 -34.15 13.72 15.95
CA PRO D 432 -35.11 13.45 17.00
C PRO D 432 -36.39 14.27 16.90
N CYS D 433 -36.43 15.31 16.05
CA CYS D 433 -37.62 16.12 15.79
C CYS D 433 -38.86 15.29 15.44
N HIS D 434 -38.71 14.06 14.94
CA HIS D 434 -39.82 13.17 14.64
C HIS D 434 -40.53 12.65 15.89
N CYS D 435 -39.93 12.81 17.06
CA CYS D 435 -40.46 12.29 18.31
C CYS D 435 -41.13 13.40 19.11
N ARG D 436 -42.44 13.26 19.38
CA ARG D 436 -43.20 14.02 20.37
C ARG D 436 -42.49 13.89 21.74
N PRO D 437 -41.84 14.91 22.29
CA PRO D 437 -40.82 14.66 23.30
C PRO D 437 -41.31 14.10 24.62
N CYS D 438 -40.36 13.52 25.35
CA CYS D 438 -40.55 12.85 26.62
C CYS D 438 -40.74 13.88 27.74
N GLN D 439 -41.44 13.49 28.81
CA GLN D 439 -41.51 14.26 30.03
C GLN D 439 -40.17 14.23 30.78
N ASN D 440 -40.06 15.00 31.86
CA ASN D 440 -38.98 14.94 32.84
C ASN D 440 -37.56 15.01 32.26
N GLY D 441 -37.37 15.81 31.21
CA GLY D 441 -36.05 16.13 30.69
C GLY D 441 -35.43 15.05 29.81
N GLY D 442 -36.14 13.97 29.52
CA GLY D 442 -35.64 12.90 28.66
C GLY D 442 -35.45 13.34 27.21
N LEU D 443 -34.29 13.06 26.64
CA LEU D 443 -34.11 13.08 25.20
C LEU D 443 -34.82 11.88 24.54
N ALA D 444 -34.95 11.91 23.22
CA ALA D 444 -35.49 10.82 22.42
C ALA D 444 -34.52 10.44 21.29
N THR D 445 -34.55 9.19 20.84
CA THR D 445 -33.83 8.74 19.65
C THR D 445 -34.76 8.00 18.69
N VAL D 446 -34.52 8.13 17.39
CA VAL D 446 -35.17 7.31 16.37
C VAL D 446 -34.51 5.95 16.31
N GLU D 447 -35.23 4.92 16.73
CA GLU D 447 -34.89 3.50 16.59
C GLU D 447 -35.47 2.98 15.27
N GLY D 448 -34.91 3.43 14.15
CA GLY D 448 -35.33 3.08 12.78
C GLY D 448 -36.66 3.70 12.33
N THR D 449 -37.77 3.25 12.92
CA THR D 449 -39.16 3.67 12.58
C THR D 449 -39.94 4.17 13.79
N HIS D 450 -39.24 4.39 14.91
CA HIS D 450 -39.78 4.29 16.27
C HIS D 450 -39.09 5.30 17.17
N CYS D 451 -39.72 5.81 18.22
CA CYS D 451 -39.10 6.72 19.18
C CYS D 451 -38.91 6.08 20.56
N LEU D 452 -37.69 6.08 21.06
CA LEU D 452 -37.36 5.64 22.42
C LEU D 452 -36.94 6.83 23.28
N CYS D 453 -37.51 6.97 24.48
CA CYS D 453 -37.07 7.96 25.46
C CYS D 453 -35.86 7.48 26.28
N HIS D 454 -34.88 8.35 26.49
CA HIS D 454 -33.72 8.12 27.34
C HIS D 454 -33.91 8.76 28.72
N CYS D 455 -34.75 8.16 29.57
CA CYS D 455 -35.19 8.80 30.80
C CYS D 455 -34.01 9.08 31.75
N LYS D 456 -33.94 10.32 32.24
CA LYS D 456 -32.92 10.77 33.21
C LYS D 456 -33.12 10.10 34.58
N PRO D 457 -32.08 10.06 35.44
CA PRO D 457 -32.00 9.12 36.54
C PRO D 457 -33.23 9.02 37.43
N TYR D 458 -33.65 7.76 37.62
CA TYR D 458 -34.67 7.32 38.58
C TYR D 458 -36.11 7.73 38.27
N THR D 459 -36.26 8.38 37.12
CA THR D 459 -37.50 8.55 36.37
C THR D 459 -37.58 7.48 35.27
N PHE D 460 -38.76 6.92 35.02
CA PHE D 460 -38.94 5.76 34.12
C PHE D 460 -40.32 5.73 33.45
N GLY D 461 -40.61 4.67 32.69
CA GLY D 461 -41.82 4.51 31.89
C GLY D 461 -41.67 5.07 30.47
N ALA D 462 -42.59 4.73 29.58
CA ALA D 462 -42.47 4.99 28.14
C ALA D 462 -42.34 6.49 27.80
N ALA D 463 -43.09 7.36 28.48
CA ALA D 463 -43.04 8.80 28.33
C ALA D 463 -42.13 9.51 29.36
N CYS D 464 -41.38 8.75 30.17
CA CYS D 464 -40.70 9.22 31.38
C CYS D 464 -41.64 9.86 32.42
N GLU D 465 -42.88 9.40 32.52
CA GLU D 465 -43.85 9.94 33.48
C GLU D 465 -43.68 9.39 34.91
N GLN D 466 -43.14 8.18 35.09
CA GLN D 466 -43.02 7.52 36.38
C GLN D 466 -41.73 7.89 37.13
N GLY D 467 -41.71 7.72 38.45
CA GLY D 467 -40.50 7.93 39.27
C GLY D 467 -40.21 9.40 39.59
N VAL D 468 -38.97 9.71 39.96
CA VAL D 468 -38.52 11.05 40.38
C VAL D 468 -37.13 11.38 39.87
N LEU D 469 -36.84 12.64 39.58
CA LEU D 469 -35.51 13.08 39.16
C LEU D 469 -34.56 13.27 40.35
N VAL D 470 -33.28 13.48 40.05
CA VAL D 470 -32.19 13.69 41.00
C VAL D 470 -31.27 14.80 40.48
N GLY D 471 -30.70 15.61 41.37
CA GLY D 471 -29.75 16.67 41.04
C GLY D 471 -30.40 18.01 40.66
N ASN D 472 -29.57 18.97 40.22
CA ASN D 472 -29.99 20.33 39.89
C ASN D 472 -30.90 20.38 38.65
N GLN D 473 -32.02 21.11 38.75
CA GLN D 473 -33.03 21.26 37.71
C GLN D 473 -33.46 22.73 37.57
N ALA D 474 -33.65 23.20 36.33
CA ALA D 474 -34.18 24.54 36.04
C ALA D 474 -35.72 24.62 36.08
N GLY D 475 -36.42 23.49 36.05
CA GLY D 475 -37.88 23.42 36.01
C GLY D 475 -38.50 23.81 34.66
N GLY D 476 -39.82 23.67 34.55
CA GLY D 476 -40.57 23.90 33.31
C GLY D 476 -40.35 22.81 32.25
N VAL D 477 -40.89 23.04 31.05
CA VAL D 477 -40.71 22.19 29.87
C VAL D 477 -39.94 22.97 28.83
N ASP D 478 -38.76 22.48 28.48
CA ASP D 478 -37.89 23.12 27.50
C ASP D 478 -38.42 22.92 26.08
N GLY D 479 -38.22 23.91 25.21
CA GLY D 479 -38.80 23.96 23.87
C GLY D 479 -38.15 22.96 22.92
N GLY D 480 -38.94 22.06 22.36
CA GLY D 480 -38.48 21.12 21.35
C GLY D 480 -38.90 21.55 19.95
N TRP D 481 -37.98 21.44 18.99
CA TRP D 481 -38.27 21.73 17.60
C TRP D 481 -39.27 20.72 17.01
N SER D 482 -40.11 21.19 16.09
CA SER D 482 -40.69 20.34 15.04
C SER D 482 -39.73 20.29 13.86
N CYS D 483 -39.79 19.25 13.03
CA CYS D 483 -38.87 19.04 11.92
C CYS D 483 -38.93 20.17 10.90
N TRP D 484 -37.87 20.37 10.13
CA TRP D 484 -37.88 21.31 9.02
C TRP D 484 -39.09 21.12 8.09
N SER D 485 -39.69 22.23 7.66
CA SER D 485 -40.59 22.26 6.51
C SER D 485 -39.83 21.94 5.22
N SER D 486 -40.48 21.34 4.22
CA SER D 486 -39.82 20.89 2.99
C SER D 486 -39.19 22.04 2.18
N TRP D 487 -38.00 21.84 1.62
CA TRP D 487 -37.15 22.92 1.09
C TRP D 487 -37.82 23.67 -0.08
N SER D 488 -37.86 25.01 -0.02
CA SER D 488 -38.45 25.87 -1.07
C SER D 488 -37.64 25.86 -2.38
N PRO D 489 -38.29 25.83 -3.57
CA PRO D 489 -37.64 25.41 -4.82
C PRO D 489 -36.79 26.48 -5.52
N CYS D 490 -35.61 26.78 -4.96
CA CYS D 490 -34.53 27.57 -5.58
C CYS D 490 -34.92 28.95 -6.16
N VAL D 491 -35.98 29.58 -5.66
CA VAL D 491 -36.39 30.94 -6.05
C VAL D 491 -35.24 31.94 -5.86
N GLN D 492 -34.93 32.71 -6.90
CA GLN D 492 -33.77 33.62 -6.96
C GLN D 492 -32.41 32.94 -6.70
N GLY D 493 -32.28 31.64 -7.01
CA GLY D 493 -31.03 30.88 -6.93
C GLY D 493 -30.73 30.25 -5.56
N LYS D 494 -31.60 30.42 -4.55
CA LYS D 494 -31.42 29.86 -3.20
C LYS D 494 -32.69 29.17 -2.68
N LYS D 495 -32.53 28.03 -2.01
CA LYS D 495 -33.60 27.36 -1.26
C LYS D 495 -33.81 28.08 0.07
N THR D 496 -34.96 27.89 0.70
CA THR D 496 -35.23 28.31 2.09
C THR D 496 -36.08 27.27 2.82
N ARG D 497 -35.93 27.13 4.14
CA ARG D 497 -36.80 26.28 4.99
C ARG D 497 -36.94 26.84 6.41
N SER D 498 -38.02 26.46 7.09
CA SER D 498 -38.42 27.00 8.40
C SER D 498 -38.83 25.89 9.38
N ARG D 499 -38.55 26.09 10.68
CA ARG D 499 -38.87 25.16 11.78
C ARG D 499 -39.67 25.86 12.89
N GLU D 500 -40.67 25.21 13.47
CA GLU D 500 -41.76 25.92 14.18
C GLU D 500 -41.64 26.04 15.72
N CYS D 501 -40.65 25.41 16.36
CA CYS D 501 -40.39 25.48 17.82
C CYS D 501 -41.59 25.09 18.71
N ASN D 502 -42.46 24.19 18.27
CA ASN D 502 -43.77 23.93 18.85
C ASN D 502 -43.99 22.46 19.28
N ASN D 503 -42.92 21.73 19.60
CA ASN D 503 -42.94 20.29 19.83
C ASN D 503 -41.97 19.87 20.95
N PRO D 504 -42.29 20.11 22.24
CA PRO D 504 -43.37 20.97 22.73
C PRO D 504 -42.97 22.44 22.63
N PRO D 505 -43.93 23.38 22.69
CA PRO D 505 -43.59 24.78 22.89
C PRO D 505 -42.92 24.98 24.25
N PRO D 506 -41.88 25.83 24.38
CA PRO D 506 -41.29 26.11 25.68
C PRO D 506 -42.36 26.66 26.62
N SER D 507 -42.50 26.02 27.77
CA SER D 507 -43.65 26.17 28.66
C SER D 507 -43.23 26.12 30.12
N GLY D 508 -44.01 26.70 31.02
CA GLY D 508 -43.77 26.65 32.46
C GLY D 508 -42.43 27.24 32.90
N GLY D 509 -41.79 28.04 32.04
CA GLY D 509 -40.49 28.67 32.29
C GLY D 509 -39.28 27.96 31.70
N GLY D 510 -39.46 26.81 31.04
CA GLY D 510 -38.36 26.06 30.44
C GLY D 510 -37.64 26.84 29.34
N ARG D 511 -36.39 26.48 29.03
CA ARG D 511 -35.57 27.21 28.05
C ARG D 511 -36.03 26.95 26.63
N SER D 512 -35.97 27.96 25.77
CA SER D 512 -36.49 27.89 24.40
C SER D 512 -35.62 26.98 23.51
N CYS D 513 -36.15 26.57 22.36
CA CYS D 513 -35.41 25.79 21.39
C CYS D 513 -34.15 26.55 20.93
N VAL D 514 -33.05 25.84 20.72
CA VAL D 514 -31.76 26.44 20.35
C VAL D 514 -31.44 26.16 18.88
N GLY D 515 -31.06 27.20 18.15
CA GLY D 515 -30.91 27.18 16.69
C GLY D 515 -31.70 28.27 15.99
N GLU D 516 -31.33 28.57 14.75
CA GLU D 516 -32.03 29.53 13.92
C GLU D 516 -33.37 28.97 13.44
N THR D 517 -34.42 29.79 13.45
CA THR D 517 -35.78 29.36 13.04
C THR D 517 -35.88 29.09 11.54
N THR D 518 -34.95 29.59 10.73
CA THR D 518 -34.93 29.44 9.27
C THR D 518 -33.52 29.26 8.73
N GLU D 519 -33.40 28.66 7.54
CA GLU D 519 -32.15 28.41 6.82
C GLU D 519 -32.28 28.73 5.33
N SER D 520 -31.18 29.04 4.66
CA SER D 520 -31.13 29.19 3.20
C SER D 520 -29.79 28.79 2.59
N THR D 521 -29.80 28.24 1.37
CA THR D 521 -28.62 27.63 0.72
C THR D 521 -28.64 27.78 -0.79
N GLN D 522 -27.48 27.73 -1.44
CA GLN D 522 -27.36 27.68 -2.90
C GLN D 522 -27.99 26.42 -3.53
N CYS D 523 -28.37 26.48 -4.81
CA CYS D 523 -29.01 25.38 -5.54
C CYS D 523 -27.99 24.34 -6.10
N GLU D 524 -28.48 23.32 -6.81
CA GLU D 524 -27.73 22.11 -7.21
C GLU D 524 -27.20 22.10 -8.65
N ASP D 525 -27.33 23.19 -9.41
CA ASP D 525 -26.89 23.27 -10.80
C ASP D 525 -25.38 23.00 -10.99
N GLU D 526 -24.56 23.35 -10.02
CA GLU D 526 -23.13 23.03 -9.98
C GLU D 526 -22.83 21.53 -10.11
N GLU D 527 -23.63 20.65 -9.50
CA GLU D 527 -23.45 19.21 -9.63
C GLU D 527 -23.77 18.76 -11.05
N LEU D 528 -24.96 19.16 -11.51
CA LEU D 528 -25.58 18.71 -12.75
C LEU D 528 -24.73 19.12 -13.95
N GLU D 529 -24.34 20.39 -14.02
CA GLU D 529 -23.59 20.86 -15.15
C GLU D 529 -22.12 20.46 -15.05
N HIS D 530 -21.48 20.74 -13.92
CA HIS D 530 -20.05 20.66 -13.91
C HIS D 530 -19.55 19.23 -13.92
N LEU D 531 -20.15 18.37 -13.11
CA LEU D 531 -19.75 16.98 -13.09
C LEU D 531 -20.14 16.25 -14.37
N ARG D 532 -21.22 16.60 -15.07
CA ARG D 532 -21.51 15.95 -16.36
C ARG D 532 -20.53 16.37 -17.44
N LEU D 533 -19.98 17.59 -17.39
CA LEU D 533 -18.91 17.98 -18.29
C LEU D 533 -17.63 17.20 -17.97
N LEU D 534 -17.27 17.09 -16.69
CA LEU D 534 -16.00 16.50 -16.27
C LEU D 534 -16.00 14.97 -16.30
N GLU D 535 -17.10 14.36 -15.92
CA GLU D 535 -17.26 12.93 -15.65
C GLU D 535 -18.37 12.35 -16.55
N PRO D 536 -18.31 12.50 -17.87
CA PRO D 536 -19.48 12.31 -18.72
C PRO D 536 -20.08 10.92 -18.60
N HIS D 537 -19.25 9.89 -18.54
CA HIS D 537 -19.67 8.50 -18.44
C HIS D 537 -20.40 8.20 -17.13
N CYS D 538 -20.39 9.11 -16.16
CA CYS D 538 -21.11 8.90 -14.91
C CYS D 538 -22.62 9.15 -15.04
N PHE D 539 -23.10 9.57 -16.21
CA PHE D 539 -24.48 10.00 -16.45
C PHE D 539 -25.09 9.35 -17.70
N PRO D 540 -26.40 9.43 -17.93
CA PRO D 540 -26.98 9.04 -19.21
C PRO D 540 -26.41 9.91 -20.33
N LEU D 541 -26.10 9.33 -21.48
CA LEU D 541 -25.38 10.02 -22.55
C LEU D 541 -26.10 9.96 -23.89
N SER D 542 -26.15 11.10 -24.56
CA SER D 542 -26.47 11.24 -25.99
C SER D 542 -25.15 11.39 -26.74
N LEU D 543 -24.46 10.28 -26.97
CA LEU D 543 -23.25 10.30 -27.81
C LEU D 543 -23.61 10.61 -29.27
N VAL D 544 -24.81 10.22 -29.71
CA VAL D 544 -25.39 10.67 -30.98
C VAL D 544 -25.55 12.19 -31.01
N PRO D 545 -25.12 12.88 -32.08
CA PRO D 545 -25.33 14.32 -32.22
C PRO D 545 -26.81 14.68 -32.41
N THR D 546 -27.19 15.90 -32.02
CA THR D 546 -28.57 16.40 -32.15
C THR D 546 -28.62 17.78 -32.85
N GLU D 547 -27.49 18.27 -33.34
CA GLU D 547 -27.37 19.46 -34.18
C GLU D 547 -26.40 19.17 -35.34
N PHE D 548 -26.76 19.64 -36.53
CA PHE D 548 -26.07 19.37 -37.78
C PHE D 548 -26.07 20.60 -38.67
N CYS D 549 -25.04 20.78 -39.50
CA CYS D 549 -25.09 21.75 -40.58
C CYS D 549 -26.01 21.29 -41.74
N PRO D 550 -26.43 22.20 -42.64
CA PRO D 550 -26.80 21.80 -43.99
C PRO D 550 -25.61 21.16 -44.70
N SER D 551 -25.87 20.38 -45.75
CA SER D 551 -24.82 19.74 -46.56
C SER D 551 -23.78 20.76 -47.05
N PRO D 552 -22.48 20.43 -47.07
CA PRO D 552 -21.42 21.36 -47.45
C PRO D 552 -21.58 21.83 -48.91
N PRO D 553 -21.20 23.09 -49.23
CA PRO D 553 -21.34 23.64 -50.56
C PRO D 553 -20.40 22.95 -51.57
N ALA D 554 -20.75 23.02 -52.85
CA ALA D 554 -19.90 22.54 -53.95
C ALA D 554 -18.74 23.51 -54.28
N LEU D 555 -17.82 23.06 -55.12
CA LEU D 555 -16.83 23.88 -55.82
C LEU D 555 -16.92 23.66 -57.33
N LYS D 556 -16.56 24.68 -58.12
CA LYS D 556 -16.24 24.48 -59.54
C LYS D 556 -15.01 23.58 -59.65
N ASP D 557 -15.12 22.50 -60.41
CA ASP D 557 -14.02 21.56 -60.69
C ASP D 557 -13.40 20.91 -59.45
N GLY D 558 -14.17 20.77 -58.36
CA GLY D 558 -13.74 20.12 -57.12
C GLY D 558 -14.90 19.57 -56.28
N PHE D 559 -14.58 18.79 -55.25
CA PHE D 559 -15.55 18.05 -54.44
C PHE D 559 -15.07 17.88 -53.00
N VAL D 560 -15.97 17.55 -52.08
CA VAL D 560 -15.60 17.19 -50.71
C VAL D 560 -14.97 15.80 -50.72
N GLN D 561 -13.75 15.66 -50.19
CA GLN D 561 -12.95 14.43 -50.23
C GLN D 561 -13.53 13.27 -49.40
N ASP D 562 -14.51 13.54 -48.54
CA ASP D 562 -15.28 12.59 -47.75
C ASP D 562 -16.76 12.98 -47.78
N GLU D 563 -17.66 12.06 -47.48
CA GLU D 563 -19.10 12.29 -47.59
C GLU D 563 -19.89 11.50 -46.54
N GLY D 564 -21.09 11.96 -46.19
CA GLY D 564 -21.99 11.27 -45.29
C GLY D 564 -23.44 11.70 -45.47
N THR D 565 -24.37 10.98 -44.82
CA THR D 565 -25.80 11.34 -44.83
C THR D 565 -26.09 12.60 -43.99
N MET D 566 -25.26 12.86 -42.96
CA MET D 566 -25.38 13.99 -42.05
C MET D 566 -24.00 14.54 -41.65
N PHE D 567 -23.95 15.81 -41.26
CA PHE D 567 -22.72 16.53 -40.90
C PHE D 567 -22.89 17.25 -39.54
N PRO D 568 -22.51 16.62 -38.42
CA PRO D 568 -22.64 17.16 -37.08
C PRO D 568 -21.90 18.48 -36.83
N VAL D 569 -22.39 19.26 -35.86
CA VAL D 569 -21.71 20.47 -35.38
C VAL D 569 -20.27 20.16 -34.97
N GLY D 570 -19.34 21.01 -35.38
CA GLY D 570 -17.93 20.86 -35.13
C GLY D 570 -17.20 19.96 -36.12
N LYS D 571 -17.90 19.24 -37.00
CA LYS D 571 -17.22 18.32 -37.94
C LYS D 571 -16.41 19.08 -38.97
N ASN D 572 -15.20 18.62 -39.22
CA ASN D 572 -14.42 19.05 -40.37
C ASN D 572 -14.73 18.20 -41.59
N VAL D 573 -14.66 18.83 -42.76
CA VAL D 573 -14.56 18.19 -44.07
C VAL D 573 -13.51 18.93 -44.88
N VAL D 574 -12.95 18.30 -45.90
CA VAL D 574 -11.84 18.85 -46.70
C VAL D 574 -12.14 18.77 -48.19
N TYR D 575 -11.82 19.82 -48.95
CA TYR D 575 -12.06 19.90 -50.38
C TYR D 575 -10.84 19.48 -51.18
N THR D 576 -11.03 18.74 -52.26
CA THR D 576 -9.98 18.40 -53.23
C THR D 576 -10.49 18.61 -54.64
N CYS D 577 -9.65 19.15 -55.51
CA CYS D 577 -10.05 19.37 -56.89
C CYS D 577 -10.08 18.05 -57.68
N ASN D 578 -10.86 18.00 -58.75
CA ASN D 578 -10.81 16.89 -59.70
C ASN D 578 -9.45 16.83 -60.40
N GLU D 579 -9.19 15.74 -61.12
CA GLU D 579 -7.92 15.52 -61.82
C GLU D 579 -7.55 16.71 -62.71
N GLY D 580 -6.26 17.06 -62.75
CA GLY D 580 -5.78 18.22 -63.50
C GLY D 580 -6.09 19.58 -62.88
N TYR D 581 -6.56 19.65 -61.64
CA TYR D 581 -6.79 20.89 -60.91
C TYR D 581 -6.16 20.87 -59.50
N SER D 582 -5.75 22.05 -59.03
CA SER D 582 -5.02 22.29 -57.78
C SER D 582 -5.78 23.29 -56.91
N LEU D 583 -6.03 22.94 -55.64
CA LEU D 583 -6.82 23.78 -54.75
C LEU D 583 -5.92 24.83 -54.09
N ILE D 584 -6.00 26.07 -54.56
CA ILE D 584 -5.34 27.21 -53.93
C ILE D 584 -6.19 27.72 -52.76
N GLY D 585 -5.55 28.21 -51.69
CA GLY D 585 -6.20 28.51 -50.40
C GLY D 585 -6.34 27.27 -49.50
N ASN D 586 -6.62 27.47 -48.21
CA ASN D 586 -6.67 26.40 -47.21
C ASN D 586 -7.88 25.46 -47.42
N PRO D 587 -7.68 24.15 -47.70
CA PRO D 587 -8.74 23.21 -48.04
C PRO D 587 -9.80 22.90 -46.99
N VAL D 588 -9.74 23.49 -45.81
CA VAL D 588 -10.38 22.94 -44.61
C VAL D 588 -11.66 23.69 -44.30
N ALA D 589 -12.74 22.97 -44.04
CA ALA D 589 -14.03 23.56 -43.73
C ALA D 589 -14.66 22.91 -42.51
N ARG D 590 -15.21 23.71 -41.59
CA ARG D 590 -15.77 23.24 -40.31
C ARG D 590 -17.20 23.69 -40.16
N CYS D 591 -18.07 22.77 -39.79
CA CYS D 591 -19.42 23.11 -39.38
C CYS D 591 -19.38 23.86 -38.05
N GLY D 592 -19.56 25.19 -38.05
CA GLY D 592 -19.55 25.99 -36.83
C GLY D 592 -20.81 25.83 -36.00
N GLU D 593 -20.77 26.27 -34.73
CA GLU D 593 -21.95 26.28 -33.83
C GLU D 593 -23.06 27.23 -34.34
N ASP D 594 -22.73 28.13 -35.26
CA ASP D 594 -23.68 28.92 -36.06
C ASP D 594 -24.56 28.08 -37.01
N LEU D 595 -24.33 26.77 -37.07
CA LEU D 595 -24.93 25.83 -38.03
C LEU D 595 -24.61 26.21 -39.48
N ARG D 596 -23.43 26.76 -39.74
CA ARG D 596 -22.91 27.03 -41.07
C ARG D 596 -21.40 26.84 -41.17
N TRP D 597 -20.94 26.49 -42.36
CA TRP D 597 -19.56 26.14 -42.63
C TRP D 597 -18.65 27.36 -42.61
N LEU D 598 -17.70 27.40 -41.68
CA LEU D 598 -16.51 28.22 -41.84
C LEU D 598 -15.72 27.67 -43.03
N VAL D 599 -15.22 28.56 -43.89
CA VAL D 599 -14.48 28.21 -45.12
C VAL D 599 -13.41 29.25 -45.43
N GLY D 600 -12.45 28.90 -46.29
CA GLY D 600 -11.24 29.69 -46.56
C GLY D 600 -11.19 30.46 -47.89
N GLU D 601 -12.30 30.56 -48.62
CA GLU D 601 -12.36 31.17 -49.97
C GLU D 601 -11.42 30.49 -50.99
N MET D 602 -11.40 29.16 -50.93
CA MET D 602 -10.60 28.24 -51.75
C MET D 602 -11.00 28.24 -53.24
N HIS D 603 -10.03 27.97 -54.11
CA HIS D 603 -10.12 28.12 -55.58
C HIS D 603 -9.43 26.99 -56.35
N CYS D 604 -10.17 26.19 -57.14
CA CYS D 604 -9.57 25.17 -58.01
C CYS D 604 -8.96 25.77 -59.28
N GLN D 605 -7.64 25.92 -59.30
CA GLN D 605 -6.91 26.35 -60.48
C GLN D 605 -6.62 25.15 -61.39
N LYS D 606 -6.77 25.27 -62.71
CA LYS D 606 -6.37 24.21 -63.63
C LYS D 606 -4.85 24.09 -63.74
N ILE D 607 -4.37 22.87 -63.67
CA ILE D 607 -2.96 22.50 -63.78
C ILE D 607 -2.58 22.62 -65.26
N ALA D 608 -2.41 23.85 -65.71
CA ALA D 608 -1.80 24.17 -66.97
C ALA D 608 -1.19 25.56 -66.88
N CYS D 609 -0.07 25.78 -67.55
CA CYS D 609 0.44 27.11 -67.73
C CYS D 609 -0.51 27.92 -68.62
N VAL D 610 -0.87 29.14 -68.23
CA VAL D 610 -1.37 30.16 -69.17
C VAL D 610 -0.20 30.84 -69.85
N LEU D 611 -0.37 31.30 -71.08
CA LEU D 611 0.66 32.11 -71.71
C LEU D 611 0.84 33.38 -70.85
N PRO D 612 2.07 33.79 -70.55
CA PRO D 612 2.31 35.03 -69.81
C PRO D 612 2.01 36.24 -70.70
N VAL D 613 2.00 37.43 -70.13
CA VAL D 613 1.96 38.65 -70.93
C VAL D 613 3.15 38.66 -71.89
N LEU D 614 2.89 38.80 -73.18
CA LEU D 614 3.92 38.69 -74.21
C LEU D 614 4.99 39.74 -73.95
N MET D 615 6.26 39.33 -73.93
CA MET D 615 7.36 40.18 -73.44
C MET D 615 7.56 41.44 -74.28
N ASP D 616 7.29 41.34 -75.58
CA ASP D 616 7.31 42.46 -76.55
C ASP D 616 6.38 42.17 -77.75
N GLY D 617 5.20 41.59 -77.50
CA GLY D 617 4.24 41.20 -78.54
C GLY D 617 4.72 40.09 -79.50
N ILE D 618 5.69 39.29 -79.07
CA ILE D 618 6.46 38.34 -79.89
C ILE D 618 5.60 37.14 -80.32
N GLN D 619 5.87 36.51 -81.46
CA GLN D 619 5.10 35.37 -81.95
C GLN D 619 5.34 34.11 -81.10
N SER D 620 4.31 33.64 -80.40
CA SER D 620 4.32 32.38 -79.68
C SER D 620 3.61 31.32 -80.52
N HIS D 621 4.37 30.56 -81.31
CA HIS D 621 3.85 29.88 -82.49
C HIS D 621 2.75 28.83 -82.25
N PRO D 622 2.94 27.89 -81.31
CA PRO D 622 1.90 26.96 -80.90
C PRO D 622 0.88 27.65 -79.97
N GLN D 623 0.30 28.76 -80.42
CA GLN D 623 -0.69 29.50 -79.64
C GLN D 623 -1.91 28.65 -79.31
N LYS D 624 -2.27 28.65 -78.02
CA LYS D 624 -3.32 27.83 -77.38
C LYS D 624 -3.87 28.55 -76.14
N PRO D 625 -5.07 28.21 -75.64
CA PRO D 625 -5.64 28.78 -74.42
C PRO D 625 -4.96 28.33 -73.11
N PHE D 626 -4.35 27.15 -73.10
CA PHE D 626 -3.66 26.53 -71.98
C PHE D 626 -2.53 25.64 -72.50
N TYR D 627 -1.47 25.50 -71.72
CA TYR D 627 -0.32 24.66 -72.04
C TYR D 627 -0.13 23.67 -70.90
N THR D 628 -0.29 22.38 -71.21
CA THR D 628 -0.24 21.31 -70.23
C THR D 628 1.16 21.19 -69.63
N VAL D 629 1.28 20.69 -68.40
CA VAL D 629 2.61 20.56 -67.78
C VAL D 629 3.46 19.60 -68.60
N GLY D 630 4.69 20.03 -68.90
CA GLY D 630 5.64 19.36 -69.80
C GLY D 630 5.52 19.77 -71.27
N GLU D 631 4.46 20.48 -71.66
CA GLU D 631 4.32 21.05 -72.99
C GLU D 631 5.36 22.15 -73.24
N LYS D 632 5.85 22.26 -74.47
CA LYS D 632 6.93 23.19 -74.86
C LYS D 632 6.46 24.18 -75.91
N VAL D 633 7.09 25.34 -75.92
CA VAL D 633 6.79 26.49 -76.79
C VAL D 633 8.07 27.04 -77.40
N THR D 634 8.00 27.51 -78.63
CA THR D 634 9.07 28.16 -79.37
C THR D 634 8.59 29.52 -79.88
N VAL D 635 9.46 30.51 -79.87
CA VAL D 635 9.10 31.92 -79.99
C VAL D 635 9.97 32.62 -81.04
N SER D 636 9.39 33.53 -81.81
CA SER D 636 10.11 34.40 -82.77
C SER D 636 9.43 35.76 -82.88
N CYS D 637 10.14 36.83 -83.21
CA CYS D 637 9.45 38.04 -83.68
C CYS D 637 8.91 37.84 -85.10
N SER D 638 8.02 38.74 -85.53
CA SER D 638 7.42 38.79 -86.87
C SER D 638 8.46 39.03 -87.99
N GLY D 639 8.03 38.81 -89.24
CA GLY D 639 8.90 38.75 -90.42
C GLY D 639 9.85 39.94 -90.57
N GLY D 640 11.14 39.65 -90.71
CA GLY D 640 12.21 40.65 -90.86
C GLY D 640 12.55 41.45 -89.60
N MET D 641 11.95 41.15 -88.45
CA MET D 641 12.16 41.88 -87.20
C MET D 641 13.03 41.06 -86.24
N SER D 642 14.11 41.68 -85.75
CA SER D 642 15.22 41.00 -85.10
C SER D 642 14.98 40.76 -83.60
N LEU D 643 14.58 39.54 -83.24
CA LEU D 643 14.36 39.13 -81.85
C LEU D 643 15.68 38.94 -81.08
N GLU D 644 15.76 39.50 -79.88
CA GLU D 644 16.79 39.22 -78.88
C GLU D 644 16.25 38.35 -77.73
N GLY D 645 16.95 37.26 -77.41
CA GLY D 645 16.62 36.37 -76.28
C GLY D 645 16.65 34.86 -76.63
N PRO D 646 16.51 33.98 -75.63
CA PRO D 646 16.38 32.54 -75.82
C PRO D 646 15.16 32.15 -76.68
N SER D 647 15.26 31.02 -77.38
CA SER D 647 14.31 30.63 -78.43
C SER D 647 13.10 29.82 -77.96
N ALA D 648 13.21 29.06 -76.86
CA ALA D 648 12.19 28.08 -76.49
C ALA D 648 12.06 27.89 -74.98
N PHE D 649 10.88 27.46 -74.55
CA PHE D 649 10.45 27.47 -73.15
C PHE D 649 9.57 26.25 -72.83
N LEU D 650 9.53 25.81 -71.57
CA LEU D 650 8.78 24.62 -71.16
C LEU D 650 7.91 24.88 -69.95
N CYS D 651 6.69 24.38 -70.02
CA CYS D 651 5.69 24.53 -68.95
C CYS D 651 5.92 23.42 -67.94
N GLY D 652 6.39 23.80 -66.74
CA GLY D 652 6.78 22.95 -65.59
C GLY D 652 5.61 22.37 -64.79
N SER D 653 5.69 22.39 -63.45
CA SER D 653 4.63 21.84 -62.57
C SER D 653 3.25 22.32 -63.02
N SER D 654 2.97 23.63 -62.88
CA SER D 654 1.66 24.22 -63.25
C SER D 654 1.68 25.75 -63.30
N LEU D 655 2.85 26.35 -63.35
CA LEU D 655 2.80 27.81 -63.42
C LEU D 655 4.10 28.32 -64.01
N LYS D 656 5.19 27.64 -63.79
CA LYS D 656 6.42 28.34 -64.21
C LYS D 656 6.65 28.17 -65.70
N TRP D 657 7.42 29.10 -66.23
CA TRP D 657 7.94 29.16 -67.58
C TRP D 657 9.40 29.54 -67.45
N SER D 658 10.29 28.82 -68.11
CA SER D 658 11.72 29.07 -67.99
C SER D 658 12.45 28.72 -69.27
N PRO D 659 13.51 29.46 -69.65
CA PRO D 659 14.07 30.64 -68.99
C PRO D 659 13.65 32.01 -69.64
N GLU D 660 12.36 32.25 -69.92
CA GLU D 660 11.94 33.47 -70.66
C GLU D 660 12.16 34.80 -69.94
N MET D 661 12.22 35.89 -70.69
CA MET D 661 12.51 37.24 -70.20
C MET D 661 11.34 37.85 -69.43
N LYS D 662 11.64 38.91 -68.66
CA LYS D 662 10.64 39.84 -68.08
C LYS D 662 10.27 40.97 -69.06
N ASN D 663 11.25 41.46 -69.83
CA ASN D 663 11.13 42.48 -70.87
C ASN D 663 12.12 42.16 -72.01
N ALA D 664 11.83 42.58 -73.25
CA ALA D 664 12.46 42.03 -74.45
C ALA D 664 12.59 43.03 -75.60
N ARG D 665 13.31 42.64 -76.66
CA ARG D 665 13.49 43.39 -77.90
C ARG D 665 13.16 42.53 -79.12
N CYS D 666 11.92 42.62 -79.60
CA CYS D 666 11.43 41.88 -80.77
C CYS D 666 12.13 42.32 -82.08
N VAL D 667 12.63 43.56 -82.14
CA VAL D 667 13.06 44.23 -83.37
C VAL D 667 14.31 45.09 -83.12
N GLN D 668 15.14 45.31 -84.14
CA GLN D 668 16.44 45.97 -84.02
C GLN D 668 16.90 46.70 -85.30
N LYS D 669 18.19 47.08 -85.36
CA LYS D 669 18.81 47.74 -86.52
C LYS D 669 19.01 46.76 -87.67
N GLU D 670 17.93 46.51 -88.41
CA GLU D 670 17.92 45.58 -89.55
C GLU D 670 18.49 46.19 -90.85
N ASN D 671 18.81 47.49 -90.88
CA ASN D 671 19.41 48.17 -92.03
C ASN D 671 20.86 48.62 -91.76
N PRO D 672 21.86 48.11 -92.51
CA PRO D 672 23.26 48.53 -92.40
C PRO D 672 23.56 49.92 -93.01
N LEU D 673 24.73 50.47 -92.69
CA LEU D 673 25.31 51.60 -93.43
C LEU D 673 25.46 51.23 -94.91
N THR D 674 25.05 52.13 -95.81
CA THR D 674 24.92 51.90 -97.24
C THR D 674 25.59 53.02 -98.05
N GLN D 675 26.18 52.67 -99.20
CA GLN D 675 26.85 53.61 -100.10
C GLN D 675 27.97 54.44 -99.45
N ALA D 676 28.80 53.80 -98.61
CA ALA D 676 29.91 54.45 -97.91
C ALA D 676 30.97 55.05 -98.85
N VAL D 677 31.12 54.51 -100.06
CA VAL D 677 31.81 55.11 -101.21
C VAL D 677 33.22 55.70 -100.91
N PRO D 678 34.20 54.89 -100.48
CA PRO D 678 35.58 55.32 -100.29
C PRO D 678 36.20 55.77 -101.63
N LYS D 679 37.08 56.77 -101.61
CA LYS D 679 37.51 57.53 -102.79
C LYS D 679 38.53 56.81 -103.69
N CYS D 680 38.08 55.79 -104.42
CA CYS D 680 38.85 55.12 -105.46
C CYS D 680 39.01 55.96 -106.74
N GLN D 681 39.94 55.53 -107.60
CA GLN D 681 40.32 56.14 -108.88
C GLN D 681 41.10 55.13 -109.73
N ARG D 682 41.36 55.44 -111.01
CA ARG D 682 42.04 54.52 -111.93
C ARG D 682 43.47 54.13 -111.49
N TRP D 683 44.19 55.04 -110.83
CA TRP D 683 45.48 54.79 -110.17
C TRP D 683 45.37 54.46 -108.67
N GLU D 684 44.17 54.12 -108.20
CA GLU D 684 43.75 54.18 -106.81
C GLU D 684 43.05 52.90 -106.31
N LYS D 685 42.98 52.76 -105.00
CA LYS D 685 42.44 51.61 -104.29
C LYS D 685 42.01 52.04 -102.87
N LEU D 686 40.89 52.76 -102.79
CA LEU D 686 40.34 53.30 -101.55
C LEU D 686 40.03 52.22 -100.49
N GLN D 687 40.20 52.56 -99.23
CA GLN D 687 40.10 51.65 -98.08
C GLN D 687 39.92 52.42 -96.77
N ASN D 688 39.51 51.74 -95.70
CA ASN D 688 39.25 52.34 -94.38
C ASN D 688 38.27 53.53 -94.42
N SER D 689 37.23 53.44 -95.27
CA SER D 689 36.27 54.50 -95.59
C SER D 689 36.88 55.80 -96.17
N ARG D 690 38.04 55.69 -96.84
CA ARG D 690 38.82 56.81 -97.38
C ARG D 690 39.49 56.48 -98.72
N CYS D 691 39.97 57.51 -99.42
CA CYS D 691 40.76 57.33 -100.64
C CYS D 691 42.10 56.63 -100.38
N VAL D 692 42.68 56.04 -101.42
CA VAL D 692 44.05 55.52 -101.41
C VAL D 692 44.58 55.26 -102.83
N CYS D 693 45.89 55.12 -103.00
CA CYS D 693 46.51 54.62 -104.24
C CYS D 693 46.30 53.10 -104.43
N LYS D 694 46.42 52.64 -105.67
CA LYS D 694 46.61 51.23 -106.03
C LYS D 694 48.10 50.91 -106.24
N MET D 695 48.49 49.64 -106.13
CA MET D 695 49.86 49.20 -106.44
C MET D 695 50.16 49.28 -107.95
N PRO D 696 51.36 49.71 -108.38
CA PRO D 696 51.73 49.74 -109.80
C PRO D 696 51.63 48.36 -110.50
N TYR D 697 51.91 47.27 -109.78
CA TYR D 697 51.77 45.90 -110.29
C TYR D 697 50.30 45.50 -110.50
N GLU D 698 49.39 45.91 -109.61
CA GLU D 698 47.95 45.78 -109.80
C GLU D 698 47.42 46.62 -110.98
N CYS D 699 48.07 47.75 -111.25
CA CYS D 699 47.87 48.58 -112.45
C CYS D 699 48.53 48.04 -113.73
N GLY D 700 49.27 46.92 -113.65
CA GLY D 700 50.00 46.31 -114.77
C GLY D 700 49.18 45.97 -116.04
N PRO D 701 47.87 45.61 -115.95
CA PRO D 701 47.03 45.36 -117.13
C PRO D 701 46.74 46.58 -118.04
N SER D 702 47.19 47.80 -117.68
CA SER D 702 47.04 48.99 -118.51
C SER D 702 47.72 48.87 -119.89
N LEU D 703 47.29 49.67 -120.86
CA LEU D 703 47.84 49.69 -122.21
C LEU D 703 49.30 50.15 -122.26
N ASP D 704 50.15 49.42 -122.99
CA ASP D 704 51.57 49.75 -123.15
C ASP D 704 51.80 50.99 -124.04
N VAL D 705 52.80 51.79 -123.68
CA VAL D 705 53.20 53.01 -124.40
C VAL D 705 54.66 53.39 -124.10
N CYS D 706 55.22 54.30 -124.88
CA CYS D 706 56.52 54.89 -124.59
C CYS D 706 56.46 55.92 -123.44
N ALA D 707 57.53 55.99 -122.66
CA ALA D 707 57.73 56.92 -121.54
C ALA D 707 59.22 57.31 -121.42
N GLN D 708 59.58 58.08 -120.40
CA GLN D 708 60.97 58.49 -120.11
C GLN D 708 61.30 58.41 -118.61
N ASP D 709 62.59 58.39 -118.29
CA ASP D 709 63.11 58.20 -116.94
C ASP D 709 62.70 59.30 -115.94
N GLU D 710 62.64 58.94 -114.65
CA GLU D 710 62.28 59.85 -113.56
C GLU D 710 63.30 60.96 -113.27
N ARG D 711 64.55 60.80 -113.72
CA ARG D 711 65.66 61.74 -113.50
C ARG D 711 66.67 61.80 -114.66
N SER D 712 66.27 61.38 -115.87
CA SER D 712 67.11 61.34 -117.06
C SER D 712 66.30 61.46 -118.37
N LYS D 713 66.95 61.87 -119.46
CA LYS D 713 66.32 62.04 -120.78
C LYS D 713 66.03 60.73 -121.53
N ARG D 714 66.54 59.58 -121.05
CA ARG D 714 66.39 58.28 -121.71
C ARG D 714 64.94 57.78 -121.77
N ILE D 715 64.52 57.29 -122.94
CA ILE D 715 63.20 56.69 -123.16
C ILE D 715 63.15 55.20 -122.78
N LEU D 716 61.96 54.70 -122.39
CA LEU D 716 61.71 53.29 -122.10
C LEU D 716 60.20 52.94 -122.17
N PRO D 717 59.83 51.65 -122.31
CA PRO D 717 58.43 51.21 -122.24
C PRO D 717 57.79 51.44 -120.87
N LEU D 718 56.48 51.65 -120.83
CA LEU D 718 55.66 51.84 -119.63
C LEU D 718 54.19 51.52 -119.86
N THR D 719 53.38 51.49 -118.80
CA THR D 719 51.91 51.42 -118.86
C THR D 719 51.26 52.55 -118.06
N VAL D 720 50.17 53.13 -118.57
CA VAL D 720 49.57 54.35 -118.02
C VAL D 720 49.11 54.22 -116.57
N CYS D 721 48.49 53.09 -116.20
CA CYS D 721 48.05 52.82 -114.83
C CYS D 721 49.20 52.64 -113.85
N LYS D 722 50.28 51.97 -114.25
CA LYS D 722 51.49 51.82 -113.42
C LYS D 722 52.19 53.16 -113.17
N MET D 723 52.31 54.00 -114.21
CA MET D 723 52.85 55.36 -114.09
C MET D 723 51.97 56.26 -113.21
N HIS D 724 50.65 56.19 -113.36
CA HIS D 724 49.69 56.94 -112.53
C HIS D 724 49.71 56.50 -111.06
N VAL D 725 49.81 55.19 -110.78
CA VAL D 725 49.97 54.66 -109.43
C VAL D 725 51.29 55.10 -108.77
N LEU D 726 52.39 55.13 -109.55
CA LEU D 726 53.67 55.67 -109.09
C LEU D 726 53.60 57.17 -108.76
N HIS D 727 52.93 57.97 -109.59
CA HIS D 727 52.74 59.41 -109.35
C HIS D 727 51.83 59.69 -108.14
N CYS D 728 50.79 58.87 -107.95
CA CYS D 728 49.98 58.84 -106.73
C CYS D 728 50.82 58.53 -105.47
N GLN D 729 51.84 57.68 -105.59
CA GLN D 729 52.85 57.41 -104.57
C GLN D 729 53.98 58.47 -104.46
N GLY D 730 53.93 59.57 -105.21
CA GLY D 730 54.92 60.65 -105.20
C GLY D 730 56.20 60.41 -106.03
N ARG D 731 56.27 59.31 -106.78
CA ARG D 731 57.41 58.97 -107.63
C ARG D 731 57.49 59.83 -108.90
N ASN D 732 58.71 60.12 -109.35
CA ASN D 732 58.96 60.86 -110.60
C ASN D 732 58.72 60.02 -111.87
N TYR D 733 58.39 60.68 -112.97
CA TYR D 733 58.15 60.08 -114.29
C TYR D 733 58.23 61.12 -115.42
N THR D 734 58.32 60.66 -116.68
CA THR D 734 58.35 61.53 -117.86
C THR D 734 57.62 60.91 -119.06
N LEU D 735 57.10 61.76 -119.95
CA LEU D 735 56.39 61.37 -121.17
C LEU D 735 57.32 61.00 -122.34
N THR D 736 56.76 60.38 -123.38
CA THR D 736 57.43 60.09 -124.65
C THR D 736 56.43 60.00 -125.81
N GLY D 737 56.91 60.15 -127.05
CA GLY D 737 56.11 59.99 -128.27
C GLY D 737 55.66 58.55 -128.53
N ARG D 738 54.67 58.36 -129.40
CA ARG D 738 54.04 57.06 -129.66
C ARG D 738 54.99 55.96 -130.19
N ASP D 739 56.12 56.34 -130.79
CA ASP D 739 57.18 55.44 -131.28
C ASP D 739 58.49 55.48 -130.46
N SER D 740 58.51 56.16 -129.30
CA SER D 740 59.73 56.42 -128.52
C SER D 740 60.28 55.20 -127.76
N CYS D 741 59.52 54.11 -127.62
CA CYS D 741 59.93 52.88 -126.94
C CYS D 741 59.20 51.64 -127.46
N THR D 742 59.78 50.46 -127.23
CA THR D 742 59.28 49.15 -127.66
C THR D 742 58.12 48.61 -126.81
N LEU D 743 57.03 49.37 -126.68
CA LEU D 743 55.82 48.97 -125.94
C LEU D 743 55.14 47.72 -126.56
N PRO D 744 54.88 46.64 -125.80
CA PRO D 744 54.35 45.40 -126.36
C PRO D 744 52.98 45.51 -127.05
N ALA D 745 52.13 46.44 -126.61
CA ALA D 745 50.79 46.67 -127.16
C ALA D 745 50.76 47.61 -128.40
N SER D 746 51.91 47.96 -128.97
CA SER D 746 52.04 48.93 -130.06
C SER D 746 51.45 48.49 -131.42
N ALA D 747 51.14 47.21 -131.60
CA ALA D 747 50.40 46.69 -132.78
C ALA D 747 49.49 45.49 -132.42
N GLU D 748 48.66 45.05 -133.36
CA GLU D 748 47.71 43.97 -133.22
C GLU D 748 48.42 42.62 -132.86
N LYS D 749 47.85 41.90 -131.88
CA LYS D 749 48.34 40.64 -131.32
C LYS D 749 47.76 39.40 -132.02
N ALA D 750 48.29 38.23 -131.64
CA ALA D 750 47.77 36.92 -132.00
C ALA D 750 46.79 36.34 -130.93
N CYS D 751 46.13 35.21 -131.23
CA CYS D 751 45.21 34.54 -130.31
C CYS D 751 45.95 34.00 -129.07
N GLY D 752 45.25 33.86 -127.93
CA GLY D 752 45.87 33.37 -126.69
C GLY D 752 46.68 34.40 -125.86
N ALA D 753 46.82 35.65 -126.31
CA ALA D 753 47.56 36.71 -125.60
C ALA D 753 47.01 38.12 -125.88
N CYS D 754 45.72 38.23 -126.25
CA CYS D 754 45.05 39.51 -126.62
C CYS D 754 44.93 40.49 -125.42
N PRO D 755 45.24 41.80 -125.62
CA PRO D 755 44.92 42.86 -124.67
C PRO D 755 43.41 43.05 -124.46
N LEU D 756 43.03 43.87 -123.47
CA LEU D 756 41.61 44.13 -123.13
C LEU D 756 40.77 44.77 -124.25
N TRP D 757 41.40 45.36 -125.27
CA TRP D 757 40.73 45.92 -126.45
C TRP D 757 40.46 44.89 -127.58
N GLY D 758 40.73 43.59 -127.37
CA GLY D 758 40.44 42.56 -128.38
C GLY D 758 40.25 41.14 -127.80
N LYS D 759 40.02 40.18 -128.69
CA LYS D 759 39.82 38.75 -128.40
C LYS D 759 40.15 37.84 -129.62
N CYS D 760 40.39 36.56 -129.39
CA CYS D 760 40.57 35.61 -130.49
C CYS D 760 39.29 35.41 -131.35
N ASP D 761 39.42 35.28 -132.69
CA ASP D 761 38.31 34.92 -133.60
C ASP D 761 38.04 33.40 -133.55
N ALA D 762 36.81 32.99 -133.84
CA ALA D 762 36.39 31.58 -133.85
C ALA D 762 37.21 30.76 -134.87
N GLU D 763 37.78 29.65 -134.39
CA GLU D 763 38.64 28.70 -135.12
C GLU D 763 39.87 29.35 -135.83
N SER D 764 40.37 30.49 -135.33
CA SER D 764 41.42 31.28 -135.97
C SER D 764 42.59 31.58 -135.00
N SER D 765 43.82 31.58 -135.52
CA SER D 765 45.06 31.87 -134.79
C SER D 765 45.36 33.38 -134.59
N LYS D 766 44.70 34.28 -135.32
CA LYS D 766 44.86 35.73 -135.15
C LYS D 766 43.89 36.31 -134.12
N CYS D 767 44.32 37.37 -133.42
CA CYS D 767 43.42 38.18 -132.59
C CYS D 767 42.64 39.19 -133.43
N VAL D 768 41.46 39.57 -132.99
CA VAL D 768 40.62 40.60 -133.60
C VAL D 768 40.36 41.76 -132.61
N CYS D 769 40.41 43.00 -133.10
CA CYS D 769 40.05 44.19 -132.31
C CYS D 769 38.54 44.30 -132.05
N ARG D 770 38.14 44.66 -130.83
CA ARG D 770 36.74 44.88 -130.45
C ARG D 770 36.24 46.29 -130.82
N GLU D 771 34.91 46.47 -130.84
CA GLU D 771 34.29 47.80 -130.86
C GLU D 771 34.38 48.49 -129.49
N ALA D 772 34.20 49.81 -129.44
CA ALA D 772 34.25 50.60 -128.20
C ALA D 772 33.14 50.21 -127.19
N SER D 773 32.04 49.62 -127.64
CA SER D 773 30.98 49.06 -126.78
C SER D 773 31.41 47.80 -126.00
N GLU D 774 32.49 47.13 -126.40
CA GLU D 774 33.08 45.98 -125.70
C GLU D 774 33.99 46.35 -124.51
N CYS D 775 33.83 47.56 -123.95
CA CYS D 775 34.62 48.10 -122.84
C CYS D 775 34.33 47.45 -121.48
N GLU D 776 34.70 46.18 -121.31
CA GLU D 776 34.56 45.44 -120.06
C GLU D 776 35.55 45.88 -118.96
N GLU D 777 36.75 46.33 -119.35
CA GLU D 777 37.72 46.96 -118.44
C GLU D 777 37.31 48.39 -118.05
N GLU D 778 37.74 48.86 -116.87
CA GLU D 778 37.40 50.20 -116.37
C GLU D 778 37.99 51.33 -117.22
N GLY D 779 39.30 51.26 -117.49
CA GLY D 779 40.07 52.16 -118.35
C GLY D 779 40.35 53.56 -117.79
N PHE D 780 41.55 54.09 -118.06
CA PHE D 780 41.85 55.53 -117.96
C PHE D 780 41.18 56.33 -119.09
N SER D 781 41.21 57.66 -119.00
CA SER D 781 41.00 58.56 -120.15
C SER D 781 42.31 59.27 -120.51
N ILE D 782 42.64 59.34 -121.80
CA ILE D 782 43.96 59.73 -122.32
C ILE D 782 43.85 60.74 -123.47
N CYS D 783 44.93 61.43 -123.80
CA CYS D 783 44.98 62.38 -124.91
C CYS D 783 45.67 61.78 -126.14
N VAL D 784 45.05 61.94 -127.29
CA VAL D 784 45.48 61.37 -128.57
C VAL D 784 45.13 62.33 -129.71
N GLU D 785 45.93 62.34 -130.77
CA GLU D 785 45.63 63.05 -132.01
C GLU D 785 44.98 62.09 -133.02
N VAL D 786 43.82 62.49 -133.54
CA VAL D 786 43.01 61.77 -134.53
C VAL D 786 42.45 62.77 -135.54
N ASN D 787 42.33 62.39 -136.81
CA ASN D 787 41.85 63.29 -137.89
C ASN D 787 42.57 64.66 -137.97
N GLY D 788 43.84 64.73 -137.57
CA GLY D 788 44.66 65.93 -137.48
C GLY D 788 44.42 66.78 -136.22
N LYS D 789 43.64 66.35 -135.23
CA LYS D 789 43.27 67.14 -134.04
C LYS D 789 43.39 66.35 -132.74
N GLU D 790 43.79 66.99 -131.65
CA GLU D 790 43.84 66.40 -130.31
C GLU D 790 42.43 66.22 -129.73
N GLN D 791 42.14 65.05 -129.16
CA GLN D 791 40.86 64.72 -128.52
C GLN D 791 41.07 63.75 -127.34
N THR D 792 40.30 63.92 -126.25
CA THR D 792 40.27 62.97 -125.13
C THR D 792 39.42 61.75 -125.49
N MET D 793 39.90 60.54 -125.19
CA MET D 793 39.08 59.32 -125.28
C MET D 793 39.49 58.27 -124.23
N SER D 794 38.63 57.28 -124.01
CA SER D 794 38.91 56.14 -123.13
C SER D 794 40.10 55.32 -123.63
N GLU D 795 40.90 54.81 -122.71
CA GLU D 795 42.07 53.94 -122.95
C GLU D 795 41.74 52.70 -123.78
N CYS D 796 40.60 52.05 -123.49
CA CYS D 796 40.11 50.89 -124.25
C CYS D 796 39.68 51.25 -125.69
N GLU D 797 39.14 52.45 -125.91
CA GLU D 797 38.75 52.93 -127.24
C GLU D 797 40.01 53.29 -128.07
N ALA D 798 40.97 54.01 -127.48
CA ALA D 798 42.27 54.24 -128.11
C ALA D 798 43.00 52.93 -128.44
N GLY D 799 42.96 51.94 -127.53
CA GLY D 799 43.49 50.60 -127.77
C GLY D 799 42.80 49.85 -128.91
N ALA D 800 41.47 49.97 -129.03
CA ALA D 800 40.74 49.40 -130.17
C ALA D 800 41.14 50.07 -131.50
N LEU D 801 41.20 51.41 -131.54
CA LEU D 801 41.66 52.15 -132.72
C LEU D 801 43.10 51.78 -133.11
N ARG D 802 44.01 51.60 -132.13
CA ARG D 802 45.40 51.16 -132.36
C ARG D 802 45.48 49.75 -132.94
N CYS D 803 44.73 48.82 -132.36
CA CYS D 803 44.70 47.40 -132.77
C CYS D 803 44.07 47.21 -134.19
N ARG D 804 43.00 47.96 -134.51
CA ARG D 804 42.34 47.88 -135.83
C ARG D 804 43.10 48.58 -136.98
N GLY D 805 44.20 49.28 -136.69
CA GLY D 805 45.00 49.96 -137.68
C GLY D 805 44.49 51.34 -138.13
N GLN D 806 43.72 52.04 -137.31
CA GLN D 806 43.30 53.42 -137.54
C GLN D 806 44.49 54.40 -137.32
N SER D 807 44.52 55.50 -138.10
CA SER D 807 45.57 56.51 -138.01
C SER D 807 45.40 57.35 -136.74
N ILE D 808 46.23 57.10 -135.73
CA ILE D 808 46.21 57.78 -134.42
C ILE D 808 47.64 58.13 -133.95
N SER D 809 47.79 59.03 -132.98
CA SER D 809 49.06 59.29 -132.29
C SER D 809 48.82 59.74 -130.85
N VAL D 810 49.16 58.90 -129.86
CA VAL D 810 49.00 59.24 -128.43
C VAL D 810 49.93 60.40 -128.02
N THR D 811 49.44 61.34 -127.23
CA THR D 811 50.17 62.56 -126.84
C THR D 811 50.42 62.66 -125.33
N SER D 812 49.49 62.22 -124.48
CA SER D 812 49.71 62.09 -123.03
C SER D 812 48.80 61.04 -122.39
N ILE D 813 49.26 60.42 -121.29
CA ILE D 813 48.41 59.54 -120.45
C ILE D 813 47.37 60.32 -119.63
N ARG D 814 47.57 61.64 -119.44
CA ARG D 814 46.51 62.58 -119.00
C ARG D 814 45.56 62.90 -120.17
N PRO D 815 44.27 63.22 -119.93
CA PRO D 815 43.35 63.70 -120.95
C PRO D 815 43.74 65.07 -121.52
N CYS D 816 43.17 65.45 -122.66
CA CYS D 816 43.46 66.73 -123.31
C CYS D 816 42.77 67.92 -122.62
N ALA D 817 43.12 69.15 -123.06
CA ALA D 817 42.35 70.36 -122.74
C ALA D 817 40.99 70.46 -123.48
N ALA D 818 40.77 69.64 -124.52
CA ALA D 818 39.65 69.73 -125.49
C ALA D 818 38.21 69.77 -124.90
N GLU D 819 38.01 69.25 -123.68
CA GLU D 819 36.70 69.25 -122.98
C GLU D 819 36.43 70.54 -122.17
N THR D 820 37.36 71.50 -122.13
CA THR D 820 37.17 72.82 -121.50
C THR D 820 36.00 73.58 -122.13
N GLN D 821 35.17 74.21 -121.30
CA GLN D 821 34.08 75.11 -121.73
C GLN D 821 33.98 76.32 -120.83
N CYS E 1 -35.77 25.29 66.68
CA CYS E 1 -36.95 24.93 65.86
C CYS E 1 -36.59 23.76 64.95
N PHE E 2 -37.44 22.74 64.84
CA PHE E 2 -37.34 21.75 63.76
C PHE E 2 -37.96 22.36 62.50
N CYS E 3 -37.20 23.14 61.73
CA CYS E 3 -37.75 23.92 60.62
C CYS E 3 -38.33 23.03 59.50
N ASP E 4 -37.91 21.77 59.43
CA ASP E 4 -38.46 20.72 58.59
C ASP E 4 -39.93 20.35 58.94
N HIS E 5 -40.51 20.94 59.99
CA HIS E 5 -41.93 20.81 60.31
C HIS E 5 -42.84 21.55 59.31
N TYR E 6 -42.25 22.41 58.47
CA TYR E 6 -42.90 23.14 57.37
C TYR E 6 -42.29 22.76 56.00
N ALA E 7 -43.12 22.80 54.95
CA ALA E 7 -42.96 21.95 53.76
C ALA E 7 -41.73 22.17 52.86
N TRP E 8 -41.28 21.05 52.27
CA TRP E 8 -40.43 20.97 51.07
C TRP E 8 -41.21 21.34 49.80
N THR E 9 -41.62 22.61 49.74
CA THR E 9 -42.24 23.23 48.55
C THR E 9 -41.37 23.13 47.30
N GLN E 10 -42.01 23.02 46.15
CA GLN E 10 -41.33 22.97 44.86
C GLN E 10 -40.78 24.36 44.49
N TRP E 11 -39.55 24.43 44.00
CA TRP E 11 -38.92 25.65 43.54
C TRP E 11 -39.70 26.29 42.38
N THR E 12 -39.97 27.60 42.46
CA THR E 12 -40.69 28.34 41.42
C THR E 12 -39.81 28.51 40.18
N SER E 13 -40.37 28.36 38.97
CA SER E 13 -39.63 28.27 37.71
C SER E 13 -38.68 29.43 37.44
N CYS E 14 -37.47 29.13 36.98
CA CYS E 14 -36.36 30.08 36.92
C CYS E 14 -36.70 31.38 36.18
N SER E 15 -36.33 32.53 36.74
CA SER E 15 -36.70 33.85 36.22
C SER E 15 -36.14 34.17 34.83
N LYS E 16 -35.00 33.59 34.48
CA LYS E 16 -34.33 33.75 33.18
C LYS E 16 -34.09 32.37 32.57
N THR E 17 -34.26 32.22 31.25
CA THR E 17 -33.88 30.98 30.56
C THR E 17 -32.37 30.83 30.40
N CYS E 18 -31.60 31.91 30.53
CA CYS E 18 -30.14 31.95 30.37
C CYS E 18 -29.52 33.18 31.04
N ASN E 19 -28.20 33.20 31.19
CA ASN E 19 -27.45 34.29 31.83
C ASN E 19 -27.82 34.52 33.32
N SER E 20 -27.81 33.46 34.11
CA SER E 20 -27.89 33.50 35.59
C SER E 20 -29.17 34.11 36.14
N GLY E 21 -30.27 33.37 36.04
CA GLY E 21 -31.47 33.63 36.82
C GLY E 21 -31.32 33.19 38.28
N THR E 22 -32.41 33.28 39.03
CA THR E 22 -32.52 32.72 40.38
C THR E 22 -33.88 32.08 40.59
N GLN E 23 -33.96 31.11 41.50
CA GLN E 23 -35.19 30.46 41.91
C GLN E 23 -35.22 30.27 43.42
N SER E 24 -36.43 30.21 43.97
CA SER E 24 -36.68 30.28 45.39
C SER E 24 -37.80 29.33 45.80
N ARG E 25 -37.77 28.92 47.07
CA ARG E 25 -38.83 28.14 47.70
C ARG E 25 -39.12 28.70 49.09
N HIS E 26 -40.37 28.78 49.48
CA HIS E 26 -40.80 29.34 50.76
C HIS E 26 -41.49 28.28 51.62
N ARG E 27 -41.32 28.36 52.93
CA ARG E 27 -41.96 27.43 53.87
C ARG E 27 -43.46 27.71 53.97
N GLN E 28 -44.27 26.66 54.02
CA GLN E 28 -45.71 26.71 54.31
C GLN E 28 -45.97 26.94 55.80
N ILE E 29 -45.42 28.03 56.36
CA ILE E 29 -45.50 28.35 57.78
C ILE E 29 -46.95 28.60 58.18
N VAL E 30 -47.42 27.90 59.19
CA VAL E 30 -48.53 28.33 60.04
C VAL E 30 -47.98 28.62 61.43
N VAL E 31 -48.17 29.85 61.90
CA VAL E 31 -47.74 30.27 63.24
C VAL E 31 -48.68 29.66 64.27
N ASP E 32 -48.10 29.08 65.31
CA ASP E 32 -48.79 28.32 66.36
C ASP E 32 -47.93 28.33 67.64
N LYS E 33 -48.42 27.78 68.74
CA LYS E 33 -47.64 27.64 69.98
C LYS E 33 -46.28 26.96 69.74
N TYR E 34 -46.22 25.99 68.82
CA TYR E 34 -44.95 25.40 68.39
C TYR E 34 -44.02 26.45 67.79
N TYR E 35 -44.48 27.21 66.79
CA TYR E 35 -43.67 28.21 66.11
C TYR E 35 -43.16 29.29 67.08
N GLN E 36 -44.06 29.76 67.95
CA GLN E 36 -43.77 30.79 68.93
C GLN E 36 -42.68 30.36 69.90
N GLU E 37 -42.83 29.19 70.51
CA GLU E 37 -41.95 28.76 71.59
C GLU E 37 -40.61 28.20 71.11
N ASN E 38 -40.58 27.49 69.99
CA ASN E 38 -39.39 26.75 69.56
C ASN E 38 -38.36 27.61 68.80
N PHE E 39 -38.40 28.94 68.96
CA PHE E 39 -37.49 29.90 68.35
C PHE E 39 -37.47 29.92 66.81
N CYS E 40 -38.59 29.60 66.17
CA CYS E 40 -38.68 29.44 64.73
C CYS E 40 -38.47 30.76 63.99
N GLU E 41 -39.04 31.85 64.48
CA GLU E 41 -38.88 33.19 63.91
C GLU E 41 -37.41 33.65 63.90
N GLN E 42 -36.63 33.26 64.91
CA GLN E 42 -35.25 33.70 65.09
C GLN E 42 -34.26 32.97 64.15
N ILE E 43 -34.36 31.65 64.02
CA ILE E 43 -33.28 30.82 63.42
C ILE E 43 -33.68 29.87 62.27
N CYS E 44 -34.96 29.72 61.93
CA CYS E 44 -35.31 29.17 60.61
C CYS E 44 -35.05 30.18 59.48
N SER E 45 -34.95 29.68 58.24
CA SER E 45 -35.01 30.50 57.03
C SER E 45 -36.39 30.35 56.38
N LYS E 46 -37.08 31.47 56.13
CA LYS E 46 -38.47 31.47 55.63
C LYS E 46 -38.55 31.14 54.14
N GLN E 47 -37.62 31.63 53.34
CA GLN E 47 -37.47 31.22 51.95
C GLN E 47 -36.01 31.13 51.51
N GLU E 48 -35.69 30.03 50.83
CA GLU E 48 -34.37 29.78 50.24
C GLU E 48 -34.28 30.42 48.85
N THR E 49 -33.10 30.81 48.37
CA THR E 49 -32.90 31.31 47.00
C THR E 49 -31.54 30.92 46.47
N ARG E 50 -31.47 30.54 45.19
CA ARG E 50 -30.27 30.01 44.52
C ARG E 50 -30.20 30.30 43.03
N GLU E 51 -29.01 30.30 42.47
CA GLU E 51 -28.79 30.48 41.03
C GLU E 51 -29.40 29.33 40.22
N CYS E 52 -29.88 29.66 39.03
CA CYS E 52 -30.38 28.72 38.03
C CYS E 52 -30.10 29.28 36.64
N ASN E 53 -30.02 28.40 35.64
CA ASN E 53 -29.69 28.77 34.27
C ASN E 53 -28.44 29.65 34.16
N TRP E 54 -27.37 29.31 34.88
CA TRP E 54 -26.16 30.12 34.87
C TRP E 54 -25.53 30.19 33.49
N GLN E 55 -25.70 29.17 32.64
CA GLN E 55 -25.14 29.16 31.29
C GLN E 55 -25.55 30.41 30.50
N ARG E 56 -24.57 31.07 29.86
CA ARG E 56 -24.85 32.25 29.04
C ARG E 56 -25.77 31.90 27.88
N CYS E 57 -26.53 32.87 27.37
CA CYS E 57 -27.50 32.60 26.32
C CYS E 57 -26.79 32.08 25.06
N PRO E 58 -27.25 30.96 24.47
CA PRO E 58 -26.58 30.31 23.36
C PRO E 58 -26.57 31.18 22.12
N ILE E 59 -25.41 31.34 21.49
CA ILE E 59 -25.24 32.11 20.27
C ILE E 59 -25.03 31.13 19.12
N ASN E 60 -25.94 31.12 18.14
CA ASN E 60 -25.87 30.23 16.99
C ASN E 60 -24.88 30.76 15.94
N CYS E 61 -24.33 29.87 15.14
CA CYS E 61 -23.52 30.27 14.01
C CYS E 61 -24.39 30.85 12.89
N LEU E 62 -23.92 31.90 12.23
CA LEU E 62 -24.44 32.32 10.93
C LEU E 62 -23.29 32.34 9.93
N LEU E 63 -23.40 31.57 8.86
CA LEU E 63 -22.48 31.59 7.73
C LEU E 63 -23.00 32.51 6.63
N GLY E 64 -22.08 33.15 5.90
CA GLY E 64 -22.41 33.83 4.66
C GLY E 64 -22.74 32.87 3.52
N ASP E 65 -23.24 33.40 2.41
CA ASP E 65 -23.30 32.66 1.14
C ASP E 65 -21.90 32.51 0.54
N PHE E 66 -21.66 31.43 -0.21
CA PHE E 66 -20.39 31.17 -0.87
C PHE E 66 -20.00 32.22 -1.91
N GLY E 67 -18.71 32.48 -2.02
CA GLY E 67 -18.11 33.30 -3.08
C GLY E 67 -18.13 32.62 -4.45
N PRO E 68 -17.45 33.17 -5.46
CA PRO E 68 -17.23 32.50 -6.73
C PRO E 68 -16.28 31.32 -6.60
N TRP E 69 -16.32 30.38 -7.54
CA TRP E 69 -15.27 29.38 -7.70
C TRP E 69 -13.97 30.04 -8.15
N SER E 70 -12.88 29.71 -7.47
CA SER E 70 -11.60 30.38 -7.63
C SER E 70 -10.88 29.99 -8.92
N ASP E 71 -9.90 30.78 -9.34
CA ASP E 71 -9.06 30.47 -10.49
C ASP E 71 -8.41 29.08 -10.34
N CYS E 72 -8.67 28.19 -11.28
CA CYS E 72 -8.38 26.77 -11.16
C CYS E 72 -6.89 26.45 -11.12
N ASP E 73 -6.48 25.58 -10.20
CA ASP E 73 -5.07 25.33 -9.93
C ASP E 73 -4.49 24.26 -10.86
N PRO E 74 -3.54 24.61 -11.73
CA PRO E 74 -3.07 23.71 -12.77
C PRO E 74 -2.35 22.46 -12.27
N CYS E 75 -1.81 22.49 -11.06
CA CYS E 75 -1.10 21.36 -10.46
C CYS E 75 -1.97 20.53 -9.51
N ILE E 76 -3.18 20.98 -9.20
CA ILE E 76 -4.11 20.30 -8.29
C ILE E 76 -5.36 19.79 -9.03
N GLU E 77 -5.68 20.40 -10.18
CA GLU E 77 -6.88 20.11 -10.98
C GLU E 77 -8.23 20.25 -10.26
N LYS E 78 -8.27 21.16 -9.30
CA LYS E 78 -9.47 21.54 -8.54
C LYS E 78 -9.64 23.04 -8.51
N GLN E 79 -10.85 23.47 -8.23
CA GLN E 79 -11.18 24.86 -7.94
C GLN E 79 -11.92 24.94 -6.61
N SER E 80 -11.72 26.05 -5.89
CA SER E 80 -12.13 26.20 -4.49
C SER E 80 -13.13 27.32 -4.30
N LYS E 81 -14.07 27.11 -3.41
CA LYS E 81 -15.13 28.04 -3.06
C LYS E 81 -15.14 28.20 -1.54
N VAL E 82 -15.19 29.44 -1.07
CA VAL E 82 -15.07 29.79 0.35
C VAL E 82 -16.29 30.56 0.82
N ARG E 83 -16.59 30.46 2.11
CA ARG E 83 -17.52 31.36 2.79
C ARG E 83 -17.01 31.72 4.18
N SER E 84 -17.58 32.79 4.72
CA SER E 84 -17.14 33.39 5.97
C SER E 84 -18.17 33.24 7.06
N VAL E 85 -17.68 33.10 8.28
CA VAL E 85 -18.50 33.12 9.48
C VAL E 85 -18.91 34.56 9.74
N LEU E 86 -20.20 34.85 9.84
CA LEU E 86 -20.71 36.17 10.23
C LEU E 86 -20.55 36.37 11.73
N ARG E 87 -21.02 35.39 12.52
CA ARG E 87 -20.67 35.23 13.94
C ARG E 87 -20.43 33.75 14.24
N PRO E 88 -19.37 33.37 14.98
CA PRO E 88 -19.19 32.01 15.41
C PRO E 88 -20.26 31.61 16.41
N SER E 89 -20.52 30.31 16.53
CA SER E 89 -21.31 29.81 17.64
C SER E 89 -20.54 29.90 18.96
N GLN E 90 -21.22 30.09 20.07
CA GLN E 90 -20.66 29.93 21.41
C GLN E 90 -21.78 29.78 22.45
N PHE E 91 -21.41 29.44 23.68
CA PHE E 91 -22.34 29.26 24.80
C PHE E 91 -23.41 28.18 24.53
N GLY E 92 -23.14 27.25 23.62
CA GLY E 92 -24.00 26.10 23.32
C GLY E 92 -24.99 26.29 22.17
N GLY E 93 -24.86 27.36 21.37
CA GLY E 93 -25.69 27.56 20.18
C GLY E 93 -25.32 26.61 19.04
N GLN E 94 -26.21 26.47 18.05
CA GLN E 94 -26.06 25.47 17.00
C GLN E 94 -24.77 25.65 16.20
N PRO E 95 -23.99 24.58 15.94
CA PRO E 95 -22.75 24.68 15.21
C PRO E 95 -23.00 25.06 13.76
N CYS E 96 -21.97 25.56 13.07
CA CYS E 96 -22.12 25.97 11.68
C CYS E 96 -22.57 24.82 10.75
N THR E 97 -22.29 23.56 11.14
CA THR E 97 -22.87 22.29 10.65
C THR E 97 -22.57 21.92 9.20
N ALA E 98 -22.86 22.81 8.25
CA ALA E 98 -22.43 22.72 6.86
C ALA E 98 -20.92 23.04 6.71
N PRO E 99 -20.25 22.64 5.63
CA PRO E 99 -18.86 22.97 5.39
C PRO E 99 -18.63 24.45 5.14
N LEU E 100 -17.46 24.95 5.52
CA LEU E 100 -17.05 26.34 5.40
C LEU E 100 -16.17 26.61 4.17
N VAL E 101 -15.66 25.55 3.56
CA VAL E 101 -14.88 25.54 2.33
C VAL E 101 -15.32 24.37 1.49
N ALA E 102 -15.37 24.53 0.17
CA ALA E 102 -15.80 23.50 -0.76
C ALA E 102 -14.88 23.44 -1.98
N PHE E 103 -14.80 22.25 -2.57
CA PHE E 103 -13.93 21.96 -3.69
C PHE E 103 -14.74 21.29 -4.81
N GLN E 104 -14.33 21.53 -6.04
CA GLN E 104 -14.93 20.94 -7.24
C GLN E 104 -13.80 20.56 -8.22
N PRO E 105 -13.92 19.45 -8.97
CA PRO E 105 -12.97 19.12 -10.02
C PRO E 105 -12.90 20.20 -11.08
N CYS E 106 -11.81 20.26 -11.82
CA CYS E 106 -11.63 21.27 -12.85
C CYS E 106 -10.81 20.75 -14.02
N ILE E 107 -11.14 21.25 -15.21
CA ILE E 107 -10.26 21.23 -16.36
C ILE E 107 -9.38 22.48 -16.26
N PRO E 108 -8.10 22.37 -15.91
CA PRO E 108 -7.24 23.53 -15.77
C PRO E 108 -7.02 24.24 -17.08
N SER E 109 -6.36 25.39 -17.04
CA SER E 109 -6.15 26.24 -18.21
C SER E 109 -4.73 26.81 -18.30
N LYS E 110 -3.78 26.17 -17.64
CA LYS E 110 -2.37 26.58 -17.56
C LYS E 110 -1.49 25.38 -17.25
N LEU E 111 -0.19 25.48 -17.49
CA LEU E 111 0.81 24.46 -17.14
C LEU E 111 1.26 24.56 -15.66
N CYS E 112 2.16 23.67 -15.23
CA CYS E 112 2.88 23.76 -13.94
C CYS E 112 4.32 24.23 -14.08
N LYS E 113 4.71 25.22 -13.27
CA LYS E 113 6.06 25.86 -13.27
C LYS E 113 6.96 25.37 -12.11
N ILE E 114 6.56 24.32 -11.40
CA ILE E 114 7.31 23.71 -10.29
C ILE E 114 8.67 23.13 -10.74
N GLU E 115 9.66 23.14 -9.86
CA GLU E 115 11.06 22.79 -10.16
C GLU E 115 11.57 21.63 -9.28
N GLU E 116 12.50 20.82 -9.82
CA GLU E 116 13.20 19.77 -9.07
C GLU E 116 14.21 20.34 -8.05
N ALA E 117 14.59 19.54 -7.05
CA ALA E 117 15.46 19.99 -5.95
C ALA E 117 16.90 20.31 -6.40
N ASP E 118 17.53 19.43 -7.17
CA ASP E 118 18.87 19.61 -7.78
C ASP E 118 19.94 20.12 -6.79
N CYS E 119 19.90 19.61 -5.57
CA CYS E 119 20.37 20.29 -4.36
C CYS E 119 21.88 20.15 -4.09
N LYS E 120 22.71 20.52 -5.08
CA LYS E 120 24.17 20.69 -4.95
C LYS E 120 24.83 19.45 -4.35
N ASN E 121 25.66 19.60 -3.33
CA ASN E 121 26.37 18.49 -2.69
C ASN E 121 25.49 17.58 -1.78
N LYS E 122 24.26 17.99 -1.45
CA LYS E 122 23.41 17.33 -0.44
C LYS E 122 22.83 16.00 -0.93
N PHE E 123 22.37 15.16 -0.02
CA PHE E 123 21.88 13.82 -0.32
C PHE E 123 20.35 13.82 -0.41
N ARG E 124 19.80 13.50 -1.58
CA ARG E 124 18.36 13.46 -1.82
C ARG E 124 17.76 12.15 -1.32
N CYS E 125 17.08 12.18 -0.19
CA CYS E 125 16.30 11.05 0.30
C CYS E 125 15.21 10.65 -0.70
N ASP E 126 14.63 9.46 -0.56
CA ASP E 126 13.58 9.00 -1.46
C ASP E 126 12.31 9.88 -1.41
N SER E 127 12.01 10.46 -0.25
CA SER E 127 10.97 11.49 -0.05
C SER E 127 11.34 12.87 -0.60
N GLY E 128 12.52 13.03 -1.21
CA GLY E 128 13.03 14.28 -1.79
C GLY E 128 13.73 15.22 -0.81
N ARG E 129 13.68 14.97 0.50
CA ARG E 129 14.40 15.78 1.50
C ARG E 129 15.90 15.73 1.22
N CYS E 130 16.52 16.87 1.00
CA CYS E 130 17.96 16.98 0.76
C CYS E 130 18.72 17.06 2.10
N ILE E 131 18.97 15.93 2.75
CA ILE E 131 19.71 15.89 4.02
C ILE E 131 21.21 16.07 3.83
N ALA E 132 21.92 16.45 4.89
CA ALA E 132 23.34 16.74 4.83
C ALA E 132 24.16 15.51 4.42
N ARG E 133 25.19 15.70 3.60
CA ARG E 133 25.98 14.59 3.03
C ARG E 133 26.72 13.76 4.08
N LYS E 134 27.04 14.37 5.21
CA LYS E 134 27.56 13.71 6.43
C LYS E 134 26.65 12.59 6.96
N LEU E 135 25.38 12.58 6.61
CA LEU E 135 24.39 11.61 7.08
C LEU E 135 24.22 10.40 6.15
N GLU E 136 24.87 10.37 4.98
CA GLU E 136 24.91 9.17 4.11
C GLU E 136 25.69 8.03 4.80
N CYS E 137 25.08 6.85 4.96
CA CYS E 137 25.66 5.71 5.68
C CYS E 137 26.13 6.00 7.10
N ASN E 138 25.43 6.90 7.80
CA ASN E 138 25.70 7.27 9.19
C ASN E 138 25.28 6.21 10.23
N GLY E 139 24.42 5.25 9.85
CA GLY E 139 23.98 4.16 10.72
C GLY E 139 22.70 4.42 11.53
N GLU E 140 22.21 5.64 11.60
CA GLU E 140 20.86 5.99 12.06
C GLU E 140 20.00 6.42 10.87
N ASN E 141 18.71 6.11 10.88
CA ASN E 141 17.80 6.50 9.80
C ASN E 141 17.54 8.02 9.82
N ASP E 142 18.31 8.78 9.05
CA ASP E 142 18.21 10.24 8.98
C ASP E 142 17.33 10.75 7.84
N CYS E 143 17.02 9.95 6.83
CA CYS E 143 15.97 10.28 5.87
C CYS E 143 14.55 10.03 6.37
N GLY E 144 14.36 9.30 7.47
CA GLY E 144 13.08 8.73 7.89
C GLY E 144 12.68 7.52 7.03
N ASP E 145 12.92 7.60 5.73
CA ASP E 145 12.73 6.56 4.70
C ASP E 145 13.72 5.37 4.81
N ASN E 146 14.74 5.47 5.66
CA ASN E 146 15.98 4.69 5.64
C ASN E 146 16.84 4.87 4.38
N SER E 147 16.49 5.74 3.44
CA SER E 147 17.16 5.79 2.14
C SER E 147 18.61 6.25 2.20
N ASP E 148 19.03 6.93 3.27
CA ASP E 148 20.43 7.23 3.58
C ASP E 148 21.24 5.97 3.93
N GLU E 149 20.57 4.86 4.19
CA GLU E 149 21.15 3.58 4.61
C GLU E 149 20.68 2.41 3.71
N ARG E 150 20.29 2.69 2.46
CA ARG E 150 19.73 1.68 1.53
C ARG E 150 20.70 0.54 1.25
N ASP E 151 21.94 0.87 0.85
CA ASP E 151 23.08 -0.05 0.84
C ASP E 151 24.35 0.67 1.32
N CYS E 152 25.10 0.04 2.22
CA CYS E 152 26.30 0.62 2.84
C CYS E 152 27.33 -0.46 3.20
N GLY E 153 28.61 -0.08 3.30
CA GLY E 153 29.67 -0.90 3.89
C GLY E 153 29.64 -0.84 5.42
N ARG E 154 30.81 -0.76 6.06
CA ARG E 154 30.93 -0.44 7.49
C ARG E 154 30.45 1.00 7.73
N THR E 155 29.25 1.15 8.28
CA THR E 155 28.64 2.45 8.61
C THR E 155 29.46 3.20 9.65
N LYS E 156 29.43 4.54 9.60
CA LYS E 156 30.15 5.40 10.56
C LYS E 156 29.67 5.17 12.00
N ALA E 157 30.50 5.54 12.97
CA ALA E 157 30.25 5.27 14.39
C ALA E 157 29.03 6.06 14.92
N VAL E 158 27.93 5.35 15.16
CA VAL E 158 26.77 5.86 15.91
C VAL E 158 27.18 6.04 17.37
N CYS E 159 26.49 6.93 18.10
CA CYS E 159 26.69 7.12 19.53
C CYS E 159 26.50 5.79 20.28
N THR E 160 27.43 5.46 21.19
CA THR E 160 27.71 4.06 21.58
C THR E 160 26.55 3.33 22.27
N ARG E 161 26.14 3.74 23.47
CA ARG E 161 24.98 3.16 24.16
C ARG E 161 23.69 3.49 23.42
N LYS E 162 22.64 2.70 23.64
CA LYS E 162 21.27 3.19 23.49
C LYS E 162 21.02 4.34 24.47
N TYR E 163 20.42 5.44 24.03
CA TYR E 163 19.87 6.48 24.90
C TYR E 163 18.44 6.83 24.49
N ASN E 164 17.55 7.06 25.45
CA ASN E 164 16.21 7.57 25.18
C ASN E 164 16.22 9.08 24.83
N PRO E 165 15.20 9.60 24.15
CA PRO E 165 15.05 11.04 23.94
C PRO E 165 14.53 11.73 25.20
N ILE E 166 14.68 13.05 25.26
CA ILE E 166 14.13 13.90 26.32
C ILE E 166 12.62 13.64 26.53
N PRO E 167 12.11 13.65 27.77
CA PRO E 167 10.69 13.50 28.03
C PRO E 167 9.83 14.51 27.26
N SER E 168 8.79 14.02 26.58
CA SER E 168 7.84 14.83 25.77
C SER E 168 8.46 15.69 24.66
N VAL E 169 9.66 15.37 24.16
CA VAL E 169 10.41 16.20 23.21
C VAL E 169 9.66 16.57 21.94
N GLN E 170 8.69 15.79 21.48
CA GLN E 170 7.95 16.12 20.26
C GLN E 170 6.92 17.23 20.48
N LEU E 171 6.49 17.49 21.71
CA LEU E 171 5.69 18.69 22.01
C LEU E 171 6.46 19.96 21.72
N MET E 172 7.79 19.97 21.90
CA MET E 172 8.67 21.07 21.48
C MET E 172 8.73 21.27 19.95
N GLY E 173 8.13 20.37 19.17
CA GLY E 173 8.12 20.40 17.71
C GLY E 173 6.74 20.33 17.08
N ASN E 174 5.67 20.29 17.87
CA ASN E 174 4.34 20.57 17.36
C ASN E 174 4.18 22.08 17.07
N GLY E 175 3.38 22.40 16.06
CA GLY E 175 2.90 23.75 15.81
C GLY E 175 1.69 24.06 16.67
N PHE E 176 1.57 25.32 17.05
CA PHE E 176 0.56 25.91 17.90
C PHE E 176 -0.34 26.85 17.10
N HIS E 177 -1.65 26.75 17.28
CA HIS E 177 -2.66 27.56 16.59
C HIS E 177 -3.17 28.68 17.49
N PHE E 178 -2.58 29.88 17.38
CA PHE E 178 -2.79 30.98 18.32
C PHE E 178 -4.24 31.43 18.50
N LEU E 179 -5.07 31.34 17.47
CA LEU E 179 -6.47 31.73 17.52
C LEU E 179 -7.34 30.71 18.25
N ALA E 180 -7.03 29.42 18.13
CA ALA E 180 -7.72 28.34 18.83
C ALA E 180 -7.11 28.01 20.20
N GLY E 181 -5.85 28.39 20.44
CA GLY E 181 -5.14 28.20 21.70
C GLY E 181 -4.69 26.77 21.97
N GLU E 182 -4.20 26.04 20.97
CA GLU E 182 -3.91 24.60 21.07
C GLU E 182 -2.86 24.13 20.08
N PRO E 183 -2.19 22.99 20.30
CA PRO E 183 -1.30 22.39 19.31
C PRO E 183 -2.10 21.74 18.19
N ARG E 184 -1.54 21.66 16.99
CA ARG E 184 -2.26 21.11 15.82
C ARG E 184 -1.55 19.99 15.06
N GLY E 185 -0.24 20.04 14.88
CA GLY E 185 0.43 19.06 14.03
C GLY E 185 1.93 19.10 14.20
N GLU E 186 2.60 18.00 13.94
CA GLU E 186 4.04 17.95 14.08
C GLU E 186 4.66 18.73 12.95
N VAL E 187 5.44 19.73 13.30
CA VAL E 187 6.05 20.69 12.40
C VAL E 187 7.55 20.54 12.33
N LEU E 188 8.20 20.29 13.47
CA LEU E 188 9.63 19.98 13.57
C LEU E 188 9.83 18.52 13.94
N ASP E 189 10.83 17.85 13.36
CA ASP E 189 11.13 16.46 13.67
C ASP E 189 12.07 16.34 14.86
N ASN E 190 11.52 16.23 16.07
CA ASN E 190 12.32 16.08 17.28
C ASN E 190 12.71 14.63 17.60
N SER E 191 12.62 13.73 16.62
CA SER E 191 13.38 12.48 16.64
C SER E 191 14.68 12.55 15.82
N PHE E 192 14.94 13.62 15.08
CA PHE E 192 16.18 13.76 14.31
C PHE E 192 17.42 13.98 15.16
N THR E 193 18.49 13.23 14.90
CA THR E 193 19.73 13.23 15.70
C THR E 193 20.92 13.92 15.06
N GLY E 194 20.83 14.40 13.82
CA GLY E 194 21.84 15.26 13.19
C GLY E 194 23.22 14.66 12.96
N GLY E 195 23.43 13.36 13.15
CA GLY E 195 24.74 12.72 13.04
C GLY E 195 25.68 13.02 14.21
N ILE E 196 25.14 13.41 15.38
CA ILE E 196 25.89 13.86 16.56
C ILE E 196 25.33 13.26 17.85
N CYS E 197 26.12 13.34 18.93
CA CYS E 197 25.90 12.61 20.17
C CYS E 197 25.60 13.48 21.41
N LYS E 198 25.18 14.74 21.23
CA LYS E 198 24.91 15.65 22.35
C LYS E 198 23.86 15.08 23.30
N THR E 199 24.13 15.18 24.59
CA THR E 199 23.40 14.48 25.65
C THR E 199 23.32 15.32 26.92
N VAL E 200 22.27 15.12 27.70
CA VAL E 200 21.92 15.87 28.91
C VAL E 200 21.59 14.90 30.03
N LYS E 201 22.08 15.21 31.23
CA LYS E 201 21.89 14.41 32.43
C LYS E 201 20.79 15.06 33.26
N SER E 202 19.70 14.35 33.54
CA SER E 202 18.59 14.92 34.33
C SER E 202 18.94 14.97 35.82
N SER E 203 19.64 13.94 36.30
CA SER E 203 20.17 13.77 37.65
C SER E 203 21.34 12.80 37.60
N ARG E 204 22.19 12.75 38.63
CA ARG E 204 23.12 11.62 38.82
C ARG E 204 22.39 10.27 38.84
N THR E 205 21.13 10.26 39.28
CA THR E 205 20.27 9.06 39.34
C THR E 205 19.78 8.57 37.96
N SER E 206 19.54 9.46 36.99
CA SER E 206 18.97 9.08 35.69
C SER E 206 20.01 8.48 34.74
N ASN E 207 19.57 7.71 33.74
CA ASN E 207 20.37 7.51 32.53
C ASN E 207 20.43 8.82 31.71
N PRO E 208 21.46 9.05 30.87
CA PRO E 208 21.50 10.24 30.03
C PRO E 208 20.39 10.25 28.97
N TYR E 209 19.77 11.40 28.73
CA TYR E 209 18.92 11.63 27.57
C TYR E 209 19.74 12.17 26.39
N ARG E 210 19.29 11.90 25.17
CA ARG E 210 19.87 12.50 23.95
C ARG E 210 19.09 13.75 23.53
N VAL E 211 19.78 14.73 22.96
CA VAL E 211 19.15 15.98 22.49
C VAL E 211 18.99 15.94 20.97
N PRO E 212 17.78 16.10 20.40
CA PRO E 212 17.62 16.22 18.96
C PRO E 212 18.19 17.53 18.43
N ALA E 213 18.71 17.52 17.20
CA ALA E 213 19.46 18.63 16.64
C ALA E 213 18.67 19.94 16.49
N ASN E 214 17.34 19.91 16.56
CA ASN E 214 16.50 21.10 16.55
C ASN E 214 16.59 21.96 17.82
N LEU E 215 17.14 21.44 18.93
CA LEU E 215 17.17 22.14 20.21
C LEU E 215 18.55 22.72 20.51
N GLU E 216 18.58 23.98 20.89
CA GLU E 216 19.78 24.78 21.15
C GLU E 216 20.26 24.64 22.59
N ASN E 217 19.33 24.55 23.53
CA ASN E 217 19.55 24.29 24.95
C ASN E 217 18.36 23.52 25.51
N VAL E 218 18.61 22.69 26.51
CA VAL E 218 17.59 22.04 27.33
C VAL E 218 18.13 21.99 28.77
N GLY E 219 17.27 22.01 29.78
CA GLY E 219 17.66 21.81 31.17
C GLY E 219 16.53 21.31 32.04
N PHE E 220 16.87 20.65 33.15
CA PHE E 220 15.91 19.94 34.03
C PHE E 220 15.74 20.56 35.42
N GLU E 221 16.04 21.84 35.61
CA GLU E 221 15.97 22.49 36.94
C GLU E 221 14.52 22.68 37.40
N VAL E 222 14.05 21.89 38.36
CA VAL E 222 12.67 21.98 38.87
C VAL E 222 12.45 23.31 39.58
N GLN E 223 11.39 24.00 39.19
CA GLN E 223 10.96 25.30 39.71
C GLN E 223 9.46 25.28 39.92
N THR E 224 8.93 26.21 40.72
CA THR E 224 7.50 26.31 41.04
C THR E 224 7.02 27.71 40.68
N ALA E 225 6.77 27.92 39.38
CA ALA E 225 6.50 29.23 38.82
C ALA E 225 5.20 29.87 39.35
N GLU E 226 4.23 29.06 39.76
CA GLU E 226 3.06 29.51 40.51
C GLU E 226 2.73 28.52 41.61
N ASP E 227 2.30 29.07 42.74
CA ASP E 227 1.84 28.37 43.93
C ASP E 227 0.83 29.27 44.60
N ASP E 228 -0.36 28.77 44.82
CA ASP E 228 -1.48 29.50 45.37
C ASP E 228 -2.24 28.55 46.29
N LEU E 229 -2.43 28.94 47.55
CA LEU E 229 -3.31 28.26 48.49
C LEU E 229 -4.19 29.31 49.13
N LYS E 230 -5.50 29.13 49.02
CA LYS E 230 -6.51 30.02 49.60
C LYS E 230 -7.52 29.19 50.31
N THR E 231 -7.84 29.56 51.54
CA THR E 231 -8.75 28.82 52.38
C THR E 231 -9.48 29.77 53.29
N ASP E 232 -10.72 29.45 53.56
CA ASP E 232 -11.62 30.26 54.35
C ASP E 232 -12.51 29.31 55.12
N PHE E 233 -12.85 29.72 56.34
CA PHE E 233 -13.71 28.98 57.24
C PHE E 233 -14.78 29.94 57.76
N TYR E 234 -15.97 29.43 57.95
CA TYR E 234 -17.05 30.10 58.64
C TYR E 234 -17.63 29.12 59.65
N LYS E 235 -17.83 29.58 60.88
CA LYS E 235 -18.48 28.82 61.95
C LYS E 235 -19.49 29.71 62.63
N ASP E 236 -20.67 29.18 62.88
CA ASP E 236 -21.71 29.85 63.65
C ASP E 236 -22.33 28.83 64.60
N LEU E 237 -22.56 29.23 65.84
CA LEU E 237 -23.29 28.44 66.81
C LEU E 237 -24.24 29.36 67.55
N THR E 238 -25.49 28.93 67.68
CA THR E 238 -26.56 29.66 68.35
C THR E 238 -27.22 28.74 69.34
N SER E 239 -27.61 29.28 70.50
CA SER E 239 -28.34 28.53 71.51
C SER E 239 -29.41 29.44 72.08
N LEU E 240 -30.62 28.92 72.22
CA LEU E 240 -31.78 29.64 72.71
C LEU E 240 -32.49 28.76 73.73
N GLY E 241 -32.91 29.35 74.84
CA GLY E 241 -33.58 28.66 75.94
C GLY E 241 -34.75 29.46 76.46
N HIS E 242 -35.82 28.77 76.84
CA HIS E 242 -36.97 29.36 77.49
C HIS E 242 -37.43 28.43 78.63
N ASN E 243 -37.71 28.97 79.81
CA ASN E 243 -38.36 28.20 80.86
C ASN E 243 -39.28 29.06 81.71
N GLU E 244 -40.37 28.46 82.15
CA GLU E 244 -41.41 29.10 82.94
C GLU E 244 -41.94 28.14 84.01
N ASN E 245 -42.28 28.67 85.18
CA ASN E 245 -43.19 27.99 86.09
C ASN E 245 -44.22 28.97 86.66
N GLN E 246 -45.47 28.54 86.73
CA GLN E 246 -46.60 29.35 87.17
C GLN E 246 -47.45 28.57 88.15
N GLN E 247 -47.91 29.21 89.22
CA GLN E 247 -48.83 28.65 90.19
C GLN E 247 -49.85 29.70 90.60
N GLY E 248 -51.09 29.29 90.80
CA GLY E 248 -52.16 30.14 91.30
C GLY E 248 -53.17 29.34 92.12
N SER E 249 -53.72 29.96 93.17
CA SER E 249 -54.83 29.39 93.93
C SER E 249 -55.82 30.47 94.38
N PHE E 250 -57.10 30.11 94.40
CA PHE E 250 -58.23 31.01 94.63
C PHE E 250 -59.29 30.31 95.50
N SER E 251 -59.96 31.06 96.37
CA SER E 251 -60.95 30.52 97.31
C SER E 251 -62.13 31.47 97.51
N SER E 252 -63.33 30.94 97.70
CA SER E 252 -64.57 31.71 97.86
C SER E 252 -65.56 31.04 98.83
N ARG E 268 -78.77 27.68 103.02
CA ARG E 268 -77.70 26.86 102.45
C ARG E 268 -76.32 27.40 102.84
N SER E 269 -75.36 26.49 103.05
CA SER E 269 -73.93 26.81 103.19
C SER E 269 -73.14 26.22 102.01
N GLU E 270 -72.38 27.05 101.31
CA GLU E 270 -71.67 26.67 100.08
C GLU E 270 -70.25 27.29 100.02
N ASN E 271 -69.26 26.52 99.56
CA ASN E 271 -67.84 26.94 99.52
C ASN E 271 -67.12 26.39 98.28
N ILE E 272 -66.14 27.13 97.74
CA ILE E 272 -65.36 26.79 96.54
C ILE E 272 -63.86 27.04 96.78
N ASN E 273 -63.00 26.13 96.29
CA ASN E 273 -61.54 26.24 96.31
C ASN E 273 -60.96 25.82 94.94
N HIS E 274 -59.86 26.45 94.51
CA HIS E 274 -59.32 26.31 93.15
C HIS E 274 -57.79 26.35 93.16
N ASN E 275 -57.15 25.59 92.26
CA ASN E 275 -55.71 25.62 92.02
C ASN E 275 -55.43 25.52 90.52
N SER E 276 -54.37 26.15 90.04
CA SER E 276 -53.80 25.83 88.71
C SER E 276 -52.30 26.06 88.69
N ALA E 277 -51.60 25.35 87.81
CA ALA E 277 -50.17 25.50 87.59
C ALA E 277 -49.79 25.18 86.14
N PHE E 278 -48.63 25.68 85.70
CA PHE E 278 -48.05 25.41 84.40
C PHE E 278 -46.54 25.39 84.50
N LYS E 279 -45.87 24.60 83.66
CA LYS E 279 -44.42 24.56 83.53
C LYS E 279 -44.03 24.41 82.07
N GLN E 280 -42.94 25.03 81.68
CA GLN E 280 -42.31 24.80 80.39
C GLN E 280 -40.79 24.83 80.53
N ALA E 281 -40.10 24.01 79.76
CA ALA E 281 -38.68 24.19 79.48
C ALA E 281 -38.40 23.79 78.04
N ILE E 282 -37.80 24.67 77.24
CA ILE E 282 -37.57 24.51 75.81
C ILE E 282 -36.16 24.98 75.49
N GLN E 283 -35.49 24.27 74.60
CA GLN E 283 -34.15 24.59 74.16
C GLN E 283 -34.03 24.37 72.65
N ALA E 284 -33.27 25.22 71.99
CA ALA E 284 -33.01 25.13 70.57
C ALA E 284 -31.58 25.53 70.27
N SER E 285 -31.04 25.01 69.18
CA SER E 285 -29.73 25.40 68.69
C SER E 285 -29.65 25.22 67.20
N HIS E 286 -28.84 26.05 66.56
CA HIS E 286 -28.44 25.89 65.19
C HIS E 286 -26.94 26.11 65.10
N LYS E 287 -26.29 25.31 64.27
CA LYS E 287 -24.86 25.39 63.99
C LYS E 287 -24.68 25.41 62.50
N LYS E 288 -23.72 26.18 62.01
CA LYS E 288 -23.29 26.18 60.62
C LYS E 288 -21.78 26.14 60.58
N ASP E 289 -21.28 25.39 59.65
CA ASP E 289 -19.88 25.27 59.32
C ASP E 289 -19.78 25.41 57.80
N SER E 290 -18.77 26.08 57.31
CA SER E 290 -18.39 26.00 55.92
C SER E 290 -16.91 26.18 55.83
N SER E 291 -16.30 25.47 54.93
CA SER E 291 -14.87 25.49 54.71
C SER E 291 -14.64 25.41 53.23
N PHE E 292 -13.63 26.09 52.77
CA PHE E 292 -13.25 26.09 51.39
C PHE E 292 -11.73 26.08 51.33
N ILE E 293 -11.21 25.41 50.31
CA ILE E 293 -9.77 25.36 50.05
C ILE E 293 -9.52 25.25 48.55
N ARG E 294 -8.75 26.15 47.99
CA ARG E 294 -8.32 26.07 46.61
C ARG E 294 -6.81 26.08 46.57
N ILE E 295 -6.26 25.23 45.73
CA ILE E 295 -4.85 25.02 45.51
C ILE E 295 -4.64 25.13 44.03
N HIS E 296 -3.58 25.80 43.64
CA HIS E 296 -3.09 25.78 42.28
C HIS E 296 -1.58 25.80 42.36
N LYS E 297 -0.95 24.82 41.73
CA LYS E 297 0.50 24.70 41.65
C LYS E 297 0.90 24.45 40.23
N VAL E 298 1.98 25.08 39.82
CA VAL E 298 2.55 25.01 38.50
C VAL E 298 4.02 24.70 38.66
N MET E 299 4.49 23.64 38.03
CA MET E 299 5.80 23.05 38.23
C MET E 299 6.47 22.98 36.88
N LYS E 300 7.76 23.24 36.82
CA LYS E 300 8.51 23.34 35.56
C LYS E 300 9.72 22.44 35.70
N VAL E 301 9.53 21.19 35.30
CA VAL E 301 10.55 20.15 35.39
C VAL E 301 11.59 20.24 34.28
N LEU E 302 11.32 21.01 33.23
CA LEU E 302 12.17 21.04 32.03
C LEU E 302 11.99 22.41 31.37
N ASN E 303 12.95 22.87 30.55
CA ASN E 303 12.89 24.19 29.88
C ASN E 303 13.89 24.26 28.70
N PHE E 304 13.37 24.46 27.47
CA PHE E 304 14.06 24.20 26.19
C PHE E 304 14.04 25.44 25.31
N THR E 305 14.98 25.58 24.33
CA THR E 305 15.07 26.57 23.26
C THR E 305 15.33 25.87 21.94
N THR E 306 14.61 26.24 20.89
CA THR E 306 14.74 25.72 19.53
C THR E 306 15.78 26.55 18.78
N LYS E 307 16.52 25.98 17.82
CA LYS E 307 17.49 26.75 17.03
C LYS E 307 16.86 27.92 16.25
N ALA E 308 17.69 28.89 15.86
CA ALA E 308 17.28 29.98 14.99
C ALA E 308 17.26 29.64 13.49
N LYS E 309 18.10 28.70 13.04
CA LYS E 309 18.32 28.37 11.62
C LYS E 309 18.49 26.86 11.39
N ASP E 310 18.33 26.44 10.14
CA ASP E 310 18.66 25.10 9.64
C ASP E 310 17.92 23.95 10.35
N LEU E 311 16.66 24.17 10.72
CA LEU E 311 15.80 23.18 11.38
C LEU E 311 15.42 22.03 10.44
N HIS E 312 15.15 20.86 11.01
CA HIS E 312 14.72 19.68 10.28
C HIS E 312 13.24 19.44 10.53
N LEU E 313 12.44 19.51 9.46
CA LEU E 313 10.99 19.55 9.50
C LEU E 313 10.36 18.17 9.53
N SER E 314 9.22 18.07 10.19
CA SER E 314 8.37 16.89 10.26
C SER E 314 8.00 16.37 8.87
N ASP E 315 8.02 15.06 8.66
CA ASP E 315 7.72 14.46 7.36
C ASP E 315 6.33 14.82 6.86
N VAL E 316 5.32 14.71 7.73
CA VAL E 316 3.95 15.03 7.34
C VAL E 316 3.79 16.52 7.00
N PHE E 317 4.54 17.40 7.65
CA PHE E 317 4.54 18.82 7.33
C PHE E 317 5.21 19.08 6.00
N LEU E 318 6.39 18.50 5.76
CA LEU E 318 7.14 18.69 4.53
C LEU E 318 6.36 18.19 3.32
N LYS E 319 5.57 17.13 3.50
CA LYS E 319 4.65 16.61 2.49
C LYS E 319 3.58 17.63 2.13
N ALA E 320 2.93 18.23 3.11
CA ALA E 320 1.90 19.24 2.86
C ALA E 320 2.47 20.50 2.21
N LEU E 321 3.65 20.98 2.61
CA LEU E 321 4.32 22.08 1.92
C LEU E 321 4.69 21.76 0.47
N ASN E 322 5.18 20.57 0.17
CA ASN E 322 5.40 20.15 -1.21
C ASN E 322 4.10 20.07 -2.00
N HIS E 323 2.98 19.69 -1.41
CA HIS E 323 1.69 19.58 -2.08
C HIS E 323 1.03 20.91 -2.44
N LEU E 324 1.22 21.98 -1.67
CA LEU E 324 0.59 23.30 -1.91
C LEU E 324 0.80 23.84 -3.33
N PRO E 325 -0.21 24.46 -3.98
CA PRO E 325 -0.06 25.04 -5.30
C PRO E 325 0.88 26.23 -5.32
N LEU E 326 1.57 26.44 -6.42
CA LEU E 326 2.50 27.55 -6.60
C LEU E 326 1.79 28.90 -6.75
N GLU E 327 0.66 28.93 -7.43
CA GLU E 327 -0.26 30.06 -7.43
C GLU E 327 -1.06 30.11 -6.13
N TYR E 328 -1.43 31.30 -5.67
CA TYR E 328 -2.18 31.46 -4.44
C TYR E 328 -3.60 30.85 -4.56
N ASN E 329 -4.02 30.07 -3.56
CA ASN E 329 -5.40 29.69 -3.33
C ASN E 329 -5.69 29.81 -1.84
N SER E 330 -6.70 30.58 -1.44
CA SER E 330 -6.95 30.85 -0.03
C SER E 330 -7.38 29.61 0.74
N ALA E 331 -8.28 28.80 0.19
CA ALA E 331 -8.72 27.54 0.79
C ALA E 331 -7.57 26.56 1.02
N LEU E 332 -6.78 26.27 0.00
CA LEU E 332 -5.69 25.30 0.10
C LEU E 332 -4.60 25.75 1.05
N TYR E 333 -4.18 27.02 1.04
CA TYR E 333 -3.21 27.48 2.03
C TYR E 333 -3.81 27.62 3.43
N SER E 334 -5.09 27.97 3.59
CA SER E 334 -5.73 28.02 4.91
C SER E 334 -5.70 26.69 5.63
N ARG E 335 -5.83 25.60 4.87
CA ARG E 335 -5.85 24.23 5.38
C ARG E 335 -4.56 23.86 6.13
N ILE E 336 -3.42 24.48 5.82
CA ILE E 336 -2.19 24.33 6.59
C ILE E 336 -2.41 24.75 8.04
N PHE E 337 -3.12 25.85 8.29
CA PHE E 337 -3.33 26.31 9.65
C PHE E 337 -4.28 25.42 10.41
N ASP E 338 -5.29 24.87 9.76
CA ASP E 338 -6.20 23.91 10.38
C ASP E 338 -5.48 22.59 10.74
N ASP E 339 -4.41 22.22 10.04
CA ASP E 339 -3.67 20.97 10.22
C ASP E 339 -2.39 21.10 11.07
N PHE E 340 -1.66 22.20 10.95
CA PHE E 340 -0.36 22.41 11.58
C PHE E 340 -0.29 23.63 12.50
N GLY E 341 -1.34 24.44 12.56
CA GLY E 341 -1.34 25.67 13.35
C GLY E 341 -0.55 26.80 12.70
N THR E 342 -0.32 27.86 13.47
CA THR E 342 0.10 29.17 12.96
C THR E 342 1.51 29.52 13.38
N HIS E 343 2.02 28.95 14.47
CA HIS E 343 3.29 29.30 15.09
C HIS E 343 3.98 28.07 15.69
N TYR E 344 5.29 28.13 15.92
CA TYR E 344 6.05 27.07 16.60
C TYR E 344 6.76 27.60 17.84
N PHE E 345 6.95 26.74 18.84
CA PHE E 345 7.62 27.09 20.09
C PHE E 345 9.11 27.34 19.89
N THR E 346 9.57 28.58 20.06
CA THR E 346 11.00 28.90 20.06
C THR E 346 11.64 28.67 21.42
N SER E 347 10.86 28.77 22.50
CA SER E 347 11.24 28.36 23.84
C SER E 347 9.99 28.06 24.64
N GLY E 348 10.09 27.27 25.70
CA GLY E 348 8.98 27.05 26.59
C GLY E 348 9.35 26.25 27.83
N SER E 349 8.40 26.16 28.75
CA SER E 349 8.52 25.38 29.98
C SER E 349 7.62 24.17 29.93
N LEU E 350 8.23 22.99 30.09
CA LEU E 350 7.55 21.72 30.16
C LEU E 350 7.43 21.32 31.62
N GLY E 351 6.20 21.07 31.98
CA GLY E 351 5.65 21.25 33.29
C GLY E 351 4.55 20.30 33.68
N GLY E 352 4.22 20.32 34.96
CA GLY E 352 3.00 19.71 35.46
C GLY E 352 2.19 20.73 36.24
N VAL E 353 0.87 20.65 36.16
CA VAL E 353 -0.06 21.59 36.79
C VAL E 353 -1.06 20.82 37.60
N TYR E 354 -1.32 21.30 38.80
CA TYR E 354 -2.33 20.76 39.69
C TYR E 354 -3.24 21.88 40.13
N ASP E 355 -4.52 21.65 40.08
CA ASP E 355 -5.57 22.55 40.48
C ASP E 355 -6.55 21.75 41.31
N LEU E 356 -6.94 22.26 42.46
CA LEU E 356 -7.92 21.64 43.34
C LEU E 356 -8.77 22.73 43.92
N LEU E 357 -10.07 22.53 43.92
CA LEU E 357 -11.00 23.22 44.77
C LEU E 357 -11.66 22.16 45.62
N TYR E 358 -11.79 22.44 46.90
CA TYR E 358 -12.55 21.65 47.86
C TYR E 358 -13.46 22.62 48.59
N GLN E 359 -14.68 22.22 48.81
CA GLN E 359 -15.69 23.08 49.36
C GLN E 359 -16.64 22.23 50.18
N PHE E 360 -16.83 22.61 51.43
CA PHE E 360 -17.63 21.89 52.40
C PHE E 360 -18.59 22.84 53.07
N SER E 361 -19.81 22.40 53.27
CA SER E 361 -20.83 23.07 54.02
C SER E 361 -21.46 22.06 54.95
N SER E 362 -21.73 22.44 56.18
CA SER E 362 -22.48 21.64 57.13
C SER E 362 -23.39 22.52 57.96
N GLU E 363 -24.54 22.00 58.30
CA GLU E 363 -25.60 22.67 59.02
C GLU E 363 -26.19 21.69 60.02
N GLU E 364 -26.49 22.15 61.22
CA GLU E 364 -27.21 21.38 62.22
C GLU E 364 -28.29 22.24 62.83
N LEU E 365 -29.44 21.64 63.11
CA LEU E 365 -30.49 22.19 63.93
C LEU E 365 -30.84 21.16 64.99
N LYS E 366 -31.12 21.63 66.20
CA LYS E 366 -31.47 20.82 67.35
C LYS E 366 -32.63 21.47 68.07
N ASN E 367 -33.51 20.68 68.62
CA ASN E 367 -34.70 21.13 69.33
C ASN E 367 -34.99 20.20 70.50
N SER E 368 -35.41 20.73 71.63
CA SER E 368 -35.94 19.97 72.75
C SER E 368 -37.02 20.78 73.45
N GLY E 369 -38.06 20.12 73.95
CA GLY E 369 -39.13 20.81 74.68
C GLY E 369 -39.84 19.90 75.66
N LEU E 370 -40.23 20.47 76.80
CA LEU E 370 -40.99 19.86 77.88
C LEU E 370 -42.10 20.82 78.29
N THR E 371 -43.27 20.32 78.65
CA THR E 371 -44.41 21.13 79.09
C THR E 371 -45.29 20.36 80.04
N GLU E 372 -45.88 21.05 81.01
CA GLU E 372 -46.96 20.54 81.86
C GLU E 372 -47.98 21.64 82.14
N GLU E 373 -49.25 21.27 82.30
CA GLU E 373 -50.31 22.18 82.69
C GLU E 373 -51.30 21.44 83.59
N GLU E 374 -51.84 22.09 84.61
CA GLU E 374 -52.76 21.49 85.57
C GLU E 374 -53.79 22.51 86.08
N ALA E 375 -55.03 22.08 86.32
CA ALA E 375 -56.03 22.87 87.02
C ALA E 375 -56.97 21.95 87.83
N LYS E 376 -57.36 22.39 89.02
CA LYS E 376 -58.15 21.64 90.00
C LYS E 376 -59.19 22.53 90.66
N HIS E 377 -60.38 22.00 90.89
CA HIS E 377 -61.58 22.77 91.24
C HIS E 377 -62.45 21.98 92.22
N CYS E 378 -62.56 22.43 93.46
CA CYS E 378 -63.29 21.73 94.52
C CYS E 378 -64.43 22.60 95.09
N VAL E 379 -65.50 21.95 95.54
CA VAL E 379 -66.72 22.59 96.04
C VAL E 379 -67.38 21.75 97.14
N ARG E 380 -68.04 22.40 98.09
CA ARG E 380 -68.92 21.78 99.09
C ARG E 380 -70.22 22.57 99.20
N ILE E 381 -71.34 21.88 99.30
CA ILE E 381 -72.68 22.46 99.49
C ILE E 381 -73.45 21.65 100.55
N GLU E 382 -74.18 22.32 101.45
CA GLU E 382 -74.96 21.65 102.50
C GLU E 382 -76.16 22.49 102.99
N THR E 383 -77.14 21.81 103.59
CA THR E 383 -78.35 22.43 104.18
C THR E 383 -78.98 21.55 105.27
N THR E 393 -81.22 16.70 106.96
CA THR E 393 -79.92 17.25 106.55
C THR E 393 -79.45 16.69 105.21
N LYS E 394 -78.83 17.53 104.38
CA LYS E 394 -78.24 17.15 103.09
C LYS E 394 -76.85 17.77 102.93
N VAL E 395 -75.87 16.97 102.46
CA VAL E 395 -74.47 17.37 102.25
C VAL E 395 -73.96 16.83 100.91
N GLU E 396 -73.19 17.61 100.17
CA GLU E 396 -72.40 17.15 99.02
C GLU E 396 -71.02 17.83 98.97
N HIS E 397 -69.97 17.06 98.68
CA HIS E 397 -68.59 17.52 98.48
C HIS E 397 -68.02 16.90 97.21
N ARG E 398 -67.34 17.70 96.38
CA ARG E 398 -66.91 17.30 95.03
C ARG E 398 -65.60 17.99 94.65
N CYS E 399 -64.76 17.33 93.86
CA CYS E 399 -63.62 17.97 93.22
C CYS E 399 -63.30 17.35 91.84
N THR E 400 -62.69 18.13 90.95
CA THR E 400 -62.32 17.70 89.61
C THR E 400 -61.03 18.37 89.14
N THR E 401 -60.31 17.70 88.26
CA THR E 401 -58.96 18.07 87.82
C THR E 401 -58.81 17.80 86.34
N ASN E 402 -58.02 18.61 85.64
CA ASN E 402 -57.53 18.32 84.31
C ASN E 402 -56.04 18.65 84.24
N LYS E 403 -55.30 17.86 83.47
CA LYS E 403 -53.84 17.93 83.38
C LYS E 403 -53.38 17.52 82.00
N LEU E 404 -52.22 18.04 81.58
CA LEU E 404 -51.58 17.73 80.31
C LEU E 404 -50.07 17.72 80.50
N SER E 405 -49.38 17.03 79.62
CA SER E 405 -47.96 17.24 79.36
C SER E 405 -47.68 17.06 77.88
N GLU E 406 -46.63 17.70 77.38
CA GLU E 406 -46.09 17.42 76.06
C GLU E 406 -44.56 17.42 76.13
N LYS E 407 -43.95 16.73 75.18
CA LYS E 407 -42.51 16.75 74.96
C LYS E 407 -42.22 16.65 73.47
N HIS E 408 -41.12 17.25 73.05
CA HIS E 408 -40.67 17.27 71.69
C HIS E 408 -39.16 17.09 71.66
N GLU E 409 -38.66 16.51 70.59
CA GLU E 409 -37.26 16.58 70.21
C GLU E 409 -37.20 16.66 68.69
N GLY E 410 -36.15 17.26 68.16
CA GLY E 410 -35.97 17.37 66.73
C GLY E 410 -34.51 17.56 66.40
N SER E 411 -34.11 17.06 65.25
CA SER E 411 -32.76 17.22 64.74
C SER E 411 -32.80 17.25 63.23
N PHE E 412 -31.92 18.02 62.64
CA PHE E 412 -31.76 18.10 61.21
C PHE E 412 -30.31 18.42 60.98
N ILE E 413 -29.59 17.55 60.28
CA ILE E 413 -28.22 17.79 59.87
C ILE E 413 -28.16 17.72 58.37
N GLN E 414 -27.43 18.63 57.75
CA GLN E 414 -27.36 18.75 56.31
C GLN E 414 -25.94 19.13 55.93
N GLY E 415 -25.43 18.55 54.86
CA GLY E 415 -24.06 18.73 54.44
C GLY E 415 -23.94 18.64 52.94
N ALA E 416 -23.03 19.43 52.39
CA ALA E 416 -22.61 19.30 51.02
C ALA E 416 -21.10 19.35 50.95
N GLU E 417 -20.51 18.51 50.12
CA GLU E 417 -19.10 18.55 49.80
C GLU E 417 -18.96 18.55 48.29
N LYS E 418 -18.00 19.29 47.79
CA LYS E 418 -17.66 19.34 46.39
C LYS E 418 -16.16 19.35 46.27
N SER E 419 -15.65 18.75 45.21
CA SER E 419 -14.27 18.92 44.80
C SER E 419 -14.19 18.98 43.31
N ILE E 420 -13.26 19.75 42.80
CA ILE E 420 -12.96 19.84 41.38
C ILE E 420 -11.46 19.86 41.28
N SER E 421 -10.88 19.04 40.45
CA SER E 421 -9.44 18.99 40.28
C SER E 421 -9.04 18.72 38.86
N LEU E 422 -7.95 19.33 38.45
CA LEU E 422 -7.33 19.13 37.17
C LEU E 422 -5.86 18.83 37.42
N ILE E 423 -5.33 17.92 36.65
CA ILE E 423 -3.92 17.61 36.56
C ILE E 423 -3.53 17.63 35.10
N ARG E 424 -2.38 18.17 34.80
CA ARG E 424 -1.73 18.08 33.50
C ARG E 424 -0.30 17.64 33.69
N GLY E 425 0.20 16.78 32.82
CA GLY E 425 1.52 16.18 32.97
C GLY E 425 1.52 15.06 33.99
N GLY E 426 2.53 14.21 33.91
CA GLY E 426 2.65 13.00 34.72
C GLY E 426 2.23 11.74 33.97
N ARG E 427 1.87 10.70 34.70
CA ARG E 427 1.60 9.36 34.20
C ARG E 427 0.33 8.88 34.85
N SER E 428 -0.51 8.16 34.13
CA SER E 428 -1.92 8.17 34.51
C SER E 428 -2.20 7.52 35.85
N GLU E 429 -1.42 6.53 36.31
CA GLU E 429 -1.64 5.92 37.64
C GLU E 429 -1.45 6.90 38.81
N TYR E 430 -0.38 7.68 38.79
CA TYR E 430 -0.08 8.64 39.84
C TYR E 430 -0.92 9.90 39.73
N GLY E 431 -1.14 10.37 38.50
CA GLY E 431 -2.04 11.48 38.25
C GLY E 431 -3.45 11.13 38.71
N ALA E 432 -3.91 9.91 38.46
CA ALA E 432 -5.14 9.41 39.02
C ALA E 432 -5.09 9.48 40.53
N ALA E 433 -4.08 8.88 41.17
CA ALA E 433 -3.95 8.91 42.63
C ALA E 433 -4.07 10.32 43.20
N LEU E 434 -3.41 11.32 42.59
CA LEU E 434 -3.48 12.71 43.03
C LEU E 434 -4.82 13.36 42.72
N ALA E 435 -5.36 13.20 41.52
CA ALA E 435 -6.65 13.78 41.17
C ALA E 435 -7.78 13.22 42.01
N TRP E 436 -7.66 12.00 42.50
CA TRP E 436 -8.69 11.36 43.28
C TRP E 436 -8.78 11.88 44.70
N GLU E 437 -7.77 12.59 45.18
CA GLU E 437 -7.78 13.15 46.52
C GLU E 437 -8.89 14.17 46.68
N LYS E 438 -9.87 13.88 47.55
CA LYS E 438 -11.01 14.76 47.81
C LYS E 438 -10.57 16.15 48.23
N GLY E 439 -9.37 16.27 48.81
CA GLY E 439 -8.70 17.55 49.04
C GLY E 439 -8.97 18.19 50.40
N SER E 440 -9.66 17.50 51.31
CA SER E 440 -10.14 18.06 52.58
C SER E 440 -9.03 18.67 53.45
N SER E 441 -7.80 18.18 53.30
CA SER E 441 -6.61 18.61 54.02
C SER E 441 -5.58 19.32 53.14
N GLY E 442 -5.92 19.65 51.90
CA GLY E 442 -4.98 20.22 50.93
C GLY E 442 -4.04 19.18 50.37
N LEU E 443 -2.76 19.51 50.20
CA LEU E 443 -1.77 18.57 49.66
C LEU E 443 -1.58 17.36 50.57
N GLU E 444 -1.61 16.16 50.01
CA GLU E 444 -0.96 14.98 50.60
C GLU E 444 0.41 14.84 49.97
N GLU E 445 1.47 15.20 50.68
CA GLU E 445 2.81 15.31 50.11
C GLU E 445 3.35 14.01 49.50
N LYS E 446 2.94 12.85 50.01
CA LYS E 446 3.30 11.56 49.40
C LYS E 446 2.71 11.44 48.00
N THR E 447 1.41 11.64 47.85
CA THR E 447 0.75 11.53 46.53
C THR E 447 1.27 12.61 45.59
N PHE E 448 1.43 13.84 46.06
CA PHE E 448 1.96 14.90 45.25
C PHE E 448 3.38 14.61 44.77
N SER E 449 4.27 14.10 45.64
CA SER E 449 5.65 13.87 45.26
C SER E 449 5.81 12.68 44.32
N GLU E 450 4.95 11.66 44.40
CA GLU E 450 4.87 10.60 43.39
C GLU E 450 4.36 11.13 42.03
N TRP E 451 3.37 12.02 42.04
CA TRP E 451 2.96 12.71 40.82
C TRP E 451 4.07 13.57 40.23
N LEU E 452 4.77 14.38 41.01
CA LEU E 452 5.87 15.19 40.49
C LEU E 452 6.99 14.32 39.92
N GLU E 453 7.27 13.16 40.51
CA GLU E 453 8.24 12.22 39.92
C GLU E 453 7.74 11.64 38.59
N SER E 454 6.42 11.52 38.42
CA SER E 454 5.82 11.19 37.13
C SER E 454 6.01 12.31 36.12
N VAL E 455 5.83 13.56 36.54
CA VAL E 455 5.92 14.73 35.66
C VAL E 455 7.29 14.81 35.04
N LYS E 456 8.36 14.45 35.76
CA LYS E 456 9.72 14.45 35.22
C LYS E 456 9.86 13.47 34.05
N GLU E 457 9.12 12.37 34.06
CA GLU E 457 9.11 11.38 32.96
C GLU E 457 8.13 11.72 31.83
N ASN E 458 7.08 12.51 32.08
CA ASN E 458 6.09 12.87 31.06
C ASN E 458 5.45 14.26 31.30
N PRO E 459 6.14 15.35 30.91
CA PRO E 459 5.62 16.70 31.04
C PRO E 459 4.40 17.04 30.16
N ALA E 460 3.78 18.20 30.42
CA ALA E 460 2.83 18.92 29.59
C ALA E 460 3.31 20.36 29.37
N VAL E 461 2.91 21.06 28.30
CA VAL E 461 3.33 22.46 28.07
C VAL E 461 2.65 23.40 29.07
N ILE E 462 3.39 24.31 29.70
CA ILE E 462 2.85 25.33 30.61
C ILE E 462 2.97 26.74 30.04
N ASP E 463 4.14 27.15 29.58
CA ASP E 463 4.33 28.44 28.92
C ASP E 463 5.32 28.33 27.77
N PHE E 464 5.30 29.33 26.89
CA PHE E 464 5.97 29.28 25.60
C PHE E 464 6.19 30.66 24.99
N GLU E 465 7.12 30.72 24.04
CA GLU E 465 7.37 31.83 23.15
C GLU E 465 7.28 31.33 21.70
N LEU E 466 6.75 32.17 20.79
CA LEU E 466 6.31 31.75 19.46
C LEU E 466 6.99 32.54 18.34
N ALA E 467 7.31 31.84 17.25
CA ALA E 467 7.58 32.40 15.94
C ALA E 467 6.57 31.82 14.93
N PRO E 468 6.22 32.50 13.84
CA PRO E 468 5.19 32.03 12.94
C PRO E 468 5.68 30.85 12.10
N ILE E 469 4.78 29.92 11.79
CA ILE E 469 5.08 28.69 11.03
C ILE E 469 5.72 29.01 9.67
N VAL E 470 5.38 30.14 9.09
CA VAL E 470 5.90 30.60 7.80
C VAL E 470 7.40 30.88 7.80
N ASP E 471 8.06 31.08 8.94
CA ASP E 471 9.51 31.24 8.95
C ASP E 471 10.25 29.91 8.73
N LEU E 472 9.56 28.79 8.94
CA LEU E 472 10.14 27.45 8.82
C LEU E 472 10.22 26.96 7.38
N VAL E 473 9.36 27.48 6.51
CA VAL E 473 9.21 26.94 5.17
C VAL E 473 10.40 27.35 4.30
N ARG E 474 11.41 26.51 4.42
CA ARG E 474 12.78 26.69 3.94
C ARG E 474 13.26 25.40 3.29
N ASN E 475 14.02 25.50 2.21
CA ASN E 475 14.56 24.35 1.46
C ASN E 475 13.58 23.34 0.84
N ILE E 476 12.26 23.62 0.81
CA ILE E 476 11.30 22.98 -0.11
C ILE E 476 11.47 23.51 -1.54
N PRO E 477 10.99 22.83 -2.58
CA PRO E 477 10.84 23.41 -3.91
C PRO E 477 9.90 24.62 -3.92
N CYS E 478 10.31 25.66 -4.64
CA CYS E 478 9.66 26.97 -4.76
C CYS E 478 9.38 27.65 -3.41
N ALA E 479 10.28 27.46 -2.45
CA ALA E 479 10.07 27.91 -1.08
C ALA E 479 9.65 29.37 -0.99
N VAL E 480 10.36 30.28 -1.64
CA VAL E 480 10.09 31.70 -1.50
C VAL E 480 8.67 32.01 -1.92
N THR E 481 8.22 31.40 -3.01
CA THR E 481 6.86 31.58 -3.49
C THR E 481 5.85 31.07 -2.48
N LYS E 482 6.02 29.83 -2.01
CA LYS E 482 5.03 29.22 -1.10
C LYS E 482 5.00 29.91 0.25
N ARG E 483 6.17 30.36 0.72
CA ARG E 483 6.30 31.17 1.93
C ARG E 483 5.45 32.42 1.83
N ASN E 484 5.65 33.20 0.78
CA ASN E 484 4.93 34.45 0.62
C ASN E 484 3.43 34.20 0.58
N ASN E 485 2.99 33.18 -0.12
CA ASN E 485 1.57 32.83 -0.18
C ASN E 485 1.07 32.39 1.20
N LEU E 486 1.90 31.76 2.02
CA LEU E 486 1.51 31.37 3.36
C LEU E 486 1.44 32.56 4.31
N ARG E 487 2.27 33.61 4.13
CA ARG E 487 2.09 34.90 4.81
C ARG E 487 0.73 35.46 4.45
N LYS E 488 0.43 35.61 3.17
CA LYS E 488 -0.84 36.17 2.72
C LYS E 488 -2.02 35.40 3.29
N ALA E 489 -1.92 34.08 3.28
CA ALA E 489 -2.98 33.24 3.77
C ALA E 489 -3.16 33.40 5.27
N LEU E 490 -2.07 33.58 6.03
CA LEU E 490 -2.11 33.76 7.47
C LEU E 490 -2.90 35.01 7.80
N GLN E 491 -2.66 36.10 7.08
CA GLN E 491 -3.42 37.33 7.23
C GLN E 491 -4.89 37.11 6.95
N GLU E 492 -5.24 36.54 5.80
CA GLU E 492 -6.65 36.28 5.49
C GLU E 492 -7.30 35.38 6.52
N TYR E 493 -6.59 34.37 7.01
CA TYR E 493 -7.06 33.46 8.03
C TYR E 493 -7.30 34.20 9.34
N ALA E 494 -6.36 35.05 9.73
CA ALA E 494 -6.47 35.87 10.91
C ALA E 494 -7.69 36.77 10.82
N ALA E 495 -7.85 37.51 9.72
CA ALA E 495 -9.00 38.39 9.55
C ALA E 495 -10.35 37.66 9.67
N LYS E 496 -10.37 36.37 9.34
CA LYS E 496 -11.56 35.54 9.27
C LYS E 496 -11.86 34.85 10.59
N PHE E 497 -10.83 34.46 11.33
CA PHE E 497 -10.94 33.58 12.50
C PHE E 497 -10.37 34.16 13.81
N ASP E 498 -10.01 35.44 13.86
CA ASP E 498 -9.54 36.06 15.09
C ASP E 498 -10.63 36.01 16.16
N PRO E 499 -10.32 35.65 17.41
CA PRO E 499 -11.33 35.46 18.43
C PRO E 499 -12.00 36.76 18.89
N CYS E 500 -11.53 37.93 18.46
CA CYS E 500 -12.15 39.20 18.80
C CYS E 500 -13.65 39.23 18.53
N GLN E 501 -14.10 38.53 17.50
CA GLN E 501 -15.48 38.50 17.04
C GLN E 501 -16.41 37.68 17.92
N CYS E 502 -15.87 36.95 18.90
CA CYS E 502 -16.68 36.24 19.88
C CYS E 502 -17.41 37.23 20.79
N ALA E 503 -18.60 36.88 21.29
CA ALA E 503 -19.15 37.56 22.45
C ALA E 503 -18.17 37.36 23.63
N PRO E 504 -17.99 38.37 24.50
CA PRO E 504 -16.93 38.33 25.50
C PRO E 504 -17.15 37.20 26.51
N CYS E 505 -16.09 36.46 26.80
CA CYS E 505 -16.14 35.32 27.73
C CYS E 505 -16.36 35.82 29.15
N PRO E 506 -17.32 35.29 29.92
CA PRO E 506 -17.56 35.72 31.27
C PRO E 506 -16.34 35.49 32.18
N ASN E 507 -16.28 36.23 33.29
CA ASN E 507 -15.25 36.10 34.31
C ASN E 507 -13.83 36.11 33.76
N ASN E 508 -13.55 37.05 32.88
CA ASN E 508 -12.21 37.37 32.39
C ASN E 508 -11.51 36.29 31.56
N GLY E 509 -12.22 35.28 31.07
CA GLY E 509 -11.64 34.26 30.19
C GLY E 509 -11.15 34.86 28.86
N ARG E 510 -10.04 34.37 28.32
CA ARG E 510 -9.63 34.72 26.95
C ARG E 510 -10.54 33.98 25.97
N PRO E 511 -11.15 34.63 24.98
CA PRO E 511 -11.82 33.90 23.93
C PRO E 511 -10.82 33.15 23.05
N THR E 512 -11.19 31.98 22.58
CA THR E 512 -10.47 31.20 21.57
C THR E 512 -11.45 30.68 20.55
N LEU E 513 -11.09 30.66 19.27
CA LEU E 513 -11.99 30.37 18.15
C LEU E 513 -11.44 29.24 17.29
N SER E 514 -12.21 28.17 17.14
CA SER E 514 -11.84 26.91 16.45
C SER E 514 -12.06 26.88 14.93
N GLY E 515 -12.49 27.98 14.31
CA GLY E 515 -13.01 28.03 12.94
C GLY E 515 -14.53 27.90 12.84
N THR E 516 -15.19 27.43 13.90
CA THR E 516 -16.63 27.16 13.94
C THR E 516 -17.28 27.70 15.21
N GLU E 517 -16.55 27.70 16.33
CA GLU E 517 -17.10 28.06 17.63
C GLU E 517 -16.06 28.72 18.52
N CYS E 518 -16.53 29.54 19.46
CA CYS E 518 -15.69 30.09 20.51
C CYS E 518 -15.74 29.24 21.76
N LEU E 519 -14.59 29.06 22.40
CA LEU E 519 -14.44 28.43 23.69
C LEU E 519 -13.63 29.37 24.60
N CYS E 520 -13.97 29.40 25.88
CA CYS E 520 -13.39 30.33 26.83
C CYS E 520 -12.26 29.66 27.62
N VAL E 521 -11.04 30.18 27.50
CA VAL E 521 -9.91 29.77 28.33
C VAL E 521 -9.99 30.51 29.65
N CYS E 522 -10.30 29.80 30.72
CA CYS E 522 -10.59 30.39 32.02
C CYS E 522 -9.37 30.89 32.79
N GLN E 523 -9.60 31.89 33.65
CA GLN E 523 -8.65 32.29 34.69
C GLN E 523 -8.64 31.25 35.81
N SER E 524 -7.50 31.05 36.46
CA SER E 524 -7.41 30.16 37.62
C SER E 524 -8.41 30.59 38.69
N GLY E 525 -9.21 29.66 39.20
CA GLY E 525 -10.29 29.94 40.17
C GLY E 525 -11.66 30.18 39.54
N THR E 526 -11.80 30.07 38.23
CA THR E 526 -13.09 30.09 37.55
C THR E 526 -13.32 28.78 36.80
N TYR E 527 -14.56 28.31 36.76
CA TYR E 527 -14.92 27.00 36.23
C TYR E 527 -16.35 26.96 35.66
N GLY E 528 -16.82 25.77 35.27
CA GLY E 528 -17.97 25.58 34.39
C GLY E 528 -17.55 25.49 32.92
N GLU E 529 -18.50 25.28 32.01
CA GLU E 529 -18.23 24.93 30.61
C GLU E 529 -17.45 26.01 29.85
N ASN E 530 -17.80 27.27 30.10
CA ASN E 530 -17.27 28.46 29.42
C ASN E 530 -17.05 29.61 30.42
N CYS E 531 -16.43 29.27 31.56
CA CYS E 531 -16.01 30.16 32.63
C CYS E 531 -17.15 30.88 33.35
N GLU E 532 -18.31 30.25 33.47
CA GLU E 532 -19.49 30.90 34.02
C GLU E 532 -19.44 31.14 35.53
N LYS E 533 -18.81 30.27 36.32
CA LYS E 533 -18.87 30.32 37.79
C LYS E 533 -17.49 30.43 38.45
N GLN E 534 -17.51 30.96 39.66
CA GLN E 534 -16.34 31.45 40.39
C GLN E 534 -16.13 30.64 41.68
N SER E 535 -14.88 30.45 42.09
CA SER E 535 -14.58 29.95 43.43
C SER E 535 -14.98 30.97 44.51
N PRO E 536 -15.24 30.52 45.75
CA PRO E 536 -15.49 31.42 46.86
C PRO E 536 -14.36 32.44 47.13
N ASP E 537 -13.11 32.16 46.74
CA ASP E 537 -12.01 33.12 46.87
C ASP E 537 -11.95 34.19 45.78
N TYR E 538 -12.89 34.26 44.83
CA TYR E 538 -12.85 35.21 43.71
C TYR E 538 -13.21 36.65 44.13
N LYS E 539 -12.41 37.23 45.03
CA LYS E 539 -12.25 38.68 45.18
C LYS E 539 -11.64 39.26 43.90
N SER E 540 -11.78 40.58 43.71
CA SER E 540 -11.67 41.21 42.38
C SER E 540 -12.69 40.65 41.37
N ASN E 541 -13.85 40.20 41.86
CA ASN E 541 -15.08 40.14 41.07
C ASN E 541 -15.43 41.55 40.54
N ALA E 542 -16.22 41.60 39.48
CA ALA E 542 -16.68 42.78 38.75
C ALA E 542 -15.58 43.58 38.00
N VAL E 543 -14.32 43.20 38.10
CA VAL E 543 -13.20 43.72 37.30
C VAL E 543 -13.20 43.12 35.89
N ASP E 544 -13.01 43.90 34.81
CA ASP E 544 -13.09 43.45 33.40
C ASP E 544 -12.11 44.18 32.48
N GLY E 545 -11.78 43.62 31.29
CA GLY E 545 -11.24 44.40 30.15
C GLY E 545 -10.58 43.57 29.02
N GLN E 546 -10.99 43.76 27.76
CA GLN E 546 -10.54 42.95 26.60
C GLN E 546 -10.61 43.70 25.24
N TRP E 547 -9.67 43.45 24.32
CA TRP E 547 -9.57 44.11 23.01
C TRP E 547 -10.51 43.56 21.93
N GLY E 548 -10.85 44.40 20.95
CA GLY E 548 -11.90 44.19 19.94
C GLY E 548 -11.38 44.26 18.51
N CYS E 549 -12.25 43.99 17.53
CA CYS E 549 -11.83 43.74 16.14
C CYS E 549 -11.38 45.00 15.40
N TRP E 550 -10.48 44.83 14.43
CA TRP E 550 -9.99 45.94 13.62
C TRP E 550 -11.10 46.53 12.74
N SER E 551 -11.14 47.85 12.63
CA SER E 551 -11.95 48.54 11.62
C SER E 551 -11.28 48.45 10.24
N SER E 552 -12.02 48.06 9.22
CA SER E 552 -11.50 47.82 7.86
C SER E 552 -10.74 49.03 7.30
N TRP E 553 -9.64 48.79 6.62
CA TRP E 553 -8.64 49.80 6.27
C TRP E 553 -9.23 51.13 5.77
N SER E 554 -8.85 52.22 6.43
CA SER E 554 -9.17 53.58 5.98
C SER E 554 -8.37 53.94 4.73
N THR E 555 -8.95 54.65 3.77
CA THR E 555 -8.24 54.96 2.51
C THR E 555 -7.02 55.86 2.72
N CYS E 556 -6.08 55.84 1.79
CA CYS E 556 -4.71 56.33 1.96
C CYS E 556 -4.62 57.82 2.32
N ASP E 557 -3.65 58.16 3.17
CA ASP E 557 -3.34 59.54 3.51
C ASP E 557 -2.43 60.22 2.48
N ALA E 558 -2.03 61.46 2.75
CA ALA E 558 -1.16 62.25 1.88
C ALA E 558 0.27 61.71 1.76
N THR E 559 0.73 60.80 2.62
CA THR E 559 1.98 60.07 2.41
C THR E 559 1.74 58.65 1.89
N TYR E 560 0.56 58.41 1.31
CA TYR E 560 0.12 57.14 0.76
C TYR E 560 0.31 55.99 1.75
N LYS E 561 0.00 56.23 3.01
CA LYS E 561 -0.14 55.18 4.01
C LYS E 561 -1.60 55.02 4.38
N ARG E 562 -2.03 53.78 4.53
CA ARG E 562 -3.36 53.41 5.04
C ARG E 562 -3.24 53.05 6.51
N SER E 563 -4.35 53.04 7.22
CA SER E 563 -4.35 52.66 8.63
C SER E 563 -5.65 52.01 9.04
N ARG E 564 -5.58 51.23 10.12
CA ARG E 564 -6.73 50.62 10.78
C ARG E 564 -6.52 50.71 12.27
N THR E 565 -7.61 50.69 13.02
CA THR E 565 -7.58 50.87 14.48
C THR E 565 -8.51 49.89 15.19
N ARG E 566 -8.24 49.64 16.48
CA ARG E 566 -9.09 48.84 17.36
C ARG E 566 -9.39 49.61 18.64
N GLU E 567 -10.63 49.55 19.09
CA GLU E 567 -11.18 50.49 20.08
C GLU E 567 -11.04 50.03 21.54
N CYS E 568 -10.62 48.79 21.75
CA CYS E 568 -10.54 48.13 23.07
C CYS E 568 -11.84 48.17 23.88
N ASN E 569 -12.96 47.88 23.23
CA ASN E 569 -14.31 47.96 23.78
C ASN E 569 -15.03 46.61 23.91
N ASN E 570 -14.32 45.53 24.22
CA ASN E 570 -14.80 44.15 24.05
C ASN E 570 -14.78 43.24 25.30
N PRO E 571 -15.24 43.67 26.50
CA PRO E 571 -15.71 44.98 26.86
C PRO E 571 -14.55 45.93 27.20
N ALA E 572 -14.82 47.24 27.24
CA ALA E 572 -13.85 48.21 27.72
C ALA E 572 -13.50 47.94 29.19
N PRO E 573 -12.30 48.27 29.68
CA PRO E 573 -11.90 47.97 31.03
C PRO E 573 -12.85 48.59 32.07
N GLN E 574 -13.34 47.78 32.99
CA GLN E 574 -14.26 48.20 34.06
C GLN E 574 -13.65 47.90 35.42
N ARG E 575 -13.99 48.74 36.40
CA ARG E 575 -13.72 48.56 37.83
C ARG E 575 -12.25 48.25 38.15
N GLY E 576 -11.34 48.83 37.39
CA GLY E 576 -9.90 48.73 37.62
C GLY E 576 -9.20 47.61 36.86
N GLY E 577 -9.87 46.97 35.90
CA GLY E 577 -9.27 45.93 35.06
C GLY E 577 -8.18 46.46 34.14
N LYS E 578 -7.43 45.55 33.55
CA LYS E 578 -6.26 46.08 32.82
C LYS E 578 -6.60 46.95 31.61
N ARG E 579 -5.54 47.67 31.24
CA ARG E 579 -5.48 48.24 29.88
C ARG E 579 -5.40 47.11 28.85
N CYS E 580 -5.90 47.34 27.64
CA CYS E 580 -5.63 46.40 26.54
C CYS E 580 -4.14 46.47 26.16
N GLU E 581 -3.52 45.32 25.92
CA GLU E 581 -2.13 45.24 25.47
C GLU E 581 -1.99 45.36 23.95
N GLY E 582 -0.82 45.77 23.47
CA GLY E 582 -0.50 45.94 22.05
C GLY E 582 -1.07 47.23 21.45
N GLU E 583 -0.58 47.59 20.25
CA GLU E 583 -0.92 48.85 19.61
C GLU E 583 -2.38 48.92 19.16
N LYS E 584 -3.01 50.08 19.35
CA LYS E 584 -4.40 50.34 18.93
C LYS E 584 -4.54 50.82 17.49
N ARG E 585 -3.45 51.17 16.81
CA ARG E 585 -3.42 51.53 15.38
C ARG E 585 -2.28 50.86 14.63
N GLN E 586 -2.48 50.68 13.33
CA GLN E 586 -1.53 50.09 12.39
C GLN E 586 -1.33 51.05 11.23
N GLU E 587 -0.12 51.17 10.70
CA GLU E 587 0.16 52.00 9.52
C GLU E 587 0.96 51.22 8.48
N GLU E 588 0.49 51.28 7.24
CA GLU E 588 0.92 50.40 6.15
C GLU E 588 1.09 51.24 4.89
N ASP E 589 2.13 51.04 4.09
CA ASP E 589 2.17 51.69 2.77
C ASP E 589 1.01 51.23 1.87
N CYS E 590 0.63 52.06 0.90
CA CYS E 590 -0.41 51.77 -0.09
C CYS E 590 0.16 51.25 -1.42
N THR E 591 1.09 50.30 -1.41
CA THR E 591 1.57 49.69 -2.66
C THR E 591 0.50 48.88 -3.39
N PHE E 592 0.51 48.91 -4.72
CA PHE E 592 -0.37 48.13 -5.59
C PHE E 592 0.36 47.51 -6.79
N SER E 593 -0.33 46.56 -7.44
CA SER E 593 0.13 45.74 -8.59
C SER E 593 0.16 46.51 -9.92
N ILE E 594 1.35 46.72 -10.47
CA ILE E 594 1.56 47.49 -11.70
C ILE E 594 1.41 46.63 -12.94
N MET E 595 2.06 45.45 -12.98
CA MET E 595 2.20 44.64 -14.20
C MET E 595 1.27 43.45 -14.27
N GLU E 596 1.01 42.95 -15.48
CA GLU E 596 -0.05 41.98 -15.74
C GLU E 596 0.18 40.61 -15.09
N ASN E 597 -0.89 40.07 -14.51
CA ASN E 597 -0.87 38.73 -13.94
C ASN E 597 -0.74 37.65 -15.04
N ASN E 598 0.25 36.76 -14.90
CA ASN E 598 0.45 35.59 -15.76
C ASN E 598 0.80 34.31 -14.96
N GLY E 599 0.40 34.24 -13.69
CA GLY E 599 0.70 33.12 -12.79
C GLY E 599 2.07 33.23 -12.09
N GLN E 600 2.14 32.87 -10.81
CA GLN E 600 3.33 33.03 -9.98
C GLN E 600 4.54 32.18 -10.44
N PRO E 601 5.74 32.75 -10.55
CA PRO E 601 6.95 32.00 -10.81
C PRO E 601 7.39 31.16 -9.61
N CYS E 602 8.23 30.16 -9.88
CA CYS E 602 8.91 29.39 -8.84
C CYS E 602 10.22 30.05 -8.44
N ILE E 603 10.30 30.56 -7.20
CA ILE E 603 11.55 31.15 -6.61
C ILE E 603 11.99 30.32 -5.36
N ASN E 604 13.29 29.99 -5.20
CA ASN E 604 13.93 29.13 -4.21
C ASN E 604 15.11 29.87 -3.58
N ASP E 605 15.26 29.85 -2.26
CA ASP E 605 16.02 30.87 -1.54
C ASP E 605 17.44 31.11 -2.06
N ASP E 606 18.19 30.04 -2.29
CA ASP E 606 19.61 30.16 -2.60
C ASP E 606 19.89 30.49 -4.07
N GLU E 607 18.95 30.18 -4.98
CA GLU E 607 19.31 29.97 -6.38
C GLU E 607 19.78 31.20 -7.15
N GLU E 608 19.34 32.39 -6.76
CA GLU E 608 19.52 33.61 -7.53
C GLU E 608 20.98 34.07 -7.66
N MET E 609 21.89 33.39 -7.00
CA MET E 609 23.13 34.00 -6.53
C MET E 609 24.10 34.42 -7.63
N LYS E 610 23.97 33.88 -8.83
CA LYS E 610 25.11 33.82 -9.72
C LYS E 610 25.39 35.18 -10.32
N GLU E 611 26.57 35.71 -10.08
CA GLU E 611 27.08 36.87 -10.79
C GLU E 611 27.88 36.47 -12.03
N VAL E 612 28.94 35.67 -11.87
CA VAL E 612 29.73 35.06 -12.94
C VAL E 612 29.87 33.55 -12.69
N ASP E 613 29.90 32.77 -13.76
CA ASP E 613 29.51 31.36 -13.75
C ASP E 613 30.31 30.52 -14.76
N LEU E 614 30.20 29.20 -14.67
CA LEU E 614 30.88 28.27 -15.56
C LEU E 614 30.46 28.46 -17.04
N PRO E 615 31.37 28.26 -18.01
CA PRO E 615 31.01 28.24 -19.42
C PRO E 615 30.08 27.08 -19.75
N GLU E 616 29.02 27.35 -20.51
CA GLU E 616 28.26 26.29 -21.17
C GLU E 616 29.13 25.57 -22.20
N ILE E 617 28.75 24.37 -22.63
CA ILE E 617 29.60 23.46 -23.39
C ILE E 617 30.09 24.01 -24.74
N GLU E 618 29.40 24.99 -25.33
CA GLU E 618 29.58 25.43 -26.73
C GLU E 618 29.24 24.33 -27.75
N ALA E 619 28.31 23.44 -27.41
CA ALA E 619 27.88 22.31 -28.24
C ALA E 619 27.22 22.73 -29.57
N ASP E 620 26.81 23.98 -29.70
CA ASP E 620 26.31 24.55 -30.96
C ASP E 620 27.39 24.70 -32.03
N SER E 621 28.67 24.47 -31.69
CA SER E 621 29.84 24.57 -32.58
C SER E 621 30.00 25.93 -33.26
N GLY E 622 29.33 26.96 -32.75
CA GLY E 622 29.50 28.35 -33.18
C GLY E 622 30.79 28.97 -32.66
N CYS E 623 30.82 30.30 -32.57
CA CYS E 623 31.99 31.05 -32.14
C CYS E 623 31.64 31.92 -30.91
N PRO E 624 32.38 31.85 -29.80
CA PRO E 624 32.17 32.73 -28.64
C PRO E 624 32.49 34.19 -29.00
N GLN E 625 32.06 35.16 -28.19
CA GLN E 625 32.32 36.57 -28.46
C GLN E 625 33.81 36.86 -28.65
N PRO E 626 34.24 37.37 -29.81
CA PRO E 626 35.65 37.57 -30.09
C PRO E 626 36.22 38.74 -29.29
N VAL E 627 37.54 38.87 -29.27
CA VAL E 627 38.22 40.06 -28.77
C VAL E 627 38.27 41.12 -29.87
N PRO E 628 37.56 42.25 -29.76
CA PRO E 628 37.66 43.34 -30.73
C PRO E 628 39.04 43.98 -30.71
N PRO E 629 39.43 44.71 -31.77
CA PRO E 629 40.75 45.30 -31.86
C PRO E 629 40.96 46.48 -30.89
N GLU E 630 42.16 47.06 -30.90
CA GLU E 630 42.50 48.22 -30.07
C GLU E 630 41.59 49.42 -30.35
N ASN E 631 41.12 50.08 -29.29
CA ASN E 631 40.04 51.08 -29.31
C ASN E 631 38.69 50.55 -29.82
N GLY E 632 38.47 49.23 -29.71
CA GLY E 632 37.33 48.51 -30.29
C GLY E 632 36.11 48.41 -29.39
N PHE E 633 35.10 47.75 -29.92
CA PHE E 633 33.77 47.61 -29.37
C PHE E 633 33.06 46.51 -30.18
N ILE E 634 32.00 45.89 -29.70
CA ILE E 634 31.14 44.99 -30.46
C ILE E 634 29.70 45.47 -30.38
N ARG E 635 29.05 45.73 -31.52
CA ARG E 635 27.78 46.48 -31.54
C ARG E 635 26.61 45.75 -30.88
N ASN E 636 26.61 44.44 -30.88
CA ASN E 636 25.62 43.61 -30.18
C ASN E 636 26.35 42.40 -29.60
N GLU E 637 26.05 42.05 -28.35
CA GLU E 637 26.79 41.03 -27.63
C GLU E 637 25.95 39.79 -27.38
N LYS E 638 26.43 38.66 -27.87
CA LYS E 638 25.97 37.32 -27.46
C LYS E 638 27.02 36.68 -26.54
N GLN E 639 26.66 35.56 -25.91
CA GLN E 639 27.67 34.65 -25.39
C GLN E 639 28.45 34.02 -26.55
N LEU E 640 27.72 33.29 -27.40
CA LEU E 640 28.21 32.60 -28.60
C LEU E 640 27.26 32.82 -29.79
N TYR E 641 27.85 33.11 -30.93
CA TYR E 641 27.20 33.41 -32.20
C TYR E 641 27.14 32.14 -33.07
N LEU E 642 26.11 32.02 -33.90
CA LEU E 642 25.88 30.84 -34.74
C LEU E 642 26.93 30.70 -35.84
N VAL E 643 27.01 29.52 -36.46
CA VAL E 643 27.80 29.29 -37.67
C VAL E 643 27.28 30.20 -38.77
N GLY E 644 28.18 30.88 -39.45
CA GLY E 644 27.87 31.80 -40.55
C GLY E 644 27.32 33.15 -40.10
N GLU E 645 27.03 33.34 -38.81
CA GLU E 645 26.61 34.63 -38.26
C GLU E 645 27.77 35.64 -38.35
N ASP E 646 27.45 36.93 -38.24
CA ASP E 646 28.43 38.01 -38.38
C ASP E 646 28.22 39.07 -37.31
N VAL E 647 29.28 39.82 -37.02
CA VAL E 647 29.32 40.81 -35.96
C VAL E 647 29.97 42.08 -36.48
N GLU E 648 29.45 43.24 -36.10
CA GLU E 648 30.00 44.53 -36.47
C GLU E 648 30.84 45.07 -35.31
N ILE E 649 32.11 45.32 -35.57
CA ILE E 649 32.93 46.08 -34.64
C ILE E 649 32.67 47.58 -34.81
N SER E 650 33.12 48.41 -33.87
CA SER E 650 33.03 49.87 -33.99
C SER E 650 34.15 50.59 -33.27
N CYS E 651 34.39 51.85 -33.65
CA CYS E 651 35.48 52.65 -33.12
C CYS E 651 35.03 53.60 -32.01
N LEU E 652 35.80 53.66 -30.92
CA LEU E 652 35.59 54.65 -29.87
C LEU E 652 35.63 56.07 -30.44
N THR E 653 35.01 57.01 -29.73
CA THR E 653 34.65 58.33 -30.22
C THR E 653 35.79 59.12 -30.89
N GLY E 654 37.04 58.91 -30.49
CA GLY E 654 38.19 59.54 -31.13
C GLY E 654 38.48 59.09 -32.57
N PHE E 655 37.86 58.02 -33.07
CA PHE E 655 38.38 57.27 -34.19
C PHE E 655 37.31 56.83 -35.19
N GLU E 656 37.72 56.44 -36.41
CA GLU E 656 36.84 55.93 -37.46
C GLU E 656 37.45 54.68 -38.13
N THR E 657 36.62 53.72 -38.57
CA THR E 657 37.07 52.45 -39.16
C THR E 657 37.69 52.62 -40.54
N VAL E 658 38.93 52.17 -40.74
CA VAL E 658 39.49 51.91 -42.08
C VAL E 658 39.62 50.41 -42.26
N GLY E 659 39.19 49.89 -43.41
CA GLY E 659 39.05 48.44 -43.66
C GLY E 659 37.68 47.89 -43.25
N TYR E 660 37.48 46.58 -43.42
CA TYR E 660 36.16 45.96 -43.36
C TYR E 660 35.71 45.63 -41.93
N GLN E 661 34.72 46.35 -41.43
CA GLN E 661 34.32 46.30 -40.01
C GLN E 661 33.40 45.15 -39.59
N TYR E 662 33.31 44.05 -40.33
CA TYR E 662 32.60 42.85 -39.88
C TYR E 662 33.49 41.61 -39.79
N PHE E 663 33.23 40.77 -38.80
CA PHE E 663 33.81 39.44 -38.63
C PHE E 663 32.69 38.40 -38.77
N ARG E 664 33.00 37.17 -39.22
CA ARG E 664 32.01 36.14 -39.53
C ARG E 664 32.40 34.78 -38.96
N CYS E 665 31.50 34.13 -38.27
CA CYS E 665 31.75 32.84 -37.65
C CYS E 665 31.83 31.73 -38.70
N LEU E 666 32.96 31.03 -38.78
CA LEU E 666 33.19 29.90 -39.69
C LEU E 666 32.71 28.57 -39.06
N PRO E 667 32.76 27.43 -39.75
CA PRO E 667 32.11 26.20 -39.30
C PRO E 667 32.76 25.45 -38.14
N ASP E 668 33.80 26.01 -37.53
CA ASP E 668 34.72 25.40 -36.57
C ASP E 668 34.97 26.25 -35.30
N GLY E 669 34.36 27.43 -35.19
CA GLY E 669 34.58 28.37 -34.10
C GLY E 669 35.56 29.51 -34.38
N THR E 670 36.28 29.51 -35.50
CA THR E 670 37.11 30.66 -35.93
C THR E 670 36.26 31.78 -36.57
N TRP E 671 36.81 33.00 -36.72
CA TRP E 671 36.01 34.23 -36.88
C TRP E 671 36.22 35.06 -38.16
N ARG E 672 37.09 34.67 -39.09
CA ARG E 672 37.30 35.39 -40.38
C ARG E 672 37.47 36.89 -40.13
N GLN E 673 38.48 37.22 -39.34
CA GLN E 673 38.63 38.57 -38.82
C GLN E 673 38.82 39.56 -39.95
N GLY E 674 37.87 40.47 -40.14
CA GLY E 674 37.93 41.51 -41.16
C GLY E 674 39.21 42.33 -41.02
N ASP E 675 39.86 42.65 -42.14
CA ASP E 675 41.05 43.50 -42.13
C ASP E 675 40.63 44.94 -41.85
N VAL E 676 40.81 45.40 -40.61
CA VAL E 676 40.28 46.69 -40.11
C VAL E 676 41.18 47.31 -39.04
N GLU E 677 41.21 48.64 -38.97
CA GLU E 677 41.91 49.42 -37.95
C GLU E 677 41.25 50.78 -37.75
N CYS E 678 40.92 51.14 -36.51
CA CYS E 678 40.41 52.47 -36.16
C CYS E 678 41.51 53.55 -36.33
N GLN E 679 41.22 54.60 -37.09
CA GLN E 679 42.11 55.75 -37.33
C GLN E 679 41.61 56.95 -36.52
N ARG E 680 42.48 57.68 -35.81
CA ARG E 680 42.04 58.85 -35.03
C ARG E 680 41.63 60.01 -35.93
N THR E 681 40.56 60.70 -35.55
CA THR E 681 40.18 62.04 -36.05
C THR E 681 39.89 63.02 -34.90
N GLU E 682 39.59 62.54 -33.69
CA GLU E 682 39.27 63.36 -32.52
C GLU E 682 39.99 62.93 -31.23
N CYS E 683 40.05 63.87 -30.28
CA CYS E 683 40.72 63.77 -28.98
C CYS E 683 39.78 64.33 -27.88
N ILE E 684 40.07 64.09 -26.59
CA ILE E 684 39.12 64.33 -25.48
C ILE E 684 39.82 64.97 -24.26
N LYS E 685 39.12 65.84 -23.52
CA LYS E 685 39.63 66.51 -22.30
C LYS E 685 40.24 65.49 -21.32
N PRO E 686 41.54 65.60 -20.98
CA PRO E 686 42.22 64.59 -20.16
C PRO E 686 41.76 64.63 -18.71
N VAL E 687 42.08 63.57 -17.95
CA VAL E 687 41.95 63.57 -16.50
C VAL E 687 42.91 64.59 -15.87
N VAL E 688 42.41 65.35 -14.89
CA VAL E 688 43.12 66.45 -14.22
C VAL E 688 42.80 66.48 -12.73
N GLN E 689 43.62 67.20 -11.96
CA GLN E 689 43.48 67.33 -10.51
C GLN E 689 42.23 68.12 -10.08
N GLU E 690 41.98 68.11 -8.77
CA GLU E 690 40.81 68.67 -8.06
C GLU E 690 40.70 70.21 -8.15
N VAL E 691 41.72 70.90 -8.65
CA VAL E 691 41.64 72.26 -9.21
C VAL E 691 41.79 72.13 -10.72
N LEU E 692 40.88 72.76 -11.50
CA LEU E 692 40.69 72.41 -12.91
C LEU E 692 41.99 72.41 -13.74
N THR E 693 42.83 73.42 -13.58
CA THR E 693 44.08 73.60 -14.33
C THR E 693 43.93 73.65 -15.87
N ILE E 694 42.70 73.70 -16.40
CA ILE E 694 42.37 73.57 -17.83
C ILE E 694 41.10 74.35 -18.18
N THR E 695 40.93 74.77 -19.44
CA THR E 695 39.66 75.32 -19.93
C THR E 695 38.97 74.35 -20.91
N PRO E 696 37.79 73.82 -20.57
CA PRO E 696 37.13 72.79 -21.37
C PRO E 696 36.27 73.42 -22.47
N PHE E 697 36.92 73.83 -23.56
CA PHE E 697 36.28 74.45 -24.71
C PHE E 697 35.22 73.56 -25.41
N GLN E 698 35.52 72.27 -25.58
CA GLN E 698 34.77 71.33 -26.45
C GLN E 698 34.62 69.93 -25.83
N ARG E 699 33.58 69.20 -26.26
CA ARG E 699 33.37 67.76 -25.98
C ARG E 699 34.48 66.89 -26.58
N LEU E 700 34.70 67.03 -27.89
CA LEU E 700 35.77 66.42 -28.66
C LEU E 700 36.57 67.49 -29.38
N TYR E 701 37.85 67.24 -29.61
CA TYR E 701 38.76 68.14 -30.32
C TYR E 701 39.25 67.43 -31.58
N ARG E 702 39.00 67.99 -32.78
CA ARG E 702 39.52 67.39 -34.02
C ARG E 702 41.04 67.53 -34.09
N ILE E 703 41.74 66.53 -34.63
CA ILE E 703 43.22 66.60 -34.75
C ILE E 703 43.66 67.86 -35.51
N GLY E 704 44.68 68.55 -35.01
CA GLY E 704 45.09 69.88 -35.47
C GLY E 704 44.39 71.07 -34.78
N GLU E 705 43.27 70.87 -34.06
CA GLU E 705 42.78 71.84 -33.06
C GLU E 705 43.68 71.85 -31.81
N SER E 706 43.35 72.66 -30.80
CA SER E 706 44.14 72.75 -29.56
C SER E 706 43.31 72.98 -28.29
N ILE E 707 43.87 72.57 -27.15
CA ILE E 707 43.30 72.69 -25.80
C ILE E 707 44.27 73.48 -24.90
N GLU E 708 43.76 74.22 -23.92
CA GLU E 708 44.57 75.10 -23.08
C GLU E 708 44.51 74.73 -21.60
N LEU E 709 45.68 74.56 -20.99
CA LEU E 709 45.83 74.57 -19.53
C LEU E 709 45.72 76.02 -19.02
N THR E 710 45.05 76.24 -17.89
CA THR E 710 44.76 77.57 -17.36
C THR E 710 44.80 77.62 -15.83
N CYS E 711 45.19 78.76 -15.26
CA CYS E 711 45.11 79.05 -13.83
C CYS E 711 43.87 79.90 -13.51
N PRO E 712 43.09 79.59 -12.45
CA PRO E 712 41.93 80.40 -12.07
C PRO E 712 42.25 81.87 -11.75
N LYS E 713 43.40 82.14 -11.09
CA LYS E 713 43.89 83.51 -10.78
C LYS E 713 45.36 83.53 -10.36
N GLY E 714 46.17 84.39 -10.98
CA GLY E 714 47.37 84.99 -10.36
C GLY E 714 48.64 84.14 -10.22
N PHE E 715 48.79 83.00 -10.89
CA PHE E 715 50.01 82.20 -10.81
C PHE E 715 50.21 81.23 -12.00
N VAL E 716 51.41 80.65 -12.12
CA VAL E 716 51.78 79.61 -13.09
C VAL E 716 52.55 78.49 -12.37
N VAL E 717 52.30 77.22 -12.72
CA VAL E 717 52.84 76.06 -12.00
C VAL E 717 53.60 75.07 -12.91
N ALA E 718 52.90 74.34 -13.78
CA ALA E 718 53.44 73.29 -14.63
C ALA E 718 52.57 73.03 -15.88
N GLY E 719 53.15 72.39 -16.90
CA GLY E 719 52.47 72.00 -18.13
C GLY E 719 52.39 73.10 -19.21
N PRO E 720 52.29 72.74 -20.51
CA PRO E 720 52.16 73.72 -21.60
C PRO E 720 50.86 74.52 -21.51
N SER E 721 50.90 75.82 -21.82
CA SER E 721 49.70 76.67 -21.83
C SER E 721 48.68 76.25 -22.89
N ARG E 722 49.15 75.86 -24.09
CA ARG E 722 48.33 75.37 -25.21
C ARG E 722 48.97 74.13 -25.85
N TYR E 723 48.15 73.14 -26.21
CA TYR E 723 48.62 71.86 -26.74
C TYR E 723 47.75 71.41 -27.94
N THR E 724 48.32 70.84 -29.00
CA THR E 724 47.60 70.29 -30.16
C THR E 724 47.83 68.77 -30.31
N CYS E 725 46.80 68.05 -30.79
CA CYS E 725 46.72 66.58 -30.73
C CYS E 725 47.41 65.86 -31.90
N GLN E 726 48.00 64.69 -31.66
CA GLN E 726 49.16 64.18 -32.40
C GLN E 726 48.93 62.79 -33.04
N GLY E 727 47.70 62.43 -33.39
CA GLY E 727 47.33 61.07 -33.84
C GLY E 727 47.23 60.07 -32.67
N ASN E 728 48.21 60.09 -31.78
CA ASN E 728 48.01 59.71 -30.39
C ASN E 728 47.35 60.88 -29.63
N SER E 729 47.02 60.72 -28.36
CA SER E 729 46.74 61.86 -27.49
C SER E 729 47.96 62.79 -27.37
N TRP E 730 47.77 64.02 -26.88
CA TRP E 730 48.78 65.10 -26.86
C TRP E 730 50.11 64.80 -26.15
N THR E 731 50.26 63.67 -25.43
CA THR E 731 51.16 63.53 -24.27
C THR E 731 50.90 64.66 -23.25
N PRO E 732 49.66 64.80 -22.75
CA PRO E 732 49.28 65.87 -21.83
C PRO E 732 49.81 65.65 -20.41
N PRO E 733 50.00 66.70 -19.60
CA PRO E 733 50.33 66.56 -18.18
C PRO E 733 49.14 66.03 -17.36
N ILE E 734 49.24 64.78 -16.88
CA ILE E 734 48.17 64.10 -16.09
C ILE E 734 48.65 63.54 -14.74
N SER E 735 49.95 63.32 -14.55
CA SER E 735 50.52 63.06 -13.21
C SER E 735 50.41 64.30 -12.31
N ASN E 736 50.63 65.48 -12.89
CA ASN E 736 50.26 66.79 -12.35
C ASN E 736 49.88 67.71 -13.51
N SER E 737 49.01 68.70 -13.27
CA SER E 737 48.58 69.70 -14.24
C SER E 737 48.99 71.13 -13.79
N LEU E 738 48.35 72.18 -14.29
CA LEU E 738 48.63 73.58 -13.94
C LEU E 738 48.03 73.94 -12.56
N THR E 739 48.53 73.30 -11.49
CA THR E 739 48.11 73.50 -10.10
C THR E 739 48.72 74.77 -9.49
N CYS E 740 48.42 75.93 -10.07
CA CYS E 740 48.94 77.24 -9.66
C CYS E 740 48.52 77.65 -8.23
N GLU E 741 49.25 78.61 -7.66
CA GLU E 741 48.82 79.35 -6.47
C GLU E 741 47.66 80.31 -6.82
N LYS E 742 46.41 79.81 -6.75
CA LYS E 742 45.19 80.52 -7.15
C LYS E 742 45.13 81.96 -6.58
N ASP F 78 9.75 -86.41 36.11
CA ASP F 78 11.15 -86.91 36.29
C ASP F 78 12.09 -86.36 35.21
N ASP F 79 12.01 -86.82 33.96
CA ASP F 79 12.96 -86.48 32.89
C ASP F 79 12.77 -85.07 32.28
N CYS F 80 11.60 -84.46 32.49
CA CYS F 80 11.20 -83.14 31.98
C CYS F 80 11.14 -82.99 30.43
N GLY F 81 11.31 -84.08 29.66
CA GLY F 81 11.29 -84.04 28.20
C GLY F 81 12.39 -83.13 27.62
N ASN F 82 11.99 -82.09 26.87
CA ASN F 82 12.91 -81.06 26.36
C ASN F 82 13.30 -79.99 27.40
N ASP F 83 12.56 -79.89 28.51
CA ASP F 83 12.81 -78.94 29.60
C ASP F 83 13.86 -79.45 30.62
N PHE F 84 14.15 -78.68 31.67
CA PHE F 84 15.31 -78.89 32.53
C PHE F 84 14.92 -79.51 33.88
N GLN F 85 15.63 -80.57 34.30
CA GLN F 85 15.45 -81.25 35.58
C GLN F 85 16.22 -80.53 36.70
N CYS F 86 15.62 -80.44 37.89
CA CYS F 86 16.08 -79.60 39.01
C CYS F 86 16.63 -80.40 40.21
N SER F 87 17.69 -79.88 40.82
CA SER F 87 18.20 -80.32 42.14
C SER F 87 17.14 -80.17 43.24
N THR F 88 16.97 -81.18 44.09
CA THR F 88 15.81 -81.35 45.01
C THR F 88 14.46 -81.61 44.31
N GLY F 89 14.46 -81.93 43.02
CA GLY F 89 13.34 -82.56 42.32
C GLY F 89 12.23 -81.61 41.91
N ARG F 90 12.35 -81.06 40.70
CA ARG F 90 11.35 -80.25 40.00
C ARG F 90 11.64 -80.25 38.48
N CYS F 91 10.69 -79.81 37.65
CA CYS F 91 10.92 -79.54 36.22
C CYS F 91 10.67 -78.05 35.92
N ILE F 92 11.67 -77.36 35.38
CA ILE F 92 11.60 -75.94 35.01
C ILE F 92 11.61 -75.82 33.48
N LYS F 93 10.62 -75.13 32.91
CA LYS F 93 10.51 -74.95 31.45
C LYS F 93 11.74 -74.21 30.93
N MET F 94 12.24 -74.58 29.76
CA MET F 94 13.57 -74.17 29.30
C MET F 94 13.75 -72.64 29.25
N ARG F 95 12.71 -71.90 28.84
CA ARG F 95 12.73 -70.42 28.80
C ARG F 95 12.92 -69.77 30.19
N LEU F 96 12.56 -70.46 31.28
CA LEU F 96 12.69 -69.92 32.63
C LEU F 96 14.15 -69.83 33.08
N ARG F 97 14.95 -70.87 32.78
CA ARG F 97 16.22 -71.14 33.46
C ARG F 97 17.05 -69.87 33.66
N CYS F 98 17.39 -69.21 32.56
CA CYS F 98 18.29 -68.04 32.49
C CYS F 98 17.75 -66.72 33.05
N ASN F 99 16.52 -66.66 33.59
CA ASN F 99 15.80 -65.40 33.67
C ASN F 99 16.07 -64.52 34.90
N GLY F 100 16.68 -65.05 35.95
CA GLY F 100 16.91 -64.40 37.24
C GLY F 100 15.95 -64.83 38.36
N ASP F 101 15.06 -65.79 38.12
CA ASP F 101 13.88 -66.05 38.97
C ASP F 101 13.97 -67.23 39.95
N ASN F 102 15.15 -67.83 40.18
CA ASN F 102 15.30 -68.88 41.22
C ASN F 102 14.31 -70.05 41.01
N ASP F 103 14.19 -70.49 39.76
CA ASP F 103 13.20 -71.45 39.31
C ASP F 103 13.42 -72.82 39.96
N CYS F 104 14.69 -73.18 40.16
CA CYS F 104 15.16 -74.34 40.88
C CYS F 104 16.01 -73.86 42.05
N GLY F 105 15.65 -74.25 43.28
CA GLY F 105 16.04 -73.56 44.52
C GLY F 105 17.52 -73.22 44.68
N ASP F 106 17.81 -72.22 45.52
CA ASP F 106 19.16 -71.67 45.73
C ASP F 106 19.84 -71.21 44.42
N PHE F 107 19.04 -70.68 43.49
CA PHE F 107 19.44 -70.24 42.14
C PHE F 107 20.14 -71.34 41.33
N SER F 108 19.88 -72.62 41.61
CA SER F 108 20.54 -73.75 40.95
C SER F 108 20.01 -74.01 39.54
N ASP F 109 18.92 -73.36 39.13
CA ASP F 109 18.59 -73.14 37.73
C ASP F 109 19.71 -72.38 36.99
N GLU F 110 20.37 -71.42 37.65
CA GLU F 110 21.12 -70.36 36.96
C GLU F 110 22.62 -70.59 36.96
N ASP F 111 23.02 -71.86 36.82
CA ASP F 111 24.29 -72.18 36.19
C ASP F 111 24.32 -71.61 34.77
N ASP F 112 25.52 -71.37 34.22
CA ASP F 112 25.81 -70.47 33.10
C ASP F 112 24.76 -70.43 31.97
N CYS F 113 24.16 -69.26 31.80
CA CYS F 113 23.42 -68.85 30.60
C CYS F 113 23.74 -67.37 30.28
N GLU F 114 24.97 -66.93 30.60
CA GLU F 114 25.30 -65.50 30.69
C GLU F 114 25.45 -64.80 29.32
N SER F 115 25.40 -65.56 28.23
CA SER F 115 25.24 -65.05 26.85
C SER F 115 23.78 -64.66 26.51
N GLU F 116 22.80 -65.22 27.23
CA GLU F 116 21.35 -65.00 27.04
C GLU F 116 20.57 -64.97 28.39
N PRO F 117 20.91 -64.08 29.34
CA PRO F 117 20.31 -64.02 30.68
C PRO F 117 18.91 -63.37 30.71
N ARG F 118 18.07 -63.66 29.71
CA ARG F 118 16.89 -62.88 29.33
C ARG F 118 15.85 -62.74 30.47
N PRO F 119 15.60 -61.53 31.00
CA PRO F 119 14.79 -61.31 32.18
C PRO F 119 13.29 -61.52 31.91
N PRO F 120 12.47 -61.67 32.96
CA PRO F 120 11.01 -61.71 32.81
C PRO F 120 10.44 -60.31 32.50
N CYS F 121 11.05 -59.26 33.05
CA CYS F 121 10.64 -57.86 32.95
C CYS F 121 11.68 -57.06 32.17
N ARG F 122 11.27 -56.33 31.13
CA ARG F 122 12.18 -55.60 30.24
C ARG F 122 12.68 -54.29 30.89
N ASP F 123 13.59 -54.45 31.85
CA ASP F 123 14.19 -53.40 32.69
C ASP F 123 13.19 -52.59 33.56
N ARG F 124 11.97 -53.07 33.74
CA ARG F 124 10.95 -52.42 34.57
C ARG F 124 11.22 -52.58 36.07
N VAL F 125 11.12 -51.48 36.83
CA VAL F 125 11.37 -51.46 38.28
C VAL F 125 10.24 -52.16 39.04
N VAL F 126 10.56 -53.22 39.78
CA VAL F 126 9.64 -54.00 40.63
C VAL F 126 10.39 -54.46 41.88
N GLU F 127 9.72 -54.61 43.04
CA GLU F 127 10.30 -55.17 44.28
C GLU F 127 9.39 -56.26 44.86
N GLU F 128 9.93 -57.40 45.27
CA GLU F 128 9.15 -58.62 45.58
C GLU F 128 8.17 -58.50 46.76
N SER F 129 6.94 -59.01 46.60
CA SER F 129 5.78 -58.72 47.47
C SER F 129 5.86 -59.38 48.84
N GLU F 130 6.45 -58.73 49.82
CA GLU F 130 6.65 -59.26 51.18
C GLU F 130 5.36 -59.70 51.91
N LEU F 131 4.22 -59.10 51.60
CA LEU F 131 2.92 -59.52 52.13
C LEU F 131 2.53 -60.89 51.54
N ALA F 132 2.77 -61.06 50.23
CA ALA F 132 2.37 -62.25 49.47
C ALA F 132 3.39 -63.38 49.52
N ARG F 133 4.68 -63.09 49.73
CA ARG F 133 5.71 -64.11 49.96
C ARG F 133 5.40 -65.01 51.15
N THR F 134 4.73 -64.52 52.17
CA THR F 134 4.23 -65.35 53.28
C THR F 134 2.80 -65.87 53.10
N ALA F 135 2.08 -65.51 52.04
CA ALA F 135 0.68 -65.94 51.86
C ALA F 135 0.55 -67.44 51.57
N GLY F 136 -0.54 -68.06 52.01
CA GLY F 136 -0.72 -69.52 51.95
C GLY F 136 -0.18 -70.24 53.19
N TYR F 137 -0.34 -69.63 54.36
CA TYR F 137 0.02 -70.20 55.67
C TYR F 137 -0.77 -71.50 55.95
N GLY F 138 -0.11 -72.51 56.50
CA GLY F 138 -0.81 -73.65 57.09
C GLY F 138 -1.57 -73.26 58.37
N ILE F 139 -2.69 -73.92 58.66
CA ILE F 139 -3.50 -73.72 59.87
C ILE F 139 -4.13 -75.02 60.42
N ASN F 140 -4.11 -75.19 61.75
CA ASN F 140 -4.68 -76.35 62.42
C ASN F 140 -5.64 -75.94 63.54
N ILE F 141 -6.85 -76.52 63.50
CA ILE F 141 -7.91 -76.31 64.49
C ILE F 141 -7.49 -76.86 65.87
N LEU F 142 -6.65 -77.90 65.90
CA LEU F 142 -6.37 -78.71 67.09
C LEU F 142 -4.85 -78.75 67.36
N GLY F 143 -4.30 -77.61 67.80
CA GLY F 143 -2.88 -77.40 68.09
C GLY F 143 -2.15 -76.76 66.91
N MET F 144 -1.95 -75.43 66.96
CA MET F 144 -1.71 -74.60 65.78
C MET F 144 -0.49 -75.00 64.92
N ASP F 145 -0.65 -74.85 63.61
CA ASP F 145 0.34 -75.16 62.58
C ASP F 145 1.54 -74.20 62.54
N PRO F 146 2.57 -74.49 61.72
CA PRO F 146 3.79 -73.68 61.61
C PRO F 146 3.63 -72.26 61.06
N LEU F 147 2.41 -71.82 60.70
CA LEU F 147 2.12 -70.51 60.10
C LEU F 147 3.09 -70.17 58.94
N SER F 148 3.33 -71.16 58.08
CA SER F 148 4.35 -71.17 57.02
C SER F 148 3.80 -71.79 55.74
N THR F 149 4.48 -71.63 54.60
CA THR F 149 3.91 -71.98 53.29
C THR F 149 4.46 -73.32 52.75
N PRO F 150 3.60 -74.32 52.47
CA PRO F 150 4.00 -75.44 51.61
C PRO F 150 4.22 -74.99 50.17
N PHE F 151 3.48 -73.97 49.72
CA PHE F 151 3.64 -73.26 48.45
C PHE F 151 5.00 -72.55 48.33
N ASP F 152 5.58 -72.52 47.13
CA ASP F 152 6.81 -71.79 46.85
C ASP F 152 6.49 -70.42 46.22
N ASN F 153 6.33 -69.41 47.08
CA ASN F 153 6.10 -68.05 46.63
C ASN F 153 7.37 -67.36 46.07
N GLU F 154 8.48 -68.05 45.82
CA GLU F 154 9.59 -67.46 45.05
C GLU F 154 9.47 -67.71 43.56
N PHE F 155 8.41 -68.39 43.11
CA PHE F 155 8.22 -68.79 41.71
C PHE F 155 7.18 -67.94 40.95
N TYR F 156 7.49 -67.58 39.69
CA TYR F 156 6.74 -66.60 38.89
C TYR F 156 6.35 -67.07 37.46
N ASN F 157 6.62 -68.33 37.09
CA ASN F 157 6.49 -68.84 35.72
C ASN F 157 7.21 -67.97 34.67
N GLY F 158 8.21 -67.19 35.07
CA GLY F 158 8.91 -66.26 34.17
C GLY F 158 8.06 -65.09 33.67
N LEU F 159 6.81 -64.96 34.14
CA LEU F 159 5.95 -63.83 33.92
C LEU F 159 6.44 -62.61 34.70
N CYS F 160 5.95 -61.44 34.33
CA CYS F 160 6.20 -60.16 35.00
C CYS F 160 4.92 -59.58 35.64
N ASN F 161 3.85 -60.36 35.78
CA ASN F 161 2.55 -59.83 36.19
C ASN F 161 2.59 -59.29 37.63
N ARG F 162 2.00 -58.11 37.82
CA ARG F 162 2.30 -57.21 38.93
C ARG F 162 1.08 -56.52 39.48
N ASP F 163 1.10 -56.33 40.79
CA ASP F 163 0.11 -55.60 41.57
C ASP F 163 0.85 -54.55 42.38
N ARG F 164 0.23 -53.39 42.59
CA ARG F 164 0.98 -52.26 43.12
C ARG F 164 0.33 -51.59 44.32
N ASP F 165 1.17 -51.03 45.19
CA ASP F 165 0.73 -50.35 46.39
C ASP F 165 0.30 -48.92 46.08
N GLY F 166 -0.99 -48.59 46.21
CA GLY F 166 -1.47 -47.21 46.04
C GLY F 166 -0.93 -46.22 47.07
N ASN F 167 -0.40 -46.69 48.21
CA ASN F 167 0.04 -45.85 49.32
C ASN F 167 1.45 -45.29 49.13
N THR F 168 2.36 -46.09 48.59
CA THR F 168 3.75 -45.68 48.30
C THR F 168 4.07 -45.70 46.81
N LEU F 169 3.11 -46.08 45.96
CA LEU F 169 3.24 -46.16 44.50
C LEU F 169 4.39 -47.07 44.05
N THR F 170 4.56 -48.23 44.71
CA THR F 170 5.57 -49.25 44.38
C THR F 170 4.91 -50.46 43.75
N TYR F 171 5.49 -50.95 42.64
CA TYR F 171 5.04 -52.18 41.97
C TYR F 171 5.70 -53.44 42.56
N TYR F 172 4.90 -54.47 42.80
CA TYR F 172 5.36 -55.78 43.22
C TYR F 172 5.03 -56.86 42.18
N ARG F 173 5.91 -57.86 41.98
CA ARG F 173 5.53 -59.08 41.25
C ARG F 173 4.63 -59.95 42.11
N ARG F 174 3.69 -60.67 41.52
CA ARG F 174 2.78 -61.55 42.25
C ARG F 174 3.31 -62.98 42.14
N PRO F 175 3.58 -63.68 43.27
CA PRO F 175 4.02 -65.06 43.21
C PRO F 175 2.96 -65.92 42.57
N TRP F 176 3.36 -66.82 41.67
CA TRP F 176 2.44 -67.52 40.78
C TRP F 176 1.48 -68.50 41.46
N ASN F 177 1.74 -68.83 42.72
CA ASN F 177 0.77 -69.46 43.59
C ASN F 177 -0.47 -68.58 43.77
N VAL F 178 -0.27 -67.30 44.03
CA VAL F 178 -1.33 -66.36 44.35
C VAL F 178 -2.02 -65.96 43.05
N ALA F 179 -3.24 -66.45 42.86
CA ALA F 179 -4.05 -66.21 41.67
C ALA F 179 -4.55 -64.77 41.59
N SER F 180 -4.64 -64.07 42.73
CA SER F 180 -5.09 -62.68 42.81
C SER F 180 -4.55 -62.01 44.06
N LEU F 181 -3.89 -60.86 43.91
CA LEU F 181 -3.71 -59.87 44.96
C LEU F 181 -4.52 -58.63 44.61
N ILE F 182 -5.37 -58.15 45.52
CA ILE F 182 -6.05 -56.85 45.36
C ILE F 182 -5.92 -56.07 46.66
N TYR F 183 -5.01 -55.09 46.67
CA TYR F 183 -4.84 -54.15 47.76
C TYR F 183 -6.03 -53.19 47.83
N GLU F 184 -6.75 -53.22 48.94
CA GLU F 184 -8.06 -52.62 49.09
C GLU F 184 -8.16 -51.97 50.46
N THR F 185 -7.94 -50.65 50.51
CA THR F 185 -8.10 -49.86 51.73
C THR F 185 -9.56 -49.89 52.12
N LYS F 186 -9.93 -50.64 53.16
CA LYS F 186 -11.33 -50.87 53.57
C LYS F 186 -11.46 -50.95 55.09
N GLY F 187 -11.27 -49.82 55.75
CA GLY F 187 -11.53 -49.71 57.18
C GLY F 187 -13.01 -49.82 57.52
N GLU F 188 -13.33 -50.51 58.59
CA GLU F 188 -14.65 -50.52 59.20
C GLU F 188 -14.51 -50.43 60.71
N LYS F 189 -15.52 -49.92 61.39
CA LYS F 189 -15.49 -49.70 62.84
C LYS F 189 -16.91 -49.72 63.39
N ASN F 190 -17.06 -50.11 64.64
CA ASN F 190 -18.32 -50.07 65.33
C ASN F 190 -18.11 -49.75 66.82
N PHE F 191 -19.09 -49.08 67.42
CA PHE F 191 -19.28 -49.01 68.88
C PHE F 191 -20.72 -49.41 69.17
N ARG F 192 -20.95 -50.28 70.18
CA ARG F 192 -22.28 -50.81 70.46
C ARG F 192 -22.50 -51.13 71.93
N THR F 193 -23.73 -50.90 72.39
CA THR F 193 -24.30 -51.45 73.62
C THR F 193 -25.73 -51.89 73.34
N GLU F 194 -26.13 -53.03 73.89
CA GLU F 194 -27.52 -53.25 74.25
C GLU F 194 -27.59 -53.44 75.76
N HIS F 195 -28.62 -52.88 76.38
CA HIS F 195 -28.83 -52.98 77.82
C HIS F 195 -30.30 -53.28 78.11
N TYR F 196 -30.54 -54.19 79.05
CA TYR F 196 -31.86 -54.39 79.63
C TYR F 196 -31.77 -54.51 81.15
N GLU F 197 -32.67 -53.84 81.85
CA GLU F 197 -32.96 -54.07 83.27
C GLU F 197 -34.47 -54.15 83.47
N GLU F 198 -34.90 -55.02 84.37
CA GLU F 198 -36.29 -55.12 84.81
C GLU F 198 -36.32 -55.48 86.29
N GLN F 199 -37.26 -54.88 87.02
CA GLN F 199 -37.58 -55.28 88.39
C GLN F 199 -39.08 -55.32 88.60
N ILE F 200 -39.55 -56.39 89.25
CA ILE F 200 -40.85 -56.48 89.90
C ILE F 200 -40.61 -56.70 91.38
N GLU F 201 -41.11 -55.81 92.25
CA GLU F 201 -41.04 -55.97 93.71
C GLU F 201 -42.35 -55.60 94.40
N ALA F 202 -42.72 -56.39 95.40
CA ALA F 202 -43.90 -56.21 96.23
C ALA F 202 -43.60 -56.66 97.67
N PHE F 203 -43.49 -55.69 98.58
CA PHE F 203 -43.17 -55.91 100.00
C PHE F 203 -44.40 -56.41 100.78
N TYR F 265 -44.75 -62.09 95.10
CA TYR F 265 -43.81 -62.41 94.02
C TYR F 265 -42.83 -61.25 93.75
N SER F 266 -41.60 -61.57 93.34
CA SER F 266 -40.63 -60.58 92.84
C SER F 266 -39.65 -61.20 91.83
N SER F 267 -39.06 -60.36 90.97
CA SER F 267 -37.91 -60.72 90.13
C SER F 267 -37.06 -59.49 89.80
N LYS F 268 -35.76 -59.68 89.56
CA LYS F 268 -34.80 -58.62 89.18
C LYS F 268 -33.84 -59.13 88.11
N LYS F 269 -33.53 -58.30 87.10
CA LYS F 269 -32.74 -58.68 85.90
C LYS F 269 -31.75 -57.58 85.51
N GLU F 270 -30.55 -57.97 85.07
CA GLU F 270 -29.62 -57.11 84.32
C GLU F 270 -28.97 -57.90 83.18
N LYS F 271 -28.77 -57.25 82.03
CA LYS F 271 -27.73 -57.59 81.05
C LYS F 271 -27.15 -56.30 80.46
N MET F 272 -25.82 -56.18 80.45
CA MET F 272 -25.11 -54.98 79.99
C MET F 272 -23.74 -55.34 79.37
N PHE F 273 -23.33 -54.59 78.36
CA PHE F 273 -21.99 -54.62 77.78
C PHE F 273 -21.69 -53.30 77.04
N LEU F 274 -20.42 -53.02 76.78
CA LEU F 274 -20.04 -52.03 75.76
C LEU F 274 -18.92 -52.63 74.87
N HIS F 275 -19.13 -52.61 73.56
CA HIS F 275 -18.17 -53.07 72.56
C HIS F 275 -17.57 -51.91 71.78
N VAL F 276 -16.26 -51.94 71.53
CA VAL F 276 -15.68 -51.30 70.35
C VAL F 276 -14.95 -52.34 69.50
N LYS F 277 -15.26 -52.34 68.20
CA LYS F 277 -14.79 -53.31 67.20
C LYS F 277 -14.23 -52.55 66.02
N GLY F 278 -13.15 -53.03 65.43
CA GLY F 278 -12.53 -52.41 64.28
C GLY F 278 -11.82 -53.39 63.35
N GLU F 279 -11.77 -53.02 62.09
CA GLU F 279 -11.08 -53.72 61.03
C GLU F 279 -10.20 -52.74 60.29
N ILE F 280 -9.03 -53.21 59.90
CA ILE F 280 -8.11 -52.53 59.00
C ILE F 280 -7.76 -53.57 57.95
N HIS F 281 -7.91 -53.24 56.67
CA HIS F 281 -7.85 -54.21 55.59
C HIS F 281 -6.87 -53.68 54.56
N LEU F 282 -5.94 -54.53 54.17
CA LEU F 282 -4.78 -54.17 53.36
C LEU F 282 -4.87 -54.80 51.98
N GLY F 283 -5.31 -56.06 51.90
CA GLY F 283 -5.57 -56.71 50.61
C GLY F 283 -6.17 -58.12 50.73
N ARG F 284 -6.91 -58.51 49.71
CA ARG F 284 -7.36 -59.90 49.49
C ARG F 284 -6.21 -60.68 48.85
N PHE F 285 -6.06 -61.94 49.24
CA PHE F 285 -5.33 -62.94 48.45
C PHE F 285 -6.23 -64.15 48.15
N VAL F 286 -6.10 -64.67 46.93
CA VAL F 286 -6.67 -65.96 46.51
C VAL F 286 -5.56 -66.71 45.77
N MET F 287 -5.47 -68.02 45.93
CA MET F 287 -4.39 -68.86 45.39
C MET F 287 -4.90 -70.10 44.68
N ARG F 288 -4.06 -70.61 43.79
CA ARG F 288 -4.37 -71.66 42.82
C ARG F 288 -4.86 -72.97 43.47
N ASN F 289 -5.69 -73.71 42.73
CA ASN F 289 -6.07 -75.08 43.06
C ASN F 289 -5.49 -76.12 42.07
N ARG F 290 -4.90 -75.69 40.95
CA ARG F 290 -4.16 -76.50 39.97
C ARG F 290 -2.95 -75.75 39.41
N ASP F 291 -2.03 -76.51 38.86
CA ASP F 291 -0.70 -76.07 38.39
C ASP F 291 0.18 -75.47 39.52
N VAL F 292 -0.16 -75.74 40.77
CA VAL F 292 0.55 -75.24 41.95
C VAL F 292 2.00 -75.70 41.92
N VAL F 293 2.93 -74.79 42.22
CA VAL F 293 4.34 -75.13 42.43
C VAL F 293 4.66 -75.06 43.92
N LEU F 294 5.00 -76.22 44.49
CA LEU F 294 5.27 -76.36 45.91
C LEU F 294 6.76 -76.18 46.18
N THR F 295 7.10 -75.90 47.43
CA THR F 295 8.48 -76.01 47.93
C THR F 295 8.97 -77.44 47.75
N THR F 296 10.21 -77.63 47.27
CA THR F 296 10.74 -78.99 47.09
C THR F 296 10.77 -79.73 48.41
N THR F 297 11.08 -79.02 49.50
CA THR F 297 11.02 -79.56 50.86
C THR F 297 9.64 -80.06 51.28
N PHE F 298 8.53 -79.64 50.67
CA PHE F 298 7.20 -80.19 50.96
C PHE F 298 6.94 -81.50 50.21
N VAL F 299 7.27 -81.58 48.92
CA VAL F 299 7.06 -82.82 48.13
C VAL F 299 8.03 -83.92 48.55
N ASP F 300 9.24 -83.56 48.99
CA ASP F 300 10.15 -84.44 49.69
C ASP F 300 9.45 -85.09 50.89
N ASP F 301 8.75 -84.29 51.69
CA ASP F 301 8.00 -84.78 52.85
C ASP F 301 6.74 -85.59 52.48
N ILE F 302 6.47 -85.78 51.18
CA ILE F 302 5.51 -86.75 50.63
C ILE F 302 6.24 -87.98 50.08
N LYS F 303 7.36 -87.80 49.37
CA LYS F 303 8.20 -88.91 48.88
C LYS F 303 8.75 -89.77 50.02
N ALA F 304 9.02 -89.17 51.16
CA ALA F 304 9.39 -89.87 52.39
C ALA F 304 8.24 -90.62 53.07
N LEU F 305 6.96 -90.33 52.80
CA LEU F 305 5.85 -91.08 53.40
C LEU F 305 5.83 -92.53 52.88
N PRO F 306 5.53 -93.53 53.73
CA PRO F 306 5.28 -94.89 53.28
C PRO F 306 3.91 -95.03 52.63
N THR F 307 3.74 -96.06 51.81
CA THR F 307 2.45 -96.43 51.19
C THR F 307 1.39 -96.80 52.24
N THR F 308 1.81 -97.36 53.37
CA THR F 308 0.94 -97.71 54.51
C THR F 308 0.50 -96.49 55.30
N TYR F 309 -0.59 -96.61 56.06
CA TYR F 309 -1.20 -95.52 56.86
C TYR F 309 -0.27 -94.85 57.88
N GLU F 310 0.63 -95.61 58.52
CA GLU F 310 1.75 -95.15 59.37
C GLU F 310 1.45 -93.89 60.21
N LYS F 311 0.46 -93.97 61.10
CA LYS F 311 -0.20 -92.79 61.68
C LYS F 311 0.76 -91.79 62.30
N GLY F 312 1.78 -92.26 63.01
CA GLY F 312 2.82 -91.41 63.61
C GLY F 312 3.58 -90.57 62.58
N GLU F 313 3.90 -91.14 61.42
CA GLU F 313 4.61 -90.43 60.36
C GLU F 313 3.69 -89.44 59.63
N TYR F 314 2.44 -89.83 59.37
CA TYR F 314 1.48 -88.94 58.73
C TYR F 314 1.11 -87.76 59.65
N PHE F 315 0.98 -87.97 60.96
CA PHE F 315 0.84 -86.86 61.90
C PHE F 315 2.12 -86.00 61.98
N ALA F 316 3.30 -86.57 61.74
CA ALA F 316 4.51 -85.77 61.66
C ALA F 316 4.44 -84.81 60.48
N PHE F 317 4.12 -85.29 59.27
CA PHE F 317 3.88 -84.42 58.11
C PHE F 317 2.80 -83.36 58.38
N LEU F 318 1.64 -83.76 58.86
CA LEU F 318 0.51 -82.88 59.11
C LEU F 318 0.77 -81.81 60.18
N GLU F 319 1.84 -81.92 60.97
CA GLU F 319 2.34 -80.81 61.78
C GLU F 319 3.61 -80.16 61.21
N THR F 320 4.33 -80.80 60.30
CA THR F 320 5.55 -80.23 59.70
C THR F 320 5.25 -79.09 58.74
N TYR F 321 4.08 -79.09 58.10
CA TYR F 321 3.63 -78.04 57.17
C TYR F 321 2.22 -77.52 57.43
N GLY F 322 1.22 -78.40 57.54
CA GLY F 322 -0.04 -78.01 58.14
C GLY F 322 -1.13 -79.05 58.04
N THR F 323 -2.20 -78.87 58.81
CA THR F 323 -3.40 -79.69 58.79
C THR F 323 -4.35 -79.22 57.70
N HIS F 324 -4.52 -77.90 57.57
CA HIS F 324 -5.27 -77.25 56.49
C HIS F 324 -4.47 -76.07 55.92
N TYR F 325 -4.89 -75.56 54.78
CA TYR F 325 -4.39 -74.31 54.23
C TYR F 325 -5.57 -73.37 53.93
N SER F 326 -5.31 -72.06 54.03
CA SER F 326 -6.18 -71.04 53.48
C SER F 326 -6.02 -71.03 51.97
N SER F 327 -7.08 -71.38 51.24
CA SER F 327 -7.07 -71.19 49.77
C SER F 327 -7.25 -69.71 49.40
N SER F 328 -7.76 -68.92 50.36
CA SER F 328 -7.84 -67.46 50.31
C SER F 328 -7.88 -66.89 51.72
N GLY F 329 -7.52 -65.63 51.89
CA GLY F 329 -7.66 -64.91 53.16
C GLY F 329 -7.67 -63.40 53.00
N SER F 330 -7.74 -62.69 54.12
CA SER F 330 -7.78 -61.23 54.17
C SER F 330 -6.68 -60.63 55.06
N LEU F 331 -5.60 -60.17 54.42
CA LEU F 331 -4.50 -59.45 55.05
C LEU F 331 -4.98 -58.14 55.67
N GLY F 332 -4.66 -57.91 56.95
CA GLY F 332 -4.97 -56.66 57.63
C GLY F 332 -4.58 -56.64 59.11
N GLY F 333 -5.38 -55.94 59.90
CA GLY F 333 -5.38 -55.93 61.35
C GLY F 333 -6.79 -55.80 61.89
N LEU F 334 -7.00 -56.15 63.14
CA LEU F 334 -8.32 -56.15 63.79
C LEU F 334 -8.20 -55.83 65.27
N TYR F 335 -9.25 -55.27 65.86
CA TYR F 335 -9.38 -55.09 67.30
C TYR F 335 -10.77 -55.42 67.82
N GLU F 336 -10.82 -55.78 69.09
CA GLU F 336 -12.06 -55.88 69.87
C GLU F 336 -11.73 -55.58 71.34
N LEU F 337 -12.34 -54.53 71.87
CA LEU F 337 -11.96 -53.92 73.14
C LEU F 337 -13.17 -53.87 74.09
N ILE F 338 -13.80 -55.02 74.35
CA ILE F 338 -15.02 -55.10 75.15
C ILE F 338 -14.81 -54.55 76.58
N TYR F 339 -15.64 -53.57 76.93
CA TYR F 339 -15.78 -53.02 78.27
C TYR F 339 -16.76 -53.88 79.07
N VAL F 340 -16.20 -54.70 79.96
CA VAL F 340 -16.91 -55.53 80.93
C VAL F 340 -17.47 -54.69 82.09
N LEU F 341 -17.02 -53.43 82.25
CA LEU F 341 -17.57 -52.43 83.17
C LEU F 341 -19.10 -52.28 83.06
N ASP F 342 -19.84 -52.71 84.08
CA ASP F 342 -21.23 -52.30 84.27
C ASP F 342 -21.29 -50.80 84.56
N LYS F 343 -22.05 -50.04 83.77
CA LYS F 343 -21.99 -48.57 83.76
C LYS F 343 -22.23 -47.92 85.15
N ALA F 344 -23.15 -48.46 85.95
CA ALA F 344 -23.44 -47.98 87.30
C ALA F 344 -22.24 -48.00 88.26
N SER F 345 -21.25 -48.88 88.04
CA SER F 345 -20.04 -48.98 88.89
C SER F 345 -19.29 -47.66 89.00
N MET F 346 -19.37 -46.84 87.95
CA MET F 346 -18.91 -45.46 87.94
C MET F 346 -20.07 -44.46 88.04
N LYS F 347 -21.19 -44.74 87.37
CA LYS F 347 -22.33 -43.84 87.20
C LYS F 347 -23.13 -43.48 88.47
N ARG F 348 -22.71 -44.05 89.61
CA ARG F 348 -23.35 -43.66 90.90
C ARG F 348 -22.61 -42.44 91.46
N LYS F 349 -21.33 -42.28 91.09
CA LYS F 349 -20.54 -41.05 91.24
C LYS F 349 -20.83 -40.10 90.07
N GLY F 350 -20.30 -38.87 90.11
CA GLY F 350 -20.68 -37.75 89.24
C GLY F 350 -20.30 -37.87 87.75
N VAL F 351 -20.77 -38.90 87.05
CA VAL F 351 -20.67 -39.05 85.59
C VAL F 351 -22.00 -39.53 84.98
N GLU F 352 -22.44 -38.85 83.93
CA GLU F 352 -23.65 -39.18 83.15
C GLU F 352 -23.32 -40.17 82.02
N LEU F 353 -24.30 -40.89 81.46
CA LEU F 353 -24.05 -41.85 80.37
C LEU F 353 -23.39 -41.18 79.15
N LYS F 354 -23.92 -40.03 78.75
CA LYS F 354 -23.34 -39.21 77.68
C LYS F 354 -21.95 -38.66 78.05
N ASP F 355 -21.68 -38.38 79.32
CA ASP F 355 -20.34 -37.98 79.76
C ASP F 355 -19.35 -39.16 79.75
N ILE F 356 -19.71 -40.35 80.24
CA ILE F 356 -18.76 -41.48 80.20
C ILE F 356 -18.48 -41.86 78.74
N LYS F 357 -19.51 -41.84 77.88
CA LYS F 357 -19.30 -41.96 76.44
C LYS F 357 -18.41 -40.82 75.92
N ARG F 358 -18.58 -39.60 76.38
CA ARG F 358 -17.72 -38.48 75.99
C ARG F 358 -16.26 -38.67 76.41
N CYS F 359 -16.01 -39.04 77.66
CA CYS F 359 -14.69 -39.38 78.16
C CYS F 359 -14.05 -40.57 77.41
N LEU F 360 -14.82 -41.61 77.06
CA LEU F 360 -14.33 -42.75 76.27
C LEU F 360 -14.09 -42.40 74.79
N GLY F 361 -14.91 -41.53 74.20
CA GLY F 361 -14.79 -41.06 72.82
C GLY F 361 -15.95 -40.14 72.41
N CYS F 384 -13.59 -34.88 80.20
CA CYS F 384 -15.00 -34.56 80.49
C CYS F 384 -15.20 -34.29 82.01
N VAL F 385 -15.94 -33.22 82.36
CA VAL F 385 -15.94 -32.67 83.73
C VAL F 385 -16.80 -33.50 84.70
N LYS F 386 -18.11 -33.56 84.47
CA LYS F 386 -19.04 -34.44 85.20
C LYS F 386 -19.08 -35.85 84.59
N VAL F 393 -15.66 -35.38 89.25
CA VAL F 393 -14.82 -36.49 88.75
C VAL F 393 -13.74 -36.02 87.74
N ASN F 394 -12.66 -36.78 87.61
CA ASN F 394 -11.64 -36.64 86.57
C ASN F 394 -11.39 -38.07 86.10
N ILE F 395 -12.17 -38.55 85.14
CA ILE F 395 -12.27 -39.98 84.80
C ILE F 395 -10.90 -40.57 84.40
N THR F 396 -10.08 -39.83 83.67
CA THR F 396 -8.72 -40.29 83.29
C THR F 396 -7.78 -40.40 84.50
N SER F 397 -7.92 -39.55 85.52
CA SER F 397 -7.23 -39.73 86.81
C SER F 397 -7.80 -40.88 87.65
N GLU F 398 -9.11 -41.10 87.59
CA GLU F 398 -9.81 -41.91 88.57
C GLU F 398 -9.53 -43.42 88.48
N ASN F 399 -9.74 -44.11 89.59
CA ASN F 399 -9.73 -45.58 89.64
C ASN F 399 -10.98 -46.20 88.97
N LEU F 400 -11.97 -45.38 88.64
CA LEU F 400 -13.29 -45.79 88.19
C LEU F 400 -13.28 -46.66 86.91
N ILE F 401 -12.60 -46.27 85.82
CA ILE F 401 -12.42 -47.16 84.65
C ILE F 401 -11.36 -48.22 85.00
N ASP F 402 -11.76 -49.50 84.92
CA ASP F 402 -10.90 -50.68 85.07
C ASP F 402 -11.14 -51.68 83.95
N ASP F 403 -12.33 -52.28 83.89
CA ASP F 403 -12.58 -53.55 83.20
C ASP F 403 -12.80 -53.41 81.68
N VAL F 404 -11.72 -53.15 80.96
CA VAL F 404 -11.63 -53.20 79.50
C VAL F 404 -10.68 -54.31 79.03
N VAL F 405 -11.16 -55.17 78.13
CA VAL F 405 -10.41 -56.27 77.48
C VAL F 405 -9.52 -55.71 76.36
N SER F 406 -8.52 -56.45 75.85
CA SER F 406 -7.88 -56.07 74.61
C SER F 406 -7.64 -57.31 73.76
N LEU F 407 -8.10 -57.25 72.51
CA LEU F 407 -7.60 -58.02 71.38
C LEU F 407 -7.11 -57.04 70.32
N ILE F 408 -5.92 -57.26 69.78
CA ILE F 408 -5.27 -56.39 68.79
C ILE F 408 -4.34 -57.24 67.94
N ARG F 409 -4.60 -57.30 66.62
CA ARG F 409 -3.91 -58.19 65.68
C ARG F 409 -3.14 -57.38 64.63
N GLY F 410 -1.84 -57.63 64.51
CA GLY F 410 -0.95 -57.03 63.51
C GLY F 410 -0.42 -55.65 63.88
N GLY F 411 0.53 -55.16 63.08
CA GLY F 411 1.21 -53.87 63.28
C GLY F 411 2.48 -53.95 64.14
N THR F 412 3.25 -52.85 64.19
CA THR F 412 4.56 -52.82 64.87
C THR F 412 4.35 -52.76 66.39
N ARG F 413 5.04 -53.63 67.16
CA ARG F 413 4.71 -53.89 68.58
C ARG F 413 4.62 -52.63 69.47
N LYS F 414 5.38 -51.57 69.17
CA LYS F 414 5.31 -50.28 69.87
C LYS F 414 3.89 -49.76 69.92
N TYR F 415 3.23 -49.71 68.77
CA TYR F 415 1.90 -49.12 68.63
C TYR F 415 0.82 -50.07 69.14
N ALA F 416 1.06 -51.38 69.12
CA ALA F 416 0.20 -52.36 69.77
C ALA F 416 0.31 -52.26 71.29
N PHE F 417 1.53 -52.12 71.82
CA PHE F 417 1.77 -51.89 73.25
C PHE F 417 1.12 -50.60 73.72
N GLU F 418 1.37 -49.46 73.07
CA GLU F 418 0.76 -48.19 73.45
C GLU F 418 -0.76 -48.29 73.54
N LEU F 419 -1.43 -48.95 72.60
CA LEU F 419 -2.88 -49.12 72.67
C LEU F 419 -3.28 -49.99 73.87
N LYS F 420 -2.57 -51.09 74.14
CA LYS F 420 -2.86 -51.94 75.30
C LYS F 420 -2.63 -51.19 76.61
N GLU F 421 -1.51 -50.49 76.74
CA GLU F 421 -1.09 -49.79 77.97
C GLU F 421 -2.15 -48.76 78.38
N LYS F 422 -2.63 -47.96 77.41
CA LYS F 422 -3.68 -46.97 77.64
C LYS F 422 -4.97 -47.62 78.12
N LEU F 423 -5.35 -48.76 77.56
CA LEU F 423 -6.57 -49.47 77.94
C LEU F 423 -6.46 -50.09 79.33
N LEU F 424 -5.39 -50.83 79.64
CA LEU F 424 -5.21 -51.41 80.99
C LEU F 424 -5.02 -50.35 82.08
N ARG F 425 -4.56 -49.13 81.74
CA ARG F 425 -4.57 -47.95 82.62
C ARG F 425 -5.97 -47.33 82.80
N GLY F 426 -6.99 -47.83 82.12
CA GLY F 426 -8.37 -47.32 82.18
C GLY F 426 -8.60 -46.01 81.39
N THR F 427 -7.82 -45.75 80.35
CA THR F 427 -7.81 -44.47 79.60
C THR F 427 -8.09 -44.71 78.11
N VAL F 428 -8.70 -43.73 77.43
CA VAL F 428 -9.00 -43.82 76.00
C VAL F 428 -7.73 -43.65 75.13
N ILE F 429 -7.63 -44.40 74.03
CA ILE F 429 -6.63 -44.15 72.99
C ILE F 429 -7.02 -42.97 72.09
N ASP F 430 -6.07 -42.11 71.73
CA ASP F 430 -6.33 -40.95 70.87
C ASP F 430 -6.37 -41.36 69.40
N VAL F 431 -7.13 -40.63 68.56
CA VAL F 431 -7.31 -40.99 67.14
C VAL F 431 -5.98 -40.97 66.37
N THR F 432 -5.03 -40.13 66.80
CA THR F 432 -3.61 -40.16 66.40
C THR F 432 -2.98 -41.55 66.48
N ASP F 433 -3.37 -42.34 67.46
CA ASP F 433 -2.75 -43.61 67.79
C ASP F 433 -3.18 -44.69 66.79
N PHE F 434 -4.50 -44.83 66.65
CA PHE F 434 -5.11 -45.77 65.71
C PHE F 434 -4.58 -45.57 64.29
N VAL F 435 -4.44 -44.33 63.81
CA VAL F 435 -3.88 -44.09 62.47
C VAL F 435 -2.39 -44.45 62.41
N ASN F 436 -1.64 -44.26 63.50
CA ASN F 436 -0.26 -44.70 63.58
C ASN F 436 -0.18 -46.23 63.52
N TRP F 437 -1.05 -46.94 64.24
CA TRP F 437 -1.18 -48.38 64.15
C TRP F 437 -1.53 -48.84 62.74
N ALA F 438 -2.57 -48.27 62.13
CA ALA F 438 -2.99 -48.59 60.77
C ALA F 438 -1.89 -48.35 59.73
N SER F 439 -1.01 -47.37 59.93
CA SER F 439 0.16 -47.18 59.05
C SER F 439 1.18 -48.34 59.18
N SER F 440 1.28 -48.95 60.35
CA SER F 440 2.25 -50.03 60.64
C SER F 440 1.83 -51.44 60.21
N ILE F 441 0.55 -51.66 59.88
CA ILE F 441 0.05 -52.93 59.34
C ILE F 441 0.67 -53.26 57.97
N ASN F 442 1.25 -52.27 57.29
CA ASN F 442 2.05 -52.46 56.07
C ASN F 442 3.27 -53.37 56.30
N ASP F 443 3.87 -53.33 57.50
CA ASP F 443 4.98 -54.22 57.87
C ASP F 443 4.49 -55.60 58.31
N ALA F 444 3.57 -55.63 59.27
CA ALA F 444 3.21 -56.82 60.04
C ALA F 444 1.71 -57.16 59.98
N PRO F 445 1.20 -57.72 58.86
CA PRO F 445 -0.19 -58.11 58.70
C PRO F 445 -0.56 -59.41 59.44
N VAL F 446 -1.85 -59.60 59.68
CA VAL F 446 -2.48 -60.82 60.20
C VAL F 446 -3.74 -61.13 59.37
N LEU F 447 -4.23 -62.37 59.35
CA LEU F 447 -5.42 -62.75 58.58
C LEU F 447 -6.72 -62.66 59.40
N ILE F 448 -7.64 -61.80 58.94
CA ILE F 448 -8.91 -61.49 59.63
C ILE F 448 -9.95 -62.59 59.42
N SER F 449 -9.99 -63.19 58.23
CA SER F 449 -10.82 -64.34 57.89
C SER F 449 -10.12 -65.19 56.82
N GLN F 450 -10.48 -66.47 56.74
CA GLN F 450 -9.85 -67.46 55.87
C GLN F 450 -10.87 -68.47 55.37
N LYS F 451 -10.72 -68.98 54.15
CA LYS F 451 -11.47 -70.13 53.61
C LYS F 451 -10.55 -71.33 53.48
N LEU F 452 -10.96 -72.48 54.01
CA LEU F 452 -10.05 -73.58 54.37
C LEU F 452 -10.30 -74.89 53.61
N SER F 453 -9.21 -75.56 53.26
CA SER F 453 -9.17 -76.86 52.61
C SER F 453 -8.05 -77.73 53.23
N PRO F 454 -8.20 -79.06 53.39
CA PRO F 454 -7.14 -79.89 53.93
C PRO F 454 -5.94 -80.00 52.98
N ILE F 455 -4.75 -80.14 53.58
CA ILE F 455 -3.47 -80.00 52.87
C ILE F 455 -3.25 -81.04 51.79
N TYR F 456 -3.96 -82.18 51.84
CA TYR F 456 -3.71 -83.24 50.87
C TYR F 456 -4.00 -82.83 49.44
N ASN F 457 -4.85 -81.83 49.24
CA ASN F 457 -5.09 -81.23 47.93
C ASN F 457 -3.85 -80.61 47.27
N LEU F 458 -2.75 -80.40 48.01
CA LEU F 458 -1.48 -79.95 47.44
C LEU F 458 -0.61 -81.12 46.95
N VAL F 459 -0.88 -82.37 47.35
CA VAL F 459 -0.07 -83.54 46.98
C VAL F 459 -0.14 -83.75 45.47
N PRO F 460 0.97 -83.60 44.71
CA PRO F 460 0.90 -83.60 43.26
C PRO F 460 0.31 -84.90 42.68
N VAL F 461 -0.47 -84.79 41.60
CA VAL F 461 -1.07 -85.95 40.93
C VAL F 461 -0.03 -86.94 40.38
N LYS F 462 1.20 -86.45 40.12
CA LYS F 462 2.37 -87.24 39.69
C LYS F 462 3.03 -88.11 40.79
N MET F 463 2.63 -87.99 42.06
CA MET F 463 3.26 -88.71 43.18
C MET F 463 3.05 -90.23 43.05
N LYS F 464 4.09 -91.01 43.35
CA LYS F 464 4.19 -92.39 42.87
C LYS F 464 3.13 -93.36 43.43
N ASN F 465 2.51 -93.02 44.54
CA ASN F 465 1.31 -93.67 45.09
C ASN F 465 0.26 -92.59 45.44
N ALA F 466 0.09 -91.57 44.59
CA ALA F 466 -0.59 -90.31 44.95
C ALA F 466 -1.95 -90.50 45.64
N HIS F 467 -2.90 -91.19 45.02
CA HIS F 467 -4.25 -91.38 45.58
C HIS F 467 -4.18 -92.12 46.91
N LEU F 468 -3.30 -93.11 47.05
CA LEU F 468 -3.15 -93.85 48.31
C LEU F 468 -2.65 -92.93 49.42
N LYS F 469 -1.63 -92.11 49.16
CA LYS F 469 -1.14 -91.12 50.14
C LYS F 469 -2.22 -90.12 50.51
N LYS F 470 -2.94 -89.56 49.53
CA LYS F 470 -4.04 -88.62 49.79
C LYS F 470 -5.14 -89.29 50.62
N GLN F 471 -5.49 -90.53 50.31
CA GLN F 471 -6.49 -91.25 51.07
C GLN F 471 -6.01 -91.52 52.50
N ASN F 472 -4.73 -91.82 52.71
CA ASN F 472 -4.18 -91.94 54.05
C ASN F 472 -4.09 -90.61 54.80
N LEU F 473 -3.80 -89.50 54.13
CA LEU F 473 -3.90 -88.17 54.73
C LEU F 473 -5.34 -87.86 55.12
N GLU F 474 -6.36 -88.25 54.36
CA GLU F 474 -7.74 -88.13 54.82
C GLU F 474 -7.99 -89.01 56.05
N ARG F 475 -7.49 -90.26 56.07
CA ARG F 475 -7.58 -91.13 57.24
C ARG F 475 -6.85 -90.56 58.46
N ALA F 476 -5.82 -89.74 58.26
CA ALA F 476 -5.05 -89.13 59.34
C ALA F 476 -5.72 -87.86 59.84
N ILE F 477 -6.10 -86.95 58.92
CA ILE F 477 -6.85 -85.73 59.24
C ILE F 477 -8.09 -86.08 60.08
N GLU F 478 -8.81 -87.14 59.72
CA GLU F 478 -9.97 -87.62 60.46
C GLU F 478 -9.64 -88.02 61.90
N ASP F 479 -8.43 -88.49 62.19
CA ASP F 479 -8.10 -88.91 63.56
C ASP F 479 -7.74 -87.73 64.49
N TYR F 480 -7.26 -86.60 63.98
CA TYR F 480 -6.96 -85.43 64.84
C TYR F 480 -8.16 -85.03 65.67
N ILE F 481 -9.35 -85.09 65.07
CA ILE F 481 -10.63 -84.75 65.71
C ILE F 481 -10.91 -85.63 66.94
N ASN F 482 -10.37 -86.85 66.97
CA ASN F 482 -10.42 -87.76 68.13
C ASN F 482 -9.18 -87.66 69.03
N GLU F 483 -8.00 -87.32 68.49
CA GLU F 483 -6.77 -87.20 69.29
C GLU F 483 -6.85 -86.11 70.37
N PHE F 484 -7.72 -85.12 70.18
CA PHE F 484 -7.98 -84.04 71.13
C PHE F 484 -9.47 -83.94 71.49
N SER F 485 -9.78 -83.38 72.66
CA SER F 485 -11.16 -83.20 73.14
C SER F 485 -11.96 -82.15 72.35
N ILE G 13 29.77 -21.05 29.22
CA ILE G 13 29.32 -21.38 30.60
C ILE G 13 30.52 -21.76 31.48
N SER G 14 30.42 -21.54 32.81
CA SER G 14 31.52 -21.71 33.78
C SER G 14 31.00 -22.03 35.18
N THR G 15 31.91 -22.41 36.09
CA THR G 15 31.60 -22.71 37.50
C THR G 15 31.99 -21.56 38.42
N ILE G 16 31.09 -21.19 39.33
CA ILE G 16 31.33 -20.27 40.45
C ILE G 16 31.15 -21.04 41.77
N GLN G 17 31.93 -20.68 42.79
CA GLN G 17 31.98 -21.46 44.03
C GLN G 17 30.73 -21.23 44.90
N PRO G 18 30.00 -22.28 45.31
CA PRO G 18 28.97 -22.15 46.34
C PRO G 18 29.56 -21.74 47.69
N LYS G 19 28.73 -21.18 48.58
CA LYS G 19 29.12 -20.77 49.94
C LYS G 19 29.80 -21.92 50.69
N ALA G 20 31.07 -21.74 51.03
CA ALA G 20 31.83 -22.69 51.84
C ALA G 20 31.19 -22.88 53.22
N ASN G 21 31.01 -24.14 53.63
CA ASN G 21 30.42 -24.53 54.91
C ASN G 21 29.03 -23.88 55.18
N PHE G 22 28.17 -23.79 54.16
CA PHE G 22 26.81 -23.23 54.25
C PHE G 22 25.92 -23.92 55.31
N ASP G 23 25.01 -23.18 55.94
CA ASP G 23 24.03 -23.74 56.88
C ASP G 23 22.59 -23.32 56.53
N ALA G 24 21.75 -24.30 56.21
CA ALA G 24 20.37 -24.06 55.77
C ALA G 24 19.49 -23.46 56.86
N GLN G 25 19.69 -23.81 58.13
CA GLN G 25 18.93 -23.20 59.24
C GLN G 25 19.34 -21.74 59.49
N GLN G 26 20.46 -21.27 58.94
CA GLN G 26 20.84 -19.86 58.98
C GLN G 26 20.25 -19.06 57.82
N PHE G 27 20.01 -19.69 56.66
CA PHE G 27 19.30 -19.05 55.54
C PHE G 27 17.78 -18.97 55.72
N ALA G 28 17.21 -19.70 56.67
CA ALA G 28 15.77 -19.77 56.92
C ALA G 28 15.10 -18.41 57.25
N GLY G 29 13.77 -18.37 57.22
CA GLY G 29 12.99 -17.16 57.51
C GLY G 29 12.76 -16.26 56.29
N THR G 30 12.54 -14.96 56.50
CA THR G 30 12.15 -14.01 55.45
C THR G 30 13.33 -13.32 54.76
N TRP G 31 13.20 -13.04 53.45
CA TRP G 31 14.14 -12.28 52.64
C TRP G 31 13.42 -11.39 51.63
N LEU G 32 14.04 -10.30 51.15
CA LEU G 32 13.43 -9.36 50.21
C LEU G 32 14.38 -9.12 49.04
N LEU G 33 13.87 -9.20 47.80
CA LEU G 33 14.69 -9.04 46.61
C LEU G 33 15.00 -7.56 46.38
N VAL G 34 16.25 -7.25 46.16
CA VAL G 34 16.74 -5.92 45.81
C VAL G 34 16.88 -5.79 44.29
N ALA G 35 17.51 -6.76 43.64
CA ALA G 35 17.81 -6.66 42.22
C ALA G 35 18.05 -8.01 41.54
N VAL G 36 17.94 -8.02 40.20
CA VAL G 36 18.21 -9.17 39.32
C VAL G 36 19.17 -8.74 38.22
N GLY G 37 20.17 -9.57 37.91
CA GLY G 37 21.07 -9.39 36.76
C GLY G 37 20.83 -10.49 35.74
N SER G 38 20.37 -10.16 34.53
CA SER G 38 20.10 -11.15 33.48
C SER G 38 20.04 -10.53 32.09
N ALA G 39 20.34 -11.31 31.04
CA ALA G 39 20.11 -10.92 29.65
C ALA G 39 18.64 -11.07 29.18
N CYS G 40 17.76 -11.61 30.03
CA CYS G 40 16.39 -12.00 29.69
C CYS G 40 15.51 -10.84 29.18
N ARG G 41 14.81 -11.10 28.07
CA ARG G 41 14.02 -10.10 27.33
C ARG G 41 12.98 -9.41 28.20
N PHE G 42 12.25 -10.20 28.99
CA PHE G 42 11.11 -9.78 29.82
C PHE G 42 11.48 -8.90 31.04
N LEU G 43 12.76 -8.48 31.14
CA LEU G 43 13.19 -7.40 32.03
C LEU G 43 13.57 -6.14 31.24
N GLN G 44 14.28 -6.27 30.12
CA GLN G 44 14.66 -5.12 29.27
C GLN G 44 13.46 -4.51 28.51
N GLU G 45 12.34 -5.22 28.43
CA GLU G 45 11.01 -4.72 28.12
C GLU G 45 10.01 -5.30 29.13
N GLN G 46 8.79 -4.75 29.20
CA GLN G 46 7.76 -5.16 30.17
C GLN G 46 8.17 -5.00 31.65
N GLY G 47 9.25 -4.26 31.93
CA GLY G 47 9.83 -4.07 33.26
C GLY G 47 8.92 -3.31 34.24
N HIS G 48 7.87 -2.64 33.76
CA HIS G 48 6.80 -2.08 34.61
C HIS G 48 5.99 -3.17 35.34
N ARG G 49 6.16 -4.45 34.97
CA ARG G 49 5.64 -5.61 35.72
C ARG G 49 6.68 -6.27 36.64
N ALA G 50 7.82 -5.62 36.89
CA ALA G 50 8.59 -5.84 38.11
C ALA G 50 7.76 -5.38 39.32
N GLU G 51 7.69 -6.21 40.36
CA GLU G 51 6.83 -6.02 41.54
C GLU G 51 7.63 -6.39 42.80
N ALA G 52 7.18 -5.96 43.97
CA ALA G 52 7.91 -6.18 45.21
C ALA G 52 7.91 -7.67 45.62
N THR G 53 9.03 -8.38 45.44
CA THR G 53 9.15 -9.84 45.67
C THR G 53 9.99 -10.24 46.89
N THR G 54 9.43 -11.09 47.74
CA THR G 54 10.01 -11.56 49.01
C THR G 54 9.95 -13.08 49.10
N LEU G 55 10.80 -13.70 49.94
CA LEU G 55 10.87 -15.15 50.15
C LEU G 55 10.58 -15.49 51.60
N HIS G 56 9.94 -16.62 51.85
CA HIS G 56 10.08 -17.41 53.08
C HIS G 56 10.82 -18.70 52.77
N VAL G 57 11.83 -19.05 53.56
CA VAL G 57 12.62 -20.28 53.42
C VAL G 57 12.48 -21.17 54.65
N ALA G 58 12.34 -22.47 54.45
CA ALA G 58 12.45 -23.48 55.50
C ALA G 58 13.26 -24.70 55.01
N PRO G 59 14.27 -25.20 55.74
CA PRO G 59 14.99 -26.42 55.35
C PRO G 59 14.10 -27.67 55.37
N GLN G 60 14.35 -28.60 54.47
CA GLN G 60 13.65 -29.88 54.34
C GLN G 60 14.63 -30.95 53.85
N GLY G 61 15.26 -31.67 54.78
CA GLY G 61 16.48 -32.42 54.47
C GLY G 61 17.65 -31.47 54.18
N THR G 62 18.53 -31.83 53.25
CA THR G 62 19.58 -30.90 52.77
C THR G 62 19.03 -29.85 51.80
N ALA G 63 17.88 -30.13 51.16
CA ALA G 63 17.16 -29.18 50.32
C ALA G 63 16.54 -28.02 51.14
N MET G 64 16.33 -26.88 50.48
CA MET G 64 15.59 -25.74 51.04
C MET G 64 14.21 -25.65 50.38
N ALA G 65 13.13 -25.67 51.16
CA ALA G 65 11.79 -25.37 50.67
C ALA G 65 11.60 -23.83 50.59
N VAL G 66 11.20 -23.35 49.41
CA VAL G 66 11.12 -21.93 49.09
C VAL G 66 9.69 -21.55 48.78
N SER G 67 9.17 -20.54 49.48
CA SER G 67 8.04 -19.77 48.98
C SER G 67 8.50 -18.38 48.55
N THR G 68 8.32 -18.01 47.28
CA THR G 68 8.36 -16.60 46.84
C THR G 68 6.97 -15.98 46.97
N PHE G 69 6.89 -14.68 47.22
CA PHE G 69 5.65 -13.91 47.25
C PHE G 69 5.77 -12.64 46.41
N ARG G 70 4.68 -12.25 45.76
CA ARG G 70 4.61 -11.17 44.76
C ARG G 70 3.17 -10.64 44.66
N LYS G 71 2.97 -9.37 44.32
CA LYS G 71 1.67 -8.88 43.82
C LYS G 71 1.57 -9.13 42.31
N LEU G 72 0.63 -9.94 41.86
CA LEU G 72 0.22 -10.02 40.46
C LEU G 72 -1.02 -9.14 40.29
N ASP G 73 -0.88 -8.02 39.59
CA ASP G 73 -1.96 -7.07 39.29
C ASP G 73 -2.82 -6.74 40.51
N GLY G 74 -2.17 -6.34 41.60
CA GLY G 74 -2.80 -5.96 42.86
C GLY G 74 -3.27 -7.10 43.75
N ILE G 75 -3.24 -8.35 43.28
CA ILE G 75 -3.60 -9.53 44.06
C ILE G 75 -2.31 -10.20 44.52
N CYS G 76 -2.16 -10.44 45.82
CA CYS G 76 -0.98 -11.08 46.38
C CYS G 76 -0.97 -12.59 46.10
N TRP G 77 0.13 -13.08 45.57
CA TRP G 77 0.39 -14.46 45.17
C TRP G 77 1.59 -15.04 45.93
N GLN G 78 1.62 -16.35 46.01
CA GLN G 78 2.69 -17.16 46.58
C GLN G 78 3.07 -18.24 45.57
N VAL G 79 4.35 -18.54 45.50
CA VAL G 79 4.95 -19.44 44.53
C VAL G 79 5.79 -20.41 45.34
N ARG G 80 5.71 -21.73 45.12
CA ARG G 80 6.25 -22.74 46.03
C ARG G 80 7.12 -23.67 45.24
N GLN G 81 8.36 -23.84 45.67
CA GLN G 81 9.40 -24.54 44.94
C GLN G 81 10.31 -25.28 45.92
N LEU G 82 10.96 -26.38 45.50
CA LEU G 82 12.07 -26.96 46.25
C LEU G 82 13.38 -26.60 45.59
N TYR G 83 14.26 -25.95 46.34
CA TYR G 83 15.68 -26.00 46.06
C TYR G 83 16.17 -27.39 46.51
N GLY G 84 15.85 -28.41 45.71
CA GLY G 84 16.33 -29.78 45.91
C GLY G 84 17.85 -29.83 45.76
N ASP G 85 18.57 -30.31 46.77
CA ASP G 85 20.03 -30.27 46.77
C ASP G 85 20.65 -31.24 45.76
N THR G 86 21.74 -30.83 45.11
CA THR G 86 22.48 -31.68 44.17
C THR G 86 23.38 -32.71 44.87
N GLY G 87 23.38 -32.73 46.21
CA GLY G 87 24.34 -33.45 47.02
C GLY G 87 25.65 -32.67 47.27
N VAL G 88 25.80 -31.49 46.67
CA VAL G 88 26.86 -30.52 46.99
C VAL G 88 26.26 -29.40 47.83
N LEU G 89 26.91 -29.07 48.94
CA LEU G 89 26.41 -28.08 49.88
C LEU G 89 26.37 -26.69 49.23
N GLY G 90 25.20 -26.03 49.26
CA GLY G 90 24.97 -24.72 48.63
C GLY G 90 24.64 -24.75 47.13
N ARG G 91 24.36 -25.93 46.55
CA ARG G 91 23.86 -26.09 45.16
C ARG G 91 22.55 -26.87 45.11
N PHE G 92 21.61 -26.41 44.28
CA PHE G 92 20.26 -26.98 44.19
C PHE G 92 19.71 -26.97 42.75
N LEU G 93 18.72 -27.81 42.43
CA LEU G 93 18.34 -28.19 41.06
C LEU G 93 16.92 -27.74 40.59
N LEU G 94 16.13 -27.12 41.47
CA LEU G 94 14.74 -26.68 41.19
C LEU G 94 13.75 -27.79 40.73
N GLN G 95 14.06 -29.05 41.03
CA GLN G 95 13.18 -30.23 40.91
C GLN G 95 12.53 -30.50 39.52
N ALA G 96 13.02 -29.89 38.44
CA ALA G 96 12.67 -30.23 37.05
C ALA G 96 11.15 -30.28 36.72
N ARG G 97 10.35 -29.39 37.34
CA ARG G 97 8.87 -29.52 37.41
C ARG G 97 8.09 -29.27 36.10
N ASP G 98 8.66 -28.59 35.11
CA ASP G 98 7.94 -28.16 33.90
C ASP G 98 8.85 -28.18 32.65
N ALA G 99 8.28 -28.06 31.45
CA ALA G 99 8.95 -28.28 30.17
C ALA G 99 10.17 -27.39 29.87
N ARG G 100 10.40 -26.31 30.65
CA ARG G 100 11.68 -25.57 30.64
C ARG G 100 12.87 -26.40 31.13
N GLY G 101 12.61 -27.51 31.81
CA GLY G 101 13.61 -28.39 32.40
C GLY G 101 13.87 -28.02 33.86
N ALA G 102 15.15 -27.95 34.23
CA ALA G 102 15.64 -27.64 35.56
C ALA G 102 16.50 -26.38 35.55
N VAL G 103 16.55 -25.67 36.69
CA VAL G 103 17.40 -24.50 36.92
C VAL G 103 18.39 -24.84 38.03
N HIS G 104 19.68 -24.65 37.80
CA HIS G 104 20.65 -24.75 38.90
C HIS G 104 20.65 -23.46 39.72
N VAL G 105 20.61 -23.58 41.04
CA VAL G 105 20.69 -22.48 42.01
C VAL G 105 21.96 -22.61 42.83
N VAL G 106 22.83 -21.60 42.81
CA VAL G 106 24.10 -21.55 43.54
C VAL G 106 24.14 -20.34 44.47
N VAL G 107 24.30 -20.53 45.78
CA VAL G 107 24.46 -19.40 46.72
C VAL G 107 25.92 -18.95 46.72
N ALA G 108 26.21 -17.78 46.18
CA ALA G 108 27.57 -17.39 45.79
C ALA G 108 28.33 -16.58 46.86
N GLU G 109 27.66 -15.61 47.49
CA GLU G 109 28.28 -14.63 48.37
C GLU G 109 27.22 -14.10 49.33
N THR G 110 27.36 -14.34 50.63
CA THR G 110 26.29 -14.08 51.58
C THR G 110 26.77 -13.91 53.01
N ASP G 111 26.00 -13.20 53.82
CA ASP G 111 25.95 -13.42 55.26
C ASP G 111 24.49 -13.51 55.69
N TYR G 112 24.21 -14.48 56.55
CA TYR G 112 22.85 -14.87 56.90
C TYR G 112 22.07 -13.77 57.63
N GLN G 113 22.77 -12.80 58.19
CA GLN G 113 22.23 -11.71 58.98
C GLN G 113 21.78 -10.52 58.12
N SER G 114 22.34 -10.31 56.91
CA SER G 114 22.04 -9.12 56.12
C SER G 114 21.71 -9.40 54.66
N PHE G 115 22.54 -10.15 53.92
CA PHE G 115 22.46 -10.17 52.45
C PHE G 115 22.77 -11.54 51.83
N ALA G 116 22.20 -11.79 50.65
CA ALA G 116 22.53 -12.95 49.85
C ALA G 116 22.63 -12.62 48.37
N VAL G 117 23.70 -13.07 47.72
CA VAL G 117 23.85 -13.09 46.27
C VAL G 117 23.77 -14.52 45.78
N LEU G 118 22.85 -14.77 44.86
CA LEU G 118 22.60 -16.07 44.23
C LEU G 118 22.96 -15.97 42.75
N TYR G 119 23.44 -17.07 42.20
CA TYR G 119 23.48 -17.33 40.76
C TYR G 119 22.41 -18.38 40.42
N LEU G 120 21.67 -18.18 39.34
CA LEU G 120 20.72 -19.14 38.77
C LEU G 120 21.02 -19.36 37.29
N GLU G 121 20.91 -20.59 36.82
CA GLU G 121 21.40 -21.00 35.49
C GLU G 121 20.39 -21.83 34.73
N ARG G 122 20.23 -21.54 33.43
CA ARG G 122 19.54 -22.39 32.46
C ARG G 122 20.04 -22.10 31.04
N ALA G 123 19.92 -23.07 30.12
CA ALA G 123 20.23 -22.93 28.70
C ALA G 123 21.64 -22.37 28.40
N GLY G 124 22.62 -22.66 29.25
CA GLY G 124 23.99 -22.15 29.15
C GLY G 124 24.16 -20.67 29.51
N GLN G 125 23.13 -20.00 30.03
CA GLN G 125 23.17 -18.62 30.50
C GLN G 125 23.13 -18.55 32.03
N LEU G 126 24.04 -17.78 32.62
CA LEU G 126 23.97 -17.39 34.03
C LEU G 126 23.01 -16.22 34.22
N SER G 127 22.44 -16.13 35.41
CA SER G 127 21.67 -15.00 35.92
C SER G 127 21.94 -14.86 37.42
N VAL G 128 21.67 -13.69 38.01
CA VAL G 128 22.01 -13.41 39.41
C VAL G 128 20.93 -12.63 40.14
N LYS G 129 20.88 -12.75 41.46
CA LYS G 129 19.93 -12.03 42.33
C LYS G 129 20.59 -11.52 43.60
N LEU G 130 20.16 -10.36 44.08
CA LEU G 130 20.54 -9.79 45.37
C LEU G 130 19.34 -9.72 46.28
N TYR G 131 19.45 -10.29 47.47
CA TYR G 131 18.42 -10.26 48.52
C TYR G 131 18.98 -9.67 49.80
N ALA G 132 18.08 -9.13 50.63
CA ALA G 132 18.39 -8.61 51.96
C ALA G 132 17.36 -9.03 53.00
N ARG G 133 17.72 -9.00 54.29
CA ARG G 133 16.78 -9.27 55.40
C ARG G 133 15.83 -8.10 55.67
N SER G 134 16.24 -6.88 55.33
CA SER G 134 15.53 -5.61 55.55
C SER G 134 15.79 -4.65 54.39
N LEU G 135 14.95 -3.62 54.23
CA LEU G 135 14.74 -2.91 52.96
C LEU G 135 15.98 -2.30 52.28
N PRO G 136 16.87 -1.54 52.96
CA PRO G 136 18.07 -0.97 52.34
C PRO G 136 19.24 -1.96 52.28
N VAL G 137 20.26 -1.65 51.48
CA VAL G 137 21.52 -2.41 51.40
C VAL G 137 22.72 -1.46 51.37
N SER G 138 23.82 -1.84 52.00
CA SER G 138 25.08 -1.09 51.98
C SER G 138 25.66 -0.96 50.56
N ASP G 139 26.15 0.23 50.22
CA ASP G 139 26.68 0.55 48.88
C ASP G 139 27.84 -0.39 48.47
N SER G 140 28.69 -0.80 49.42
CA SER G 140 29.75 -1.78 49.14
C SER G 140 29.18 -3.13 48.73
N VAL G 141 28.12 -3.60 49.38
CA VAL G 141 27.44 -4.86 49.04
C VAL G 141 26.79 -4.75 47.65
N LEU G 142 26.08 -3.65 47.39
CA LEU G 142 25.46 -3.43 46.09
C LEU G 142 26.51 -3.29 44.97
N SER G 143 27.65 -2.66 45.27
CA SER G 143 28.81 -2.66 44.36
C SER G 143 29.37 -4.07 44.15
N GLY G 144 29.36 -4.90 45.18
CA GLY G 144 29.74 -6.30 45.08
C GLY G 144 28.82 -7.07 44.13
N PHE G 145 27.51 -6.84 44.21
CA PHE G 145 26.56 -7.40 43.25
C PHE G 145 26.83 -6.91 41.83
N GLU G 146 27.08 -5.62 41.61
CA GLU G 146 27.49 -5.11 40.30
C GLU G 146 28.76 -5.78 39.78
N GLN G 147 29.77 -5.99 40.63
CA GLN G 147 30.98 -6.69 40.24
C GLN G 147 30.71 -8.17 39.93
N ARG G 148 29.85 -8.86 40.69
CA ARG G 148 29.42 -10.22 40.37
C ARG G 148 28.70 -10.29 39.02
N VAL G 149 27.90 -9.27 38.67
CA VAL G 149 27.27 -9.15 37.35
C VAL G 149 28.33 -8.97 36.26
N GLN G 150 29.28 -8.05 36.45
CA GLN G 150 30.39 -7.85 35.51
C GLN G 150 31.26 -9.11 35.37
N GLU G 151 31.52 -9.84 36.46
CA GLU G 151 32.24 -11.11 36.46
C GLU G 151 31.43 -12.24 35.79
N ALA G 152 30.10 -12.18 35.81
CA ALA G 152 29.22 -13.03 35.00
C ALA G 152 29.21 -12.62 33.50
N HIS G 153 30.03 -11.64 33.11
CA HIS G 153 30.10 -11.02 31.78
C HIS G 153 28.83 -10.27 31.34
N LEU G 154 27.87 -10.05 32.25
CA LEU G 154 26.70 -9.22 32.02
C LEU G 154 27.03 -7.74 32.24
N THR G 155 26.29 -6.87 31.56
CA THR G 155 26.36 -5.41 31.76
C THR G 155 25.67 -5.00 33.06
N GLU G 156 26.04 -3.85 33.62
CA GLU G 156 25.24 -3.23 34.69
C GLU G 156 23.87 -2.74 34.16
N ASP G 157 23.75 -2.52 32.84
CA ASP G 157 22.47 -2.21 32.20
C ASP G 157 21.49 -3.37 32.29
N GLN G 158 21.99 -4.61 32.32
CA GLN G 158 21.24 -5.84 32.59
C GLN G 158 20.91 -6.05 34.07
N ILE G 159 21.11 -5.06 34.94
CA ILE G 159 20.66 -5.11 36.34
C ILE G 159 19.36 -4.34 36.47
N PHE G 160 18.36 -4.96 37.09
CA PHE G 160 17.04 -4.41 37.31
C PHE G 160 16.78 -4.35 38.81
N TYR G 161 16.57 -3.15 39.34
CA TYR G 161 16.38 -2.92 40.78
C TYR G 161 14.89 -2.89 41.05
N PHE G 162 14.38 -3.90 41.74
CA PHE G 162 12.95 -4.15 41.91
C PHE G 162 12.30 -3.18 42.92
N PRO G 163 10.96 -3.07 42.97
CA PRO G 163 10.27 -2.05 43.75
C PRO G 163 10.58 -2.08 45.25
N LYS G 164 11.08 -0.95 45.77
CA LYS G 164 11.67 -0.83 47.11
C LYS G 164 10.64 -0.68 48.25
N TYR G 165 9.37 -0.93 47.97
CA TYR G 165 8.25 -0.79 48.90
C TYR G 165 7.03 -1.61 48.45
N GLY G 166 6.06 -1.82 49.35
CA GLY G 166 4.77 -2.43 48.99
C GLY G 166 4.79 -3.96 48.86
N PHE G 167 5.77 -4.63 49.48
CA PHE G 167 5.85 -6.09 49.58
C PHE G 167 4.60 -6.70 50.23
N CYS G 168 4.39 -8.00 50.01
CA CYS G 168 3.31 -8.78 50.61
C CYS G 168 3.80 -10.18 50.97
N GLU G 169 3.14 -10.80 51.95
CA GLU G 169 3.36 -12.17 52.42
C GLU G 169 2.00 -12.81 52.72
N ALA G 170 1.95 -14.13 52.88
CA ALA G 170 0.74 -14.89 53.25
C ALA G 170 -0.45 -14.67 52.30
N ALA G 171 -0.26 -15.04 51.02
CA ALA G 171 -1.31 -15.12 50.01
C ALA G 171 -2.38 -16.19 50.34
N ASP G 172 -3.60 -15.98 49.88
CA ASP G 172 -4.73 -16.87 50.17
C ASP G 172 -4.60 -18.24 49.47
N GLN G 173 -5.45 -19.18 49.87
CA GLN G 173 -5.52 -20.56 49.38
C GLN G 173 -5.50 -20.66 47.85
N PHE G 174 -6.20 -19.76 47.18
CA PHE G 174 -6.36 -19.74 45.72
C PHE G 174 -5.25 -19.03 44.98
N HIS G 175 -4.37 -18.36 45.69
CA HIS G 175 -3.28 -17.57 45.12
C HIS G 175 -1.93 -18.16 45.46
N VAL G 176 -1.82 -19.50 45.46
CA VAL G 176 -0.55 -20.22 45.56
C VAL G 176 -0.38 -21.25 44.46
N LEU G 177 0.74 -21.20 43.71
CA LEU G 177 0.91 -22.04 42.51
C LEU G 177 1.10 -23.55 42.77
N ASP G 178 1.59 -23.94 43.95
CA ASP G 178 1.82 -25.34 44.35
C ASP G 178 2.75 -26.13 43.39
N GLU G 179 3.77 -25.47 42.82
CA GLU G 179 4.68 -26.06 41.84
C GLU G 179 5.63 -27.12 42.43
N VAL G 180 6.14 -26.89 43.64
CA VAL G 180 7.03 -27.79 44.41
C VAL G 180 8.20 -28.28 43.56
N GLN H 1 -12.46 -6.17 -11.83
CA GLN H 1 -12.00 -5.64 -13.14
C GLN H 1 -12.51 -6.48 -14.31
N GLU H 2 -13.75 -6.98 -14.30
CA GLU H 2 -14.17 -7.91 -15.36
C GLU H 2 -14.42 -7.22 -16.70
N GLN H 3 -14.77 -5.92 -16.71
CA GLN H 3 -14.93 -5.15 -17.93
C GLN H 3 -13.72 -4.25 -18.16
N THR H 4 -13.14 -4.27 -19.34
CA THR H 4 -11.88 -3.56 -19.63
C THR H 4 -11.81 -3.06 -21.06
N TYR H 5 -10.89 -2.15 -21.35
CA TYR H 5 -10.73 -1.56 -22.67
C TYR H 5 -9.27 -1.28 -22.99
N VAL H 6 -8.92 -1.23 -24.27
CA VAL H 6 -7.66 -0.69 -24.77
C VAL H 6 -7.99 0.23 -25.93
N ILE H 7 -7.32 1.36 -25.97
CA ILE H 7 -7.26 2.23 -27.14
C ILE H 7 -5.80 2.33 -27.49
N SER H 8 -5.43 2.19 -28.75
CA SER H 8 -4.04 2.24 -29.17
C SER H 8 -3.82 3.21 -30.31
N ALA H 9 -2.73 3.96 -30.23
CA ALA H 9 -2.48 5.18 -30.98
C ALA H 9 -0.99 5.36 -31.24
N PRO H 10 -0.59 6.15 -32.25
CA PRO H 10 0.81 6.47 -32.48
C PRO H 10 1.48 7.17 -31.31
N LYS H 11 2.76 6.88 -31.05
CA LYS H 11 3.56 7.48 -29.97
C LYS H 11 3.55 9.02 -30.00
N ILE H 12 3.56 9.59 -31.20
CA ILE H 12 3.48 11.01 -31.50
C ILE H 12 2.36 11.18 -32.53
N PHE H 13 1.44 12.12 -32.38
CA PHE H 13 0.55 12.48 -33.49
C PHE H 13 1.27 13.41 -34.46
N ARG H 14 1.28 13.10 -35.75
CA ARG H 14 1.75 14.05 -36.76
C ARG H 14 0.59 14.98 -37.13
N VAL H 15 0.81 16.29 -37.02
CA VAL H 15 -0.20 17.29 -37.41
C VAL H 15 -0.42 17.18 -38.91
N GLY H 16 -1.67 17.22 -39.38
CA GLY H 16 -2.00 17.06 -40.80
C GLY H 16 -1.90 15.64 -41.37
N ALA H 17 -1.82 14.60 -40.54
CA ALA H 17 -1.80 13.21 -40.95
C ALA H 17 -3.08 12.50 -40.53
N SER H 18 -3.59 11.56 -41.33
CA SER H 18 -4.87 10.88 -41.07
C SER H 18 -4.71 9.73 -40.07
N GLU H 19 -4.36 10.05 -38.83
CA GLU H 19 -4.05 9.05 -37.79
C GLU H 19 -5.23 8.12 -37.51
N ASN H 20 -4.97 6.82 -37.50
CA ASN H 20 -5.97 5.79 -37.27
C ASN H 20 -5.79 5.24 -35.85
N ILE H 21 -6.86 5.22 -35.07
CA ILE H 21 -6.83 4.90 -33.64
C ILE H 21 -7.74 3.71 -33.41
N VAL H 22 -7.22 2.59 -32.93
CA VAL H 22 -8.02 1.38 -32.66
C VAL H 22 -8.58 1.42 -31.25
N ILE H 23 -9.76 0.86 -31.08
CA ILE H 23 -10.38 0.58 -29.81
C ILE H 23 -10.75 -0.90 -29.75
N GLN H 24 -10.51 -1.53 -28.60
CA GLN H 24 -11.00 -2.85 -28.26
C GLN H 24 -11.59 -2.82 -26.87
N VAL H 25 -12.75 -3.41 -26.67
CA VAL H 25 -13.34 -3.58 -25.35
C VAL H 25 -13.61 -5.06 -25.04
N TYR H 26 -13.67 -5.40 -23.76
CA TYR H 26 -13.70 -6.74 -23.23
C TYR H 26 -14.67 -6.83 -22.06
N GLY H 27 -15.38 -7.95 -21.92
CA GLY H 27 -16.30 -8.20 -20.79
C GLY H 27 -17.71 -7.65 -20.98
N TYR H 28 -18.02 -7.17 -22.17
CA TYR H 28 -19.29 -6.55 -22.56
C TYR H 28 -20.14 -7.51 -23.38
N THR H 29 -21.45 -7.54 -23.18
CA THR H 29 -22.36 -8.45 -23.90
C THR H 29 -23.63 -7.75 -24.41
N GLU H 30 -23.71 -6.42 -24.28
CA GLU H 30 -24.70 -5.60 -24.98
C GLU H 30 -23.96 -4.46 -25.70
N ALA H 31 -24.38 -4.14 -26.92
CA ALA H 31 -23.69 -3.16 -27.74
C ALA H 31 -23.78 -1.74 -27.17
N PHE H 32 -22.82 -0.90 -27.49
CA PHE H 32 -22.78 0.50 -27.10
C PHE H 32 -21.89 1.29 -28.05
N ASP H 33 -21.54 2.52 -27.71
CA ASP H 33 -20.84 3.46 -28.56
C ASP H 33 -19.77 4.22 -27.81
N ALA H 34 -18.83 4.78 -28.54
CA ALA H 34 -17.77 5.60 -27.97
C ALA H 34 -17.40 6.72 -28.92
N THR H 35 -16.86 7.82 -28.39
CA THR H 35 -16.37 8.93 -29.19
C THR H 35 -14.90 9.21 -28.91
N ILE H 36 -14.02 8.48 -29.59
CA ILE H 36 -12.60 8.77 -29.58
C ILE H 36 -12.41 10.17 -30.17
N SER H 37 -11.66 11.04 -29.49
CA SER H 37 -11.62 12.46 -29.79
C SER H 37 -10.26 13.07 -29.52
N ILE H 38 -9.85 14.05 -30.30
CA ILE H 38 -8.61 14.79 -30.11
C ILE H 38 -8.96 16.21 -29.67
N LYS H 39 -8.48 16.69 -28.53
CA LYS H 39 -8.84 17.97 -27.92
C LYS H 39 -7.63 18.81 -27.52
N SER H 40 -7.76 20.12 -27.52
CA SER H 40 -6.69 21.06 -27.15
C SER H 40 -6.20 20.89 -25.71
N TYR H 41 -4.95 21.28 -25.44
CA TYR H 41 -4.30 21.08 -24.14
C TYR H 41 -3.62 22.35 -23.64
N PRO H 42 -3.75 22.71 -22.34
CA PRO H 42 -4.45 21.97 -21.30
C PRO H 42 -5.96 21.98 -21.38
N ASP H 43 -6.50 22.98 -22.04
CA ASP H 43 -7.84 23.47 -21.73
C ASP H 43 -9.04 22.61 -22.15
N LYS H 44 -8.84 21.59 -23.00
CA LYS H 44 -9.93 20.81 -23.62
C LYS H 44 -10.99 21.64 -24.34
N LYS H 45 -10.72 22.91 -24.69
CA LYS H 45 -11.73 23.81 -25.26
C LYS H 45 -12.14 23.42 -26.67
N PHE H 46 -11.18 23.03 -27.49
CA PHE H 46 -11.36 22.87 -28.93
C PHE H 46 -11.22 21.39 -29.29
N SER H 47 -12.27 20.78 -29.85
CA SER H 47 -12.15 19.46 -30.46
C SER H 47 -11.52 19.60 -31.84
N TYR H 48 -10.31 19.10 -32.04
CA TYR H 48 -9.64 19.15 -33.33
C TYR H 48 -10.19 18.13 -34.33
N SER H 49 -10.49 16.91 -33.88
CA SER H 49 -11.21 15.88 -34.62
C SER H 49 -11.92 14.93 -33.68
N SER H 50 -13.08 14.41 -34.05
CA SER H 50 -13.79 13.39 -33.29
C SER H 50 -14.44 12.39 -34.21
N GLY H 51 -14.48 11.15 -33.79
CA GLY H 51 -15.06 10.02 -34.49
C GLY H 51 -16.00 9.27 -33.55
N HIS H 52 -17.07 8.68 -34.04
CA HIS H 52 -18.08 7.99 -33.24
C HIS H 52 -18.22 6.56 -33.76
N VAL H 53 -18.06 5.59 -32.87
CA VAL H 53 -17.81 4.19 -33.23
C VAL H 53 -18.68 3.26 -32.41
N HIS H 54 -19.20 2.22 -33.04
CA HIS H 54 -20.15 1.32 -32.45
C HIS H 54 -19.46 0.02 -32.06
N LEU H 55 -19.68 -0.43 -30.83
CA LEU H 55 -19.06 -1.61 -30.24
C LEU H 55 -20.16 -2.62 -29.99
N SER H 56 -20.02 -3.81 -30.59
CA SER H 56 -21.04 -4.86 -30.60
C SER H 56 -20.39 -6.22 -30.85
N SER H 57 -21.09 -7.31 -30.53
CA SER H 57 -20.68 -8.68 -30.87
C SER H 57 -20.45 -8.82 -32.37
N GLU H 58 -21.25 -8.15 -33.20
CA GLU H 58 -21.08 -8.15 -34.65
C GLU H 58 -19.74 -7.54 -35.10
N ASN H 59 -19.17 -6.60 -34.35
CA ASN H 59 -17.85 -6.02 -34.63
C ASN H 59 -16.73 -6.73 -33.84
N LYS H 60 -17.06 -7.80 -33.10
CA LYS H 60 -16.19 -8.43 -32.10
C LYS H 60 -15.60 -7.43 -31.09
N PHE H 61 -16.41 -6.42 -30.74
CA PHE H 61 -16.09 -5.33 -29.81
C PHE H 61 -14.79 -4.60 -30.12
N GLN H 62 -14.41 -4.53 -31.39
CA GLN H 62 -13.27 -3.80 -31.93
C GLN H 62 -13.73 -2.77 -32.93
N ASN H 63 -13.05 -1.63 -33.03
CA ASN H 63 -13.33 -0.61 -34.03
C ASN H 63 -12.12 0.28 -34.25
N SER H 64 -12.16 1.19 -35.20
CA SER H 64 -11.20 2.28 -35.26
C SER H 64 -11.84 3.57 -35.74
N ALA H 65 -11.23 4.69 -35.36
CA ALA H 65 -11.59 6.02 -35.80
C ALA H 65 -10.40 6.64 -36.51
N ILE H 66 -10.63 7.42 -37.56
CA ILE H 66 -9.58 8.16 -38.24
C ILE H 66 -9.74 9.63 -37.88
N LEU H 67 -8.71 10.20 -37.29
CA LEU H 67 -8.74 11.48 -36.62
C LEU H 67 -7.53 12.29 -37.06
N THR H 68 -7.64 13.61 -37.14
CA THR H 68 -6.49 14.45 -37.50
C THR H 68 -6.51 15.81 -36.80
N ILE H 69 -5.35 16.42 -36.62
CA ILE H 69 -5.22 17.80 -36.20
C ILE H 69 -4.97 18.58 -37.48
N GLN H 70 -5.91 19.41 -37.92
CA GLN H 70 -5.70 20.22 -39.11
C GLN H 70 -4.67 21.29 -38.80
N PRO H 71 -3.65 21.55 -39.63
CA PRO H 71 -2.53 22.40 -39.23
C PRO H 71 -2.93 23.81 -38.86
N LYS H 72 -3.94 24.36 -39.55
CA LYS H 72 -4.47 25.70 -39.33
C LYS H 72 -5.37 25.83 -38.10
N GLN H 73 -5.91 24.74 -37.56
CA GLN H 73 -6.77 24.83 -36.38
C GLN H 73 -6.00 24.93 -35.06
N LEU H 74 -4.69 24.68 -35.06
CA LEU H 74 -3.84 24.94 -33.91
C LEU H 74 -3.71 26.45 -33.65
N PRO H 75 -3.59 26.90 -32.39
CA PRO H 75 -3.52 28.32 -32.04
C PRO H 75 -2.24 29.04 -32.47
N GLY H 76 -1.21 28.33 -32.93
CA GLY H 76 0.01 28.96 -33.44
C GLY H 76 0.78 29.72 -32.35
N GLY H 77 1.08 31.00 -32.58
CA GLY H 77 1.86 31.84 -31.67
C GLY H 77 3.37 31.64 -31.79
N GLN H 78 4.13 32.34 -30.94
CA GLN H 78 5.60 32.43 -31.04
C GLN H 78 6.32 31.10 -30.77
N ASN H 79 5.82 30.30 -29.82
CA ASN H 79 6.33 28.96 -29.49
C ASN H 79 5.20 27.91 -29.68
N PRO H 80 5.38 26.89 -30.53
CA PRO H 80 4.27 26.11 -31.05
C PRO H 80 3.79 25.03 -30.09
N VAL H 81 2.52 24.65 -30.21
CA VAL H 81 1.87 23.65 -29.35
C VAL H 81 2.63 22.33 -29.40
N SER H 82 3.01 21.78 -28.25
CA SER H 82 3.76 20.53 -28.18
C SER H 82 2.97 19.36 -27.62
N TYR H 83 1.74 19.56 -27.18
CA TYR H 83 0.93 18.50 -26.59
C TYR H 83 -0.54 18.68 -26.88
N VAL H 84 -1.29 17.59 -26.84
CA VAL H 84 -2.71 17.50 -27.18
C VAL H 84 -3.33 16.38 -26.36
N TYR H 85 -4.63 16.37 -26.18
CA TYR H 85 -5.31 15.30 -25.47
C TYR H 85 -6.00 14.39 -26.44
N LEU H 86 -5.83 13.09 -26.23
CA LEU H 86 -6.64 12.05 -26.82
C LEU H 86 -7.59 11.66 -25.73
N GLU H 87 -8.87 11.73 -25.98
CA GLU H 87 -9.92 11.40 -25.05
C GLU H 87 -10.80 10.34 -25.64
N VAL H 88 -11.34 9.48 -24.80
CA VAL H 88 -12.50 8.67 -25.16
C VAL H 88 -13.63 9.00 -24.22
N VAL H 89 -14.84 8.99 -24.71
CA VAL H 89 -16.05 9.00 -23.90
C VAL H 89 -16.91 7.87 -24.37
N SER H 90 -17.56 7.19 -23.46
CA SER H 90 -18.52 6.14 -23.75
C SER H 90 -19.42 5.97 -22.56
N LYS H 91 -20.58 5.35 -22.72
CA LYS H 91 -21.22 4.72 -21.55
C LYS H 91 -20.23 3.73 -20.97
N HIS H 92 -20.23 3.50 -19.67
CA HIS H 92 -19.18 2.74 -18.99
C HIS H 92 -17.84 3.46 -18.77
N PHE H 93 -17.21 4.14 -19.73
CA PHE H 93 -15.91 4.75 -19.42
C PHE H 93 -15.57 6.05 -20.14
N SER H 94 -14.75 6.86 -19.50
CA SER H 94 -14.01 7.93 -20.16
C SER H 94 -12.65 8.04 -19.55
N LYS H 95 -11.66 8.41 -20.35
CA LYS H 95 -10.33 8.77 -19.90
C LYS H 95 -9.69 9.61 -20.97
N SER H 96 -8.62 10.29 -20.65
CA SER H 96 -7.81 11.01 -21.61
C SER H 96 -6.36 10.96 -21.24
N LYS H 97 -5.48 11.28 -22.17
CA LYS H 97 -4.05 11.15 -22.00
C LYS H 97 -3.37 12.21 -22.84
N ARG H 98 -2.24 12.72 -22.37
CA ARG H 98 -1.41 13.64 -23.13
C ARG H 98 -0.64 12.88 -24.19
N MET H 99 -0.78 13.34 -25.42
CA MET H 99 -0.09 12.83 -26.58
C MET H 99 0.83 13.94 -27.07
N PRO H 100 2.11 13.70 -27.26
CA PRO H 100 2.95 14.64 -27.97
C PRO H 100 2.47 14.76 -29.40
N ILE H 101 2.75 15.89 -30.03
CA ILE H 101 2.47 16.12 -31.45
C ILE H 101 3.74 16.56 -32.14
N THR H 102 3.85 16.35 -33.46
CA THR H 102 4.96 16.87 -34.25
C THR H 102 4.56 17.49 -35.60
N TYR H 103 5.30 18.53 -35.98
CA TYR H 103 5.16 19.28 -37.22
C TYR H 103 5.93 18.65 -38.37
N ASP H 104 6.69 17.60 -38.13
CA ASP H 104 7.27 16.79 -39.18
C ASP H 104 6.17 15.91 -39.80
N ASN H 105 5.61 16.33 -40.93
CA ASN H 105 4.67 15.55 -41.72
C ASN H 105 5.15 15.38 -43.16
N GLY H 106 5.37 14.16 -43.61
CA GLY H 106 5.75 13.88 -44.98
C GLY H 106 7.22 14.17 -45.28
N PHE H 107 7.59 14.12 -46.54
CA PHE H 107 8.97 13.96 -47.00
C PHE H 107 9.30 14.93 -48.10
N LEU H 108 10.49 15.53 -48.07
CA LEU H 108 11.00 16.46 -49.07
C LEU H 108 12.27 15.90 -49.71
N PHE H 109 12.14 15.11 -50.76
CA PHE H 109 13.29 14.54 -51.44
C PHE H 109 13.83 15.53 -52.45
N ILE H 110 14.84 16.31 -52.09
CA ILE H 110 15.51 17.22 -53.02
C ILE H 110 16.29 16.38 -54.04
N HIS H 111 16.11 16.66 -55.32
CA HIS H 111 16.86 16.07 -56.42
C HIS H 111 17.46 17.16 -57.27
N THR H 112 18.77 17.13 -57.44
CA THR H 112 19.56 18.09 -58.19
C THR H 112 20.09 17.48 -59.49
N ASP H 113 20.09 18.22 -60.61
CA ASP H 113 20.40 17.67 -61.93
C ASP H 113 21.84 17.19 -62.12
N LYS H 114 22.75 17.49 -61.21
CA LYS H 114 24.09 16.89 -61.09
C LYS H 114 24.52 16.85 -59.63
N PRO H 115 25.42 15.95 -59.21
CA PRO H 115 26.09 16.05 -57.92
C PRO H 115 27.15 17.16 -57.89
N VAL H 116 27.73 17.51 -59.03
CA VAL H 116 28.76 18.55 -59.11
C VAL H 116 28.41 19.64 -60.12
N TYR H 117 28.87 20.87 -59.86
CA TYR H 117 28.73 22.00 -60.74
C TYR H 117 29.97 22.84 -60.73
N THR H 118 30.18 23.60 -61.78
CA THR H 118 31.26 24.55 -61.84
C THR H 118 30.71 25.95 -61.64
N PRO H 119 31.55 26.95 -61.39
CA PRO H 119 31.21 28.34 -61.60
C PRO H 119 30.68 28.55 -63.01
N ASP H 120 29.91 29.61 -63.21
CA ASP H 120 29.18 29.83 -64.46
C ASP H 120 28.30 28.64 -64.82
N GLN H 121 27.64 28.03 -63.84
CA GLN H 121 26.58 27.06 -64.04
C GLN H 121 25.41 27.34 -63.12
N SER H 122 24.31 26.64 -63.29
CA SER H 122 23.13 26.81 -62.47
C SER H 122 22.45 25.50 -62.18
N VAL H 123 21.68 25.39 -61.11
CA VAL H 123 21.45 24.12 -60.44
C VAL H 123 20.00 23.70 -60.49
N LYS H 124 19.53 23.27 -61.65
CA LYS H 124 18.16 22.74 -61.77
C LYS H 124 17.92 21.69 -60.69
N VAL H 125 16.90 21.96 -59.88
CA VAL H 125 16.59 21.25 -58.66
C VAL H 125 15.11 21.16 -58.52
N ARG H 126 14.61 20.08 -57.96
CA ARG H 126 13.20 19.94 -57.66
C ARG H 126 13.05 19.16 -56.40
N VAL H 127 11.85 19.23 -55.84
CA VAL H 127 11.55 18.51 -54.62
C VAL H 127 10.38 17.62 -54.87
N TYR H 128 10.56 16.33 -54.70
CA TYR H 128 9.43 15.43 -54.57
C TYR H 128 8.87 15.62 -53.17
N SER H 129 7.58 15.80 -53.08
CA SER H 129 6.93 16.39 -51.93
C SER H 129 5.69 15.59 -51.64
N LEU H 130 5.77 14.75 -50.62
CA LEU H 130 4.72 13.77 -50.30
C LEU H 130 4.31 13.84 -48.83
N ASN H 131 3.04 13.59 -48.54
CA ASN H 131 2.44 13.53 -47.20
C ASN H 131 2.96 12.36 -46.37
N ASP H 132 2.59 12.29 -45.09
CA ASP H 132 2.73 11.09 -44.28
C ASP H 132 1.94 9.90 -44.84
N ASP H 133 0.75 10.17 -45.40
CA ASP H 133 -0.02 9.17 -46.16
C ASP H 133 0.55 8.91 -47.57
N LEU H 134 1.73 9.45 -47.86
CA LEU H 134 2.50 9.16 -49.08
C LEU H 134 1.91 9.62 -50.43
N LYS H 135 0.76 10.29 -50.39
CA LYS H 135 0.19 11.05 -51.51
C LYS H 135 0.94 12.37 -51.75
N PRO H 136 0.89 12.96 -52.96
CA PRO H 136 1.42 14.28 -53.26
C PRO H 136 0.97 15.36 -52.28
N ALA H 137 1.88 16.18 -51.76
CA ALA H 137 1.58 17.03 -50.61
C ALA H 137 0.78 18.30 -50.95
N LYS H 138 1.12 18.98 -52.05
CA LYS H 138 0.47 20.21 -52.51
C LYS H 138 0.56 21.37 -51.49
N ARG H 139 1.71 21.50 -50.82
CA ARG H 139 2.05 22.55 -49.84
C ARG H 139 3.17 23.45 -50.35
N GLU H 140 3.01 24.76 -50.24
CA GLU H 140 4.04 25.70 -50.70
C GLU H 140 5.35 25.47 -49.96
N THR H 141 6.44 25.49 -50.71
CA THR H 141 7.73 25.03 -50.23
C THR H 141 8.76 26.11 -50.46
N VAL H 142 9.62 26.31 -49.48
CA VAL H 142 10.76 27.20 -49.58
C VAL H 142 12.02 26.37 -49.54
N LEU H 143 12.99 26.76 -50.33
CA LEU H 143 14.23 26.06 -50.57
C LEU H 143 15.36 27.07 -50.43
N THR H 144 16.42 26.70 -49.74
CA THR H 144 17.39 27.65 -49.19
C THR H 144 18.81 27.19 -49.47
N PHE H 145 19.66 28.08 -49.96
CA PHE H 145 21.01 27.76 -50.40
C PHE H 145 21.99 28.19 -49.34
N ILE H 146 22.82 27.26 -48.88
CA ILE H 146 23.83 27.52 -47.86
C ILE H 146 25.21 27.35 -48.46
N ASP H 147 26.03 28.36 -48.36
CA ASP H 147 27.41 28.38 -48.80
C ASP H 147 28.25 27.33 -48.07
N PRO H 148 29.42 26.91 -48.54
CA PRO H 148 30.27 25.97 -47.84
C PRO H 148 30.76 26.49 -46.49
N GLU H 149 30.82 27.80 -46.32
CA GLU H 149 31.13 28.44 -45.05
C GLU H 149 29.90 28.61 -44.15
N GLY H 150 28.77 27.95 -44.47
CA GLY H 150 27.57 27.92 -43.63
C GLY H 150 26.68 29.17 -43.69
N SER H 151 27.12 30.23 -44.36
CA SER H 151 26.37 31.46 -44.60
C SER H 151 25.28 31.27 -45.65
N GLU H 152 24.03 31.59 -45.35
CA GLU H 152 22.93 31.41 -46.30
C GLU H 152 23.01 32.45 -47.44
N VAL H 153 22.67 32.07 -48.66
CA VAL H 153 22.92 32.84 -49.89
C VAL H 153 21.68 33.14 -50.70
N ASP H 154 20.62 32.35 -50.60
CA ASP H 154 19.34 32.69 -51.17
C ASP H 154 18.23 31.85 -50.58
N MET H 155 16.99 32.27 -50.80
CA MET H 155 15.79 31.49 -50.57
C MET H 155 14.92 31.61 -51.80
N VAL H 156 14.13 30.59 -52.10
CA VAL H 156 13.20 30.62 -53.22
C VAL H 156 11.97 29.83 -52.85
N GLU H 157 10.80 30.26 -53.29
CA GLU H 157 9.54 29.55 -53.04
C GLU H 157 8.79 29.23 -54.31
N GLU H 158 8.04 28.13 -54.30
CA GLU H 158 7.12 27.73 -55.36
C GLU H 158 5.96 26.96 -54.73
N ILE H 159 4.80 26.97 -55.37
CA ILE H 159 3.62 26.25 -54.91
C ILE H 159 3.65 24.82 -55.46
N ASP H 160 3.15 23.86 -54.69
CA ASP H 160 3.12 22.45 -55.09
C ASP H 160 1.73 22.12 -55.64
N HIS H 161 1.69 21.62 -56.88
CA HIS H 161 0.45 21.24 -57.57
C HIS H 161 0.30 19.74 -57.81
N ILE H 162 1.41 19.00 -57.79
CA ILE H 162 1.58 17.68 -58.41
C ILE H 162 2.28 16.69 -57.46
N GLY H 163 2.89 17.17 -56.37
CA GLY H 163 3.89 16.43 -55.60
C GLY H 163 5.29 16.56 -56.20
N ILE H 164 5.43 17.36 -57.25
CA ILE H 164 6.68 17.73 -57.88
C ILE H 164 6.70 19.25 -57.91
N ILE H 165 7.84 19.85 -57.58
CA ILE H 165 7.96 21.29 -57.36
C ILE H 165 9.26 21.72 -58.00
N SER H 166 9.18 22.41 -59.13
CA SER H 166 10.35 22.76 -59.94
C SER H 166 10.76 24.19 -59.64
N PHE H 167 11.95 24.40 -59.12
CA PHE H 167 12.38 25.73 -58.69
C PHE H 167 13.22 26.41 -59.77
N PRO H 168 13.19 27.74 -59.86
CA PRO H 168 14.06 28.52 -60.71
C PRO H 168 15.52 28.14 -60.58
N ASP H 169 16.20 28.19 -61.70
CA ASP H 169 17.49 27.58 -61.90
C ASP H 169 18.61 28.40 -61.25
N PHE H 170 18.82 28.26 -59.93
CA PHE H 170 19.75 29.09 -59.16
C PHE H 170 21.11 29.12 -59.81
N LYS H 171 21.55 30.30 -60.26
CA LYS H 171 22.89 30.52 -60.80
C LYS H 171 23.90 30.65 -59.69
N ILE H 172 25.02 29.95 -59.78
CA ILE H 172 26.12 30.05 -58.81
C ILE H 172 26.69 31.48 -58.81
N PRO H 173 26.72 32.20 -57.66
CA PRO H 173 27.19 33.58 -57.55
C PRO H 173 28.58 33.83 -58.10
N SER H 174 28.82 35.05 -58.57
CA SER H 174 29.86 35.32 -59.57
C SER H 174 31.30 35.02 -59.11
N ASN H 175 31.54 34.96 -57.81
CA ASN H 175 32.73 34.34 -57.25
C ASN H 175 32.36 33.53 -55.99
N PRO H 176 32.25 32.20 -56.09
CA PRO H 176 31.70 31.37 -55.03
C PRO H 176 32.80 30.87 -54.11
N ARG H 177 32.43 30.42 -52.92
CA ARG H 177 33.26 29.47 -52.18
C ARG H 177 33.01 28.07 -52.75
N TYR H 178 34.06 27.42 -53.22
CA TYR H 178 34.01 26.03 -53.65
C TYR H 178 33.74 25.12 -52.47
N GLY H 179 33.23 23.93 -52.73
CA GLY H 179 32.93 22.96 -51.69
C GLY H 179 31.45 22.71 -51.56
N MET H 180 31.04 22.08 -50.48
CA MET H 180 29.78 21.38 -50.42
C MET H 180 28.66 22.32 -50.00
N TRP H 181 28.14 23.09 -50.94
CA TRP H 181 26.93 23.84 -50.72
C TRP H 181 25.80 22.91 -50.34
N THR H 182 24.81 23.43 -49.66
CA THR H 182 23.73 22.66 -49.09
C THR H 182 22.45 23.28 -49.48
N ILE H 183 21.49 22.46 -49.79
CA ILE H 183 20.14 22.89 -50.06
C ILE H 183 19.31 22.34 -48.94
N LYS H 184 18.64 23.21 -48.20
CA LYS H 184 17.64 22.83 -47.20
C LYS H 184 16.28 23.21 -47.75
N ALA H 185 15.25 22.45 -47.43
CA ALA H 185 13.91 22.76 -47.87
C ALA H 185 12.91 22.52 -46.77
N LYS H 186 11.92 23.40 -46.66
CA LYS H 186 10.87 23.38 -45.64
C LYS H 186 9.55 23.83 -46.24
N TYR H 187 8.43 23.31 -45.78
CA TYR H 187 7.15 23.89 -46.13
C TYR H 187 6.99 25.26 -45.45
N LYS H 188 6.56 26.30 -46.16
CA LYS H 188 6.20 27.61 -45.57
C LYS H 188 4.74 27.59 -45.08
N GLU H 189 4.44 26.58 -44.29
CA GLU H 189 3.15 26.24 -43.70
C GLU H 189 3.39 25.76 -42.27
N ASP H 190 2.40 25.26 -41.54
CA ASP H 190 2.61 24.81 -40.17
C ASP H 190 3.26 23.42 -40.05
N PHE H 191 4.42 23.24 -40.70
CA PHE H 191 5.20 22.00 -40.77
C PHE H 191 6.70 22.27 -40.69
N SER H 192 7.48 21.40 -40.05
CA SER H 192 8.93 21.52 -39.98
C SER H 192 9.61 20.80 -41.14
N THR H 193 9.55 19.47 -41.17
CA THR H 193 9.79 18.61 -42.34
C THR H 193 11.02 18.95 -43.13
N THR H 194 12.13 19.30 -42.49
CA THR H 194 13.32 19.65 -43.24
C THR H 194 13.72 18.48 -44.11
N GLY H 195 14.00 18.73 -45.38
CA GLY H 195 14.79 17.86 -46.24
C GLY H 195 16.10 18.55 -46.56
N THR H 196 17.14 17.80 -46.91
CA THR H 196 18.41 18.38 -47.31
C THR H 196 19.07 17.54 -48.37
N ALA H 197 19.87 18.16 -49.22
CA ALA H 197 20.80 17.51 -50.12
C ALA H 197 22.01 18.39 -50.28
N TYR H 198 23.02 17.90 -50.95
CA TYR H 198 24.31 18.55 -51.07
C TYR H 198 24.71 18.62 -52.53
N PHE H 199 25.59 19.53 -52.88
CA PHE H 199 26.27 19.53 -54.17
C PHE H 199 27.58 20.26 -54.05
N GLU H 200 28.59 19.85 -54.79
CA GLU H 200 29.89 20.49 -54.69
C GLU H 200 30.13 21.40 -55.88
N VAL H 201 30.38 22.67 -55.62
CA VAL H 201 30.97 23.55 -56.63
C VAL H 201 32.46 23.28 -56.74
N LYS H 202 32.96 22.94 -57.94
CA LYS H 202 34.39 22.68 -58.21
C LYS H 202 34.79 23.11 -59.62
N GLU H 203 36.07 23.33 -59.85
CA GLU H 203 36.59 23.77 -61.14
C GLU H 203 37.06 22.58 -61.99
N TYR H 204 36.15 21.82 -62.60
CA TYR H 204 36.47 20.51 -63.21
C TYR H 204 36.11 20.36 -64.69
N VAL H 205 36.80 19.44 -65.37
CA VAL H 205 36.46 18.86 -66.68
C VAL H 205 35.96 17.45 -66.44
N LEU H 206 34.89 17.00 -67.09
CA LEU H 206 34.46 15.62 -66.91
C LEU H 206 35.55 14.62 -67.27
N PRO H 207 35.69 13.53 -66.51
CA PRO H 207 36.79 12.59 -66.67
C PRO H 207 36.63 11.81 -67.98
N HIS H 208 37.73 11.47 -68.63
CA HIS H 208 37.66 10.71 -69.88
C HIS H 208 37.34 9.24 -69.65
N PHE H 209 37.81 8.66 -68.55
CA PHE H 209 37.63 7.25 -68.18
C PHE H 209 37.62 7.05 -66.68
N SER H 210 36.98 5.97 -66.26
CA SER H 210 36.88 5.59 -64.86
C SER H 210 38.19 4.97 -64.40
N VAL H 211 38.61 5.28 -63.17
CA VAL H 211 39.69 4.60 -62.46
C VAL H 211 39.13 4.09 -61.15
N SER H 212 39.39 2.84 -60.81
CA SER H 212 39.03 2.28 -59.53
C SER H 212 40.23 1.56 -58.92
N ILE H 213 40.43 1.75 -57.62
CA ILE H 213 41.42 1.09 -56.79
C ILE H 213 40.63 0.23 -55.80
N GLU H 214 40.88 -1.06 -55.71
CA GLU H 214 40.02 -1.98 -54.96
C GLU H 214 40.87 -2.96 -54.14
N PRO H 215 40.97 -2.78 -52.81
CA PRO H 215 41.82 -3.57 -51.94
C PRO H 215 41.22 -4.94 -51.62
N GLU H 216 42.06 -5.90 -51.22
CA GLU H 216 41.56 -7.18 -50.71
C GLU H 216 40.81 -7.03 -49.38
N TYR H 217 41.21 -6.07 -48.54
CA TYR H 217 40.52 -5.69 -47.30
C TYR H 217 40.67 -4.18 -47.06
N ASN H 218 39.72 -3.52 -46.40
CA ASN H 218 39.84 -2.08 -46.12
C ASN H 218 40.79 -1.73 -44.96
N PHE H 219 41.62 -2.67 -44.50
CA PHE H 219 42.65 -2.45 -43.49
C PHE H 219 43.90 -3.30 -43.75
N ILE H 220 45.04 -2.88 -43.22
CA ILE H 220 46.27 -3.67 -43.15
C ILE H 220 46.49 -4.08 -41.69
N GLY H 221 46.70 -5.37 -41.46
CA GLY H 221 46.91 -5.95 -40.13
C GLY H 221 47.84 -7.17 -40.19
N TYR H 222 47.79 -8.03 -39.17
CA TYR H 222 48.72 -9.16 -39.04
C TYR H 222 48.76 -10.00 -40.32
N LYS H 223 47.59 -10.25 -40.91
CA LYS H 223 47.43 -11.10 -42.08
C LYS H 223 48.24 -10.62 -43.28
N ASN H 224 48.54 -9.33 -43.38
CA ASN H 224 49.08 -8.72 -44.59
C ASN H 224 50.15 -7.65 -44.36
N PHE H 225 50.57 -7.34 -43.14
CA PHE H 225 51.58 -6.29 -42.99
C PHE H 225 52.88 -6.61 -43.77
N LYS H 226 53.22 -7.90 -43.87
CA LYS H 226 54.29 -8.39 -44.76
C LYS H 226 54.07 -7.94 -46.19
N ASN H 227 52.93 -8.28 -46.78
CA ASN H 227 52.47 -7.73 -48.04
C ASN H 227 50.94 -7.75 -48.21
N PHE H 228 50.44 -6.73 -48.91
CA PHE H 228 49.05 -6.38 -49.16
C PHE H 228 48.80 -6.27 -50.67
N GLU H 229 47.60 -6.60 -51.14
CA GLU H 229 47.32 -6.75 -52.57
C GLU H 229 46.08 -5.95 -52.96
N ILE H 230 46.15 -5.23 -54.07
CA ILE H 230 45.15 -4.23 -54.46
C ILE H 230 45.04 -4.17 -55.98
N THR H 231 43.83 -3.95 -56.48
CA THR H 231 43.50 -4.11 -57.91
C THR H 231 43.16 -2.77 -58.52
N ILE H 232 43.87 -2.37 -59.57
CA ILE H 232 43.66 -1.10 -60.27
C ILE H 232 42.97 -1.45 -61.56
N LYS H 233 41.78 -0.90 -61.80
CA LYS H 233 40.97 -1.21 -62.98
C LYS H 233 40.37 0.04 -63.62
N ALA H 234 40.13 -0.01 -64.93
CA ALA H 234 39.70 1.15 -65.70
C ALA H 234 38.82 0.78 -66.91
N ARG H 235 37.76 1.57 -67.11
CA ARG H 235 36.86 1.52 -68.26
C ARG H 235 36.59 2.93 -68.78
N TYR H 236 36.56 3.10 -70.10
CA TYR H 236 36.00 4.29 -70.70
C TYR H 236 34.51 4.40 -70.40
N PHE H 237 33.96 5.61 -70.34
CA PHE H 237 32.54 5.80 -70.05
C PHE H 237 31.61 5.35 -71.19
N TYR H 238 32.14 4.92 -72.34
CA TYR H 238 31.44 4.14 -73.36
C TYR H 238 31.44 2.62 -73.09
N ASN H 239 31.65 2.21 -71.84
CA ASN H 239 31.64 0.83 -71.33
C ASN H 239 32.58 -0.12 -72.08
N LYS H 240 33.86 0.26 -72.17
CA LYS H 240 34.92 -0.54 -72.77
C LYS H 240 36.15 -0.46 -71.90
N VAL H 241 36.83 -1.57 -71.66
CA VAL H 241 38.04 -1.58 -70.83
C VAL H 241 39.15 -0.79 -71.48
N VAL H 242 40.08 -0.26 -70.69
CA VAL H 242 41.26 0.41 -71.22
C VAL H 242 42.20 -0.61 -71.82
N THR H 243 42.71 -0.34 -73.03
CA THR H 243 43.61 -1.25 -73.72
C THR H 243 44.98 -1.30 -73.06
N GLU H 244 45.70 -0.18 -73.00
CA GLU H 244 47.04 -0.11 -72.42
C GLU H 244 47.28 1.25 -71.79
N ALA H 245 47.57 1.25 -70.49
CA ALA H 245 47.89 2.45 -69.75
C ALA H 245 49.10 2.26 -68.85
N ASP H 246 50.00 3.23 -68.85
CA ASP H 246 51.00 3.34 -67.80
C ASP H 246 50.31 3.76 -66.49
N VAL H 247 50.67 3.12 -65.38
CA VAL H 247 50.05 3.37 -64.07
C VAL H 247 51.13 3.62 -63.04
N TYR H 248 51.05 4.73 -62.32
CA TYR H 248 51.95 5.02 -61.21
C TYR H 248 51.18 5.00 -59.91
N ILE H 249 51.57 4.13 -59.00
CA ILE H 249 51.03 4.07 -57.64
C ILE H 249 51.87 4.94 -56.72
N THR H 250 51.33 5.32 -55.57
CA THR H 250 52.02 6.06 -54.52
C THR H 250 51.41 5.71 -53.16
N PHE H 251 52.23 5.64 -52.12
CA PHE H 251 51.82 5.22 -50.78
C PHE H 251 52.30 6.21 -49.72
N GLY H 252 51.40 6.71 -48.88
CA GLY H 252 51.70 7.73 -47.87
C GLY H 252 51.33 7.32 -46.46
N ILE H 253 52.11 7.80 -45.49
CA ILE H 253 51.74 7.73 -44.07
C ILE H 253 50.71 8.81 -43.80
N ARG H 254 49.58 8.45 -43.20
CA ARG H 254 48.50 9.35 -42.85
C ARG H 254 48.08 9.11 -41.41
N GLU H 255 47.87 10.16 -40.64
CA GLU H 255 47.60 10.05 -39.21
C GLU H 255 46.12 10.21 -38.81
N ASP H 256 45.27 10.79 -39.66
CA ASP H 256 43.88 11.10 -39.29
C ASP H 256 42.96 11.15 -40.52
N LEU H 257 41.86 10.39 -40.50
CA LEU H 257 40.84 10.42 -41.55
C LEU H 257 40.25 11.82 -41.79
N LYS H 258 40.28 12.70 -40.79
CA LYS H 258 39.80 14.08 -40.95
C LYS H 258 40.59 14.78 -42.04
N ASP H 259 41.88 14.97 -41.79
CA ASP H 259 42.82 15.56 -42.75
C ASP H 259 44.25 15.32 -42.27
N ASP H 260 45.23 15.45 -43.16
CA ASP H 260 46.59 15.85 -42.83
C ASP H 260 47.34 16.29 -44.08
N GLN H 261 48.61 16.63 -43.92
CA GLN H 261 49.56 16.88 -44.99
C GLN H 261 50.82 15.99 -44.84
N LYS H 262 50.66 14.78 -44.32
CA LYS H 262 51.78 13.89 -43.94
C LYS H 262 52.47 13.27 -45.16
N GLU H 263 53.70 12.82 -44.95
CA GLU H 263 54.64 12.42 -46.00
C GLU H 263 54.55 10.94 -46.42
N MET H 264 55.37 10.55 -47.37
CA MET H 264 55.23 9.33 -48.14
C MET H 264 56.58 8.73 -48.52
N MET H 265 56.60 7.44 -48.78
CA MET H 265 57.79 6.72 -49.19
C MET H 265 58.24 7.28 -50.54
N GLN H 266 59.43 7.85 -50.65
CA GLN H 266 59.92 8.32 -51.96
C GLN H 266 60.52 7.20 -52.82
N THR H 267 61.00 6.13 -52.22
CA THR H 267 61.02 4.83 -52.89
C THR H 267 59.69 4.11 -52.68
N ALA H 268 59.52 2.92 -53.24
CA ALA H 268 58.24 2.19 -53.29
C ALA H 268 57.14 2.89 -54.12
N MET H 269 57.51 3.82 -55.01
CA MET H 269 56.62 4.49 -55.96
C MET H 269 56.30 3.57 -57.15
N GLN H 270 55.70 2.41 -56.88
CA GLN H 270 55.54 1.29 -57.80
C GLN H 270 54.91 1.70 -59.14
N ASN H 271 55.54 1.28 -60.25
CA ASN H 271 55.12 1.59 -61.62
C ASN H 271 54.83 0.33 -62.42
N THR H 272 53.90 0.37 -63.36
CA THR H 272 53.42 -0.81 -64.08
C THR H 272 52.67 -0.44 -65.35
N MET H 273 52.28 -1.42 -66.18
CA MET H 273 51.34 -1.23 -67.28
C MET H 273 50.04 -2.00 -67.03
N LEU H 274 48.94 -1.26 -66.96
CA LEU H 274 47.59 -1.80 -67.07
C LEU H 274 47.37 -2.24 -68.50
N ILE H 275 46.87 -3.47 -68.67
CA ILE H 275 46.58 -4.07 -69.98
C ILE H 275 45.22 -4.77 -69.93
N ASN H 276 44.45 -4.64 -71.00
CA ASN H 276 43.10 -5.21 -71.12
C ASN H 276 42.21 -4.93 -69.89
N GLY H 277 42.31 -3.72 -69.34
CA GLY H 277 41.47 -3.17 -68.28
C GLY H 277 42.05 -3.13 -66.87
N ILE H 278 43.11 -3.87 -66.55
CA ILE H 278 43.57 -4.06 -65.17
C ILE H 278 45.10 -4.05 -65.07
N ALA H 279 45.59 -3.64 -63.91
CA ALA H 279 46.92 -3.95 -63.38
C ALA H 279 46.77 -4.45 -61.95
N GLN H 280 47.62 -5.40 -61.53
CA GLN H 280 47.62 -5.91 -60.17
C GLN H 280 48.77 -5.28 -59.40
N VAL H 281 48.49 -4.80 -58.21
CA VAL H 281 49.44 -4.03 -57.42
C VAL H 281 49.63 -4.74 -56.09
N THR H 282 50.85 -4.76 -55.60
CA THR H 282 51.11 -5.30 -54.25
C THR H 282 52.05 -4.39 -53.49
N PHE H 283 51.75 -4.16 -52.21
CA PHE H 283 52.55 -3.33 -51.33
C PHE H 283 53.11 -4.19 -50.21
N ASP H 284 54.43 -4.35 -50.16
CA ASP H 284 55.11 -5.03 -49.06
C ASP H 284 55.30 -4.06 -47.89
N SER H 285 54.20 -3.78 -47.19
CA SER H 285 54.10 -2.67 -46.23
C SER H 285 55.20 -2.69 -45.18
N GLU H 286 55.53 -3.88 -44.66
CA GLU H 286 56.68 -4.09 -43.78
C GLU H 286 57.95 -3.44 -44.33
N THR H 287 58.28 -3.68 -45.60
CA THR H 287 59.56 -3.28 -46.16
C THR H 287 59.68 -1.76 -46.16
N ALA H 288 58.71 -1.06 -46.75
CA ALA H 288 58.78 0.38 -46.86
C ALA H 288 58.69 1.04 -45.49
N VAL H 289 57.88 0.48 -44.59
CA VAL H 289 57.76 0.98 -43.23
C VAL H 289 59.10 0.84 -42.50
N LYS H 290 59.63 -0.38 -42.38
CA LYS H 290 60.92 -0.62 -41.71
C LYS H 290 62.09 0.12 -42.37
N GLU H 291 62.08 0.29 -43.69
CA GLU H 291 63.16 0.94 -44.42
C GLU H 291 63.10 2.47 -44.38
N LEU H 292 61.92 3.10 -44.35
CA LEU H 292 61.78 4.56 -44.52
C LEU H 292 60.88 5.23 -43.49
N SER H 293 59.89 4.53 -42.95
CA SER H 293 59.03 5.14 -41.95
C SER H 293 59.80 5.41 -40.66
N TYR H 294 59.22 6.23 -39.79
CA TYR H 294 59.57 6.25 -38.38
C TYR H 294 59.36 4.87 -37.74
N TYR H 295 58.35 4.13 -38.21
CA TYR H 295 57.91 2.90 -37.56
C TYR H 295 58.71 1.69 -38.04
N SER H 296 58.99 0.74 -37.13
CA SER H 296 59.70 -0.51 -37.42
C SER H 296 58.95 -1.77 -36.98
N LEU H 297 57.77 -1.63 -36.39
CA LEU H 297 57.01 -2.72 -35.78
C LEU H 297 55.52 -2.42 -35.88
N GLU H 298 54.71 -3.44 -36.11
CA GLU H 298 53.29 -3.24 -36.41
C GLU H 298 52.54 -2.60 -35.25
N ASP H 299 52.91 -2.97 -34.03
CA ASP H 299 52.34 -2.47 -32.80
C ASP H 299 52.33 -0.93 -32.72
N LEU H 300 53.21 -0.28 -33.49
CA LEU H 300 53.39 1.17 -33.49
C LEU H 300 52.22 1.94 -34.09
N ASN H 301 51.23 1.30 -34.73
CA ASN H 301 50.18 2.02 -35.43
C ASN H 301 48.77 1.48 -35.20
N ASN H 302 47.84 2.40 -34.93
CA ASN H 302 46.42 2.30 -35.25
C ASN H 302 46.05 3.58 -35.99
N LYS H 303 46.65 3.74 -37.18
CA LYS H 303 46.73 4.95 -38.04
C LYS H 303 46.53 4.55 -39.52
N TYR H 304 46.83 5.39 -40.51
CA TYR H 304 46.33 5.20 -41.88
C TYR H 304 47.40 5.14 -42.96
N LEU H 305 47.22 4.21 -43.91
CA LEU H 305 47.82 4.23 -45.22
C LEU H 305 46.93 5.03 -46.15
N TYR H 306 47.56 5.86 -46.96
CA TYR H 306 46.97 6.54 -48.11
C TYR H 306 47.55 5.94 -49.36
N ILE H 307 46.71 5.45 -50.29
CA ILE H 307 47.16 4.99 -51.61
C ILE H 307 46.58 5.89 -52.67
N ALA H 308 47.43 6.39 -53.57
CA ALA H 308 47.03 7.23 -54.68
C ALA H 308 47.57 6.66 -56.00
N VAL H 309 46.83 6.84 -57.09
CA VAL H 309 47.16 6.28 -58.40
C VAL H 309 46.95 7.27 -59.51
N THR H 310 47.93 7.39 -60.41
CA THR H 310 47.77 8.02 -61.70
C THR H 310 47.69 6.96 -62.79
N VAL H 311 46.62 6.95 -63.60
CA VAL H 311 46.48 6.15 -64.81
C VAL H 311 46.65 7.04 -66.01
N ILE H 312 47.46 6.64 -66.96
CA ILE H 312 47.79 7.43 -68.14
C ILE H 312 47.59 6.58 -69.39
N GLU H 313 46.66 6.94 -70.27
CA GLU H 313 46.43 6.15 -71.49
C GLU H 313 47.70 6.13 -72.34
N SER H 314 48.29 4.95 -72.57
CA SER H 314 49.71 4.86 -72.89
C SER H 314 50.08 5.55 -74.21
N THR H 315 49.14 5.54 -75.14
CA THR H 315 49.17 6.22 -76.46
C THR H 315 47.92 7.10 -76.66
N GLY H 316 47.29 7.56 -75.56
CA GLY H 316 45.97 8.20 -75.56
C GLY H 316 45.88 9.59 -74.91
N GLY H 317 46.93 10.10 -74.26
CA GLY H 317 47.02 11.49 -73.78
C GLY H 317 46.23 11.82 -72.52
N PHE H 318 44.98 11.36 -72.39
CA PHE H 318 44.22 11.48 -71.16
C PHE H 318 44.91 10.79 -69.98
N SER H 319 44.86 11.45 -68.83
CA SER H 319 45.28 10.91 -67.54
C SER H 319 44.17 11.09 -66.52
N GLU H 320 43.98 10.11 -65.67
CA GLU H 320 42.96 10.17 -64.64
C GLU H 320 43.53 9.59 -63.35
N GLU H 321 42.92 9.95 -62.23
CA GLU H 321 43.59 9.90 -60.94
C GLU H 321 42.61 9.53 -59.84
N ALA H 322 43.09 8.81 -58.85
CA ALA H 322 42.26 8.29 -57.78
C ALA H 322 43.08 8.07 -56.53
N GLU H 323 42.40 7.86 -55.43
CA GLU H 323 42.97 7.50 -54.15
C GLU H 323 41.96 6.66 -53.37
N ILE H 324 42.46 5.77 -52.52
CA ILE H 324 41.69 5.26 -51.40
C ILE H 324 42.41 5.82 -50.19
N PRO H 325 42.06 7.04 -49.75
CA PRO H 325 42.65 7.58 -48.55
C PRO H 325 42.09 6.80 -47.37
N GLY H 326 42.91 6.50 -46.37
CA GLY H 326 42.43 5.92 -45.10
C GLY H 326 42.32 4.39 -45.04
N ILE H 327 43.11 3.62 -45.80
CA ILE H 327 43.24 2.17 -45.52
C ILE H 327 43.98 2.04 -44.19
N LYS H 328 43.25 1.76 -43.12
CA LYS H 328 43.82 1.81 -41.78
C LYS H 328 44.77 0.65 -41.51
N TYR H 329 45.91 0.92 -40.89
CA TYR H 329 46.66 -0.08 -40.14
C TYR H 329 45.95 -0.33 -38.81
N VAL H 330 45.55 -1.56 -38.50
CA VAL H 330 44.87 -1.86 -37.22
C VAL H 330 45.31 -3.18 -36.58
N LEU H 331 45.34 -3.21 -35.26
CA LEU H 331 45.76 -4.37 -34.48
C LEU H 331 44.60 -5.18 -33.90
N SER H 332 43.37 -4.70 -34.02
CA SER H 332 42.14 -5.40 -33.64
C SER H 332 40.99 -5.04 -34.58
N PRO H 333 41.09 -5.40 -35.87
CA PRO H 333 40.17 -4.96 -36.90
C PRO H 333 38.70 -5.22 -36.59
N TYR H 334 38.35 -6.45 -36.26
CA TYR H 334 37.02 -6.96 -36.48
C TYR H 334 35.96 -6.53 -35.47
N LYS H 335 35.67 -5.23 -35.31
CA LYS H 335 34.53 -4.78 -34.50
C LYS H 335 33.23 -5.49 -34.85
N LEU H 336 32.41 -5.80 -33.86
CA LEU H 336 31.21 -6.63 -33.96
C LEU H 336 29.98 -5.84 -33.54
N ASN H 337 28.80 -6.20 -34.04
CA ASN H 337 27.51 -5.75 -33.53
C ASN H 337 26.39 -6.67 -33.93
N LEU H 338 25.33 -6.77 -33.14
CA LEU H 338 24.15 -7.51 -33.53
C LEU H 338 23.46 -6.84 -34.70
N VAL H 339 22.64 -7.60 -35.42
CA VAL H 339 21.55 -7.08 -36.26
C VAL H 339 20.28 -7.90 -36.06
N ALA H 340 19.14 -7.31 -36.28
CA ALA H 340 17.84 -7.97 -36.24
C ALA H 340 17.49 -8.74 -34.95
N THR H 341 18.24 -8.55 -33.87
CA THR H 341 18.24 -9.44 -32.71
C THR H 341 17.57 -8.78 -31.52
N PRO H 342 16.37 -9.18 -31.10
CA PRO H 342 15.57 -8.44 -30.13
C PRO H 342 16.18 -8.14 -28.75
N LEU H 343 17.05 -8.98 -28.20
CA LEU H 343 17.42 -8.94 -26.77
C LEU H 343 16.22 -9.12 -25.85
N PHE H 344 15.24 -9.89 -26.29
CA PHE H 344 14.12 -10.37 -25.49
C PHE H 344 13.91 -11.85 -25.77
N LEU H 345 13.68 -12.64 -24.73
CA LEU H 345 13.60 -14.10 -24.82
C LEU H 345 12.18 -14.61 -24.93
N LYS H 346 12.06 -15.84 -25.41
CA LYS H 346 10.94 -16.74 -25.14
C LYS H 346 11.49 -18.16 -24.91
N PRO H 347 10.82 -19.01 -24.12
CA PRO H 347 11.07 -20.44 -24.12
C PRO H 347 10.54 -21.09 -25.41
N GLY H 348 11.11 -22.24 -25.81
CA GLY H 348 10.61 -23.09 -26.89
C GLY H 348 10.85 -22.53 -28.30
N ILE H 349 10.36 -21.33 -28.57
CA ILE H 349 10.69 -20.57 -29.78
C ILE H 349 12.21 -20.34 -29.80
N PRO H 350 12.92 -20.62 -30.90
CA PRO H 350 14.35 -20.40 -30.95
C PRO H 350 14.71 -18.93 -30.81
N TYR H 351 15.90 -18.63 -30.33
CA TYR H 351 16.35 -17.26 -30.12
C TYR H 351 17.47 -16.89 -31.11
N PRO H 352 17.16 -16.56 -32.37
CA PRO H 352 18.17 -16.34 -33.38
C PRO H 352 19.00 -15.13 -33.06
N ILE H 353 20.29 -15.23 -33.29
CA ILE H 353 21.27 -14.21 -32.98
C ILE H 353 22.07 -14.02 -34.24
N LYS H 354 22.33 -12.78 -34.61
CA LYS H 354 23.02 -12.46 -35.84
C LYS H 354 23.99 -11.36 -35.55
N VAL H 355 25.20 -11.45 -36.05
CA VAL H 355 26.23 -10.45 -35.86
C VAL H 355 26.86 -10.09 -37.17
N GLN H 356 27.26 -8.86 -37.30
CA GLN H 356 28.04 -8.39 -38.42
C GLN H 356 29.44 -8.06 -37.93
N VAL H 357 30.31 -7.73 -38.85
CA VAL H 357 31.68 -7.36 -38.56
C VAL H 357 32.07 -6.22 -39.49
N LYS H 358 32.86 -5.25 -39.04
CA LYS H 358 33.29 -4.12 -39.89
C LYS H 358 34.79 -3.85 -39.88
N ASP H 359 35.31 -3.44 -41.03
CA ASP H 359 36.60 -2.75 -41.16
C ASP H 359 36.55 -1.32 -40.58
N SER H 360 37.70 -0.65 -40.43
CA SER H 360 37.74 0.82 -40.48
C SER H 360 37.53 1.32 -41.92
N LEU H 361 36.88 2.47 -42.12
CA LEU H 361 36.28 2.86 -43.41
C LEU H 361 35.48 1.70 -43.97
N ASP H 362 34.40 1.41 -43.27
CA ASP H 362 33.87 0.07 -43.22
C ASP H 362 33.30 -0.48 -44.54
N GLN H 363 33.23 -1.80 -44.55
CA GLN H 363 32.36 -2.67 -45.32
C GLN H 363 32.02 -3.83 -44.39
N LEU H 364 30.98 -4.60 -44.66
CA LEU H 364 30.71 -5.79 -43.88
C LEU H 364 31.73 -6.86 -44.22
N VAL H 365 32.55 -7.27 -43.26
CA VAL H 365 33.80 -8.02 -43.54
C VAL H 365 33.54 -9.35 -44.22
N GLY H 366 32.53 -10.10 -43.79
CA GLY H 366 31.87 -11.08 -44.67
C GLY H 366 32.62 -12.39 -44.93
N GLY H 367 33.94 -12.47 -44.75
CA GLY H 367 34.75 -13.67 -44.98
C GLY H 367 35.32 -14.32 -43.71
N VAL H 368 34.64 -14.23 -42.57
CA VAL H 368 35.23 -14.44 -41.24
C VAL H 368 34.40 -15.44 -40.44
N PRO H 369 35.03 -16.33 -39.64
CA PRO H 369 34.35 -17.11 -38.63
C PRO H 369 34.26 -16.37 -37.29
N VAL H 370 33.22 -16.68 -36.52
CA VAL H 370 32.87 -16.01 -35.28
C VAL H 370 32.31 -17.07 -34.34
N THR H 371 32.45 -16.93 -33.04
CA THR H 371 32.00 -17.94 -32.07
C THR H 371 31.25 -17.33 -30.90
N LEU H 372 30.26 -18.07 -30.40
CA LEU H 372 29.29 -17.65 -29.42
C LEU H 372 29.38 -18.50 -28.16
N ASN H 373 29.24 -17.87 -26.99
CA ASN H 373 29.20 -18.51 -25.67
C ASN H 373 27.99 -18.02 -24.92
N ALA H 374 27.32 -18.86 -24.15
CA ALA H 374 26.08 -18.46 -23.49
C ALA H 374 25.91 -19.07 -22.10
N GLN H 375 25.33 -18.30 -21.19
CA GLN H 375 24.96 -18.72 -19.86
C GLN H 375 23.52 -18.35 -19.58
N THR H 376 22.78 -19.23 -18.94
CA THR H 376 21.33 -19.11 -18.80
C THR H 376 20.93 -19.26 -17.36
N ILE H 377 19.95 -18.49 -16.93
CA ILE H 377 19.50 -18.44 -15.56
C ILE H 377 17.98 -18.57 -15.56
N ASP H 378 17.45 -19.34 -14.64
CA ASP H 378 16.03 -19.68 -14.60
C ASP H 378 15.49 -19.39 -13.21
N VAL H 379 15.61 -20.37 -12.31
CA VAL H 379 14.86 -20.39 -11.05
C VAL H 379 15.77 -20.01 -9.90
N ASN H 380 15.34 -19.07 -9.07
CA ASN H 380 16.02 -18.69 -7.82
C ASN H 380 17.52 -18.44 -8.00
N GLN H 381 17.88 -17.80 -9.12
CA GLN H 381 19.27 -17.58 -9.54
C GLN H 381 20.07 -18.88 -9.67
N GLU H 382 19.42 -19.80 -10.42
CA GLU H 382 19.86 -21.14 -10.86
C GLU H 382 20.57 -20.99 -12.20
N THR H 383 21.61 -21.77 -12.55
CA THR H 383 22.35 -21.45 -13.75
C THR H 383 22.73 -22.70 -14.52
N SER H 384 22.69 -22.59 -15.85
CA SER H 384 23.11 -23.62 -16.78
C SER H 384 23.82 -22.97 -17.96
N ASP H 385 24.86 -23.59 -18.48
CA ASP H 385 25.77 -22.96 -19.43
C ASP H 385 25.86 -23.82 -20.67
N LEU H 386 25.75 -23.16 -21.82
CA LEU H 386 25.59 -23.81 -23.11
C LEU H 386 26.95 -24.10 -23.74
N ASP H 387 26.97 -25.06 -24.64
CA ASP H 387 28.12 -25.41 -25.46
C ASP H 387 28.52 -24.24 -26.37
N PRO H 388 29.81 -23.92 -26.49
CA PRO H 388 30.26 -22.92 -27.45
C PRO H 388 29.90 -23.35 -28.87
N SER H 389 29.54 -22.39 -29.71
CA SER H 389 29.14 -22.62 -31.10
C SER H 389 29.86 -21.69 -32.05
N LYS H 390 29.99 -22.06 -33.32
CA LYS H 390 30.72 -21.28 -34.33
C LYS H 390 29.83 -21.03 -35.55
N SER H 391 30.07 -19.91 -36.22
CA SER H 391 29.43 -19.56 -37.48
C SER H 391 30.39 -18.79 -38.38
N VAL H 392 30.04 -18.64 -39.64
CA VAL H 392 30.81 -17.87 -40.63
C VAL H 392 29.94 -16.77 -41.23
N THR H 393 30.54 -15.62 -41.48
CA THR H 393 29.83 -14.53 -42.14
C THR H 393 29.58 -14.88 -43.61
N ARG H 394 28.42 -14.48 -44.13
CA ARG H 394 28.09 -14.59 -45.55
C ARG H 394 28.87 -13.54 -46.33
N VAL H 395 29.51 -13.93 -47.42
CA VAL H 395 30.46 -13.07 -48.15
C VAL H 395 29.82 -11.85 -48.80
N ASP H 396 28.49 -11.87 -48.96
CA ASP H 396 27.68 -10.80 -49.52
C ASP H 396 26.80 -10.12 -48.46
N ASP H 397 26.02 -10.89 -47.68
CA ASP H 397 25.09 -10.35 -46.68
C ASP H 397 25.77 -9.92 -45.37
N GLY H 398 27.07 -10.19 -45.17
CA GLY H 398 27.90 -9.67 -44.07
C GLY H 398 27.66 -10.29 -42.70
N VAL H 399 26.43 -10.68 -42.41
CA VAL H 399 25.99 -11.40 -41.22
C VAL H 399 26.68 -12.74 -41.07
N ALA H 400 26.84 -13.17 -39.83
CA ALA H 400 27.04 -14.55 -39.40
C ALA H 400 25.97 -14.83 -38.37
N SER H 401 25.40 -16.02 -38.41
CA SER H 401 24.13 -16.34 -37.78
C SER H 401 24.23 -17.58 -36.92
N PHE H 402 23.50 -17.56 -35.82
CA PHE H 402 23.49 -18.54 -34.76
C PHE H 402 22.05 -18.72 -34.34
N VAL H 403 21.66 -19.92 -33.96
CA VAL H 403 20.35 -20.17 -33.38
C VAL H 403 20.48 -21.04 -32.16
N LEU H 404 19.66 -20.76 -31.16
CA LEU H 404 19.75 -21.31 -29.83
C LEU H 404 18.37 -21.83 -29.45
N ASN H 405 18.37 -22.94 -28.70
CA ASN H 405 17.20 -23.59 -28.16
C ASN H 405 17.46 -23.78 -26.67
N LEU H 406 16.45 -23.53 -25.85
CA LEU H 406 16.63 -23.07 -24.47
C LEU H 406 15.69 -23.77 -23.48
N PRO H 407 16.14 -24.02 -22.24
CA PRO H 407 15.30 -24.56 -21.19
C PRO H 407 13.98 -23.79 -21.06
N SER H 408 12.89 -24.51 -20.82
CA SER H 408 11.52 -23.97 -20.82
C SER H 408 11.25 -22.89 -19.78
N GLY H 409 12.16 -22.68 -18.82
CA GLY H 409 12.08 -21.64 -17.79
C GLY H 409 13.17 -20.58 -17.90
N VAL H 410 13.98 -20.53 -18.96
CA VAL H 410 15.04 -19.52 -19.06
C VAL H 410 14.48 -18.12 -18.87
N THR H 411 15.07 -17.39 -17.93
CA THR H 411 14.50 -16.17 -17.35
C THR H 411 15.36 -14.97 -17.68
N VAL H 412 16.68 -15.17 -17.66
CA VAL H 412 17.62 -14.32 -18.36
C VAL H 412 18.64 -15.16 -19.06
N LEU H 413 19.25 -14.58 -20.06
CA LEU H 413 20.35 -15.10 -20.83
C LEU H 413 21.41 -14.03 -20.79
N GLU H 414 22.65 -14.44 -20.74
CA GLU H 414 23.73 -13.60 -21.21
C GLU H 414 24.52 -14.39 -22.21
N PHE H 415 25.06 -13.72 -23.20
CA PHE H 415 25.90 -14.38 -24.18
C PHE H 415 27.01 -13.46 -24.61
N ASN H 416 28.11 -14.06 -25.01
CA ASN H 416 29.25 -13.37 -25.55
C ASN H 416 29.48 -13.86 -26.96
N VAL H 417 30.03 -13.01 -27.80
CA VAL H 417 30.44 -13.36 -29.14
C VAL H 417 31.84 -12.83 -29.35
N LYS H 418 32.72 -13.63 -29.95
CA LYS H 418 34.09 -13.24 -30.27
C LYS H 418 34.47 -13.68 -31.65
N THR H 419 35.35 -12.94 -32.29
CA THR H 419 35.86 -13.29 -33.60
C THR H 419 36.72 -14.55 -33.51
N ASP H 420 36.74 -15.40 -34.54
CA ASP H 420 37.49 -16.66 -34.55
C ASP H 420 38.14 -16.88 -35.91
N ALA H 421 39.42 -16.55 -36.06
CA ALA H 421 40.12 -16.58 -37.32
C ALA H 421 41.63 -16.78 -37.10
N PRO H 422 42.42 -17.17 -38.11
CA PRO H 422 43.83 -17.52 -37.93
C PRO H 422 44.70 -16.34 -37.46
N ASP H 423 44.36 -15.14 -37.87
CA ASP H 423 45.13 -13.92 -37.62
C ASP H 423 44.88 -13.32 -36.24
N LEU H 424 44.20 -14.02 -35.32
CA LEU H 424 43.78 -13.49 -34.02
C LEU H 424 44.72 -13.83 -32.85
N PRO H 425 45.62 -12.93 -32.40
CA PRO H 425 46.11 -12.96 -31.03
C PRO H 425 44.95 -12.60 -30.11
N GLU H 426 44.37 -13.55 -29.39
CA GLU H 426 43.01 -13.45 -28.86
C GLU H 426 42.73 -12.24 -27.95
N GLU H 427 43.72 -11.74 -27.20
CA GLU H 427 43.54 -10.53 -26.40
C GLU H 427 43.35 -9.27 -27.27
N ASN H 428 43.81 -9.34 -28.52
CA ASN H 428 43.61 -8.38 -29.60
C ASN H 428 42.63 -8.90 -30.68
N GLN H 429 41.83 -9.93 -30.38
CA GLN H 429 40.71 -10.36 -31.20
C GLN H 429 39.40 -9.82 -30.62
N ALA H 430 38.58 -9.19 -31.46
CA ALA H 430 37.41 -8.46 -31.01
C ALA H 430 36.27 -9.35 -30.51
N ARG H 431 35.55 -8.87 -29.50
CA ARG H 431 34.43 -9.52 -28.83
C ARG H 431 33.42 -8.53 -28.26
N GLU H 432 32.21 -8.99 -27.98
CA GLU H 432 31.16 -8.23 -27.32
C GLU H 432 30.29 -9.15 -26.47
N GLY H 433 29.61 -8.60 -25.49
CA GLY H 433 28.72 -9.33 -24.61
C GLY H 433 27.37 -8.68 -24.51
N TYR H 434 26.33 -9.49 -24.35
CA TYR H 434 24.95 -9.10 -24.43
C TYR H 434 24.12 -9.80 -23.38
N ARG H 435 22.93 -9.26 -23.12
CA ARG H 435 22.00 -9.78 -22.13
C ARG H 435 20.60 -9.74 -22.70
N ALA H 436 19.76 -10.68 -22.32
CA ALA H 436 18.38 -10.74 -22.76
C ALA H 436 17.48 -11.30 -21.67
N ILE H 437 16.22 -10.91 -21.67
CA ILE H 437 15.34 -11.05 -20.53
C ILE H 437 13.99 -11.57 -21.01
N ALA H 438 13.25 -12.29 -20.17
CA ALA H 438 11.89 -12.70 -20.46
C ALA H 438 10.92 -11.51 -20.46
N TYR H 439 9.65 -11.75 -20.81
CA TYR H 439 8.63 -10.71 -20.91
C TYR H 439 8.09 -10.19 -19.55
N SER H 440 8.48 -10.79 -18.44
CA SER H 440 8.20 -10.25 -17.10
C SER H 440 6.73 -9.97 -16.77
N SER H 441 5.83 -10.82 -17.26
CA SER H 441 4.39 -10.74 -16.96
C SER H 441 4.12 -10.97 -15.48
N LEU H 442 3.49 -10.01 -14.81
CA LEU H 442 3.16 -10.13 -13.40
C LEU H 442 2.15 -11.26 -13.17
N SER H 443 1.24 -11.48 -14.11
CA SER H 443 0.25 -12.55 -14.08
C SER H 443 0.78 -13.86 -14.66
N GLN H 444 2.05 -13.94 -15.08
CA GLN H 444 2.63 -15.06 -15.81
C GLN H 444 1.82 -15.47 -17.07
N SER H 445 1.16 -14.52 -17.70
CA SER H 445 0.37 -14.69 -18.92
C SER H 445 1.14 -14.08 -20.08
N TYR H 446 1.32 -14.84 -21.15
CA TYR H 446 2.20 -14.49 -22.25
C TYR H 446 1.50 -14.63 -23.59
N LEU H 447 2.13 -14.09 -24.61
CA LEU H 447 1.70 -14.14 -26.00
C LEU H 447 2.98 -14.23 -26.80
N TYR H 448 3.34 -15.40 -27.30
CA TYR H 448 4.57 -15.54 -28.06
C TYR H 448 4.24 -15.61 -29.53
N ILE H 449 4.82 -14.72 -30.34
CA ILE H 449 4.74 -14.78 -31.81
C ILE H 449 5.72 -15.84 -32.30
N ASP H 450 5.24 -16.84 -33.04
CA ASP H 450 6.05 -17.99 -33.44
C ASP H 450 7.07 -17.69 -34.54
N TRP H 451 6.96 -16.53 -35.15
CA TRP H 451 7.74 -16.13 -36.31
C TRP H 451 9.24 -16.07 -36.01
N THR H 452 10.04 -16.08 -37.07
CA THR H 452 11.50 -16.20 -37.05
C THR H 452 12.22 -14.90 -37.44
N ASP H 453 11.52 -13.77 -37.39
CA ASP H 453 12.08 -12.39 -37.42
C ASP H 453 12.91 -12.04 -38.68
N ASN H 454 12.70 -12.74 -39.79
CA ASN H 454 13.72 -12.87 -40.84
C ASN H 454 14.17 -11.56 -41.48
N HIS H 455 15.47 -11.48 -41.80
CA HIS H 455 16.06 -10.34 -42.53
C HIS H 455 15.68 -10.37 -44.04
N LYS H 456 15.38 -11.57 -44.58
CA LYS H 456 14.86 -11.79 -45.95
C LYS H 456 13.39 -11.35 -46.07
N ALA H 457 13.06 -10.60 -47.11
CA ALA H 457 11.77 -9.92 -47.23
C ALA H 457 10.60 -10.83 -47.61
N LEU H 458 9.39 -10.47 -47.18
CA LEU H 458 8.16 -10.99 -47.75
C LEU H 458 7.84 -10.25 -49.05
N LEU H 459 7.30 -10.94 -50.05
CA LEU H 459 6.99 -10.39 -51.36
C LEU H 459 5.63 -9.69 -51.35
N VAL H 460 5.47 -8.59 -52.07
CA VAL H 460 4.23 -7.80 -52.02
C VAL H 460 3.01 -8.62 -52.40
N GLY H 461 1.92 -8.43 -51.67
CA GLY H 461 0.66 -9.12 -51.86
C GLY H 461 0.64 -10.57 -51.42
N GLU H 462 1.78 -11.20 -51.10
CA GLU H 462 1.74 -12.60 -50.68
C GLU H 462 1.03 -12.77 -49.35
N HIS H 463 0.38 -13.90 -49.13
CA HIS H 463 -0.15 -14.24 -47.82
C HIS H 463 0.99 -14.50 -46.86
N LEU H 464 1.20 -13.59 -45.90
CA LEU H 464 1.94 -13.90 -44.67
C LEU H 464 1.08 -14.84 -43.83
N ASN H 465 1.69 -15.86 -43.23
CA ASN H 465 1.02 -16.77 -42.31
C ASN H 465 1.89 -16.97 -41.06
N ILE H 466 1.57 -16.24 -40.00
CA ILE H 466 2.27 -16.28 -38.70
C ILE H 466 1.38 -16.98 -37.67
N ILE H 467 1.94 -17.94 -36.94
CA ILE H 467 1.31 -18.50 -35.75
C ILE H 467 1.63 -17.61 -34.55
N VAL H 468 0.69 -17.43 -33.63
CA VAL H 468 0.94 -16.78 -32.34
C VAL H 468 0.31 -17.66 -31.27
N THR H 469 1.07 -17.95 -30.20
CA THR H 469 0.60 -18.83 -29.12
C THR H 469 0.42 -18.04 -27.83
N PRO H 470 -0.81 -17.89 -27.32
CA PRO H 470 -1.05 -17.29 -26.01
C PRO H 470 -0.96 -18.33 -24.88
N LYS H 471 0.26 -18.62 -24.37
CA LYS H 471 0.41 -19.43 -23.15
C LYS H 471 0.05 -18.61 -21.91
N SER H 472 -0.84 -19.12 -21.08
CA SER H 472 -1.35 -18.38 -19.92
C SER H 472 -1.98 -19.30 -18.89
N PRO H 473 -1.94 -18.98 -17.60
CA PRO H 473 -2.75 -19.64 -16.61
C PRO H 473 -4.26 -19.59 -16.88
N TYR H 474 -4.71 -18.63 -17.70
CA TYR H 474 -6.12 -18.24 -17.82
C TYR H 474 -6.68 -18.44 -19.24
N ILE H 475 -6.23 -19.46 -19.98
CA ILE H 475 -6.64 -19.68 -21.40
C ILE H 475 -8.14 -19.93 -21.59
N ASP H 476 -8.90 -20.23 -20.54
CA ASP H 476 -10.37 -20.25 -20.61
C ASP H 476 -10.95 -18.92 -21.08
N LYS H 477 -10.29 -17.81 -20.75
CA LYS H 477 -10.79 -16.45 -20.93
C LYS H 477 -10.25 -15.74 -22.18
N ILE H 478 -9.18 -16.24 -22.79
CA ILE H 478 -8.60 -15.69 -24.01
C ILE H 478 -9.35 -16.26 -25.22
N THR H 479 -10.59 -15.83 -25.46
CA THR H 479 -11.39 -16.29 -26.60
C THR H 479 -10.81 -15.85 -27.94
N HIS H 480 -10.08 -14.75 -27.95
CA HIS H 480 -9.31 -14.27 -29.09
C HIS H 480 -8.11 -13.48 -28.65
N TYR H 481 -7.12 -13.36 -29.52
CA TYR H 481 -6.16 -12.27 -29.46
C TYR H 481 -6.46 -11.27 -30.57
N ASN H 482 -5.86 -10.09 -30.50
CA ASN H 482 -6.03 -9.01 -31.45
C ASN H 482 -4.67 -8.60 -32.00
N TYR H 483 -4.64 -8.03 -33.19
CA TYR H 483 -3.39 -7.66 -33.84
C TYR H 483 -3.53 -6.33 -34.56
N LEU H 484 -2.40 -5.65 -34.72
CA LEU H 484 -2.26 -4.38 -35.41
C LEU H 484 -1.04 -4.48 -36.29
N ILE H 485 -1.15 -4.03 -37.53
CA ILE H 485 -0.01 -3.93 -38.43
C ILE H 485 0.29 -2.46 -38.62
N LEU H 486 1.52 -2.07 -38.37
CA LEU H 486 1.98 -0.71 -38.30
C LEU H 486 2.95 -0.51 -39.45
N SER H 487 2.72 0.50 -40.29
CA SER H 487 3.59 0.82 -41.41
C SER H 487 3.88 2.29 -41.39
N LYS H 488 5.15 2.66 -41.58
CA LYS H 488 5.64 3.97 -41.19
C LYS H 488 5.11 4.26 -39.77
N GLY H 489 4.40 5.35 -39.53
CA GLY H 489 3.91 5.66 -38.20
C GLY H 489 2.55 5.08 -37.83
N LYS H 490 1.82 4.48 -38.78
CA LYS H 490 0.36 4.40 -38.70
C LYS H 490 -0.12 2.98 -38.54
N ILE H 491 -1.17 2.76 -37.76
CA ILE H 491 -1.83 1.46 -37.71
C ILE H 491 -2.64 1.30 -39.00
N ILE H 492 -2.13 0.50 -39.94
CA ILE H 492 -2.68 0.36 -41.29
C ILE H 492 -3.71 -0.76 -41.39
N HIS H 493 -3.58 -1.79 -40.57
CA HIS H 493 -4.53 -2.89 -40.45
C HIS H 493 -4.67 -3.26 -39.00
N PHE H 494 -5.83 -3.78 -38.67
CA PHE H 494 -6.14 -4.26 -37.34
C PHE H 494 -7.17 -5.38 -37.45
N GLY H 495 -7.20 -6.28 -36.48
CA GLY H 495 -8.17 -7.36 -36.49
C GLY H 495 -8.17 -8.22 -35.24
N THR H 496 -8.88 -9.33 -35.32
CA THR H 496 -9.09 -10.28 -34.24
C THR H 496 -8.97 -11.73 -34.71
N ARG H 497 -8.54 -12.64 -33.85
CA ARG H 497 -8.06 -14.00 -34.17
C ARG H 497 -8.54 -14.97 -33.11
N GLU H 498 -9.54 -15.78 -33.45
CA GLU H 498 -10.33 -16.55 -32.49
C GLU H 498 -9.72 -17.93 -32.11
N LYS H 499 -10.10 -18.44 -30.94
CA LYS H 499 -9.74 -19.76 -30.42
C LYS H 499 -10.50 -20.87 -31.14
N PHE H 500 -9.78 -21.82 -31.75
CA PHE H 500 -10.28 -23.12 -32.14
C PHE H 500 -10.39 -24.06 -30.93
N SER H 501 -11.25 -25.07 -31.06
CA SER H 501 -11.58 -26.07 -30.03
C SER H 501 -10.39 -26.96 -29.64
N ASP H 502 -9.35 -27.05 -30.48
CA ASP H 502 -8.08 -27.71 -30.17
C ASP H 502 -7.16 -26.88 -29.23
N ALA H 503 -7.66 -25.74 -28.70
CA ALA H 503 -6.88 -24.79 -27.91
C ALA H 503 -5.67 -24.22 -28.68
N SER H 504 -5.91 -23.87 -29.94
CA SER H 504 -5.01 -23.10 -30.80
C SER H 504 -5.82 -22.06 -31.57
N TYR H 505 -5.17 -21.09 -32.19
CA TYR H 505 -5.81 -19.86 -32.65
C TYR H 505 -5.64 -19.63 -34.15
N GLN H 506 -6.56 -18.88 -34.76
CA GLN H 506 -6.36 -18.35 -36.11
C GLN H 506 -4.98 -17.69 -36.20
N SER H 507 -4.18 -18.14 -37.15
CA SER H 507 -2.91 -17.51 -37.49
C SER H 507 -3.16 -16.13 -38.12
N ILE H 508 -2.13 -15.31 -38.14
CA ILE H 508 -2.15 -14.02 -38.83
C ILE H 508 -1.94 -14.31 -40.31
N ASN H 509 -3.06 -14.45 -41.01
CA ASN H 509 -3.19 -14.70 -42.45
C ASN H 509 -3.58 -13.39 -43.14
N ILE H 510 -2.62 -12.64 -43.64
CA ILE H 510 -2.85 -11.33 -44.27
C ILE H 510 -2.06 -11.22 -45.57
N PRO H 511 -2.62 -10.63 -46.64
CA PRO H 511 -1.83 -10.25 -47.80
C PRO H 511 -0.94 -9.07 -47.43
N VAL H 512 0.34 -9.11 -47.75
CA VAL H 512 1.16 -7.93 -47.50
C VAL H 512 0.96 -6.84 -48.55
N THR H 513 -0.12 -6.08 -48.34
CA THR H 513 -0.58 -4.97 -49.20
C THR H 513 0.40 -3.82 -49.35
N GLN H 514 0.24 -3.04 -50.41
CA GLN H 514 1.23 -2.08 -50.90
C GLN H 514 1.64 -1.00 -49.89
N ASN H 515 0.76 -0.63 -48.97
CA ASN H 515 1.04 0.32 -47.90
C ASN H 515 2.16 -0.10 -46.94
N MET H 516 2.64 -1.34 -47.00
CA MET H 516 3.69 -1.89 -46.14
C MET H 516 5.12 -1.79 -46.70
N VAL H 517 5.33 -1.34 -47.93
CA VAL H 517 6.50 -1.81 -48.69
C VAL H 517 7.92 -1.50 -48.21
N PRO H 518 8.26 -0.42 -47.49
CA PRO H 518 9.64 -0.27 -47.06
C PRO H 518 9.95 -1.28 -45.95
N SER H 519 9.03 -1.41 -45.00
CA SER H 519 8.99 -2.34 -43.87
C SER H 519 7.67 -2.20 -43.14
N SER H 520 7.36 -3.12 -42.25
CA SER H 520 6.17 -3.06 -41.42
C SER H 520 6.39 -3.82 -40.14
N ARG H 521 5.51 -3.61 -39.19
CA ARG H 521 5.67 -4.08 -37.84
C ARG H 521 4.36 -4.65 -37.39
N LEU H 522 4.38 -5.83 -36.83
CA LEU H 522 3.21 -6.50 -36.30
C LEU H 522 3.26 -6.42 -34.79
N LEU H 523 2.17 -6.03 -34.18
CA LEU H 523 1.98 -6.09 -32.75
C LEU H 523 0.73 -6.91 -32.50
N VAL H 524 0.76 -7.71 -31.44
CA VAL H 524 -0.32 -8.61 -31.08
C VAL H 524 -0.59 -8.43 -29.61
N TYR H 525 -1.84 -8.44 -29.17
CA TYR H 525 -2.19 -8.22 -27.76
C TYR H 525 -3.50 -8.88 -27.35
N TYR H 526 -3.68 -9.08 -26.04
CA TYR H 526 -4.96 -9.43 -25.41
C TYR H 526 -5.02 -8.88 -23.99
N ILE H 527 -6.21 -8.67 -23.42
CA ILE H 527 -6.40 -8.53 -21.97
C ILE H 527 -7.01 -9.81 -21.45
N VAL H 528 -6.50 -10.33 -20.34
CA VAL H 528 -7.08 -11.47 -19.63
C VAL H 528 -7.39 -11.13 -18.19
N THR H 529 -8.42 -11.74 -17.62
CA THR H 529 -8.80 -11.60 -16.21
C THR H 529 -8.39 -12.81 -15.37
N GLY H 530 -7.88 -12.57 -14.16
CA GLY H 530 -7.89 -13.53 -13.05
C GLY H 530 -9.27 -13.58 -12.40
N GLU H 531 -9.35 -13.91 -11.10
CA GLU H 531 -10.62 -13.83 -10.34
C GLU H 531 -11.18 -12.40 -10.26
N GLN H 532 -10.28 -11.42 -10.13
CA GLN H 532 -10.63 -10.00 -10.10
C GLN H 532 -9.65 -9.14 -10.90
N THR H 533 -8.36 -9.44 -10.90
CA THR H 533 -7.31 -8.67 -11.60
C THR H 533 -7.35 -8.84 -13.12
N ALA H 534 -6.67 -7.98 -13.87
CA ALA H 534 -6.52 -8.10 -15.32
C ALA H 534 -5.14 -7.63 -15.82
N GLU H 535 -4.64 -8.24 -16.89
CA GLU H 535 -3.36 -7.84 -17.49
C GLU H 535 -3.46 -7.76 -19.01
N LEU H 536 -2.94 -6.66 -19.57
CA LEU H 536 -2.68 -6.50 -20.98
C LEU H 536 -1.40 -7.23 -21.32
N VAL H 537 -1.47 -8.24 -22.17
CA VAL H 537 -0.34 -9.06 -22.62
C VAL H 537 -0.08 -8.76 -24.08
N SER H 538 1.18 -8.55 -24.47
CA SER H 538 1.51 -8.17 -25.84
C SER H 538 2.87 -8.64 -26.31
N ASP H 539 3.03 -8.82 -27.61
CA ASP H 539 4.30 -9.11 -28.26
C ASP H 539 4.35 -8.45 -29.63
N SER H 540 5.54 -8.18 -30.17
CA SER H 540 5.67 -7.50 -31.45
C SER H 540 6.90 -7.93 -32.24
N VAL H 541 6.78 -7.91 -33.56
CA VAL H 541 7.79 -8.39 -34.50
C VAL H 541 7.90 -7.51 -35.74
N TRP H 542 9.11 -7.19 -36.15
CA TRP H 542 9.39 -6.52 -37.41
C TRP H 542 9.28 -7.47 -38.60
N LEU H 543 8.74 -6.97 -39.71
CA LEU H 543 8.60 -7.66 -40.99
C LEU H 543 9.31 -6.85 -42.07
N ASN H 544 10.33 -7.41 -42.71
CA ASN H 544 10.88 -6.82 -43.90
C ASN H 544 9.97 -7.14 -45.09
N ILE H 545 9.62 -6.16 -45.90
CA ILE H 545 8.74 -6.32 -47.07
C ILE H 545 9.49 -5.88 -48.34
N GLU H 546 9.13 -6.45 -49.47
CA GLU H 546 9.75 -6.19 -50.77
C GLU H 546 9.63 -4.73 -51.22
N GLU H 547 10.74 -4.14 -51.69
CA GLU H 547 10.84 -2.77 -52.20
C GLU H 547 10.24 -2.61 -53.61
N LYS H 548 8.92 -2.78 -53.71
CA LYS H 548 8.14 -2.66 -54.96
C LYS H 548 7.16 -1.50 -54.87
N CYS H 549 7.13 -0.65 -55.90
CA CYS H 549 6.25 0.51 -55.99
C CYS H 549 4.81 0.14 -56.38
N GLY H 550 3.85 1.03 -56.14
CA GLY H 550 2.47 0.88 -56.62
C GLY H 550 2.27 1.38 -58.06
N ASN H 551 2.99 2.42 -58.47
CA ASN H 551 2.95 2.96 -59.84
C ASN H 551 3.61 2.01 -60.85
N GLN H 552 4.57 1.21 -60.38
CA GLN H 552 5.39 0.26 -61.14
C GLN H 552 6.04 0.89 -62.37
N LEU H 553 6.44 2.16 -62.27
CA LEU H 553 6.88 2.93 -63.43
C LEU H 553 8.13 2.31 -64.04
N GLN H 554 8.10 2.12 -65.36
CA GLN H 554 9.17 1.48 -66.12
C GLN H 554 9.47 2.25 -67.39
N VAL H 555 10.75 2.32 -67.73
CA VAL H 555 11.30 3.18 -68.76
C VAL H 555 12.24 2.37 -69.65
N HIS H 556 12.19 2.60 -70.96
CA HIS H 556 13.17 2.09 -71.91
C HIS H 556 13.26 3.01 -73.12
N LEU H 557 14.44 3.09 -73.74
CA LEU H 557 14.52 3.56 -75.12
C LEU H 557 13.90 2.51 -76.03
N SER H 558 12.87 2.86 -76.81
CA SER H 558 12.13 1.89 -77.63
C SER H 558 12.90 1.36 -78.85
N PRO H 559 13.83 2.08 -79.50
CA PRO H 559 14.76 1.50 -80.47
C PRO H 559 15.84 0.72 -79.72
N ASP H 560 15.52 -0.47 -79.23
CA ASP H 560 16.43 -1.27 -78.39
C ASP H 560 17.72 -1.62 -79.15
N ALA H 561 18.87 -1.24 -78.62
CA ALA H 561 20.16 -1.34 -79.30
C ALA H 561 21.31 -1.56 -78.33
N ASP H 562 22.39 -2.19 -78.79
CA ASP H 562 23.62 -2.33 -78.03
C ASP H 562 24.24 -0.95 -77.77
N ALA H 563 24.40 -0.16 -78.83
CA ALA H 563 24.86 1.21 -78.77
C ALA H 563 24.16 2.08 -79.81
N TYR H 564 23.95 3.34 -79.44
CA TYR H 564 23.48 4.42 -80.30
C TYR H 564 24.67 5.25 -80.78
N SER H 565 24.43 6.33 -81.53
CA SER H 565 25.48 7.08 -82.24
C SER H 565 25.34 8.59 -82.08
N PRO H 566 26.40 9.39 -82.26
CA PRO H 566 26.35 10.82 -82.01
C PRO H 566 25.24 11.52 -82.77
N GLY H 567 24.48 12.36 -82.08
CA GLY H 567 23.38 13.14 -82.67
C GLY H 567 22.12 12.34 -83.00
N GLN H 568 22.09 11.05 -82.69
CA GLN H 568 20.97 10.19 -83.06
C GLN H 568 19.65 10.59 -82.40
N THR H 569 18.59 10.72 -83.20
CA THR H 569 17.22 10.78 -82.68
C THR H 569 16.81 9.41 -82.16
N VAL H 570 16.27 9.37 -80.96
CA VAL H 570 15.82 8.15 -80.29
C VAL H 570 14.49 8.42 -79.59
N SER H 571 13.70 7.38 -79.33
CA SER H 571 12.42 7.48 -78.65
C SER H 571 12.49 6.81 -77.28
N LEU H 572 12.01 7.49 -76.25
CA LEU H 572 11.97 7.00 -74.87
C LEU H 572 10.53 6.73 -74.48
N ASN H 573 10.26 5.54 -73.98
CA ASN H 573 8.93 5.08 -73.62
C ASN H 573 8.82 4.97 -72.11
N MET H 574 7.79 5.61 -71.55
CA MET H 574 7.40 5.51 -70.16
C MET H 574 6.10 4.72 -70.09
N ALA H 575 6.10 3.64 -69.34
CA ALA H 575 4.92 2.83 -69.06
C ALA H 575 4.66 2.79 -67.55
N THR H 576 3.40 2.72 -67.13
CA THR H 576 3.03 2.83 -65.72
C THR H 576 1.73 2.10 -65.47
N GLY H 577 1.57 1.49 -64.30
CA GLY H 577 0.38 0.68 -63.98
C GLY H 577 -0.87 1.48 -63.65
N MET H 578 -0.72 2.80 -63.49
CA MET H 578 -1.75 3.77 -63.13
C MET H 578 -1.44 5.09 -63.81
N ASP H 579 -2.41 5.98 -63.92
CA ASP H 579 -2.18 7.36 -64.33
C ASP H 579 -1.18 8.02 -63.38
N SER H 580 -0.11 8.61 -63.90
CA SER H 580 1.00 9.08 -63.07
C SER H 580 1.67 10.28 -63.67
N TRP H 581 2.26 11.11 -62.82
CA TRP H 581 3.29 12.03 -63.24
C TRP H 581 4.61 11.30 -63.29
N VAL H 582 5.55 11.84 -64.03
CA VAL H 582 6.91 11.33 -64.10
C VAL H 582 7.84 12.50 -64.32
N ALA H 583 9.02 12.40 -63.75
CA ALA H 583 10.09 13.34 -63.92
C ALA H 583 11.28 12.60 -64.47
N LEU H 584 12.02 13.22 -65.37
CA LEU H 584 13.16 12.64 -66.02
C LEU H 584 14.38 13.50 -65.73
N ALA H 585 15.53 12.85 -65.70
CA ALA H 585 16.81 13.51 -65.77
C ALA H 585 17.78 12.62 -66.50
N ALA H 586 18.72 13.24 -67.19
CA ALA H 586 19.82 12.55 -67.83
C ALA H 586 21.13 13.13 -67.34
N VAL H 587 22.11 12.27 -67.09
CA VAL H 587 23.46 12.65 -66.68
C VAL H 587 24.49 11.83 -67.43
N ASP H 588 25.59 12.45 -67.82
CA ASP H 588 26.72 11.72 -68.37
C ASP H 588 27.37 10.95 -67.23
N SER H 589 27.60 9.65 -67.38
CA SER H 589 28.20 8.86 -66.30
C SER H 589 29.55 9.41 -65.84
N ALA H 590 30.25 10.15 -66.67
CA ALA H 590 31.49 10.80 -66.27
C ALA H 590 31.27 11.81 -65.15
N VAL H 591 30.08 12.38 -65.00
CA VAL H 591 29.72 13.29 -63.91
C VAL H 591 29.89 12.61 -62.57
N TYR H 592 29.40 11.38 -62.41
CA TYR H 592 29.57 10.66 -61.17
C TYR H 592 31.02 10.27 -60.90
N GLY H 593 31.92 10.48 -61.86
CA GLY H 593 33.34 10.24 -61.70
C GLY H 593 34.11 11.43 -61.11
N VAL H 594 33.50 12.60 -60.96
CA VAL H 594 34.19 13.76 -60.36
C VAL H 594 34.15 13.69 -58.83
N GLN H 595 32.97 13.58 -58.23
CA GLN H 595 32.85 13.47 -56.79
C GLN H 595 33.11 12.03 -56.38
N ARG H 596 34.28 11.76 -55.79
CA ARG H 596 34.70 10.41 -55.40
C ARG H 596 33.65 9.74 -54.52
N GLY H 597 33.11 8.62 -54.98
CA GLY H 597 32.15 7.82 -54.23
C GLY H 597 30.75 8.41 -54.14
N ALA H 598 30.40 9.38 -54.98
CA ALA H 598 29.06 9.98 -55.01
C ALA H 598 27.93 8.94 -55.21
N LYS H 599 26.80 9.21 -54.56
CA LYS H 599 25.55 8.44 -54.68
C LYS H 599 24.87 8.62 -56.04
N LYS H 600 23.86 7.79 -56.31
CA LYS H 600 22.79 8.18 -57.24
C LYS H 600 21.94 9.25 -56.55
N PRO H 601 21.41 10.28 -57.24
CA PRO H 601 20.77 11.41 -56.59
C PRO H 601 19.57 11.08 -55.69
N LEU H 602 18.83 10.03 -56.02
CA LEU H 602 17.70 9.55 -55.23
C LEU H 602 17.98 8.17 -54.64
N GLU H 603 19.25 7.90 -54.29
CA GLU H 603 19.66 6.63 -53.70
C GLU H 603 18.97 6.32 -52.36
N ARG H 604 18.44 5.11 -52.22
CA ARG H 604 17.79 4.62 -51.00
C ARG H 604 16.61 5.45 -50.53
N VAL H 605 15.76 5.86 -51.48
CA VAL H 605 14.47 6.51 -51.22
C VAL H 605 13.60 5.74 -50.22
N PHE H 606 13.57 4.40 -50.30
CA PHE H 606 12.80 3.57 -49.37
C PHE H 606 13.38 3.55 -47.97
N GLN H 607 14.68 3.78 -47.79
CA GLN H 607 15.30 3.89 -46.47
C GLN H 607 14.82 5.15 -45.77
N PHE H 608 14.87 6.29 -46.46
CA PHE H 608 14.49 7.58 -45.88
C PHE H 608 13.00 7.57 -45.54
N LEU H 609 12.19 6.99 -46.41
CA LEU H 609 10.77 6.73 -46.19
C LEU H 609 10.50 5.78 -45.01
N GLU H 610 11.48 4.96 -44.59
CA GLU H 610 11.38 4.07 -43.43
C GLU H 610 11.59 4.81 -42.10
N LYS H 611 12.29 5.96 -42.08
CA LYS H 611 12.58 6.74 -40.86
C LYS H 611 11.33 7.22 -40.14
N SER H 612 10.18 7.20 -40.80
CA SER H 612 8.89 7.52 -40.21
C SER H 612 8.30 6.40 -39.35
N ASP H 613 8.97 5.28 -39.13
CA ASP H 613 8.58 4.35 -38.07
C ASP H 613 8.84 4.96 -36.69
N LEU H 614 7.79 5.10 -35.88
CA LEU H 614 7.84 5.65 -34.53
C LEU H 614 8.41 4.67 -33.49
N GLY H 615 8.41 3.38 -33.78
CA GLY H 615 9.07 2.37 -32.96
C GLY H 615 10.55 2.27 -33.26
N CYS H 616 11.26 1.40 -32.54
CA CYS H 616 12.57 0.95 -32.99
C CYS H 616 12.98 -0.42 -32.46
N GLY H 617 13.98 -1.02 -33.12
CA GLY H 617 14.45 -2.38 -32.91
C GLY H 617 13.61 -3.45 -33.59
N ALA H 618 13.99 -4.71 -33.44
CA ALA H 618 13.38 -5.82 -34.14
C ALA H 618 12.08 -6.32 -33.50
N GLY H 619 11.78 -5.97 -32.26
CA GLY H 619 10.57 -6.43 -31.59
C GLY H 619 10.74 -6.64 -30.10
N GLY H 620 9.80 -7.35 -29.50
CA GLY H 620 9.83 -7.72 -28.08
C GLY H 620 9.75 -6.55 -27.11
N GLY H 621 9.98 -6.83 -25.83
CA GLY H 621 10.05 -5.81 -24.78
C GLY H 621 10.08 -6.38 -23.37
N LEU H 622 10.59 -5.62 -22.41
CA LEU H 622 10.67 -5.99 -21.00
C LEU H 622 9.32 -6.22 -20.33
N ASN H 623 8.25 -5.63 -20.84
CA ASN H 623 6.90 -5.67 -20.30
C ASN H 623 5.93 -5.15 -21.37
N ASN H 624 4.62 -5.24 -21.18
CA ASN H 624 3.62 -4.71 -22.12
C ASN H 624 3.92 -3.26 -22.54
N ALA H 625 4.12 -2.38 -21.59
CA ALA H 625 4.48 -1.01 -21.86
C ALA H 625 5.69 -0.90 -22.78
N ASN H 626 6.73 -1.69 -22.54
CA ASN H 626 7.93 -1.62 -23.34
C ASN H 626 7.70 -2.18 -24.75
N VAL H 627 6.85 -3.20 -24.91
CA VAL H 627 6.49 -3.76 -26.22
C VAL H 627 5.77 -2.73 -27.09
N PHE H 628 4.71 -2.11 -26.59
CA PHE H 628 4.01 -1.07 -27.33
C PHE H 628 4.91 0.12 -27.58
N HIS H 629 5.72 0.52 -26.62
CA HIS H 629 6.60 1.64 -26.83
C HIS H 629 7.62 1.38 -27.91
N LEU H 630 8.32 0.24 -27.87
CA LEU H 630 9.29 -0.11 -28.90
C LEU H 630 8.61 -0.34 -30.26
N ALA H 631 7.33 -0.69 -30.28
CA ALA H 631 6.54 -0.75 -31.50
C ALA H 631 6.10 0.63 -32.05
N GLY H 632 6.37 1.73 -31.35
CA GLY H 632 5.96 3.06 -31.78
C GLY H 632 4.52 3.42 -31.43
N LEU H 633 3.86 2.66 -30.55
CA LEU H 633 2.53 2.97 -30.08
C LEU H 633 2.50 3.50 -28.65
N THR H 634 1.35 3.98 -28.26
CA THR H 634 0.95 4.27 -26.90
C THR H 634 -0.51 3.90 -26.73
N PHE H 635 -0.94 3.63 -25.51
CA PHE H 635 -2.27 3.11 -25.24
C PHE H 635 -2.91 3.73 -24.01
N LEU H 636 -4.23 3.66 -23.95
CA LEU H 636 -5.06 3.95 -22.79
C LEU H 636 -5.74 2.64 -22.45
N THR H 637 -5.63 2.17 -21.23
CA THR H 637 -6.33 0.98 -20.80
C THR H 637 -6.61 1.06 -19.33
N ASN H 638 -7.68 0.45 -18.86
CA ASN H 638 -7.85 0.26 -17.45
C ASN H 638 -7.13 -0.98 -16.92
N ALA H 639 -6.65 -1.90 -17.75
CA ALA H 639 -6.00 -3.14 -17.33
C ALA H 639 -4.53 -2.95 -16.90
N ASN H 640 -4.31 -2.04 -15.97
CA ASN H 640 -3.14 -1.99 -15.12
C ASN H 640 -1.80 -1.83 -15.83
N ALA H 641 -1.71 -0.96 -16.82
CA ALA H 641 -0.43 -0.51 -17.35
C ALA H 641 -0.53 0.93 -17.85
N ASP H 642 0.58 1.65 -17.91
CA ASP H 642 0.66 2.91 -18.65
C ASP H 642 2.07 3.20 -19.10
N ASP H 643 2.27 3.26 -20.41
CA ASP H 643 3.56 3.55 -21.04
C ASP H 643 4.12 4.92 -20.66
N SER H 644 3.37 5.76 -19.95
CA SER H 644 3.90 6.95 -19.28
C SER H 644 5.09 6.63 -18.37
N GLN H 645 5.26 5.37 -18.01
CA GLN H 645 6.45 5.09 -17.18
C GLN H 645 7.71 4.96 -18.04
N GLU H 646 7.62 5.17 -19.35
CA GLU H 646 8.77 5.01 -20.23
C GLU H 646 9.02 6.24 -21.08
N ASN H 647 10.29 6.46 -21.43
CA ASN H 647 10.77 7.65 -22.12
C ASN H 647 11.87 7.29 -23.12
N ASP H 648 11.96 8.06 -24.19
CA ASP H 648 12.79 7.62 -25.35
C ASP H 648 14.29 7.68 -25.15
N GLU H 649 14.96 6.95 -26.03
CA GLU H 649 16.40 6.97 -26.28
C GLU H 649 16.64 7.26 -27.77
N PRO H 650 17.78 7.88 -28.15
CA PRO H 650 18.15 8.14 -29.54
C PRO H 650 18.59 6.84 -30.23
N CYS H 651 17.62 6.04 -30.64
CA CYS H 651 17.77 4.61 -30.90
C CYS H 651 18.72 4.25 -32.05
N LYS H 652 19.37 3.08 -31.95
CA LYS H 652 20.38 2.58 -32.91
C LYS H 652 20.38 1.07 -33.12
N GLU H 653 19.31 0.38 -32.78
CA GLU H 653 19.13 -1.04 -33.11
C GLU H 653 18.77 -1.22 -34.60
N ILE H 654 19.49 -2.04 -35.36
CA ILE H 654 19.51 -2.03 -36.83
C ILE H 654 19.12 -3.33 -37.50
N LEU H 655 18.53 -3.23 -38.70
CA LEU H 655 17.64 -4.25 -39.28
C LEU H 655 17.94 -4.64 -40.76
N TYR H 750 28.31 19.62 -79.55
CA TYR H 750 27.30 19.97 -78.56
C TYR H 750 27.76 19.79 -77.10
N PHE H 751 28.03 18.56 -76.68
CA PHE H 751 28.62 18.18 -75.38
C PHE H 751 27.98 18.72 -74.09
N PRO H 752 26.78 18.27 -73.69
CA PRO H 752 26.21 18.55 -72.38
C PRO H 752 26.83 17.72 -71.26
N GLU H 753 26.70 18.18 -70.00
CA GLU H 753 26.86 17.31 -68.82
C GLU H 753 25.54 16.67 -68.36
N SER H 754 24.41 17.28 -68.67
CA SER H 754 23.09 16.80 -68.26
C SER H 754 22.04 17.34 -69.21
N TRP H 755 20.86 16.72 -69.28
CA TRP H 755 19.71 17.17 -70.08
C TRP H 755 18.46 16.40 -69.68
N LEU H 756 17.42 16.39 -70.52
CA LEU H 756 16.15 15.69 -70.32
C LEU H 756 15.43 16.10 -69.03
N TRP H 757 15.75 17.27 -68.48
CA TRP H 757 15.25 17.73 -67.20
C TRP H 757 13.80 18.18 -67.32
N GLU H 758 12.87 17.25 -67.24
CA GLU H 758 11.49 17.45 -67.67
C GLU H 758 10.50 16.71 -66.78
N VAL H 759 9.25 17.16 -66.77
CA VAL H 759 8.15 16.56 -66.03
C VAL H 759 6.97 16.40 -66.96
N HIS H 760 6.32 15.24 -66.94
CA HIS H 760 5.26 14.83 -67.86
C HIS H 760 4.15 14.09 -67.14
N LEU H 761 2.91 14.25 -67.57
CA LEU H 761 1.88 13.27 -67.24
C LEU H 761 2.07 12.06 -68.17
N VAL H 762 2.14 10.86 -67.63
CA VAL H 762 2.10 9.61 -68.39
C VAL H 762 0.72 8.97 -68.16
N PRO H 763 -0.22 9.09 -69.10
CA PRO H 763 -1.52 8.42 -69.03
C PRO H 763 -1.38 6.93 -69.38
N ARG H 764 -0.76 6.18 -68.46
CA ARG H 764 -0.41 4.74 -68.53
C ARG H 764 0.63 4.36 -69.59
N ARG H 765 0.68 5.04 -70.73
CA ARG H 765 1.79 5.00 -71.71
C ARG H 765 2.07 6.39 -72.25
N LYS H 766 3.35 6.75 -72.43
CA LYS H 766 3.78 7.97 -73.12
C LYS H 766 5.12 7.74 -73.80
N GLN H 767 5.33 8.37 -74.95
CA GLN H 767 6.57 8.28 -75.70
C GLN H 767 7.08 9.68 -76.06
N LEU H 768 8.37 9.92 -75.81
CA LEU H 768 9.09 11.17 -76.05
C LEU H 768 10.13 10.90 -77.12
N GLN H 769 10.46 11.89 -77.94
CA GLN H 769 11.48 11.75 -78.97
C GLN H 769 12.49 12.88 -78.86
N PHE H 770 13.77 12.56 -78.91
CA PHE H 770 14.83 13.54 -78.69
C PHE H 770 16.15 13.10 -79.29
N ALA H 771 17.05 14.05 -79.49
CA ALA H 771 18.39 13.76 -79.94
C ALA H 771 19.28 13.44 -78.76
N LEU H 772 19.90 12.26 -78.76
CA LEU H 772 21.09 12.02 -77.97
C LEU H 772 22.19 13.01 -78.40
N PRO H 773 23.02 13.51 -77.49
CA PRO H 773 24.03 14.49 -77.80
C PRO H 773 25.29 13.88 -78.44
N ASP H 774 26.18 14.74 -78.93
CA ASP H 774 27.49 14.34 -79.48
C ASP H 774 28.43 13.64 -78.49
N SER H 775 28.16 13.67 -77.18
CA SER H 775 29.04 13.08 -76.17
C SER H 775 29.15 11.56 -76.33
N LEU H 776 30.34 11.04 -76.61
CA LEU H 776 30.56 9.59 -76.78
C LEU H 776 30.72 8.89 -75.42
N THR H 777 29.64 8.85 -74.64
CA THR H 777 29.61 8.41 -73.23
C THR H 777 28.26 7.80 -72.88
N THR H 778 28.19 7.01 -71.82
CA THR H 778 26.92 6.45 -71.39
C THR H 778 26.06 7.53 -70.79
N TRP H 779 24.80 7.57 -71.18
CA TRP H 779 23.79 8.45 -70.62
C TRP H 779 22.92 7.63 -69.70
N GLU H 780 22.84 8.07 -68.46
CA GLU H 780 22.02 7.44 -67.45
C GLU H 780 20.74 8.23 -67.32
N ILE H 781 19.62 7.57 -67.54
CA ILE H 781 18.30 8.19 -67.58
C ILE H 781 17.54 7.67 -66.38
N GLN H 782 17.19 8.58 -65.49
CA GLN H 782 16.56 8.29 -64.22
C GLN H 782 15.15 8.84 -64.22
N GLY H 783 14.17 7.98 -63.96
CA GLY H 783 12.76 8.32 -64.00
C GLY H 783 12.13 8.20 -62.63
N VAL H 784 11.58 9.29 -62.12
CA VAL H 784 10.92 9.33 -60.81
C VAL H 784 9.44 9.56 -61.01
N GLY H 785 8.61 8.63 -60.59
CA GLY H 785 7.18 8.67 -60.77
C GLY H 785 6.48 9.09 -59.50
N ILE H 786 5.49 9.96 -59.61
CA ILE H 786 4.71 10.48 -58.49
C ILE H 786 3.23 10.31 -58.81
N SER H 787 2.48 9.67 -57.92
CA SER H 787 1.03 9.54 -58.02
C SER H 787 0.46 9.15 -56.68
N ASN H 788 -0.84 8.89 -56.57
CA ASN H 788 -1.53 8.60 -55.31
C ASN H 788 -0.99 7.37 -54.57
N THR H 789 -0.34 6.42 -55.26
CA THR H 789 0.29 5.28 -54.58
C THR H 789 1.64 5.62 -53.94
N GLY H 790 2.25 6.76 -54.29
CA GLY H 790 3.49 7.25 -53.71
C GLY H 790 4.56 7.57 -54.73
N ILE H 791 5.80 7.65 -54.27
CA ILE H 791 6.99 7.81 -55.09
C ILE H 791 7.46 6.45 -55.61
N CYS H 792 8.00 6.43 -56.82
CA CYS H 792 8.76 5.32 -57.36
C CYS H 792 9.97 5.83 -58.12
N VAL H 793 11.11 5.15 -58.03
CA VAL H 793 12.23 5.39 -58.92
C VAL H 793 12.37 4.16 -59.82
N ALA H 794 12.27 4.36 -61.12
CA ALA H 794 12.43 3.30 -62.11
C ALA H 794 13.89 2.85 -62.18
N ASP H 795 14.14 1.62 -62.64
CA ASP H 795 15.51 1.15 -62.86
C ASP H 795 16.21 2.07 -63.85
N THR H 796 17.40 2.58 -63.52
CA THR H 796 18.10 3.56 -64.36
C THR H 796 18.46 2.95 -65.71
N VAL H 797 17.92 3.50 -66.78
CA VAL H 797 18.23 3.11 -68.16
C VAL H 797 19.60 3.65 -68.53
N LYS H 798 20.50 2.81 -69.04
CA LYS H 798 21.78 3.24 -69.62
C LYS H 798 21.72 3.13 -71.14
N ALA H 799 22.14 4.17 -71.83
CA ALA H 799 22.25 4.20 -73.28
C ALA H 799 23.67 4.60 -73.67
N LYS H 800 24.39 3.73 -74.36
CA LYS H 800 25.74 4.06 -74.85
C LYS H 800 25.63 4.91 -76.10
N VAL H 801 26.46 5.94 -76.22
CA VAL H 801 26.66 6.69 -77.48
C VAL H 801 28.07 6.41 -77.96
N PHE H 802 28.19 5.80 -79.15
CA PHE H 802 29.44 5.23 -79.64
C PHE H 802 29.54 5.30 -81.17
N LYS H 803 30.78 5.34 -81.68
CA LYS H 803 31.12 5.25 -83.11
C LYS H 803 32.49 4.59 -83.26
N ASP H 804 32.74 3.91 -84.37
CA ASP H 804 33.96 3.13 -84.60
C ASP H 804 35.23 3.98 -84.59
N VAL H 805 35.14 5.23 -85.03
CA VAL H 805 36.27 6.16 -85.02
C VAL H 805 35.79 7.50 -84.51
N PHE H 806 36.53 8.10 -83.57
CA PHE H 806 36.29 9.46 -83.10
C PHE H 806 37.52 10.06 -82.45
N LEU H 807 37.62 11.38 -82.52
CA LEU H 807 38.57 12.15 -81.74
C LEU H 807 37.96 12.45 -80.38
N GLU H 808 38.79 12.46 -79.34
CA GLU H 808 38.48 13.10 -78.07
C GLU H 808 39.66 13.94 -77.63
N MET H 809 39.40 15.06 -76.96
CA MET H 809 40.42 16.06 -76.72
C MET H 809 40.45 16.50 -75.25
N ASN H 810 41.61 16.42 -74.60
CA ASN H 810 41.82 16.91 -73.25
C ASN H 810 42.09 18.42 -73.26
N ILE H 811 41.02 19.20 -73.43
CA ILE H 811 41.02 20.64 -73.25
C ILE H 811 40.85 20.94 -71.76
N PRO H 812 41.80 21.62 -71.10
CA PRO H 812 41.73 21.90 -69.67
C PRO H 812 40.65 22.93 -69.36
N TYR H 813 40.26 23.02 -68.10
CA TYR H 813 39.14 23.86 -67.68
C TYR H 813 39.36 25.37 -67.79
N SER H 814 40.56 25.87 -67.60
CA SER H 814 40.85 27.28 -67.78
C SER H 814 42.33 27.51 -68.05
N VAL H 815 42.69 28.63 -68.65
CA VAL H 815 44.05 28.90 -69.13
C VAL H 815 44.47 30.32 -68.83
N VAL H 816 45.72 30.49 -68.46
CA VAL H 816 46.29 31.80 -68.23
C VAL H 816 46.49 32.48 -69.56
N ARG H 817 45.83 33.61 -69.78
CA ARG H 817 46.06 34.48 -70.94
C ARG H 817 47.56 34.77 -71.10
N GLY H 818 48.09 34.56 -72.30
CA GLY H 818 49.49 34.84 -72.61
C GLY H 818 50.48 33.70 -72.27
N GLU H 819 50.06 32.67 -71.54
CA GLU H 819 50.82 31.41 -71.48
C GLU H 819 50.52 30.56 -72.72
N GLN H 820 51.48 29.76 -73.18
CA GLN H 820 51.29 28.86 -74.33
C GLN H 820 51.29 27.40 -73.91
N ILE H 821 50.23 26.66 -74.25
CA ILE H 821 49.92 25.35 -73.70
C ILE H 821 49.77 24.30 -74.79
N GLN H 822 50.03 23.05 -74.43
CA GLN H 822 49.71 21.89 -75.26
C GLN H 822 48.29 21.45 -74.93
N LEU H 823 47.36 21.59 -75.86
CA LEU H 823 46.13 20.81 -75.86
C LEU H 823 46.50 19.42 -76.43
N LYS H 824 46.11 18.34 -75.77
CA LYS H 824 46.38 16.97 -76.25
C LYS H 824 45.13 16.12 -76.17
N GLY H 825 45.09 15.06 -76.95
CA GLY H 825 43.94 14.16 -77.01
C GLY H 825 44.32 12.89 -77.75
N THR H 826 43.35 12.17 -78.28
CA THR H 826 43.67 11.02 -79.10
C THR H 826 42.55 10.66 -80.07
N VAL H 827 42.92 10.17 -81.25
CA VAL H 827 41.95 9.50 -82.11
C VAL H 827 41.83 8.06 -81.65
N TYR H 828 40.62 7.64 -81.33
CA TYR H 828 40.28 6.24 -81.13
C TYR H 828 39.90 5.56 -82.44
N ASN H 829 40.34 4.32 -82.61
CA ASN H 829 39.97 3.43 -83.69
C ASN H 829 39.51 2.09 -83.15
N TYR H 830 38.20 1.89 -83.11
CA TYR H 830 37.57 0.62 -82.77
C TYR H 830 37.03 -0.12 -84.02
N ARG H 831 37.48 0.24 -85.23
CA ARG H 831 37.43 -0.67 -86.39
C ARG H 831 38.34 -1.87 -86.13
N THR H 832 38.04 -3.00 -86.75
CA THR H 832 38.97 -4.14 -86.78
C THR H 832 40.19 -3.82 -87.63
N SER H 833 40.02 -3.02 -88.69
CA SER H 833 41.11 -2.57 -89.54
C SER H 833 41.90 -1.43 -88.91
N GLY H 834 43.15 -1.27 -89.31
CA GLY H 834 43.82 0.02 -89.23
C GLY H 834 43.22 1.05 -90.19
N MET H 835 43.79 2.26 -90.19
CA MET H 835 43.49 3.35 -91.13
C MET H 835 44.63 4.37 -91.14
N GLN H 836 44.67 5.26 -92.13
CA GLN H 836 45.33 6.56 -92.00
C GLN H 836 44.28 7.63 -91.71
N PHE H 837 44.61 8.56 -90.83
CA PHE H 837 43.70 9.59 -90.35
C PHE H 837 44.41 10.94 -90.36
N CYS H 838 43.64 12.02 -90.29
CA CYS H 838 44.20 13.31 -89.96
C CYS H 838 43.37 14.01 -88.89
N VAL H 839 43.94 15.05 -88.30
CA VAL H 839 43.22 15.95 -87.43
C VAL H 839 43.71 17.37 -87.71
N LYS H 840 42.81 18.33 -87.71
CA LYS H 840 43.09 19.73 -87.94
C LYS H 840 42.36 20.57 -86.92
N MET H 841 42.93 21.71 -86.52
CA MET H 841 42.40 22.60 -85.48
C MET H 841 42.01 23.94 -86.11
N SER H 842 40.75 24.34 -85.97
CA SER H 842 40.26 25.67 -86.38
C SER H 842 40.08 26.52 -85.14
N ALA H 843 40.62 27.74 -85.11
CA ALA H 843 40.56 28.62 -83.94
C ALA H 843 40.37 30.10 -84.34
N VAL H 844 39.70 30.85 -83.45
CA VAL H 844 39.53 32.30 -83.55
C VAL H 844 40.86 33.04 -83.48
N GLU H 845 40.89 34.31 -83.87
CA GLU H 845 42.10 35.12 -83.89
C GLU H 845 42.76 35.20 -82.52
N GLY H 846 41.96 35.26 -81.46
CA GLY H 846 42.41 35.38 -80.06
C GLY H 846 43.09 34.14 -79.47
N ILE H 847 43.29 33.06 -80.23
CA ILE H 847 44.00 31.85 -79.77
C ILE H 847 44.96 31.45 -80.86
N CYS H 848 46.18 31.94 -80.78
CA CYS H 848 47.13 31.84 -81.88
C CYS H 848 47.97 30.55 -81.79
N THR H 849 48.57 30.13 -82.92
CA THR H 849 49.34 28.88 -83.01
C THR H 849 50.61 29.01 -83.85
N SER H 850 51.58 28.14 -83.56
CA SER H 850 52.79 27.90 -84.34
C SER H 850 52.48 27.21 -85.68
N GLU H 851 51.45 26.37 -85.73
CA GLU H 851 51.18 25.49 -86.87
C GLU H 851 50.75 26.24 -88.15
N SER H 852 50.46 27.54 -88.04
CA SER H 852 50.23 28.46 -89.17
C SER H 852 49.18 27.99 -90.22
N PRO H 853 48.00 27.46 -89.82
CA PRO H 853 47.05 26.82 -90.72
C PRO H 853 46.40 27.81 -91.70
N LYS H 864 46.18 18.80 -93.15
CA LYS H 864 47.58 19.13 -93.48
C LYS H 864 48.60 18.47 -92.54
N CYS H 865 48.13 17.60 -91.64
CA CYS H 865 48.97 16.82 -90.72
C CYS H 865 49.77 15.71 -91.43
N VAL H 866 50.48 14.87 -90.67
CA VAL H 866 51.19 13.65 -91.14
C VAL H 866 50.27 12.66 -91.90
N ARG H 867 48.95 12.81 -91.77
CA ARG H 867 47.95 11.83 -92.18
C ARG H 867 48.27 10.45 -91.59
N GLN H 868 48.63 10.47 -90.31
CA GLN H 868 49.26 9.36 -89.61
C GLN H 868 48.42 8.07 -89.64
N LYS H 869 49.07 6.90 -89.59
CA LYS H 869 48.41 5.60 -89.51
C LYS H 869 48.08 5.20 -88.07
N VAL H 870 47.02 4.41 -87.88
CA VAL H 870 46.68 3.76 -86.59
C VAL H 870 46.19 2.33 -86.80
N GLU H 871 46.40 1.48 -85.80
CA GLU H 871 45.90 0.11 -85.81
C GLU H 871 44.41 0.05 -85.45
N GLY H 872 43.76 -1.06 -85.78
CA GLY H 872 42.44 -1.39 -85.28
C GLY H 872 42.47 -1.61 -83.78
N SER H 873 41.32 -1.48 -83.13
CA SER H 873 41.18 -1.58 -81.66
C SER H 873 42.25 -0.80 -80.87
N SER H 874 42.65 0.38 -81.36
CA SER H 874 43.83 1.13 -80.90
C SER H 874 43.61 2.65 -80.93
N SER H 875 44.58 3.43 -80.44
CA SER H 875 44.47 4.90 -80.41
C SER H 875 45.83 5.57 -80.49
N HIS H 876 45.88 6.84 -80.88
CA HIS H 876 47.14 7.53 -81.08
C HIS H 876 47.09 8.96 -80.55
N LEU H 877 48.16 9.38 -79.90
CA LEU H 877 48.24 10.70 -79.29
C LEU H 877 48.06 11.80 -80.33
N VAL H 878 47.31 12.83 -79.98
CA VAL H 878 47.08 14.05 -80.76
C VAL H 878 47.63 15.21 -79.98
N THR H 879 48.40 16.09 -80.62
CA THR H 879 49.04 17.23 -79.95
C THR H 879 48.87 18.54 -80.72
N PHE H 880 48.39 19.58 -80.05
CA PHE H 880 48.24 20.92 -80.59
C PHE H 880 48.73 21.96 -79.61
N THR H 881 49.41 22.99 -80.10
CA THR H 881 50.05 24.01 -79.26
C THR H 881 49.52 25.40 -79.59
N VAL H 882 49.07 26.12 -78.57
CA VAL H 882 48.37 27.41 -78.71
C VAL H 882 48.72 28.36 -77.58
N LEU H 883 48.62 29.66 -77.82
CA LEU H 883 48.70 30.70 -76.80
C LEU H 883 47.38 31.45 -76.80
N PRO H 884 46.55 31.34 -75.76
CA PRO H 884 45.32 32.10 -75.70
C PRO H 884 45.65 33.54 -75.39
N LEU H 885 45.48 34.38 -76.38
CA LEU H 885 45.91 35.77 -76.38
C LEU H 885 44.85 36.67 -75.76
N GLU H 886 43.58 36.27 -75.76
CA GLU H 886 42.48 37.05 -75.20
C GLU H 886 41.63 36.26 -74.20
N ILE H 887 41.14 36.92 -73.13
CA ILE H 887 40.31 36.21 -72.10
C ILE H 887 38.86 36.06 -72.60
N GLY H 888 38.06 35.28 -71.84
CA GLY H 888 36.68 34.92 -72.14
C GLY H 888 36.52 33.46 -72.59
N LEU H 889 35.43 33.17 -73.32
CA LEU H 889 35.16 31.86 -73.92
C LEU H 889 35.35 31.94 -75.44
N HIS H 890 36.01 30.96 -76.02
CA HIS H 890 36.33 30.94 -77.45
C HIS H 890 36.06 29.59 -78.07
N ASN H 891 35.60 29.51 -79.31
CA ASN H 891 35.54 28.22 -79.99
C ASN H 891 36.92 27.80 -80.51
N ILE H 892 37.22 26.53 -80.37
CA ILE H 892 38.25 25.85 -81.13
C ILE H 892 37.58 24.57 -81.64
N ASN H 893 37.71 24.38 -82.95
CA ASN H 893 37.15 23.25 -83.69
C ASN H 893 38.27 22.32 -84.12
N PHE H 894 38.28 21.11 -83.61
CA PHE H 894 39.15 20.07 -84.11
C PHE H 894 38.35 19.17 -85.03
N SER H 895 38.84 18.88 -86.22
CA SER H 895 38.12 18.05 -87.20
C SER H 895 39.00 16.93 -87.72
N LEU H 896 38.39 15.78 -87.98
CA LEU H 896 39.09 14.55 -88.38
C LEU H 896 39.30 14.42 -89.91
N GLU H 897 38.38 14.92 -90.73
CA GLU H 897 38.48 14.89 -92.21
C GLU H 897 39.01 13.54 -92.76
N THR H 898 38.38 12.45 -92.34
CA THR H 898 38.85 11.07 -92.54
C THR H 898 37.68 10.15 -92.89
N TRP H 899 37.95 8.96 -93.42
CA TRP H 899 36.96 7.95 -93.83
C TRP H 899 35.96 7.62 -92.72
N PHE H 900 34.82 7.04 -93.12
CA PHE H 900 33.64 6.84 -92.25
C PHE H 900 32.94 8.13 -91.81
N GLY H 901 33.07 9.19 -92.63
CA GLY H 901 32.35 10.46 -92.52
C GLY H 901 33.11 11.60 -91.82
N LYS H 902 32.70 12.85 -92.11
CA LYS H 902 33.21 14.07 -91.46
C LYS H 902 32.92 14.06 -89.97
N GLU H 903 33.96 14.20 -89.16
CA GLU H 903 33.84 14.42 -87.72
C GLU H 903 34.46 15.76 -87.37
N ILE H 904 33.65 16.63 -86.78
CA ILE H 904 34.05 17.89 -86.19
C ILE H 904 33.73 17.91 -84.70
N LEU H 905 34.75 18.10 -83.85
CA LEU H 905 34.57 18.46 -82.45
C LEU H 905 34.32 19.95 -82.36
N VAL H 906 33.09 20.32 -82.03
CA VAL H 906 32.71 21.70 -81.70
C VAL H 906 33.00 21.94 -80.23
N LYS H 907 34.13 22.59 -79.92
CA LYS H 907 34.69 22.70 -78.57
C LYS H 907 35.03 24.14 -78.18
N THR H 908 35.08 24.44 -76.88
CA THR H 908 35.27 25.81 -76.34
C THR H 908 36.25 25.91 -75.16
N LEU H 909 37.17 26.88 -75.21
CA LEU H 909 38.20 27.10 -74.20
C LEU H 909 37.88 28.37 -73.38
N ARG H 910 38.09 28.32 -72.05
CA ARG H 910 37.99 29.46 -71.12
C ARG H 910 39.35 30.04 -70.82
N VAL H 911 39.47 31.36 -70.75
CA VAL H 911 40.75 32.05 -70.52
C VAL H 911 40.60 33.13 -69.47
N VAL H 912 41.56 33.18 -68.54
CA VAL H 912 41.57 34.02 -67.32
C VAL H 912 42.94 34.67 -67.12
N PRO H 913 43.05 35.76 -66.36
CA PRO H 913 44.24 36.62 -66.42
C PRO H 913 45.47 36.17 -65.62
N GLU H 914 46.63 36.62 -66.08
CA GLU H 914 47.96 36.34 -65.53
C GLU H 914 48.28 37.21 -64.29
N GLY H 915 47.60 36.94 -63.16
CA GLY H 915 47.92 37.60 -61.89
C GLY H 915 47.19 36.99 -60.69
N VAL H 916 47.68 37.29 -59.49
CA VAL H 916 47.08 36.78 -58.25
C VAL H 916 45.73 37.43 -58.02
N LYS H 917 44.72 36.61 -57.72
CA LYS H 917 43.39 37.05 -57.30
C LYS H 917 43.46 37.63 -55.88
N ARG H 918 43.17 38.91 -55.72
CA ARG H 918 42.98 39.58 -54.41
C ARG H 918 41.54 40.05 -54.29
N GLU H 919 40.89 39.72 -53.18
CA GLU H 919 39.51 40.08 -52.91
C GLU H 919 39.46 41.15 -51.82
N SER H 920 38.78 42.27 -52.07
CA SER H 920 38.57 43.34 -51.10
C SER H 920 37.10 43.53 -50.79
N TYR H 921 36.72 43.45 -49.52
CA TYR H 921 35.35 43.63 -49.06
C TYR H 921 35.04 45.07 -48.65
N SER H 922 33.76 45.43 -48.71
CA SER H 922 33.21 46.66 -48.17
C SER H 922 31.78 46.42 -47.74
N GLY H 923 31.21 47.26 -46.90
CA GLY H 923 29.83 47.12 -46.46
C GLY H 923 29.45 48.11 -45.38
N VAL H 924 28.16 48.30 -45.18
CA VAL H 924 27.60 49.13 -44.12
C VAL H 924 26.35 48.50 -43.55
N THR H 925 26.08 48.74 -42.28
CA THR H 925 24.73 48.51 -41.80
C THR H 925 23.88 49.63 -42.35
N LEU H 926 22.66 49.31 -42.73
CA LEU H 926 21.66 50.29 -43.08
C LEU H 926 20.73 50.43 -41.89
N ASP H 927 20.63 51.66 -41.42
CA ASP H 927 19.93 52.05 -40.23
C ASP H 927 19.18 53.35 -40.52
N PRO H 928 17.86 53.29 -40.72
CA PRO H 928 17.01 54.43 -40.98
C PRO H 928 16.52 55.13 -39.70
N ARG H 929 17.03 54.79 -38.51
CA ARG H 929 16.58 55.38 -37.24
C ARG H 929 17.69 55.74 -36.26
N GLY H 930 18.94 55.41 -36.57
CA GLY H 930 20.08 55.73 -35.72
C GLY H 930 20.04 54.96 -34.41
N ILE H 931 19.78 53.67 -34.50
CA ILE H 931 19.79 52.76 -33.36
C ILE H 931 21.22 52.66 -32.88
N TYR H 932 22.16 52.40 -33.79
CA TYR H 932 23.58 52.34 -33.46
C TYR H 932 24.28 53.62 -33.89
N GLY H 933 24.22 54.63 -33.02
CA GLY H 933 24.72 55.97 -33.30
C GLY H 933 23.83 56.73 -34.27
N THR H 934 24.39 57.64 -35.07
CA THR H 934 23.65 58.44 -36.05
C THR H 934 22.84 57.58 -37.03
N ILE H 935 21.71 58.11 -37.50
CA ILE H 935 21.00 57.56 -38.66
C ILE H 935 21.92 57.52 -39.89
N SER H 936 21.85 56.45 -40.68
CA SER H 936 22.64 56.23 -41.89
C SER H 936 21.86 55.30 -42.82
N ARG H 937 21.23 55.87 -43.86
CA ARG H 937 20.29 55.17 -44.75
C ARG H 937 20.64 55.24 -46.24
N ARG H 938 21.87 55.64 -46.53
CA ARG H 938 22.47 55.70 -47.86
C ARG H 938 23.97 55.45 -47.73
N LYS H 939 24.61 54.80 -48.71
CA LYS H 939 26.06 54.67 -48.83
C LYS H 939 26.45 54.57 -50.30
N GLU H 940 27.64 55.04 -50.63
CA GLU H 940 28.09 55.29 -51.98
C GLU H 940 29.46 54.62 -52.19
N PHE H 941 29.44 53.37 -52.63
CA PHE H 941 30.60 52.51 -52.72
C PHE H 941 31.49 52.88 -53.93
N PRO H 942 32.73 53.33 -53.71
CA PRO H 942 33.61 53.81 -54.77
C PRO H 942 33.90 52.79 -55.86
N TYR H 943 33.86 53.23 -57.12
CA TYR H 943 34.46 52.57 -58.27
C TYR H 943 35.97 52.84 -58.33
N ARG H 944 36.68 52.49 -57.25
CA ARG H 944 38.14 52.59 -57.19
C ARG H 944 38.78 51.59 -58.15
N ILE H 945 39.98 51.93 -58.63
CA ILE H 945 40.78 51.10 -59.53
C ILE H 945 42.24 51.16 -59.04
N PRO H 946 42.75 50.10 -58.40
CA PRO H 946 44.13 50.03 -57.91
C PRO H 946 45.18 50.10 -59.02
N LEU H 947 46.45 50.27 -58.64
CA LEU H 947 47.56 50.47 -59.59
C LEU H 947 48.02 49.21 -60.31
N ASP H 948 47.97 48.05 -59.64
CA ASP H 948 48.74 46.85 -60.03
C ASP H 948 48.11 46.00 -61.16
N LEU H 949 46.98 46.44 -61.69
CA LEU H 949 46.01 45.66 -62.46
C LEU H 949 46.62 44.93 -63.66
N VAL H 950 46.24 43.66 -63.90
CA VAL H 950 46.71 42.90 -65.08
C VAL H 950 46.18 43.57 -66.35
N PRO H 951 47.04 43.98 -67.30
CA PRO H 951 46.78 45.10 -68.21
C PRO H 951 45.37 45.31 -68.74
N LYS H 952 44.77 44.33 -69.44
CA LYS H 952 43.44 44.54 -70.05
C LYS H 952 42.27 44.04 -69.20
N THR H 953 42.49 43.60 -67.97
CA THR H 953 41.44 42.90 -67.20
C THR H 953 40.24 43.76 -66.84
N GLU H 954 39.11 43.10 -66.57
CA GLU H 954 37.89 43.73 -66.05
C GLU H 954 37.73 43.43 -64.55
N ILE H 955 37.56 44.47 -63.72
CA ILE H 955 37.31 44.34 -62.27
C ILE H 955 35.85 43.91 -62.06
N LYS H 956 35.60 43.06 -61.06
CA LYS H 956 34.28 42.48 -60.80
C LYS H 956 33.81 42.83 -59.41
N ARG H 957 32.50 43.03 -59.25
CA ARG H 957 31.87 43.36 -57.95
C ARG H 957 30.57 42.60 -57.76
N ILE H 958 30.31 42.13 -56.54
CA ILE H 958 29.14 41.34 -56.21
C ILE H 958 28.54 41.88 -54.92
N LEU H 959 27.22 42.11 -54.85
CA LEU H 959 26.59 42.75 -53.69
C LEU H 959 25.44 41.91 -53.16
N SER H 960 25.32 41.77 -51.84
CA SER H 960 24.27 40.96 -51.21
C SER H 960 23.87 41.50 -49.83
N VAL H 961 22.68 41.15 -49.36
CA VAL H 961 22.07 41.77 -48.19
C VAL H 961 21.62 40.75 -47.15
N LYS H 962 21.97 41.03 -45.89
CA LYS H 962 21.65 40.26 -44.70
C LYS H 962 20.69 41.07 -43.86
N GLY H 963 19.44 40.64 -43.76
CA GLY H 963 18.51 41.24 -42.82
C GLY H 963 18.78 40.71 -41.43
N LEU H 964 19.12 41.57 -40.47
CA LEU H 964 19.40 41.13 -39.11
C LEU H 964 18.07 41.06 -38.32
N LEU H 965 17.42 39.89 -38.30
CA LEU H 965 16.15 39.71 -37.59
C LEU H 965 16.26 39.98 -36.09
N VAL H 966 15.13 40.26 -35.43
CA VAL H 966 15.12 40.74 -34.05
C VAL H 966 15.50 39.65 -33.05
N GLY H 967 15.11 38.42 -33.30
CA GLY H 967 15.14 37.34 -32.30
C GLY H 967 13.87 37.35 -31.46
N GLU H 968 13.84 36.57 -30.38
CA GLU H 968 12.64 36.44 -29.57
C GLU H 968 12.29 37.74 -28.83
N ILE H 969 11.01 38.11 -28.88
CA ILE H 969 10.44 39.28 -28.23
C ILE H 969 9.53 38.77 -27.12
N LEU H 970 9.73 39.25 -25.91
CA LEU H 970 9.07 38.79 -24.70
C LEU H 970 7.94 39.71 -24.31
N SER H 971 6.77 39.16 -24.01
CA SER H 971 5.59 39.95 -23.67
C SER H 971 5.71 40.54 -22.27
N ALA H 972 5.55 41.85 -22.13
CA ALA H 972 5.45 42.52 -20.84
C ALA H 972 4.50 43.71 -20.96
N VAL H 973 3.44 43.74 -20.13
CA VAL H 973 2.36 44.74 -20.22
C VAL H 973 1.83 45.13 -18.86
N LEU H 974 1.30 46.35 -18.75
CA LEU H 974 0.46 46.77 -17.63
C LEU H 974 -0.93 46.17 -17.79
N SER H 975 -1.60 45.87 -16.69
CA SER H 975 -2.94 45.29 -16.73
C SER H 975 -4.02 46.35 -16.96
N GLN H 976 -5.30 45.99 -16.88
CA GLN H 976 -6.38 46.95 -16.59
C GLN H 976 -6.21 47.62 -15.22
N GLU H 977 -5.41 47.03 -14.33
CA GLU H 977 -4.85 47.69 -13.14
C GLU H 977 -4.13 48.99 -13.49
N GLY H 978 -3.76 49.21 -14.76
CA GLY H 978 -3.24 50.47 -15.29
C GLY H 978 -4.14 51.65 -14.99
N ILE H 979 -5.46 51.43 -14.91
CA ILE H 979 -6.45 52.39 -14.40
C ILE H 979 -6.10 52.89 -13.00
N ASN H 980 -5.65 52.03 -12.10
CA ASN H 980 -5.25 52.39 -10.76
C ASN H 980 -3.98 53.23 -10.76
N ILE H 981 -3.10 53.01 -11.73
CA ILE H 981 -1.88 53.83 -11.87
C ILE H 981 -2.25 55.26 -12.26
N LEU H 982 -3.21 55.42 -13.18
CA LEU H 982 -3.72 56.71 -13.67
C LEU H 982 -4.59 57.42 -12.64
N THR H 983 -5.58 56.73 -12.07
CA THR H 983 -6.54 57.27 -11.11
C THR H 983 -5.91 57.30 -9.73
N HIS H 984 -4.78 57.99 -9.64
CA HIS H 984 -3.75 57.70 -8.64
C HIS H 984 -4.23 57.95 -7.22
N LEU H 985 -3.41 57.49 -6.27
CA LEU H 985 -3.59 57.86 -4.88
C LEU H 985 -3.56 59.39 -4.72
N PRO H 986 -4.28 59.93 -3.72
CA PRO H 986 -4.88 61.26 -3.79
C PRO H 986 -3.95 62.47 -3.97
N LYS H 987 -4.57 63.55 -4.44
CA LYS H 987 -4.13 64.92 -4.20
C LYS H 987 -4.07 65.18 -2.68
N GLY H 988 -3.15 66.04 -2.27
CA GLY H 988 -2.89 66.32 -0.87
C GLY H 988 -1.59 67.09 -0.70
N SER H 989 -1.37 67.49 0.55
CA SER H 989 -0.31 68.40 0.97
C SER H 989 1.09 67.86 0.70
N ALA H 990 2.11 68.72 0.83
CA ALA H 990 3.49 68.45 0.43
C ALA H 990 3.57 67.89 -1.00
N GLU H 991 2.57 68.24 -1.82
CA GLU H 991 2.32 67.67 -3.13
C GLU H 991 2.29 66.13 -3.14
N ALA H 992 1.44 65.53 -2.31
CA ALA H 992 0.82 64.27 -2.69
C ALA H 992 0.09 64.43 -4.03
N GLU H 993 -0.34 65.65 -4.36
CA GLU H 993 -0.64 65.98 -5.75
C GLU H 993 0.53 65.64 -6.69
N LEU H 994 1.77 66.07 -6.43
CA LEU H 994 2.91 65.78 -7.29
C LEU H 994 3.05 64.28 -7.45
N MET H 995 3.04 63.55 -6.33
CA MET H 995 3.13 62.10 -6.41
C MET H 995 1.97 61.48 -7.16
N SER H 996 0.81 62.12 -7.20
CA SER H 996 -0.35 61.61 -7.93
C SER H 996 -0.26 61.88 -9.41
N VAL H 997 0.33 63.01 -9.82
CA VAL H 997 0.31 63.42 -11.22
C VAL H 997 1.46 62.83 -12.03
N VAL H 998 2.66 62.64 -11.47
CA VAL H 998 3.76 62.12 -12.28
C VAL H 998 3.45 60.78 -12.93
N PRO H 999 2.77 59.85 -12.26
CA PRO H 999 2.27 58.63 -12.87
C PRO H 999 1.51 58.81 -14.18
N VAL H 1000 0.74 59.89 -14.32
CA VAL H 1000 -0.09 60.09 -15.51
C VAL H 1000 0.78 60.27 -16.74
N PHE H 1001 1.87 61.04 -16.65
CA PHE H 1001 2.70 61.29 -17.82
C PHE H 1001 3.33 60.00 -18.31
N TYR H 1002 3.80 59.17 -17.39
CA TYR H 1002 4.40 57.90 -17.75
C TYR H 1002 3.37 56.94 -18.30
N VAL H 1003 2.21 56.78 -17.66
CA VAL H 1003 1.24 55.83 -18.20
C VAL H 1003 0.79 56.25 -19.58
N PHE H 1004 0.63 57.55 -19.83
CA PHE H 1004 0.26 57.99 -21.16
C PHE H 1004 1.35 57.65 -22.19
N HIS H 1005 2.63 57.85 -21.89
CA HIS H 1005 3.68 57.50 -22.83
C HIS H 1005 3.72 56.00 -23.11
N TYR H 1006 3.48 55.18 -22.09
CA TYR H 1006 3.33 53.75 -22.27
C TYR H 1006 2.15 53.41 -23.18
N LEU H 1007 0.95 53.91 -22.89
CA LEU H 1007 -0.24 53.56 -23.66
C LEU H 1007 -0.13 54.02 -25.12
N GLU H 1008 0.39 55.23 -25.31
CA GLU H 1008 0.68 55.78 -26.62
C GLU H 1008 1.67 54.91 -27.35
N THR H 1009 2.89 54.73 -26.84
CA THR H 1009 3.96 54.18 -27.68
C THR H 1009 3.69 52.74 -28.07
N GLY H 1010 2.90 52.01 -27.27
CA GLY H 1010 2.50 50.64 -27.55
C GLY H 1010 1.14 50.50 -28.20
N ASN H 1011 0.47 51.60 -28.57
CA ASN H 1011 -0.91 51.60 -29.09
C ASN H 1011 -1.86 50.75 -28.22
N HIS H 1012 -1.64 50.73 -26.92
CA HIS H 1012 -2.20 49.70 -26.06
C HIS H 1012 -3.69 49.86 -25.77
N TRP H 1013 -4.35 50.89 -26.28
CA TRP H 1013 -5.82 50.99 -26.21
C TRP H 1013 -6.50 49.75 -26.78
N ASN H 1014 -7.76 49.54 -26.39
CA ASN H 1014 -8.40 48.22 -26.33
C ASN H 1014 -7.88 47.29 -25.22
N ILE H 1015 -7.02 47.74 -24.30
CA ILE H 1015 -6.98 47.12 -22.96
C ILE H 1015 -8.34 47.26 -22.26
N PHE H 1016 -9.05 48.36 -22.53
CA PHE H 1016 -10.42 48.58 -22.12
C PHE H 1016 -11.41 47.90 -23.07
N HIS H 1017 -12.67 47.81 -22.67
CA HIS H 1017 -13.79 47.55 -23.60
C HIS H 1017 -14.21 48.79 -24.42
N SER H 1018 -13.81 49.99 -23.98
CA SER H 1018 -14.15 51.29 -24.57
C SER H 1018 -13.64 51.53 -25.99
N ASP H 1019 -14.18 52.55 -26.66
CA ASP H 1019 -13.62 53.10 -27.89
C ASP H 1019 -12.24 53.75 -27.62
N PRO H 1020 -11.17 53.29 -28.29
CA PRO H 1020 -9.84 53.87 -28.17
C PRO H 1020 -9.77 55.37 -28.35
N LEU H 1021 -10.52 55.92 -29.32
CA LEU H 1021 -10.51 57.36 -29.55
C LEU H 1021 -11.05 58.14 -28.34
N ILE H 1022 -12.10 57.61 -27.70
CA ILE H 1022 -12.66 58.21 -26.50
C ILE H 1022 -11.66 58.18 -25.37
N GLU H 1023 -11.06 57.02 -25.11
CA GLU H 1023 -10.11 56.89 -24.01
C GLU H 1023 -8.89 57.79 -24.21
N LYS H 1024 -8.34 57.85 -25.43
CA LYS H 1024 -7.19 58.70 -25.71
C LYS H 1024 -7.47 60.15 -25.35
N GLN H 1025 -8.59 60.67 -25.84
CA GLN H 1025 -9.05 62.04 -25.54
C GLN H 1025 -9.32 62.22 -24.04
N LYS H 1026 -9.99 61.26 -23.39
CA LYS H 1026 -10.33 61.35 -21.96
C LYS H 1026 -9.08 61.42 -21.10
N LEU H 1027 -8.12 60.54 -21.35
CA LEU H 1027 -6.82 60.54 -20.69
C LEU H 1027 -6.09 61.86 -20.93
N LYS H 1028 -6.07 62.33 -22.19
CA LYS H 1028 -5.33 63.54 -22.56
C LYS H 1028 -5.72 64.71 -21.68
N LYS H 1029 -7.01 64.88 -21.40
CA LYS H 1029 -7.50 65.94 -20.49
C LYS H 1029 -6.87 65.83 -19.10
N LYS H 1030 -6.90 64.64 -18.51
CA LYS H 1030 -6.27 64.37 -17.21
C LYS H 1030 -4.78 64.69 -17.26
N LEU H 1031 -4.11 64.38 -18.36
CA LEU H 1031 -2.71 64.73 -18.53
C LEU H 1031 -2.54 66.25 -18.51
N LYS H 1032 -3.39 66.99 -19.22
CA LYS H 1032 -3.32 68.44 -19.24
C LYS H 1032 -3.48 69.03 -17.84
N GLU H 1033 -4.43 68.53 -17.04
CA GLU H 1033 -4.57 68.97 -15.65
C GLU H 1033 -3.25 68.78 -14.88
N GLY H 1034 -2.60 67.65 -15.14
CA GLY H 1034 -1.28 67.35 -14.60
C GLY H 1034 -0.26 68.43 -14.97
N MET H 1035 -0.30 68.95 -16.19
CA MET H 1035 0.64 69.98 -16.62
C MET H 1035 0.48 71.24 -15.76
N LEU H 1036 -0.74 71.72 -15.61
CA LEU H 1036 -1.00 72.90 -14.78
C LEU H 1036 -0.58 72.62 -13.34
N SER H 1037 -0.89 71.43 -12.86
CA SER H 1037 -0.52 71.00 -11.53
C SER H 1037 0.99 71.07 -11.35
N ILE H 1038 1.79 70.48 -12.24
CA ILE H 1038 3.24 70.46 -12.03
C ILE H 1038 3.83 71.87 -12.18
N MET H 1039 3.21 72.72 -12.99
CA MET H 1039 3.60 74.12 -13.05
C MET H 1039 3.33 74.83 -11.73
N SER H 1040 2.29 74.43 -11.01
CA SER H 1040 1.91 75.08 -9.76
C SER H 1040 2.96 74.99 -8.66
N TYR H 1041 3.95 74.11 -8.79
CA TYR H 1041 5.05 73.98 -7.83
C TYR H 1041 6.24 74.89 -8.16
N ARG H 1042 6.09 75.82 -9.10
CA ARG H 1042 7.19 76.69 -9.56
C ARG H 1042 7.21 78.05 -8.87
N ASN H 1043 8.40 78.47 -8.48
CA ASN H 1043 8.77 79.81 -8.07
C ASN H 1043 8.94 80.74 -9.29
N ALA H 1044 8.72 82.04 -9.13
CA ALA H 1044 9.06 83.07 -10.11
C ALA H 1044 10.57 83.18 -10.40
N ASP H 1045 11.44 82.64 -9.54
CA ASP H 1045 12.85 82.41 -9.86
C ASP H 1045 13.07 81.30 -10.90
N TYR H 1046 11.99 80.63 -11.30
CA TYR H 1046 12.01 79.38 -12.09
C TYR H 1046 12.75 78.21 -11.45
N SER H 1047 12.84 78.26 -10.13
CA SER H 1047 13.01 77.10 -9.25
C SER H 1047 11.68 76.38 -9.01
N TYR H 1048 11.71 75.17 -8.49
CA TYR H 1048 10.54 74.42 -8.02
C TYR H 1048 10.72 74.04 -6.56
N SER H 1049 9.64 73.88 -5.79
CA SER H 1049 9.74 73.39 -4.41
C SER H 1049 8.49 72.68 -3.90
N VAL H 1050 8.68 71.83 -2.89
CA VAL H 1050 7.66 70.95 -2.29
C VAL H 1050 6.63 71.72 -1.47
N TRP H 1051 6.99 72.93 -0.99
CA TRP H 1051 6.07 73.88 -0.36
C TRP H 1051 6.30 75.29 -0.89
N LYS H 1052 5.27 76.14 -0.95
CA LYS H 1052 5.41 77.53 -1.41
C LYS H 1052 6.32 78.34 -0.51
N GLY H 1053 6.19 78.14 0.81
CA GLY H 1053 7.13 78.64 1.81
C GLY H 1053 8.40 77.79 1.93
N GLY H 1054 8.51 76.70 1.18
CA GLY H 1054 9.72 75.89 1.11
C GLY H 1054 10.83 76.64 0.38
N SER H 1055 12.07 76.40 0.78
CA SER H 1055 13.24 76.90 0.07
C SER H 1055 13.43 76.19 -1.28
N ALA H 1056 14.33 76.67 -2.13
CA ALA H 1056 14.59 76.08 -3.45
C ALA H 1056 15.03 74.61 -3.36
N SER H 1057 14.53 73.74 -4.25
CA SER H 1057 15.05 72.38 -4.40
C SER H 1057 15.62 72.16 -5.79
N THR H 1058 16.91 71.88 -5.88
CA THR H 1058 17.50 71.40 -7.11
C THR H 1058 16.92 70.05 -7.48
N TRP H 1059 16.62 69.19 -6.51
CA TRP H 1059 16.10 67.87 -6.80
C TRP H 1059 14.77 67.99 -7.49
N LEU H 1060 13.82 68.73 -6.94
CA LEU H 1060 12.55 68.87 -7.61
C LEU H 1060 12.71 69.66 -8.90
N THR H 1061 13.65 70.60 -8.97
CA THR H 1061 13.89 71.33 -10.21
C THR H 1061 14.34 70.39 -11.32
N ALA H 1062 15.32 69.53 -11.06
CA ALA H 1062 15.70 68.51 -12.01
C ALA H 1062 14.55 67.57 -12.33
N PHE H 1063 13.79 67.14 -11.33
CA PHE H 1063 12.71 66.18 -11.54
C PHE H 1063 11.62 66.75 -12.44
N ALA H 1064 11.19 67.97 -12.17
CA ALA H 1064 10.22 68.64 -13.00
C ALA H 1064 10.75 68.81 -14.42
N LEU H 1065 12.01 69.18 -14.57
CA LEU H 1065 12.60 69.30 -15.89
C LEU H 1065 12.56 67.97 -16.63
N ARG H 1066 12.89 66.86 -15.96
CA ARG H 1066 12.83 65.53 -16.58
C ARG H 1066 11.42 65.24 -17.07
N VAL H 1067 10.43 65.38 -16.19
CA VAL H 1067 9.04 64.99 -16.47
C VAL H 1067 8.42 65.87 -17.55
N LEU H 1068 8.65 67.18 -17.52
CA LEU H 1068 8.16 68.07 -18.57
C LEU H 1068 8.87 67.80 -19.90
N GLY H 1069 10.15 67.44 -19.86
CA GLY H 1069 10.87 66.95 -21.03
C GLY H 1069 10.13 65.79 -21.70
N GLN H 1070 9.67 64.82 -20.90
CA GLN H 1070 8.92 63.68 -21.43
C GLN H 1070 7.65 64.11 -22.17
N VAL H 1071 6.90 65.06 -21.61
CA VAL H 1071 5.57 65.41 -22.15
C VAL H 1071 5.67 66.20 -23.46
N ASN H 1072 6.68 67.08 -23.61
CA ASN H 1072 6.79 67.95 -24.78
C ASN H 1072 7.00 67.19 -26.10
N LYS H 1073 7.41 65.93 -26.06
CA LYS H 1073 7.40 65.02 -27.20
C LYS H 1073 5.99 64.76 -27.75
N TYR H 1074 4.95 65.14 -27.00
CA TYR H 1074 3.56 64.81 -27.26
C TYR H 1074 2.62 66.00 -27.08
N VAL H 1075 2.64 66.68 -25.92
CA VAL H 1075 1.88 67.92 -25.65
C VAL H 1075 2.79 69.02 -25.09
N GLU H 1076 2.69 70.24 -25.61
CA GLU H 1076 3.71 71.26 -25.41
C GLU H 1076 3.56 72.07 -24.11
N GLN H 1077 4.66 72.67 -23.65
CA GLN H 1077 4.68 73.83 -22.72
C GLN H 1077 5.66 74.89 -23.24
N ASN H 1078 5.53 76.12 -22.76
CA ASN H 1078 6.30 77.25 -23.29
C ASN H 1078 7.80 77.07 -23.05
N GLN H 1079 8.60 77.20 -24.10
CA GLN H 1079 10.04 76.98 -24.05
C GLN H 1079 10.71 77.95 -23.09
N ASN H 1080 10.24 79.20 -23.03
CA ASN H 1080 10.83 80.24 -22.21
C ASN H 1080 10.94 79.82 -20.74
N SER H 1081 9.86 79.29 -20.16
CA SER H 1081 9.84 78.86 -18.76
C SER H 1081 10.81 77.72 -18.51
N ILE H 1082 10.85 76.73 -19.41
CA ILE H 1082 11.80 75.63 -19.32
C ILE H 1082 13.21 76.18 -19.39
N CYS H 1083 13.51 77.00 -20.39
CA CYS H 1083 14.83 77.58 -20.56
C CYS H 1083 15.24 78.36 -19.32
N ASN H 1084 14.34 79.14 -18.76
CA ASN H 1084 14.61 79.87 -17.54
C ASN H 1084 14.93 78.90 -16.40
N SER H 1085 14.13 77.85 -16.21
CA SER H 1085 14.37 76.89 -15.14
C SER H 1085 15.67 76.12 -15.29
N LEU H 1086 16.01 75.73 -16.52
CA LEU H 1086 17.31 75.16 -16.84
C LEU H 1086 18.40 76.16 -16.45
N LEU H 1087 18.31 77.38 -16.96
CA LEU H 1087 19.33 78.39 -16.71
C LEU H 1087 19.45 78.70 -15.23
N TRP H 1088 18.35 78.67 -14.49
CA TRP H 1088 18.36 78.80 -13.03
C TRP H 1088 19.24 77.72 -12.42
N LEU H 1089 19.02 76.46 -12.77
CA LEU H 1089 19.81 75.36 -12.23
C LEU H 1089 21.27 75.50 -12.63
N VAL H 1090 21.51 75.77 -13.91
CA VAL H 1090 22.85 75.84 -14.49
C VAL H 1090 23.62 77.06 -14.05
N GLU H 1091 22.96 78.14 -13.67
CA GLU H 1091 23.61 79.25 -13.02
C GLU H 1091 23.91 78.92 -11.56
N ASN H 1092 22.88 78.55 -10.80
CA ASN H 1092 22.95 78.60 -9.35
C ASN H 1092 23.65 77.41 -8.72
N TYR H 1093 23.63 76.24 -9.37
CA TYR H 1093 24.05 74.98 -8.76
C TYR H 1093 25.05 74.16 -9.59
N GLN H 1094 25.40 74.60 -10.79
CA GLN H 1094 26.55 74.06 -11.49
C GLN H 1094 27.81 74.32 -10.65
N LEU H 1095 28.60 73.29 -10.38
CA LEU H 1095 29.88 73.44 -9.68
C LEU H 1095 31.03 73.13 -10.64
N ASP H 1096 32.24 72.99 -10.12
CA ASP H 1096 33.35 72.37 -10.84
C ASP H 1096 34.03 71.32 -9.97
N ASN H 1097 34.70 70.34 -10.60
CA ASN H 1097 35.20 69.13 -9.93
C ASN H 1097 34.07 68.39 -9.21
N GLY H 1098 32.88 68.44 -9.78
CA GLY H 1098 31.62 67.98 -9.21
C GLY H 1098 30.48 68.82 -9.78
N SER H 1099 29.22 68.47 -9.53
CA SER H 1099 28.11 69.37 -9.85
C SER H 1099 26.84 69.14 -9.04
N PHE H 1100 25.98 70.15 -9.00
CA PHE H 1100 24.60 70.08 -8.56
C PHE H 1100 24.41 69.53 -7.15
N LYS H 1101 25.03 70.19 -6.15
CA LYS H 1101 24.65 69.99 -4.73
C LYS H 1101 23.24 70.51 -4.46
N GLU H 1102 22.59 69.98 -3.44
CA GLU H 1102 21.20 70.30 -3.11
C GLU H 1102 21.09 71.14 -1.85
N ASN H 1103 20.17 72.08 -1.87
CA ASN H 1103 19.87 73.04 -0.81
C ASN H 1103 19.05 72.41 0.33
N SER H 1104 19.66 71.45 1.04
CA SER H 1104 19.36 71.09 2.44
C SER H 1104 17.88 71.14 2.84
N GLN H 1105 17.02 70.44 2.10
CA GLN H 1105 15.57 70.53 2.29
C GLN H 1105 15.15 70.10 3.70
N TYR H 1106 14.00 70.62 4.16
CA TYR H 1106 13.41 70.29 5.47
C TYR H 1106 13.36 68.78 5.72
N GLN H 1107 12.92 68.02 4.72
CA GLN H 1107 13.02 66.57 4.65
C GLN H 1107 13.27 66.15 3.20
N PRO H 1108 13.96 65.02 2.93
CA PRO H 1108 13.76 64.30 1.69
C PRO H 1108 12.31 63.81 1.68
N ILE H 1109 11.65 63.85 0.52
CA ILE H 1109 10.21 63.56 0.50
C ILE H 1109 9.97 62.11 0.91
N LYS H 1110 8.97 61.85 1.76
CA LYS H 1110 8.83 60.55 2.45
C LYS H 1110 8.68 59.32 1.54
N LEU H 1111 8.04 59.46 0.37
CA LEU H 1111 7.93 58.41 -0.68
C LEU H 1111 8.34 58.94 -2.07
N GLN H 1112 9.24 59.90 -2.13
CA GLN H 1112 9.66 60.50 -3.39
C GLN H 1112 11.11 61.00 -3.26
N GLY H 1113 11.77 61.25 -4.38
CA GLY H 1113 13.22 61.11 -4.37
C GLY H 1113 13.50 59.61 -4.21
N THR H 1114 14.53 59.25 -3.47
CA THR H 1114 14.90 57.85 -3.20
C THR H 1114 15.83 57.81 -1.99
N LEU H 1115 16.18 56.64 -1.47
CA LEU H 1115 17.24 56.58 -0.47
C LEU H 1115 18.53 57.09 -1.11
N PRO H 1116 19.13 58.18 -0.63
CA PRO H 1116 20.32 58.76 -1.24
C PRO H 1116 21.53 57.84 -1.12
N VAL H 1117 22.58 58.13 -1.87
CA VAL H 1117 23.92 57.58 -1.64
C VAL H 1117 24.53 58.35 -0.47
N GLU H 1118 23.97 58.13 0.72
CA GLU H 1118 23.92 59.12 1.80
C GLU H 1118 25.26 59.57 2.36
N ALA H 1119 26.03 58.65 2.91
CA ALA H 1119 27.00 58.97 3.96
C ALA H 1119 28.11 59.93 3.52
N ARG H 1120 28.45 59.87 2.24
CA ARG H 1120 29.36 60.77 1.49
C ARG H 1120 29.04 60.57 0.02
N GLU H 1121 29.49 61.47 -0.84
CA GLU H 1121 29.46 61.20 -2.29
C GLU H 1121 28.04 61.06 -2.87
N ASN H 1122 27.03 61.58 -2.16
CA ASN H 1122 25.66 61.68 -2.67
C ASN H 1122 25.57 62.61 -3.89
N SER H 1123 26.60 63.41 -4.11
CA SER H 1123 26.88 64.09 -5.35
C SER H 1123 26.74 63.20 -6.58
N LEU H 1124 27.14 61.92 -6.53
CA LEU H 1124 26.96 61.04 -7.68
C LEU H 1124 25.49 60.78 -7.96
N TYR H 1125 24.66 60.54 -6.95
CA TYR H 1125 23.24 60.41 -7.17
C TYR H 1125 22.62 61.71 -7.68
N LEU H 1126 22.97 62.84 -7.08
CA LEU H 1126 22.45 64.13 -7.50
C LEU H 1126 22.88 64.48 -8.91
N THR H 1127 24.15 64.36 -9.23
CA THR H 1127 24.66 64.69 -10.56
C THR H 1127 23.96 63.83 -11.59
N ALA H 1128 23.84 62.54 -11.33
CA ALA H 1128 23.19 61.67 -12.26
C ALA H 1128 21.73 62.10 -12.46
N PHE H 1129 20.99 62.32 -11.39
CA PHE H 1129 19.59 62.68 -11.50
C PHE H 1129 19.42 64.01 -12.21
N THR H 1130 20.26 64.99 -11.91
CA THR H 1130 20.21 66.32 -12.50
C THR H 1130 20.57 66.28 -13.98
N VAL H 1131 21.61 65.53 -14.33
CA VAL H 1131 21.95 65.26 -15.72
C VAL H 1131 20.80 64.56 -16.42
N ILE H 1132 20.11 63.64 -15.76
CA ILE H 1132 18.97 62.93 -16.35
C ILE H 1132 17.83 63.91 -16.67
N GLY H 1133 17.54 64.85 -15.77
CA GLY H 1133 16.57 65.91 -16.07
C GLY H 1133 16.99 66.75 -17.27
N ILE H 1134 18.23 67.23 -17.28
CA ILE H 1134 18.74 68.07 -18.35
C ILE H 1134 18.74 67.32 -19.68
N ARG H 1135 19.24 66.09 -19.76
CA ARG H 1135 19.24 65.31 -21.00
C ARG H 1135 17.85 65.01 -21.53
N LYS H 1136 16.82 64.92 -20.67
CA LYS H 1136 15.41 64.80 -21.13
C LYS H 1136 14.80 66.14 -21.56
N ALA H 1137 15.29 67.25 -21.04
CA ALA H 1137 14.82 68.60 -21.37
C ALA H 1137 15.58 69.27 -22.53
N PHE H 1138 16.83 68.90 -22.80
CA PHE H 1138 17.69 69.67 -23.69
C PHE H 1138 17.13 69.77 -25.12
N ASP H 1139 16.45 68.74 -25.58
CA ASP H 1139 15.80 68.74 -26.89
C ASP H 1139 14.73 69.83 -27.07
N ILE H 1140 14.19 70.36 -25.96
CA ILE H 1140 13.18 71.43 -25.97
C ILE H 1140 13.75 72.78 -25.54
N CYS H 1141 15.04 72.88 -25.22
CA CYS H 1141 15.73 74.15 -25.07
C CYS H 1141 17.26 74.01 -25.31
N PRO H 1142 17.70 73.81 -26.55
CA PRO H 1142 19.13 73.70 -26.83
C PRO H 1142 19.81 75.06 -26.62
N LEU H 1143 20.73 75.13 -25.67
CA LEU H 1143 21.44 76.37 -25.32
C LEU H 1143 22.90 76.08 -25.02
N VAL H 1144 23.81 76.87 -25.58
CA VAL H 1144 25.26 76.64 -25.47
C VAL H 1144 25.72 76.62 -24.03
N LYS H 1145 25.18 77.51 -23.18
CA LYS H 1145 25.51 77.52 -21.74
C LYS H 1145 25.10 76.22 -21.06
N ILE H 1146 23.91 75.70 -21.36
CA ILE H 1146 23.43 74.44 -20.81
C ILE H 1146 24.31 73.29 -21.33
N ASP H 1147 24.59 73.29 -22.62
CA ASP H 1147 25.42 72.25 -23.26
C ASP H 1147 26.80 72.22 -22.61
N THR H 1148 27.39 73.39 -22.41
CA THR H 1148 28.65 73.55 -21.69
C THR H 1148 28.58 72.95 -20.31
N ALA H 1149 27.45 73.14 -19.61
CA ALA H 1149 27.29 72.61 -18.27
C ALA H 1149 27.24 71.08 -18.27
N LEU H 1150 26.64 70.45 -19.27
CA LEU H 1150 26.76 68.99 -19.41
C LEU H 1150 28.16 68.56 -19.83
N ILE H 1151 28.84 69.31 -20.69
CA ILE H 1151 30.24 69.02 -21.04
C ILE H 1151 31.10 68.97 -19.78
N LYS H 1152 30.82 69.81 -18.77
CA LYS H 1152 31.38 69.61 -17.44
C LYS H 1152 30.77 68.39 -16.74
N ALA H 1153 29.46 68.36 -16.55
CA ALA H 1153 28.83 67.47 -15.59
C ALA H 1153 28.91 65.98 -15.97
N ASP H 1154 28.79 65.66 -17.26
CA ASP H 1154 29.06 64.32 -17.76
C ASP H 1154 30.51 63.93 -17.42
N ASN H 1155 31.45 64.78 -17.79
CA ASN H 1155 32.85 64.49 -17.58
C ASN H 1155 33.15 64.26 -16.11
N PHE H 1156 32.62 65.10 -15.22
CA PHE H 1156 32.79 64.87 -13.79
C PHE H 1156 32.17 63.53 -13.37
N LEU H 1157 31.00 63.19 -13.92
CA LEU H 1157 30.31 61.98 -13.53
C LEU H 1157 31.08 60.74 -13.97
N LEU H 1158 31.69 60.77 -15.15
CA LEU H 1158 32.66 59.78 -15.57
C LEU H 1158 33.81 59.73 -14.59
N GLU H 1159 34.47 60.86 -14.37
CA GLU H 1159 35.71 60.93 -13.62
C GLU H 1159 35.58 60.53 -12.14
N ASN H 1160 34.38 60.32 -11.63
CA ASN H 1160 34.14 59.98 -10.23
C ASN H 1160 33.30 58.73 -10.00
N THR H 1161 32.68 58.14 -11.03
CA THR H 1161 31.88 56.91 -10.87
C THR H 1161 32.75 55.66 -10.70
N LEU H 1162 34.02 55.73 -11.11
CA LEU H 1162 34.91 54.57 -11.30
C LEU H 1162 35.19 53.66 -10.09
N PRO H 1163 35.27 54.13 -8.82
CA PRO H 1163 35.72 53.28 -7.71
C PRO H 1163 34.64 52.38 -7.12
N ALA H 1164 33.54 52.13 -7.83
CA ALA H 1164 32.54 51.14 -7.45
C ALA H 1164 31.92 51.36 -6.06
N GLN H 1165 31.37 52.55 -5.85
CA GLN H 1165 30.38 52.81 -4.81
C GLN H 1165 29.18 51.85 -4.95
N SER H 1166 28.37 51.68 -3.91
CA SER H 1166 27.21 50.77 -3.92
C SER H 1166 26.37 50.89 -5.20
N THR H 1167 25.99 49.77 -5.80
CA THR H 1167 25.69 49.66 -7.24
C THR H 1167 24.62 50.60 -7.76
N PHE H 1168 23.64 50.99 -6.95
CA PHE H 1168 22.62 51.97 -7.32
C PHE H 1168 23.24 53.27 -7.80
N THR H 1169 24.35 53.68 -7.21
CA THR H 1169 25.19 54.79 -7.68
C THR H 1169 25.69 54.55 -9.09
N LEU H 1170 26.31 53.41 -9.31
CA LEU H 1170 26.83 53.00 -10.59
C LEU H 1170 25.70 52.89 -11.63
N ALA H 1171 24.52 52.46 -11.24
CA ALA H 1171 23.41 52.25 -12.16
C ALA H 1171 22.81 53.57 -12.62
N ILE H 1172 22.45 54.47 -11.71
CA ILE H 1172 21.93 55.77 -12.11
C ILE H 1172 22.97 56.56 -12.85
N SER H 1173 24.26 56.46 -12.47
CA SER H 1173 25.31 57.17 -13.17
C SER H 1173 25.55 56.59 -14.56
N ALA H 1174 25.51 55.28 -14.70
CA ALA H 1174 25.56 54.64 -16.01
C ALA H 1174 24.38 55.10 -16.86
N TYR H 1175 23.16 55.10 -16.33
CA TYR H 1175 22.02 55.55 -17.12
C TYR H 1175 22.22 56.98 -17.56
N ALA H 1176 22.63 57.87 -16.67
CA ALA H 1176 22.87 59.25 -17.01
C ALA H 1176 23.91 59.36 -18.12
N LEU H 1177 25.04 58.69 -17.98
CA LEU H 1177 26.08 58.75 -18.98
C LEU H 1177 25.66 58.09 -20.29
N SER H 1178 24.75 57.11 -20.27
CA SER H 1178 24.26 56.41 -21.46
C SER H 1178 23.45 57.30 -22.39
N LEU H 1179 22.92 58.42 -21.89
CA LEU H 1179 22.27 59.40 -22.75
C LEU H 1179 23.31 60.21 -23.53
N GLY H 1180 24.56 60.20 -23.09
CA GLY H 1180 25.66 60.96 -23.64
C GLY H 1180 26.30 60.32 -24.86
N ASP H 1181 27.60 60.52 -25.02
CA ASP H 1181 28.41 59.81 -26.00
C ASP H 1181 28.59 58.35 -25.59
N LYS H 1182 27.71 57.48 -26.07
CA LYS H 1182 27.73 56.02 -25.84
C LYS H 1182 29.00 55.34 -26.37
N THR H 1183 29.89 56.06 -27.03
CA THR H 1183 31.14 55.54 -27.54
C THR H 1183 32.34 56.33 -27.04
N HIS H 1184 32.21 57.00 -25.90
CA HIS H 1184 33.34 57.47 -25.08
C HIS H 1184 33.96 56.33 -24.24
N PRO H 1185 35.30 56.25 -24.05
CA PRO H 1185 35.91 55.04 -23.55
C PRO H 1185 35.42 54.64 -22.18
N GLN H 1186 35.56 55.52 -21.19
CA GLN H 1186 35.22 55.19 -19.80
C GLN H 1186 33.75 54.85 -19.63
N PHE H 1187 32.87 55.32 -20.51
CA PHE H 1187 31.48 54.94 -20.41
C PHE H 1187 31.36 53.46 -20.62
N ARG H 1188 32.02 52.89 -21.62
CA ARG H 1188 32.02 51.42 -21.78
C ARG H 1188 32.58 50.73 -20.56
N SER H 1189 33.62 51.29 -19.93
CA SER H 1189 34.17 50.76 -18.70
C SER H 1189 33.12 50.71 -17.59
N ILE H 1190 32.45 51.83 -17.34
CA ILE H 1190 31.36 51.91 -16.37
C ILE H 1190 30.26 50.90 -16.70
N VAL H 1191 29.88 50.78 -17.96
CA VAL H 1191 28.85 49.82 -18.37
C VAL H 1191 29.29 48.44 -18.03
N SER H 1192 30.55 48.11 -18.32
CA SER H 1192 31.09 46.78 -18.05
C SER H 1192 31.02 46.47 -16.57
N ALA H 1193 31.42 47.41 -15.71
CA ALA H 1193 31.36 47.23 -14.28
C ALA H 1193 29.92 46.96 -13.84
N LEU H 1194 28.95 47.69 -14.38
CA LEU H 1194 27.57 47.44 -14.06
C LEU H 1194 27.19 46.02 -14.44
N LYS H 1195 27.60 45.54 -15.62
CA LYS H 1195 27.28 44.18 -16.06
C LYS H 1195 27.82 43.16 -15.07
N ARG H 1196 29.06 43.33 -14.61
CA ARG H 1196 29.69 42.42 -13.63
C ARG H 1196 28.91 42.34 -12.33
N GLU H 1197 28.18 43.38 -11.96
CA GLU H 1197 27.42 43.41 -10.72
C GLU H 1197 26.14 42.56 -10.77
N ALA H 1198 25.74 42.03 -11.93
CA ALA H 1198 24.43 41.42 -12.09
C ALA H 1198 24.18 40.20 -11.20
N LEU H 1199 22.93 39.78 -11.07
CA LEU H 1199 22.54 38.49 -10.46
C LEU H 1199 21.59 37.72 -11.37
N VAL H 1200 21.76 36.40 -11.56
CA VAL H 1200 20.99 35.59 -12.53
C VAL H 1200 20.52 34.24 -12.01
N LYS H 1201 19.39 33.75 -12.56
CA LYS H 1201 18.86 32.38 -12.41
C LYS H 1201 18.81 31.72 -13.79
N GLY H 1202 19.02 30.41 -13.87
CA GLY H 1202 19.04 29.61 -15.10
C GLY H 1202 20.45 29.16 -15.52
N ASN H 1203 20.53 28.19 -16.42
CA ASN H 1203 21.82 27.73 -16.96
C ASN H 1203 22.47 28.83 -17.82
N PRO H 1204 21.90 29.24 -18.96
CA PRO H 1204 22.08 30.60 -19.45
C PRO H 1204 21.15 31.52 -18.62
N PRO H 1205 21.34 32.84 -18.57
CA PRO H 1205 20.51 33.71 -17.75
C PRO H 1205 19.06 33.73 -18.22
N ILE H 1206 18.17 33.12 -17.47
CA ILE H 1206 16.72 33.18 -17.72
C ILE H 1206 16.12 34.44 -17.10
N TYR H 1207 16.55 34.80 -15.88
CA TYR H 1207 16.25 36.06 -15.21
C TYR H 1207 17.54 36.83 -14.93
N ARG H 1208 17.50 38.15 -14.98
CA ARG H 1208 18.61 38.99 -14.51
C ARG H 1208 18.11 40.16 -13.67
N PHE H 1209 18.63 40.27 -12.45
CA PHE H 1209 18.35 41.28 -11.42
C PHE H 1209 19.53 42.25 -11.33
N TRP H 1210 19.47 43.18 -10.40
CA TRP H 1210 20.62 43.77 -9.71
C TRP H 1210 20.24 44.04 -8.24
N LYS H 1211 21.22 43.97 -7.34
CA LYS H 1211 21.13 44.40 -5.93
C LYS H 1211 22.35 45.25 -5.59
N ASP H 1212 22.15 46.34 -4.87
CA ASP H 1212 23.21 47.26 -4.46
C ASP H 1212 23.69 47.01 -3.03
N ASN H 1213 22.77 46.84 -2.08
CA ASN H 1213 23.07 46.85 -0.65
C ASN H 1213 22.90 45.48 0.03
N LEU H 1214 22.51 44.44 -0.71
CA LEU H 1214 22.46 43.05 -0.22
C LEU H 1214 21.64 42.89 1.07
N GLN H 1215 20.55 43.65 1.19
CA GLN H 1215 19.57 43.52 2.27
C GLN H 1215 18.78 42.22 2.08
N HIS H 1216 19.28 41.13 2.66
CA HIS H 1216 18.93 39.75 2.29
C HIS H 1216 17.47 39.34 2.59
N LYS H 1217 16.75 40.13 3.38
CA LYS H 1217 15.40 39.85 3.88
C LYS H 1217 14.39 39.52 2.79
N ASP H 1218 13.39 38.71 3.12
CA ASP H 1218 12.16 38.58 2.31
C ASP H 1218 11.27 39.83 2.46
N SER H 1219 10.31 40.02 1.55
CA SER H 1219 9.34 41.12 1.62
C SER H 1219 8.08 40.81 0.80
N SER H 1220 7.09 40.18 1.42
CA SER H 1220 5.74 40.06 0.85
C SER H 1220 4.98 41.39 0.80
N VAL H 1221 5.35 42.35 1.66
CA VAL H 1221 5.03 43.78 1.53
C VAL H 1221 6.34 44.50 1.19
N PRO H 1222 6.42 45.27 0.09
CA PRO H 1222 7.70 45.71 -0.47
C PRO H 1222 8.28 46.92 0.26
N ASN H 1223 8.90 46.67 1.41
CA ASN H 1223 9.73 47.64 2.10
C ASN H 1223 10.77 48.27 1.17
N THR H 1224 11.27 49.45 1.51
CA THR H 1224 12.14 50.29 0.67
C THR H 1224 13.39 49.63 0.07
N GLY H 1225 13.93 48.55 0.64
CA GLY H 1225 14.96 47.77 -0.06
C GLY H 1225 14.49 47.26 -1.43
N THR H 1226 13.23 46.88 -1.53
CA THR H 1226 12.55 46.59 -2.79
C THR H 1226 12.67 47.74 -3.75
N ALA H 1227 12.48 48.98 -3.29
CA ALA H 1227 12.66 50.12 -4.15
C ALA H 1227 14.10 50.18 -4.65
N ARG H 1228 15.10 49.99 -3.78
CA ARG H 1228 16.49 50.08 -4.23
C ARG H 1228 16.76 49.09 -5.37
N MET H 1229 16.21 47.88 -5.26
CA MET H 1229 16.25 46.92 -6.36
C MET H 1229 15.54 47.44 -7.62
N VAL H 1230 14.24 47.65 -7.54
CA VAL H 1230 13.44 47.98 -8.71
C VAL H 1230 13.98 49.21 -9.40
N GLU H 1231 14.46 50.17 -8.64
CA GLU H 1231 15.07 51.35 -9.20
C GLU H 1231 16.45 51.07 -9.78
N THR H 1232 17.34 50.36 -9.09
CA THR H 1232 18.67 50.08 -9.63
C THR H 1232 18.60 49.21 -10.86
N THR H 1233 17.67 48.26 -10.88
CA THR H 1233 17.40 47.44 -12.06
C THR H 1233 16.88 48.30 -13.19
N ALA H 1234 15.86 49.12 -12.96
CA ALA H 1234 15.36 49.98 -14.01
C ALA H 1234 16.47 50.86 -14.57
N TYR H 1235 17.38 51.41 -13.77
CA TYR H 1235 18.48 52.19 -14.35
C TYR H 1235 19.40 51.33 -15.20
N ALA H 1236 19.69 50.10 -14.78
CA ALA H 1236 20.49 49.18 -15.56
C ALA H 1236 19.79 48.77 -16.86
N LEU H 1237 18.51 48.45 -16.79
CA LEU H 1237 17.67 48.17 -17.92
C LEU H 1237 17.72 49.32 -18.89
N LEU H 1238 17.47 50.53 -18.41
CA LEU H 1238 17.45 51.71 -19.27
C LEU H 1238 18.84 52.04 -19.81
N THR H 1239 19.91 51.67 -19.12
CA THR H 1239 21.27 51.76 -19.67
C THR H 1239 21.42 50.81 -20.84
N SER H 1240 20.93 49.59 -20.67
CA SER H 1240 21.03 48.54 -21.68
C SER H 1240 20.20 48.89 -22.89
N LEU H 1241 18.95 49.31 -22.71
CA LEU H 1241 18.10 49.79 -23.76
C LEU H 1241 18.69 50.99 -24.46
N ASN H 1242 19.41 51.87 -23.78
CA ASN H 1242 20.08 52.97 -24.46
C ASN H 1242 21.19 52.50 -25.37
N LEU H 1243 21.86 51.40 -25.04
CA LEU H 1243 22.82 50.74 -25.91
C LEU H 1243 22.17 49.82 -26.96
N LYS H 1244 20.85 49.62 -26.91
CA LYS H 1244 20.03 48.96 -27.94
C LYS H 1244 20.43 47.50 -28.21
N ASP H 1245 20.29 46.61 -27.22
CA ASP H 1245 20.57 45.16 -27.40
C ASP H 1245 19.56 44.25 -26.70
N ILE H 1246 18.57 43.77 -27.44
CA ILE H 1246 17.50 42.90 -26.94
C ILE H 1246 18.05 41.65 -26.27
N ASN H 1247 19.20 41.16 -26.72
CA ASN H 1247 19.79 39.94 -26.18
C ASN H 1247 20.20 40.11 -24.72
N TYR H 1248 20.69 41.28 -24.33
CA TYR H 1248 21.01 41.55 -22.93
C TYR H 1248 19.77 41.90 -22.13
N VAL H 1249 18.83 42.60 -22.74
CA VAL H 1249 17.61 43.11 -22.10
C VAL H 1249 16.61 42.03 -21.76
N ASN H 1250 16.44 41.03 -22.60
CA ASN H 1250 15.36 40.06 -22.46
C ASN H 1250 15.22 39.43 -21.07
N PRO H 1251 16.28 38.92 -20.43
CA PRO H 1251 16.14 38.32 -19.11
C PRO H 1251 15.85 39.35 -18.02
N VAL H 1252 16.18 40.62 -18.26
CA VAL H 1252 15.86 41.71 -17.34
C VAL H 1252 14.38 42.00 -17.42
N ILE H 1253 13.81 42.10 -18.61
CA ILE H 1253 12.37 42.31 -18.76
C ILE H 1253 11.59 41.19 -18.12
N LYS H 1254 12.04 39.94 -18.22
CA LYS H 1254 11.44 38.86 -17.45
C LYS H 1254 11.44 39.21 -15.99
N TRP H 1255 12.57 39.65 -15.45
CA TRP H 1255 12.64 40.00 -14.04
C TRP H 1255 11.64 41.09 -13.66
N LEU H 1256 11.53 42.16 -14.44
CA LEU H 1256 10.57 43.21 -14.14
C LEU H 1256 9.14 42.68 -14.17
N SER H 1257 8.85 41.79 -15.08
CA SER H 1257 7.49 41.42 -15.44
C SER H 1257 6.77 40.52 -14.44
N GLU H 1258 7.31 40.28 -13.25
CA GLU H 1258 6.79 39.25 -12.33
C GLU H 1258 6.73 39.72 -10.86
N GLU H 1259 6.01 38.98 -10.02
CA GLU H 1259 5.80 39.29 -8.60
C GLU H 1259 7.10 39.51 -7.84
N GLN H 1260 7.99 38.52 -7.83
CA GLN H 1260 9.38 38.72 -7.42
C GLN H 1260 9.46 39.35 -6.03
N ARG H 1261 10.11 40.52 -5.86
CA ARG H 1261 9.75 41.42 -4.75
C ARG H 1261 8.54 42.25 -5.17
N TYR H 1262 7.40 41.97 -4.53
CA TYR H 1262 6.04 42.30 -4.99
C TYR H 1262 5.76 43.78 -5.29
N GLY H 1263 4.76 44.05 -6.13
CA GLY H 1263 4.13 45.37 -6.30
C GLY H 1263 4.94 46.37 -7.12
N GLY H 1264 4.44 47.61 -7.23
CA GLY H 1264 5.13 48.72 -7.90
C GLY H 1264 6.32 49.23 -7.11
N GLY H 1265 7.36 48.44 -6.91
CA GLY H 1265 8.43 48.79 -5.98
C GLY H 1265 7.89 49.01 -4.56
N PHE H 1266 8.43 49.98 -3.82
CA PHE H 1266 7.82 50.50 -2.58
C PHE H 1266 6.65 51.46 -2.86
N TYR H 1267 6.13 51.45 -4.09
CA TYR H 1267 5.17 52.42 -4.60
C TYR H 1267 5.65 53.85 -4.46
N SER H 1268 6.96 54.05 -4.50
CA SER H 1268 7.47 55.40 -4.64
C SER H 1268 7.08 55.91 -6.02
N THR H 1269 7.13 57.22 -6.20
CA THR H 1269 7.13 57.70 -7.58
C THR H 1269 8.35 57.13 -8.29
N GLN H 1270 9.54 57.28 -7.75
CA GLN H 1270 10.75 57.07 -8.52
C GLN H 1270 10.93 55.65 -9.06
N ASP H 1271 10.69 54.61 -8.25
CA ASP H 1271 10.75 53.24 -8.74
C ASP H 1271 9.63 52.97 -9.75
N THR H 1272 8.37 53.21 -9.41
CA THR H 1272 7.22 52.97 -10.29
C THR H 1272 7.36 53.66 -11.63
N ILE H 1273 7.78 54.92 -11.62
CA ILE H 1273 8.13 55.67 -12.82
C ILE H 1273 9.14 54.91 -13.63
N ASN H 1274 10.30 54.60 -13.08
CA ASN H 1274 11.36 54.00 -13.86
C ASN H 1274 10.97 52.59 -14.35
N ALA H 1275 10.11 51.89 -13.61
CA ALA H 1275 9.61 50.58 -14.01
C ALA H 1275 8.68 50.64 -15.24
N ILE H 1276 7.79 51.62 -15.29
CA ILE H 1276 6.92 51.84 -16.46
C ILE H 1276 7.73 52.38 -17.62
N GLU H 1277 8.77 53.17 -17.37
CA GLU H 1277 9.67 53.63 -18.41
C GLU H 1277 10.42 52.47 -19.05
N GLY H 1278 10.77 51.46 -18.25
CA GLY H 1278 11.32 50.20 -18.73
C GLY H 1278 10.45 49.55 -19.80
N LEU H 1279 9.18 49.24 -19.50
CA LEU H 1279 8.30 48.64 -20.50
C LEU H 1279 8.12 49.52 -21.74
N THR H 1280 8.08 50.83 -21.54
CA THR H 1280 7.95 51.81 -22.60
C THR H 1280 9.14 51.75 -23.52
N GLU H 1281 10.35 51.95 -23.03
CA GLU H 1281 11.54 51.98 -23.86
C GLU H 1281 11.83 50.62 -24.49
N TYR H 1282 11.45 49.54 -23.82
CA TYR H 1282 11.52 48.21 -24.40
C TYR H 1282 10.58 48.05 -25.59
N SER H 1283 9.32 48.44 -25.45
CA SER H 1283 8.37 48.34 -26.57
C SER H 1283 8.81 49.18 -27.74
N LEU H 1284 9.52 50.28 -27.50
CA LEU H 1284 10.15 51.04 -28.55
C LEU H 1284 11.25 50.23 -29.21
N LEU H 1285 12.25 49.74 -28.48
CA LEU H 1285 13.34 48.97 -29.06
C LEU H 1285 12.84 47.78 -29.87
N VAL H 1286 11.82 47.09 -29.40
CA VAL H 1286 11.17 45.99 -30.12
C VAL H 1286 10.77 46.40 -31.53
N LYS H 1287 10.07 47.51 -31.69
CA LYS H 1287 9.70 48.01 -33.00
C LYS H 1287 10.86 48.66 -33.74
N GLN H 1288 11.82 49.28 -33.06
CA GLN H 1288 12.95 49.92 -33.71
C GLN H 1288 13.71 48.94 -34.59
N LEU H 1289 14.00 47.73 -34.08
CA LEU H 1289 14.78 46.73 -34.79
C LEU H 1289 14.02 46.00 -35.90
N ARG H 1290 12.68 45.94 -35.82
CA ARG H 1290 11.81 45.12 -36.68
C ARG H 1290 12.07 45.39 -38.14
N LEU H 1291 12.47 44.37 -38.89
CA LEU H 1291 12.86 44.50 -40.28
C LEU H 1291 11.66 44.75 -41.21
N SER H 1292 11.64 45.91 -41.87
CA SER H 1292 10.85 46.18 -43.07
C SER H 1292 11.52 47.31 -43.83
N MET H 1293 12.28 47.00 -44.85
CA MET H 1293 13.25 47.93 -45.42
C MET H 1293 13.46 47.63 -46.92
N ASP H 1294 12.93 48.49 -47.78
CA ASP H 1294 13.02 48.33 -49.22
C ASP H 1294 14.30 48.98 -49.72
N ILE H 1295 15.39 48.25 -49.66
CA ILE H 1295 16.72 48.74 -50.01
C ILE H 1295 16.82 48.86 -51.52
N ASP H 1296 17.06 50.05 -52.01
CA ASP H 1296 17.08 50.39 -53.43
C ASP H 1296 18.52 50.68 -53.81
N VAL H 1297 19.04 49.96 -54.79
CA VAL H 1297 20.42 50.11 -55.27
C VAL H 1297 20.45 50.62 -56.71
N SER H 1298 21.17 51.71 -56.92
CA SER H 1298 21.39 52.39 -58.19
C SER H 1298 22.85 52.76 -58.35
N TYR H 1299 23.37 52.77 -59.56
CA TYR H 1299 24.64 53.46 -59.79
C TYR H 1299 24.47 54.97 -59.56
N LYS H 1300 25.57 55.70 -59.38
CA LYS H 1300 25.59 57.13 -59.13
C LYS H 1300 25.21 57.94 -60.34
N HIS H 1301 25.94 57.77 -61.44
CA HIS H 1301 25.62 58.41 -62.72
C HIS H 1301 24.69 57.54 -63.55
N LYS H 1302 24.94 56.23 -63.60
CA LYS H 1302 24.13 55.28 -64.37
C LYS H 1302 22.81 54.93 -63.64
N GLY H 1303 22.08 53.95 -64.16
CA GLY H 1303 20.71 53.66 -63.75
C GLY H 1303 20.56 52.84 -62.47
N ALA H 1304 19.34 52.40 -62.21
CA ALA H 1304 18.99 51.43 -61.18
C ALA H 1304 19.63 50.05 -61.43
N LEU H 1305 19.85 49.28 -60.38
CA LEU H 1305 20.41 47.92 -60.44
C LEU H 1305 19.51 46.88 -59.77
N HIS H 1306 18.94 47.14 -58.60
CA HIS H 1306 17.95 46.26 -57.95
C HIS H 1306 17.19 46.93 -56.79
N ASN H 1307 16.18 46.27 -56.25
CA ASN H 1307 15.39 46.69 -55.08
C ASN H 1307 15.09 45.51 -54.13
N TYR H 1308 15.91 45.30 -53.10
CA TYR H 1308 15.68 44.23 -52.13
C TYR H 1308 14.59 44.61 -51.15
N LYS H 1309 13.44 43.93 -51.19
CA LYS H 1309 12.34 44.15 -50.25
C LYS H 1309 12.52 43.31 -48.99
N MET H 1310 13.35 43.77 -48.05
CA MET H 1310 13.64 43.04 -46.81
C MET H 1310 12.42 43.00 -45.89
N THR H 1311 12.04 41.84 -45.39
CA THR H 1311 10.85 41.70 -44.55
C THR H 1311 10.99 40.64 -43.49
N ASP H 1312 10.12 40.66 -42.49
CA ASP H 1312 9.98 39.59 -41.51
C ASP H 1312 9.56 38.25 -42.14
N LYS H 1313 8.98 38.24 -43.35
CA LYS H 1313 8.68 37.02 -44.10
C LYS H 1313 9.90 36.46 -44.82
N ASN H 1314 10.89 37.29 -45.15
CA ASN H 1314 12.10 36.91 -45.88
C ASN H 1314 13.25 37.87 -45.57
N PHE H 1315 14.25 37.39 -44.85
CA PHE H 1315 15.38 38.18 -44.36
C PHE H 1315 16.61 38.23 -45.27
N LEU H 1316 16.59 37.65 -46.46
CA LEU H 1316 17.81 37.35 -47.21
C LEU H 1316 17.68 37.70 -48.68
N GLY H 1317 18.72 38.32 -49.25
CA GLY H 1317 18.76 38.62 -50.69
C GLY H 1317 19.90 37.92 -51.42
N ARG H 1318 19.62 37.26 -52.55
CA ARG H 1318 20.62 36.71 -53.46
C ARG H 1318 21.60 37.77 -53.93
N PRO H 1319 22.90 37.48 -54.09
CA PRO H 1319 23.79 38.45 -54.63
C PRO H 1319 23.36 38.92 -56.01
N VAL H 1320 23.48 40.21 -56.27
CA VAL H 1320 23.28 40.84 -57.58
C VAL H 1320 24.64 41.24 -58.12
N GLU H 1321 24.93 40.91 -59.37
CA GLU H 1321 26.17 41.34 -60.01
C GLU H 1321 26.18 42.85 -60.21
N VAL H 1322 27.20 43.53 -59.68
CA VAL H 1322 27.40 44.97 -59.89
C VAL H 1322 28.18 45.12 -61.20
N LEU H 1323 27.48 44.89 -62.31
CA LEU H 1323 28.02 44.81 -63.66
C LEU H 1323 28.73 46.08 -64.13
N LEU H 1324 28.23 47.28 -63.81
CA LEU H 1324 28.68 48.51 -64.48
C LEU H 1324 29.85 49.19 -63.80
N ASN H 1325 30.66 49.86 -64.58
CA ASN H 1325 31.85 50.61 -64.18
C ASN H 1325 31.56 51.99 -63.52
N ASP H 1326 30.76 52.03 -62.46
CA ASP H 1326 30.33 53.27 -61.78
C ASP H 1326 30.21 53.13 -60.24
N ASP H 1327 30.30 54.21 -59.49
CA ASP H 1327 30.04 54.23 -58.04
C ASP H 1327 28.61 53.74 -57.74
N LEU H 1328 28.42 52.98 -56.65
CA LEU H 1328 27.13 52.37 -56.39
C LEU H 1328 26.47 53.00 -55.17
N ILE H 1329 25.29 53.55 -55.33
CA ILE H 1329 24.47 54.09 -54.24
C ILE H 1329 23.49 53.03 -53.77
N VAL H 1330 23.69 52.51 -52.57
CA VAL H 1330 22.63 51.83 -51.84
C VAL H 1330 21.84 52.86 -51.06
N SER H 1331 20.53 52.67 -50.93
CA SER H 1331 19.62 53.63 -50.29
C SER H 1331 18.40 52.92 -49.70
N THR H 1332 17.65 53.55 -48.80
CA THR H 1332 16.35 53.00 -48.39
C THR H 1332 15.34 54.05 -47.96
N GLY H 1333 14.05 53.74 -48.16
CA GLY H 1333 12.94 54.39 -47.46
C GLY H 1333 12.98 54.16 -45.95
N PHE H 1334 12.17 54.91 -45.20
CA PHE H 1334 12.20 54.94 -43.75
C PHE H 1334 11.84 53.60 -43.11
N GLY H 1335 10.67 53.04 -43.45
CA GLY H 1335 10.28 51.68 -43.06
C GLY H 1335 10.48 51.38 -41.57
N SER H 1336 11.17 50.29 -41.26
CA SER H 1336 11.59 49.90 -39.91
C SER H 1336 12.85 49.03 -39.93
N GLY H 1337 13.59 49.01 -38.83
CA GLY H 1337 14.58 47.97 -38.59
C GLY H 1337 15.96 48.23 -39.14
N LEU H 1338 16.82 47.23 -39.01
CA LEU H 1338 18.24 47.35 -39.30
C LEU H 1338 18.73 46.16 -40.11
N ALA H 1339 19.56 46.40 -41.09
CA ALA H 1339 20.09 45.37 -41.97
C ALA H 1339 21.55 45.66 -42.26
N THR H 1340 22.21 44.79 -43.00
CA THR H 1340 23.55 45.10 -43.48
C THR H 1340 23.74 44.54 -44.87
N VAL H 1341 24.59 45.21 -45.63
CA VAL H 1341 24.79 44.99 -47.05
C VAL H 1341 26.28 44.99 -47.33
N HIS H 1342 26.70 44.03 -48.14
CA HIS H 1342 28.09 43.74 -48.38
C HIS H 1342 28.36 43.80 -49.86
N VAL H 1343 29.46 44.39 -50.27
CA VAL H 1343 29.97 44.32 -51.64
C VAL H 1343 31.39 43.78 -51.63
N THR H 1344 31.64 42.71 -52.37
CA THR H 1344 32.98 42.15 -52.53
C THR H 1344 33.54 42.48 -53.90
N THR H 1345 34.77 42.97 -53.93
CA THR H 1345 35.48 43.40 -55.13
C THR H 1345 36.59 42.40 -55.43
N VAL H 1346 36.61 41.83 -56.63
CA VAL H 1346 37.61 40.85 -57.06
C VAL H 1346 38.48 41.46 -58.14
N VAL H 1347 39.79 41.32 -58.01
CA VAL H 1347 40.75 41.84 -58.97
C VAL H 1347 41.97 40.93 -59.08
N HIS H 1348 42.61 40.92 -60.24
CA HIS H 1348 43.79 40.13 -60.52
C HIS H 1348 44.99 41.05 -60.71
N LYS H 1349 46.05 40.85 -59.95
CA LYS H 1349 47.13 41.83 -59.80
C LYS H 1349 48.49 41.26 -60.18
N THR H 1350 49.30 42.09 -60.83
CA THR H 1350 50.64 41.74 -61.34
C THR H 1350 51.69 41.66 -60.23
N SER H 1351 52.76 40.89 -60.46
CA SER H 1351 53.90 40.81 -59.52
C SER H 1351 54.90 41.96 -59.68
N THR H 1352 55.31 42.27 -60.91
CA THR H 1352 56.38 43.25 -61.20
C THR H 1352 55.91 44.70 -61.03
N SER H 1353 54.66 45.00 -61.41
CA SER H 1353 54.06 46.34 -61.34
C SER H 1353 53.33 46.63 -60.01
N GLU H 1354 53.77 46.04 -58.89
CA GLU H 1354 53.11 46.12 -57.59
C GLU H 1354 54.06 46.11 -56.38
N GLU H 1355 53.60 46.65 -55.26
CA GLU H 1355 54.33 46.69 -53.99
C GLU H 1355 54.47 45.32 -53.27
N VAL H 1356 53.84 44.26 -53.78
CA VAL H 1356 53.92 42.91 -53.23
C VAL H 1356 55.29 42.24 -53.40
N CYS H 1357 56.07 42.61 -54.43
CA CYS H 1357 57.36 41.98 -54.72
C CYS H 1357 58.55 42.83 -54.24
N SER H 1358 59.39 42.26 -53.38
CA SER H 1358 60.70 42.82 -53.01
C SER H 1358 61.88 42.16 -53.73
N PHE H 1359 61.66 41.01 -54.37
CA PHE H 1359 62.68 40.06 -54.81
C PHE H 1359 62.30 39.57 -56.21
N TYR H 1360 62.80 40.26 -57.24
CA TYR H 1360 62.29 40.19 -58.61
C TYR H 1360 62.83 38.97 -59.34
N LEU H 1361 61.95 38.23 -60.04
CA LEU H 1361 62.16 36.81 -60.39
C LEU H 1361 62.34 36.56 -61.91
N LYS H 1362 63.21 35.61 -62.25
CA LYS H 1362 63.40 35.02 -63.59
C LYS H 1362 63.67 33.53 -63.46
N ILE H 1363 63.38 32.74 -64.49
CA ILE H 1363 63.81 31.32 -64.57
C ILE H 1363 64.03 30.88 -66.02
N ASP H 1364 64.92 29.93 -66.24
CA ASP H 1364 65.30 29.43 -67.56
C ASP H 1364 65.49 27.91 -67.53
N THR H 1365 64.90 27.18 -68.48
CA THR H 1365 65.07 25.73 -68.67
C THR H 1365 65.93 25.44 -69.90
N GLN H 1366 66.98 24.62 -69.76
CA GLN H 1366 67.93 24.28 -70.82
C GLN H 1366 68.30 22.79 -70.81
N ASP H 1367 68.62 22.23 -71.98
CA ASP H 1367 68.86 20.78 -72.12
C ASP H 1367 70.12 20.30 -71.39
N ILE H 1368 71.16 21.14 -71.32
CA ILE H 1368 72.48 20.80 -70.77
C ILE H 1368 72.47 20.70 -69.24
N TYR H 1381 66.31 14.31 -69.92
CA TYR H 1381 66.64 15.06 -68.72
C TYR H 1381 67.14 16.48 -69.06
N LYS H 1382 66.94 17.45 -68.17
CA LYS H 1382 67.28 18.88 -68.37
C LYS H 1382 67.80 19.54 -67.10
N ARG H 1383 68.39 20.73 -67.23
CA ARG H 1383 68.72 21.59 -66.10
C ARG H 1383 68.05 22.96 -66.19
N ILE H 1384 67.76 23.53 -65.02
CA ILE H 1384 66.96 24.75 -64.86
C ILE H 1384 67.74 25.70 -63.97
N VAL H 1385 67.83 26.98 -64.34
CA VAL H 1385 68.41 28.03 -63.51
C VAL H 1385 67.39 29.12 -63.23
N ALA H 1386 67.15 29.39 -61.95
CA ALA H 1386 66.44 30.58 -61.49
C ALA H 1386 67.43 31.75 -61.32
N CYS H 1387 67.00 32.99 -61.55
CA CYS H 1387 67.81 34.19 -61.32
C CYS H 1387 66.93 35.29 -60.72
N ALA H 1388 67.34 35.90 -59.61
CA ALA H 1388 66.50 36.88 -58.94
C ALA H 1388 67.28 37.86 -58.01
N SER H 1389 66.75 39.06 -57.74
CA SER H 1389 67.44 40.08 -56.91
C SER H 1389 66.50 40.92 -56.03
N TYR H 1390 66.98 41.33 -54.86
CA TYR H 1390 66.24 42.19 -53.92
C TYR H 1390 66.17 43.67 -54.34
N LYS H 1391 65.25 44.45 -53.77
CA LYS H 1391 65.04 45.89 -54.02
C LYS H 1391 64.75 46.68 -52.72
N PRO H 1392 65.74 47.42 -52.16
CA PRO H 1392 65.55 48.25 -50.97
C PRO H 1392 64.69 49.49 -51.23
N SER H 1393 64.21 50.12 -50.15
CA SER H 1393 63.61 51.47 -50.18
C SER H 1393 64.65 52.54 -50.55
N ARG H 1394 64.21 53.71 -51.06
CA ARG H 1394 65.11 54.77 -51.57
C ARG H 1394 66.13 55.28 -50.54
N GLU H 1395 65.75 55.31 -49.26
CA GLU H 1395 66.59 55.76 -48.14
C GLU H 1395 67.55 54.69 -47.59
N GLU H 1396 67.57 53.47 -48.14
CA GLU H 1396 68.30 52.32 -47.57
C GLU H 1396 69.42 51.79 -48.48
N SER H 1397 70.51 51.29 -47.86
CA SER H 1397 71.64 50.66 -48.54
C SER H 1397 71.32 49.21 -49.00
N SER H 1398 72.17 48.64 -49.86
CA SER H 1398 72.10 47.24 -50.32
C SER H 1398 72.56 46.23 -49.24
N SER H 1399 71.87 46.21 -48.10
CA SER H 1399 72.03 45.20 -47.03
C SER H 1399 71.39 43.83 -47.38
N GLY H 1400 70.60 43.74 -48.45
CA GLY H 1400 69.86 42.53 -48.84
C GLY H 1400 68.52 42.29 -48.10
N SER H 1401 67.71 41.37 -48.63
CA SER H 1401 66.38 40.99 -48.13
C SER H 1401 66.42 40.32 -46.73
N SER H 1402 65.28 40.18 -46.08
CA SER H 1402 65.14 39.38 -44.85
C SER H 1402 65.17 37.86 -45.15
N HIS H 1403 64.98 37.04 -44.12
CA HIS H 1403 64.80 35.60 -44.31
C HIS H 1403 63.55 35.33 -45.14
N ALA H 1404 63.62 34.39 -46.08
CA ALA H 1404 62.56 34.11 -47.05
C ALA H 1404 62.30 32.60 -47.23
N VAL H 1405 61.08 32.26 -47.66
CA VAL H 1405 60.69 30.92 -48.12
C VAL H 1405 60.50 30.98 -49.63
N MET H 1406 61.29 30.23 -50.38
CA MET H 1406 61.28 30.17 -51.84
C MET H 1406 60.72 28.83 -52.32
N ASP H 1407 59.88 28.88 -53.35
CA ASP H 1407 59.16 27.76 -53.94
C ASP H 1407 59.49 27.65 -55.43
N ILE H 1408 60.03 26.49 -55.80
CA ILE H 1408 60.18 26.00 -57.16
C ILE H 1408 59.12 24.90 -57.36
N SER H 1409 58.00 25.28 -57.96
CA SER H 1409 57.01 24.34 -58.46
C SER H 1409 57.59 23.52 -59.62
N LEU H 1410 57.14 22.28 -59.80
CA LEU H 1410 57.46 21.45 -60.98
C LEU H 1410 56.21 20.72 -61.49
N PRO H 1411 56.05 20.52 -62.81
CA PRO H 1411 54.95 19.73 -63.36
C PRO H 1411 54.93 18.31 -62.81
N THR H 1412 53.73 17.77 -62.53
CA THR H 1412 53.65 16.52 -61.76
C THR H 1412 54.31 15.36 -62.51
N GLY H 1413 55.06 14.53 -61.79
CA GLY H 1413 55.91 13.49 -62.39
C GLY H 1413 57.28 13.97 -62.86
N ILE H 1414 57.53 15.26 -63.05
CA ILE H 1414 58.91 15.75 -63.08
C ILE H 1414 59.45 15.77 -61.66
N SER H 1415 60.71 15.38 -61.48
CA SER H 1415 61.40 15.32 -60.18
C SER H 1415 62.81 15.90 -60.27
N ALA H 1416 63.23 16.66 -59.26
CA ALA H 1416 64.58 17.23 -59.18
C ALA H 1416 65.63 16.22 -58.67
N ASN H 1417 66.89 16.41 -59.08
CA ASN H 1417 68.04 15.64 -58.60
C ASN H 1417 68.39 16.04 -57.15
N GLU H 1418 67.69 15.51 -56.15
CA GLU H 1418 67.89 15.92 -54.76
C GLU H 1418 69.33 15.75 -54.26
N GLU H 1419 70.02 14.68 -54.66
CA GLU H 1419 71.42 14.46 -54.26
C GLU H 1419 72.41 15.46 -54.92
N ASP H 1420 71.99 16.17 -55.97
CA ASP H 1420 72.68 17.36 -56.46
C ASP H 1420 72.28 18.59 -55.62
N LEU H 1421 70.97 18.73 -55.35
CA LEU H 1421 70.39 19.80 -54.51
C LEU H 1421 71.06 19.87 -53.13
N LYS H 1422 71.45 18.72 -52.57
CA LYS H 1422 72.22 18.63 -51.32
C LYS H 1422 73.44 19.56 -51.30
N ALA H 1423 74.07 19.85 -52.43
CA ALA H 1423 75.21 20.77 -52.50
C ALA H 1423 74.88 22.20 -52.04
N LEU H 1424 73.62 22.63 -52.20
CA LEU H 1424 73.11 23.92 -51.71
C LEU H 1424 73.01 23.94 -50.17
N VAL H 1425 73.00 22.77 -49.53
CA VAL H 1425 73.01 22.59 -48.07
C VAL H 1425 74.44 22.35 -47.56
N GLU H 1426 75.20 21.48 -48.23
CA GLU H 1426 76.54 21.04 -47.83
C GLU H 1426 77.67 22.03 -48.14
N GLY H 1427 77.50 22.93 -49.11
CA GLY H 1427 78.54 23.87 -49.55
C GLY H 1427 78.99 24.86 -48.47
N VAL H 1428 80.28 25.19 -48.44
CA VAL H 1428 80.87 26.11 -47.44
C VAL H 1428 80.35 27.55 -47.56
N ASP H 1429 80.08 28.01 -48.79
CA ASP H 1429 79.42 29.29 -49.10
C ASP H 1429 77.89 29.17 -48.95
N GLN H 1430 77.43 28.80 -47.75
CA GLN H 1430 76.02 28.58 -47.43
C GLN H 1430 75.14 29.82 -47.72
N LEU H 1431 73.93 29.57 -48.23
CA LEU H 1431 72.87 30.57 -48.46
C LEU H 1431 71.53 30.08 -47.89
N PHE H 1432 71.05 28.93 -48.37
CA PHE H 1432 69.86 28.28 -47.85
C PHE H 1432 70.14 27.56 -46.54
N THR H 1433 69.18 27.55 -45.60
CA THR H 1433 69.29 26.76 -44.36
C THR H 1433 68.83 25.32 -44.55
N ASP H 1434 67.69 25.10 -45.21
CA ASP H 1434 67.00 23.80 -45.33
C ASP H 1434 66.15 23.76 -46.62
N TYR H 1435 65.79 22.55 -47.06
CA TYR H 1435 64.82 22.32 -48.14
C TYR H 1435 63.91 21.11 -47.88
N GLN H 1436 62.74 21.09 -48.51
CA GLN H 1436 61.71 20.07 -48.38
C GLN H 1436 60.89 19.95 -49.69
N ILE H 1437 60.28 18.79 -49.94
CA ILE H 1437 59.23 18.65 -50.98
C ILE H 1437 57.85 18.46 -50.34
N LYS H 1438 56.87 19.25 -50.78
CA LYS H 1438 55.55 19.38 -50.13
C LYS H 1438 54.48 19.72 -51.18
N ASP H 1439 53.36 19.00 -51.19
CA ASP H 1439 52.33 19.11 -52.25
C ASP H 1439 52.93 18.98 -53.67
N GLY H 1440 53.99 18.18 -53.84
CA GLY H 1440 54.76 18.07 -55.08
C GLY H 1440 55.63 19.28 -55.44
N HIS H 1441 55.60 20.37 -54.66
CA HIS H 1441 56.45 21.55 -54.87
C HIS H 1441 57.79 21.41 -54.13
N VAL H 1442 58.86 22.05 -54.64
CA VAL H 1442 60.15 22.12 -53.95
C VAL H 1442 60.23 23.45 -53.19
N ILE H 1443 60.41 23.37 -51.88
CA ILE H 1443 60.54 24.49 -50.94
C ILE H 1443 61.98 24.58 -50.44
N LEU H 1444 62.60 25.77 -50.47
CA LEU H 1444 63.90 26.03 -49.83
C LEU H 1444 63.94 27.42 -49.16
N GLN H 1445 64.56 27.48 -47.98
CA GLN H 1445 64.50 28.63 -47.08
C GLN H 1445 65.84 29.38 -47.04
N LEU H 1446 65.82 30.69 -47.27
CA LEU H 1446 66.97 31.49 -47.68
C LEU H 1446 67.20 32.61 -46.67
N ASN H 1447 68.41 32.71 -46.11
CA ASN H 1447 68.71 33.64 -45.02
C ASN H 1447 68.56 35.12 -45.40
N SER H 1448 69.02 35.50 -46.60
CA SER H 1448 68.93 36.86 -47.16
C SER H 1448 69.17 36.82 -48.66
N ILE H 1449 68.82 37.88 -49.39
CA ILE H 1449 68.98 37.98 -50.86
C ILE H 1449 69.70 39.27 -51.25
N PRO H 1450 70.75 39.21 -52.10
CA PRO H 1450 71.41 40.39 -52.62
C PRO H 1450 70.49 41.29 -53.45
N SER H 1451 70.51 42.59 -53.18
CA SER H 1451 70.02 43.62 -54.12
C SER H 1451 71.10 44.14 -55.07
N SER H 1452 72.37 43.82 -54.82
CA SER H 1452 73.49 44.22 -55.68
C SER H 1452 73.45 43.57 -57.07
N ASP H 1453 72.88 42.36 -57.16
CA ASP H 1453 72.86 41.53 -58.37
C ASP H 1453 71.80 40.43 -58.23
N PHE H 1454 71.51 39.79 -59.36
CA PHE H 1454 70.67 38.61 -59.45
C PHE H 1454 71.44 37.40 -58.94
N LEU H 1455 71.06 36.91 -57.76
CA LEU H 1455 71.41 35.58 -57.28
C LEU H 1455 70.82 34.55 -58.26
N CYS H 1456 71.68 33.75 -58.90
CA CYS H 1456 71.28 32.68 -59.80
C CYS H 1456 71.59 31.30 -59.19
N VAL H 1457 70.62 30.38 -59.24
CA VAL H 1457 70.70 29.03 -58.66
C VAL H 1457 70.21 27.99 -59.67
N ARG H 1458 70.98 26.92 -59.90
CA ARG H 1458 70.71 25.89 -60.91
C ARG H 1458 70.47 24.52 -60.28
N PHE H 1459 69.56 23.76 -60.88
CA PHE H 1459 69.19 22.38 -60.51
C PHE H 1459 68.90 21.53 -61.76
N ARG H 1460 68.75 20.21 -61.59
CA ARG H 1460 68.55 19.22 -62.67
C ARG H 1460 67.28 18.41 -62.45
N ILE H 1461 66.61 17.99 -63.53
CA ILE H 1461 65.31 17.31 -63.49
C ILE H 1461 65.24 16.05 -64.37
N PHE H 1462 64.53 15.06 -63.86
CA PHE H 1462 64.16 13.82 -64.54
C PHE H 1462 62.63 13.70 -64.58
N GLU H 1463 62.09 13.14 -65.66
CA GLU H 1463 60.64 13.11 -65.87
C GLU H 1463 60.08 11.68 -65.90
N LEU H 1464 59.24 11.40 -64.90
CA LEU H 1464 58.24 10.33 -64.94
C LEU H 1464 56.92 10.96 -65.39
N PHE H 1465 56.86 11.41 -66.65
CA PHE H 1465 55.76 12.23 -67.18
C PHE H 1465 54.38 11.64 -66.83
N GLU H 1466 53.49 12.47 -66.28
CA GLU H 1466 52.31 11.99 -65.55
C GLU H 1466 50.96 12.41 -66.13
N VAL H 1467 50.93 13.47 -66.95
CA VAL H 1467 49.67 14.13 -67.36
C VAL H 1467 49.74 14.61 -68.82
N GLY H 1468 48.60 14.64 -69.51
CA GLY H 1468 48.50 15.11 -70.90
C GLY H 1468 48.61 16.63 -71.02
N PHE H 1469 47.92 17.35 -70.14
CA PHE H 1469 48.07 18.80 -69.95
C PHE H 1469 48.86 19.07 -68.66
N LEU H 1470 49.87 19.93 -68.75
CA LEU H 1470 50.62 20.43 -67.59
C LEU H 1470 50.30 21.90 -67.30
N SER H 1471 49.87 22.17 -66.07
CA SER H 1471 49.71 23.54 -65.56
C SER H 1471 51.08 24.24 -65.46
N PRO H 1472 51.18 25.56 -65.71
CA PRO H 1472 52.42 26.30 -65.48
C PRO H 1472 52.90 26.16 -64.03
N ALA H 1473 54.17 25.82 -63.86
CA ALA H 1473 54.85 25.85 -62.58
C ALA H 1473 55.03 27.30 -62.10
N THR H 1474 54.81 27.57 -60.81
CA THR H 1474 55.27 28.83 -60.20
C THR H 1474 56.74 28.77 -59.79
N PHE H 1475 57.51 29.79 -60.17
CA PHE H 1475 58.66 30.18 -59.37
C PHE H 1475 58.20 31.34 -58.50
N THR H 1476 58.30 31.19 -57.18
CA THR H 1476 57.62 32.09 -56.25
C THR H 1476 58.33 32.14 -54.90
N VAL H 1477 58.12 33.21 -54.15
CA VAL H 1477 58.80 33.46 -52.87
C VAL H 1477 57.97 34.37 -51.97
N TYR H 1478 58.17 34.28 -50.66
CA TYR H 1478 57.77 35.33 -49.73
C TYR H 1478 58.81 35.50 -48.62
N GLU H 1479 58.94 36.71 -48.08
CA GLU H 1479 59.82 36.96 -46.95
C GLU H 1479 59.23 36.36 -45.67
N TYR H 1480 59.91 35.40 -45.06
CA TYR H 1480 59.52 34.77 -43.80
C TYR H 1480 59.41 35.79 -42.66
N HIS H 1481 60.30 36.80 -42.62
CA HIS H 1481 60.19 37.91 -41.66
C HIS H 1481 59.17 39.00 -42.09
N ARG H 1482 58.67 38.97 -43.34
CA ARG H 1482 57.64 39.89 -43.86
C ARG H 1482 56.61 39.17 -44.76
N PRO H 1483 55.77 38.25 -44.22
CA PRO H 1483 55.02 37.29 -45.05
C PRO H 1483 53.97 37.84 -46.02
N ASP H 1484 53.58 39.11 -45.89
CA ASP H 1484 52.73 39.79 -46.89
C ASP H 1484 53.49 40.11 -48.20
N LYS H 1485 54.82 40.18 -48.15
CA LYS H 1485 55.71 40.48 -49.28
C LYS H 1485 55.91 39.24 -50.16
N GLN H 1486 54.90 38.93 -50.98
CA GLN H 1486 54.80 37.73 -51.82
C GLN H 1486 55.04 38.05 -53.30
N CYS H 1487 55.92 37.30 -53.98
CA CYS H 1487 56.26 37.48 -55.39
C CYS H 1487 56.18 36.16 -56.19
N THR H 1488 55.64 36.19 -57.40
CA THR H 1488 55.36 34.98 -58.22
C THR H 1488 55.56 35.23 -59.71
N MET H 1489 56.01 34.20 -60.43
CA MET H 1489 56.04 34.14 -61.89
C MET H 1489 55.72 32.70 -62.34
N PHE H 1490 55.15 32.55 -63.53
CA PHE H 1490 54.74 31.27 -64.11
C PHE H 1490 55.69 30.83 -65.24
N TYR H 1491 56.04 29.55 -65.28
CA TYR H 1491 56.96 28.96 -66.25
C TYR H 1491 56.62 27.48 -66.48
N SER H 1492 57.23 26.84 -67.46
CA SER H 1492 57.15 25.38 -67.65
C SER H 1492 58.46 24.79 -68.20
N THR H 1493 58.61 23.47 -68.07
CA THR H 1493 59.76 22.73 -68.63
C THR H 1493 59.70 22.62 -70.16
N SER H 1494 58.51 22.48 -70.76
CA SER H 1494 58.37 22.36 -72.22
C SER H 1494 58.84 23.63 -72.94
N ASN H 1495 59.48 23.47 -74.10
CA ASN H 1495 59.96 24.60 -74.90
C ASN H 1495 58.79 25.38 -75.55
N ILE H 1496 58.94 26.70 -75.68
CA ILE H 1496 57.90 27.60 -76.20
C ILE H 1496 58.22 28.06 -77.62
N LYS H 1497 57.20 28.06 -78.48
CA LYS H 1497 57.29 28.40 -79.92
C LYS H 1497 56.17 29.30 -80.43
N ILE H 1498 55.04 29.40 -79.74
CA ILE H 1498 54.04 30.43 -80.04
C ILE H 1498 54.48 31.69 -79.31
N GLN H 1499 55.07 32.66 -80.02
CA GLN H 1499 55.57 33.90 -79.40
C GLN H 1499 55.50 35.13 -80.30
N LYS H 1500 54.90 36.20 -79.80
CA LYS H 1500 55.23 37.59 -80.17
C LYS H 1500 54.75 38.48 -79.02
N VAL H 1501 55.43 39.61 -78.86
CA VAL H 1501 55.25 40.58 -77.77
C VAL H 1501 55.18 41.98 -78.38
N CYS H 1502 54.39 42.87 -77.77
CA CYS H 1502 54.19 44.23 -78.22
C CYS H 1502 54.06 45.23 -77.06
N GLU H 1503 54.25 46.52 -77.35
CA GLU H 1503 54.03 47.63 -76.41
C GLU H 1503 52.54 48.02 -76.30
N GLY H 1504 51.66 47.05 -76.05
CA GLY H 1504 50.21 47.23 -76.03
C GLY H 1504 49.46 46.13 -75.28
N ALA H 1505 48.16 46.36 -75.04
CA ALA H 1505 47.31 45.48 -74.21
C ALA H 1505 46.96 44.12 -74.86
N ALA H 1506 47.07 44.02 -76.19
CA ALA H 1506 46.95 42.79 -76.96
C ALA H 1506 47.88 42.83 -78.19
N CYS H 1507 48.40 41.67 -78.60
CA CYS H 1507 49.53 41.54 -79.54
C CYS H 1507 49.34 40.43 -80.58
N LYS H 1508 50.20 40.43 -81.61
CA LYS H 1508 50.34 39.32 -82.55
C LYS H 1508 51.00 38.07 -81.94
N CYS H 1509 51.26 37.05 -82.77
CA CYS H 1509 52.07 35.87 -82.44
C CYS H 1509 52.87 35.44 -83.70
N VAL H 1510 54.06 34.85 -83.53
CA VAL H 1510 54.80 34.15 -84.61
C VAL H 1510 55.38 32.82 -84.14
N GLU H 1511 55.66 31.91 -85.08
CA GLU H 1511 56.23 30.58 -84.81
C GLU H 1511 57.76 30.66 -84.62
N ALA H 1512 58.20 30.98 -83.40
CA ALA H 1512 59.61 30.93 -82.98
C ALA H 1512 60.59 31.64 -83.96
N ASP H 1513 60.13 32.72 -84.60
CA ASP H 1513 60.61 33.12 -85.93
C ASP H 1513 62.07 33.60 -85.96
N CYS H 1514 62.96 32.81 -86.57
CA CYS H 1514 64.34 33.17 -86.87
C CYS H 1514 64.90 32.47 -88.12
N GLY H 1515 65.70 33.19 -88.90
CA GLY H 1515 66.34 32.71 -90.13
C GLY H 1515 67.74 33.34 -90.29
N GLN H 1516 68.15 33.57 -91.55
CA GLN H 1516 69.42 34.21 -91.90
C GLN H 1516 69.30 35.11 -93.13
N MET H 1517 70.07 36.21 -93.15
CA MET H 1517 70.12 37.15 -94.28
C MET H 1517 71.16 36.75 -95.35
N GLN H 1518 71.03 37.31 -96.56
CA GLN H 1518 72.09 37.27 -97.57
C GLN H 1518 73.25 38.21 -97.23
N GLU H 1519 74.44 37.94 -97.75
CA GLU H 1519 75.62 38.78 -97.57
C GLU H 1519 75.50 40.13 -98.28
N GLU H 1520 76.11 41.18 -97.72
CA GLU H 1520 76.19 42.51 -98.32
C GLU H 1520 77.03 42.53 -99.61
N LEU H 1521 76.66 43.40 -100.56
CA LEU H 1521 77.40 43.62 -101.81
C LEU H 1521 77.68 42.37 -102.67
N ASP H 1522 76.77 41.40 -102.67
CA ASP H 1522 76.93 40.14 -103.42
C ASP H 1522 77.06 40.36 -104.93
N LEU H 1523 78.13 39.83 -105.53
CA LEU H 1523 78.44 40.01 -106.94
C LEU H 1523 77.49 39.22 -107.86
N THR H 1524 76.77 39.93 -108.74
CA THR H 1524 75.92 39.36 -109.79
C THR H 1524 74.89 38.30 -109.32
N ILE H 1525 74.35 38.44 -108.10
CA ILE H 1525 73.33 37.53 -107.57
C ILE H 1525 72.05 37.51 -108.43
N SER H 1526 71.32 36.39 -108.43
CA SER H 1526 70.15 36.21 -109.29
C SER H 1526 68.99 37.17 -109.00
N ALA H 1527 68.80 38.18 -109.85
CA ALA H 1527 67.73 39.18 -109.73
C ALA H 1527 66.33 38.61 -110.00
N GLU H 1528 66.21 37.62 -110.90
CA GLU H 1528 64.96 36.93 -111.20
C GLU H 1528 64.47 36.05 -110.04
N THR H 1529 65.39 35.47 -109.27
CA THR H 1529 65.08 34.74 -108.03
C THR H 1529 64.45 35.66 -106.98
N ARG H 1530 64.87 36.93 -106.91
CA ARG H 1530 64.22 37.95 -106.09
C ARG H 1530 62.75 38.15 -106.49
N LYS H 1531 62.47 38.23 -107.80
CA LYS H 1531 61.10 38.31 -108.32
C LYS H 1531 60.26 37.08 -107.94
N GLN H 1532 60.83 35.87 -108.10
CA GLN H 1532 60.19 34.64 -107.67
C GLN H 1532 59.88 34.65 -106.16
N THR H 1533 60.84 35.08 -105.35
CA THR H 1533 60.69 35.21 -103.91
C THR H 1533 59.58 36.19 -103.53
N ALA H 1534 59.58 37.39 -104.13
CA ALA H 1534 58.56 38.41 -103.92
C ALA H 1534 57.17 38.00 -104.44
N CYS H 1535 57.12 37.13 -105.46
CA CYS H 1535 55.89 36.58 -106.00
C CYS H 1535 55.25 35.47 -105.15
N LYS H 1536 55.97 34.90 -104.20
CA LYS H 1536 55.51 33.74 -103.43
C LYS H 1536 54.21 34.02 -102.66
N PRO H 1537 53.34 33.02 -102.45
CA PRO H 1537 52.07 33.20 -101.74
C PRO H 1537 52.26 33.57 -100.26
N GLU H 1538 53.40 33.20 -99.67
CA GLU H 1538 53.81 33.63 -98.33
C GLU H 1538 54.40 35.05 -98.27
N ILE H 1539 54.62 35.71 -99.41
CA ILE H 1539 55.29 36.99 -99.52
C ILE H 1539 54.29 38.14 -99.70
N ALA H 1540 54.30 39.10 -98.75
CA ALA H 1540 53.32 40.18 -98.62
C ALA H 1540 53.86 41.42 -97.87
N TYR H 1541 55.12 41.40 -97.45
CA TYR H 1541 55.95 42.56 -97.19
C TYR H 1541 57.13 42.53 -98.16
N ALA H 1542 57.38 43.63 -98.87
CA ALA H 1542 58.58 43.80 -99.70
C ALA H 1542 58.78 45.29 -100.00
N TYR H 1543 59.92 45.82 -99.56
CA TYR H 1543 60.26 47.24 -99.66
C TYR H 1543 61.77 47.48 -99.58
N LYS H 1544 62.19 48.67 -100.00
CA LYS H 1544 63.53 49.21 -99.83
C LYS H 1544 63.50 50.45 -98.93
N VAL H 1545 64.35 50.48 -97.92
CA VAL H 1545 64.33 51.55 -96.92
C VAL H 1545 65.60 51.62 -96.10
N SER H 1546 65.79 52.73 -95.39
CA SER H 1546 66.79 52.83 -94.34
C SER H 1546 66.34 52.09 -93.08
N ILE H 1547 67.21 51.29 -92.47
CA ILE H 1547 67.09 50.93 -91.07
C ILE H 1547 67.31 52.19 -90.23
N THR H 1548 66.46 52.43 -89.22
CA THR H 1548 66.48 53.69 -88.46
C THR H 1548 67.03 53.53 -87.04
N SER H 1549 66.45 52.62 -86.25
CA SER H 1549 66.76 52.44 -84.82
C SER H 1549 66.22 51.10 -84.30
N ILE H 1550 66.60 50.68 -83.09
CA ILE H 1550 66.23 49.39 -82.53
C ILE H 1550 65.72 49.46 -81.08
N THR H 1551 65.06 48.40 -80.62
CA THR H 1551 64.41 48.30 -79.31
C THR H 1551 64.84 47.06 -78.52
N VAL H 1552 64.14 46.83 -77.41
CA VAL H 1552 64.70 46.16 -76.25
C VAL H 1552 64.09 44.79 -75.88
N GLU H 1553 62.77 44.63 -75.99
CA GLU H 1553 62.11 43.36 -75.62
C GLU H 1553 62.60 42.25 -76.54
N ASN H 1554 63.37 41.30 -76.02
CA ASN H 1554 64.35 40.60 -76.85
C ASN H 1554 63.82 39.72 -77.98
N VAL H 1555 62.60 39.18 -77.84
CA VAL H 1555 61.90 38.44 -78.91
C VAL H 1555 61.27 39.33 -79.99
N PHE H 1556 61.29 40.66 -79.82
CA PHE H 1556 60.77 41.64 -80.76
C PHE H 1556 61.43 43.02 -80.59
N VAL H 1557 62.78 43.08 -80.63
CA VAL H 1557 63.53 44.34 -80.72
C VAL H 1557 63.09 45.08 -82.01
N LYS H 1558 62.50 46.27 -81.88
CA LYS H 1558 61.50 46.79 -82.84
C LYS H 1558 61.97 47.13 -84.26
N TYR H 1559 63.25 47.48 -84.48
CA TYR H 1559 63.81 47.83 -85.79
C TYR H 1559 62.98 48.84 -86.62
N LYS H 1560 62.87 50.09 -86.14
CA LYS H 1560 62.26 51.22 -86.86
C LYS H 1560 62.95 51.54 -88.19
N ALA H 1561 62.30 52.28 -89.10
CA ALA H 1561 62.76 52.43 -90.49
C ALA H 1561 62.59 53.83 -91.07
N THR H 1562 63.08 54.03 -92.30
CA THR H 1562 62.86 55.20 -93.14
C THR H 1562 62.51 54.74 -94.57
N LEU H 1563 61.21 54.69 -94.90
CA LEU H 1563 60.71 54.03 -96.10
C LEU H 1563 61.07 54.79 -97.39
N LEU H 1564 61.86 54.17 -98.26
CA LEU H 1564 62.25 54.74 -99.55
C LEU H 1564 61.30 54.33 -100.68
N ASP H 1565 60.96 53.05 -100.77
CA ASP H 1565 60.08 52.49 -101.79
C ASP H 1565 59.45 51.15 -101.34
N ILE H 1566 58.38 50.74 -102.01
CA ILE H 1566 57.64 49.50 -101.73
C ILE H 1566 57.12 48.86 -103.03
N TYR H 1567 56.90 47.54 -103.01
CA TYR H 1567 56.47 46.79 -104.20
C TYR H 1567 55.35 45.80 -103.95
N LYS H 1568 55.44 45.03 -102.86
CA LYS H 1568 54.34 44.21 -102.35
C LYS H 1568 54.26 44.34 -100.84
N THR H 1569 54.18 45.58 -100.36
CA THR H 1569 53.56 45.92 -99.08
C THR H 1569 52.04 45.70 -99.22
N GLY H 1570 51.61 44.45 -99.05
CA GLY H 1570 50.32 43.93 -99.49
C GLY H 1570 49.17 44.20 -98.53
N GLU H 1571 48.78 43.16 -97.78
CA GLU H 1571 47.48 43.00 -97.13
C GLU H 1571 47.04 44.18 -96.26
N ALA H 1572 45.99 44.88 -96.70
CA ALA H 1572 45.42 46.09 -96.08
C ALA H 1572 46.43 47.24 -95.82
N VAL H 1573 47.60 47.22 -96.48
CA VAL H 1573 48.60 48.28 -96.42
C VAL H 1573 48.21 49.50 -97.27
N ALA H 1574 49.00 50.57 -97.16
CA ALA H 1574 48.79 51.84 -97.86
C ALA H 1574 50.13 52.39 -98.40
N GLU H 1575 50.15 53.67 -98.79
CA GLU H 1575 51.32 54.37 -99.35
C GLU H 1575 52.55 54.42 -98.42
N LYS H 1576 53.73 54.64 -99.01
CA LYS H 1576 55.04 54.55 -98.36
C LYS H 1576 55.40 55.71 -97.39
N ASP H 1577 56.69 55.79 -97.02
CA ASP H 1577 57.28 56.77 -96.09
C ASP H 1577 56.80 56.69 -94.63
N SER H 1578 56.17 55.57 -94.24
CA SER H 1578 55.55 55.40 -92.91
C SER H 1578 56.54 55.24 -91.74
N GLU H 1579 57.78 54.82 -92.00
CA GLU H 1579 58.85 54.66 -91.01
C GLU H 1579 58.59 53.67 -89.85
N ILE H 1580 57.64 52.74 -90.03
CA ILE H 1580 57.21 51.77 -89.01
C ILE H 1580 58.29 50.73 -88.62
N THR H 1581 58.03 49.98 -87.55
CA THR H 1581 58.90 48.91 -87.05
C THR H 1581 58.96 47.67 -87.96
N PHE H 1582 59.99 46.86 -87.78
CA PHE H 1582 60.25 45.59 -88.46
C PHE H 1582 61.03 44.65 -87.52
N ILE H 1583 60.36 44.12 -86.50
CA ILE H 1583 60.98 43.57 -85.30
C ILE H 1583 61.91 42.36 -85.53
N LYS H 1584 62.83 42.11 -84.59
CA LYS H 1584 63.79 41.01 -84.63
C LYS H 1584 63.93 40.28 -83.29
N LYS H 1585 64.50 39.07 -83.31
CA LYS H 1585 64.64 38.19 -82.15
C LYS H 1585 66.04 37.59 -82.00
N VAL H 1586 66.45 37.27 -80.76
CA VAL H 1586 67.84 36.96 -80.43
C VAL H 1586 68.45 35.74 -81.14
N THR H 1587 67.64 34.74 -81.48
CA THR H 1587 68.12 33.52 -82.14
C THR H 1587 68.43 33.70 -83.64
N CYS H 1588 68.00 34.80 -84.24
CA CYS H 1588 68.25 35.14 -85.65
C CYS H 1588 69.55 35.91 -85.88
N THR H 1589 70.66 35.47 -85.28
CA THR H 1589 71.93 36.21 -85.33
C THR H 1589 72.52 36.40 -86.74
N ASN H 1590 72.15 35.52 -87.69
CA ASN H 1590 72.50 35.66 -89.11
C ASN H 1590 71.72 36.74 -89.88
N ALA H 1591 70.73 37.38 -89.25
CA ALA H 1591 69.89 38.44 -89.82
C ALA H 1591 70.06 39.80 -89.11
N GLU H 1592 71.27 40.10 -88.62
CA GLU H 1592 71.62 41.39 -88.02
C GLU H 1592 71.39 42.57 -88.97
N LEU H 1593 70.93 43.69 -88.40
CA LEU H 1593 70.57 44.89 -89.13
C LEU H 1593 71.31 46.12 -88.58
N VAL H 1594 71.75 47.01 -89.47
CA VAL H 1594 72.60 48.16 -89.13
C VAL H 1594 71.79 49.47 -89.11
N LYS H 1595 71.83 50.18 -87.99
CA LYS H 1595 71.16 51.47 -87.85
C LYS H 1595 71.73 52.49 -88.84
N GLY H 1596 70.86 53.18 -89.58
CA GLY H 1596 71.22 54.11 -90.65
C GLY H 1596 71.54 53.46 -92.00
N ARG H 1597 71.67 52.14 -92.09
CA ARG H 1597 71.99 51.46 -93.35
C ARG H 1597 70.77 51.32 -94.26
N GLN H 1598 70.94 51.57 -95.56
CA GLN H 1598 69.93 51.22 -96.57
C GLN H 1598 69.87 49.70 -96.79
N TYR H 1599 68.68 49.16 -96.96
CA TYR H 1599 68.43 47.72 -97.02
C TYR H 1599 67.26 47.34 -97.94
N LEU H 1600 67.25 46.07 -98.35
CA LEU H 1600 66.22 45.43 -99.14
C LEU H 1600 65.78 44.12 -98.45
N ILE H 1601 64.49 43.80 -98.50
CA ILE H 1601 63.94 42.61 -97.85
C ILE H 1601 62.60 42.15 -98.43
N MET H 1602 62.21 40.91 -98.13
CA MET H 1602 60.88 40.36 -98.44
C MET H 1602 60.43 39.31 -97.41
N GLY H 1603 59.13 39.17 -97.18
CA GLY H 1603 58.58 38.25 -96.17
C GLY H 1603 57.07 38.38 -96.03
N LYS H 1604 56.49 37.83 -94.97
CA LYS H 1604 55.05 37.94 -94.68
C LYS H 1604 54.64 39.35 -94.22
N GLU H 1605 53.36 39.68 -94.36
CA GLU H 1605 52.77 40.94 -93.87
C GLU H 1605 52.66 41.00 -92.34
N ALA H 1606 52.50 42.22 -91.80
CA ALA H 1606 52.31 42.47 -90.37
C ALA H 1606 50.97 41.92 -89.83
N LEU H 1607 50.98 41.46 -88.57
CA LEU H 1607 49.74 41.19 -87.84
C LEU H 1607 49.04 42.51 -87.53
N GLN H 1608 47.84 42.67 -88.06
CA GLN H 1608 47.31 43.99 -88.34
C GLN H 1608 46.66 44.75 -87.17
N ILE H 1609 46.66 44.19 -85.96
CA ILE H 1609 46.00 44.78 -84.78
C ILE H 1609 46.91 44.86 -83.55
N LYS H 1610 46.66 45.86 -82.69
CA LYS H 1610 47.44 46.19 -81.49
C LYS H 1610 46.62 47.01 -80.48
N TYR H 1611 47.26 47.70 -79.55
CA TYR H 1611 46.62 48.69 -78.66
C TYR H 1611 46.15 49.96 -79.40
N ASN H 1612 46.79 50.32 -80.52
CA ASN H 1612 46.34 51.37 -81.44
C ASN H 1612 45.13 50.93 -82.29
N PHE H 1613 44.56 51.84 -83.08
CA PHE H 1613 43.47 51.52 -84.01
C PHE H 1613 43.83 50.46 -85.07
N SER H 1614 45.12 50.36 -85.42
CA SER H 1614 45.70 49.26 -86.17
C SER H 1614 47.19 49.09 -85.81
N PHE H 1615 47.71 47.87 -85.95
CA PHE H 1615 49.15 47.57 -85.88
C PHE H 1615 49.84 47.69 -87.25
N ARG H 1616 49.25 48.47 -88.15
CA ARG H 1616 49.54 48.37 -89.57
C ARG H 1616 51.01 48.63 -89.92
N TYR H 1617 51.57 47.77 -90.78
CA TYR H 1617 52.97 47.79 -91.19
C TYR H 1617 54.03 47.60 -90.09
N ILE H 1618 53.65 47.14 -88.88
CA ILE H 1618 54.59 46.66 -87.86
C ILE H 1618 55.17 45.27 -88.24
N TYR H 1619 56.17 45.25 -89.12
CA TYR H 1619 56.66 44.04 -89.78
C TYR H 1619 57.23 42.99 -88.80
N PRO H 1620 57.04 41.68 -89.05
CA PRO H 1620 57.50 40.62 -88.16
C PRO H 1620 58.96 40.19 -88.37
N LEU H 1621 59.54 40.46 -89.56
CA LEU H 1621 60.89 40.02 -89.97
C LEU H 1621 61.19 38.54 -89.67
N ASP H 1622 60.20 37.66 -89.87
CA ASP H 1622 60.22 36.26 -89.46
C ASP H 1622 61.19 35.37 -90.25
N SER H 1623 61.29 34.10 -89.85
CA SER H 1623 62.14 33.09 -90.50
C SER H 1623 61.79 32.85 -91.97
N LEU H 1624 62.78 32.39 -92.75
CA LEU H 1624 62.71 32.22 -94.21
C LEU H 1624 62.46 33.50 -95.03
N THR H 1625 62.48 34.69 -94.42
CA THR H 1625 62.41 35.97 -95.12
C THR H 1625 63.70 36.27 -95.90
N TRP H 1626 63.57 37.02 -97.00
CA TRP H 1626 64.69 37.62 -97.72
C TRP H 1626 65.22 38.87 -97.00
N ILE H 1627 66.53 39.07 -97.02
CA ILE H 1627 67.24 40.23 -96.50
C ILE H 1627 68.58 40.46 -97.22
N GLU H 1628 68.93 41.72 -97.48
CA GLU H 1628 70.25 42.14 -97.94
C GLU H 1628 70.48 43.66 -97.77
N TYR H 1629 71.74 44.10 -97.79
CA TYR H 1629 72.08 45.52 -97.82
C TYR H 1629 71.73 46.16 -99.17
N TRP H 1630 71.29 47.41 -99.18
CA TRP H 1630 70.99 48.17 -100.39
C TRP H 1630 72.09 49.24 -100.61
N PRO H 1631 72.86 49.20 -101.70
CA PRO H 1631 74.00 50.09 -101.91
C PRO H 1631 73.59 51.58 -101.92
N ARG H 1632 74.16 52.36 -100.99
CA ARG H 1632 73.93 53.79 -100.86
C ARG H 1632 74.72 54.64 -101.88
N ASP H 1633 75.86 54.13 -102.34
CA ASP H 1633 76.55 54.54 -103.57
C ASP H 1633 77.05 53.28 -104.30
N THR H 1634 76.87 53.24 -105.62
CA THR H 1634 77.24 52.02 -106.39
C THR H 1634 78.28 52.34 -107.47
N THR H 1635 78.44 53.61 -107.84
CA THR H 1635 79.44 54.00 -108.87
C THR H 1635 80.84 53.73 -108.30
N CYS H 1636 81.10 54.25 -107.09
CA CYS H 1636 82.40 54.09 -106.38
C CYS H 1636 82.66 52.62 -106.06
N SER H 1637 81.61 51.86 -105.69
CA SER H 1637 81.78 50.45 -105.28
C SER H 1637 81.87 49.51 -106.49
N SER H 1638 82.97 49.60 -107.24
CA SER H 1638 83.26 48.72 -108.39
C SER H 1638 82.13 48.74 -109.43
N CYS H 1639 81.71 47.56 -109.88
CA CYS H 1639 80.64 47.39 -110.89
C CYS H 1639 79.27 47.64 -110.25
N GLN H 1640 78.49 48.54 -110.83
CA GLN H 1640 77.14 48.87 -110.28
C GLN H 1640 76.16 47.81 -110.77
N ALA H 1641 76.68 46.75 -111.39
CA ALA H 1641 75.84 45.69 -111.93
C ALA H 1641 75.02 44.94 -110.85
N PHE H 1642 75.51 44.84 -109.62
CA PHE H 1642 74.76 44.23 -108.50
C PHE H 1642 73.55 45.08 -108.08
N LEU H 1643 73.75 46.38 -107.88
CA LEU H 1643 72.66 47.33 -107.59
C LEU H 1643 71.69 47.48 -108.77
N ALA H 1644 72.20 47.48 -110.01
CA ALA H 1644 71.39 47.50 -111.22
C ALA H 1644 70.50 46.24 -111.36
N ASN H 1645 71.00 45.05 -111.02
CA ASN H 1645 70.21 43.82 -110.97
C ASN H 1645 69.06 43.91 -109.97
N LEU H 1646 69.31 44.46 -108.78
CA LEU H 1646 68.26 44.77 -107.81
C LEU H 1646 67.23 45.78 -108.35
N ASP H 1647 67.67 46.83 -109.04
CA ASP H 1647 66.78 47.80 -109.70
C ASP H 1647 65.92 47.17 -110.81
N GLU H 1648 66.48 46.24 -111.58
CA GLU H 1648 65.75 45.44 -112.58
C GLU H 1648 64.74 44.49 -111.92
N PHE H 1649 65.09 43.86 -110.81
CA PHE H 1649 64.16 43.04 -110.01
C PHE H 1649 62.99 43.88 -109.46
N ALA H 1650 63.28 45.06 -108.89
CA ALA H 1650 62.25 45.97 -108.38
C ALA H 1650 61.33 46.50 -109.50
N GLU H 1651 61.90 46.85 -110.66
CA GLU H 1651 61.14 47.21 -111.85
C GLU H 1651 60.25 46.06 -112.34
N ASP H 1652 60.75 44.82 -112.31
CA ASP H 1652 59.98 43.64 -112.74
C ASP H 1652 58.78 43.37 -111.81
N ILE H 1653 58.98 43.44 -110.50
CA ILE H 1653 57.89 43.32 -109.51
C ILE H 1653 56.85 44.44 -109.66
N PHE H 1654 57.27 45.66 -109.99
CA PHE H 1654 56.40 46.82 -110.20
C PHE H 1654 55.63 46.79 -111.53
N LEU H 1655 56.20 46.23 -112.60
CA LEU H 1655 55.58 46.17 -113.92
C LEU H 1655 54.78 44.89 -114.17
N ASN H 1656 55.36 43.72 -113.90
CA ASN H 1656 54.74 42.40 -114.13
C ASN H 1656 54.12 41.80 -112.87
N GLY H 1657 54.74 41.98 -111.70
CA GLY H 1657 54.22 41.52 -110.41
C GLY H 1657 54.09 39.99 -110.29
N CYS H 1658 52.94 39.53 -109.78
CA CYS H 1658 52.61 38.12 -109.59
C CYS H 1658 51.10 37.85 -109.65
#